data_7S7B
#
_entry.id   7S7B
#
_cell.length_a   1.00
_cell.length_b   1.00
_cell.length_c   1.00
_cell.angle_alpha   90.00
_cell.angle_beta   90.00
_cell.angle_gamma   90.00
#
_symmetry.space_group_name_H-M   'P 1'
#
loop_
_entity.id
_entity.type
_entity.pdbx_description
1 polymer 'Exosome RNA helicase MTR4'
2 polymer 'Zinc finger CCHC domain-containing protein 8,Zinc finger CCHC domain-containing protein 8'
3 polymer 'RNA-binding protein 7'
4 polymer 'RNA (46-MER)'
5 non-polymer 'ZINC ION'
#
loop_
_entity_poly.entity_id
_entity_poly.type
_entity_poly.pdbx_seq_one_letter_code
_entity_poly.pdbx_strand_id
1 'polypeptide(L)'
;SGDMADAFGDELFSVFEGDSTTAAGTKKDKEKDKGKWKGPPGSADKAGKRFDGKLQSESTNNGKNKRDVDFEGTDEPIFG
KKPRIEESITEDLSLADLMPRVKVQSVETVEGCTHEVALPAEEDYLPLKPRVGKAAKEYPFILDAFQREAIQCVDNNQSV
LVSAHTSAGKTVCAEYAIALALREKQRVIFTSPIKALSNQKYREMYEEFQDVGLMTGDVTINPTASCLVMTTEILRSMLY
RGSEVMREVAWVIFDEIHYMRDSERGVVWEETIILLPDNVHYVFLSATIPNARQFAEWICHLHKQPCHVIYTDYRPTPLQ
HYIFPAGGDGLHLVVDENGDFREDNFNTAMQVLRDAGDLAKGDQKGRKGGTKGPSNVFKIVKMIMERNFQPVIIFSFSKK
DCEAYALQMTKLDFNTDEEKKMVEEVFSNAIDCLSDEDKKLPQVEHVLPLLKRGIGIHHGGLLPILKETIEILFSEGLIK
ALFATETFAMGINMPARTVLFTNARKFDGKDFRWISSGEYIQMSGRAGRRGMDDRGIVILMVDEKMSPTIGKQLLKGSAD
PLNSAFHLTYNMVLNLLRVEEINPEYMLEKSFYQFQHYRAIPGVVEKVKNSEEQYNKIVIPNEESVVIYYKIRQQLAKLG
KEIEEYIHKPKYCLPFLQPGRLVKVKNEGDDFGWGVVVNFSKKSNVKPNSGELDPLYVVEVLLRCSKESLKNSATEAAKP
AKPDEKGEMQVVPVLVHLLSAISSVRLYIPKDLRPVDNRQSVLKSIQEVQKRFPDGIPLLDPIDDMGIQDQGLKKVIQKV
EAFEHRMYSHPLHNDPNLETVYTLCEKKAQIAIDIKSAKRELKKARTVLQMDELKCRKRVLRRLGFATSSDVIEMKGRVA
CEISSADELLLTEMMFNGLFNDLSAEQATALLSCFVFQENSSEMPKLTEQLAGPLRQMQECAKRIAKVSAEAKLEIDEET
YLSSFKPHLMDVVYTWATGATFAHICKMTDVFEGSIIRCMRRLEELLRQMCQAAKAIGNTELENKFAEGITKIKRDIVFA
ASLYL
;
A,E
2 'polypeptide(L)'
;SGDMAAEVYFGDLELFEPFDHPEESIPKPVHTRFKDDDGDEEDENGVGDAELRERLRQCEETIEQLRAENQELKRKLNIL
TRPSGILVNDTKLDGPILQILFMNNAISKQYHQEIEEFVSNLVKRFEEQQKNDVEKTSFNLLPQPSSIVLEEDHKVEESC
AIKNNKEAFSVVGSVLYFTNFCLDKLGQPLLNENPQLSEGWEIPKYHQVFSHIVSLEGQEIQVKAKRPKPHCFNCGSEEH
QMKDCPMPRNAARISEKRKEYMDACGEANNQNFQQRYHAEEVEERFGRFKPGVISEELQDALGVTDKSLPPFIYRMRQLG
YPPGWLKEAELENSGLALYDGKDGTDGETEVGEIQQNKSVTYDLSKLVNYPGFNISTPRGIPDEWRIFGSIPMQACQQKD
VFANYLTSNFQAPGVKSGGAVDEDALTLEELEEQQRRIWAALEQAESVNSDSDVPVDTPLTGNSVASSPCPNELDLPVPE
GKTSEKQTLDEPEVPEIFTKKSEAGHASSPDSEVTSLCQKEKAELAPVNTEGALLDNGSVVPNCDISNGGSQKLFPADTS
PSTATKIHSPIPDMSKFATGITPFEFENMAESTGMYLRIRSLLKNSPRNQQKNKKASE
;
B,F
3 'polypeptide(L)'
;SGDEADRTLFVGNLETKVTEELLFELFHQAGPVIKVKIPKDKDGKPKQFAFVNFKHEVSVPYAMNLLNGIKLYGRPIKIQ
FRS
;
C,G
4 'polyribonucleotide' ACAUGAGGAUCACCCAUGUAAUCUCUUUCAAAAAA(N)ACAAAAAAAA D,H
#
loop_
_chem_comp.id
_chem_comp.type
_chem_comp.name
_chem_comp.formula
A RNA linking ADENOSINE-5'-MONOPHOSPHATE 'C10 H14 N5 O7 P'
C RNA linking CYTIDINE-5'-MONOPHOSPHATE 'C9 H14 N3 O8 P'
G RNA linking GUANOSINE-5'-MONOPHOSPHATE 'C10 H14 N5 O8 P'
N RNA linking 'ANY 5'-MONOPHOSPHATE NUCLEOTIDE' 'C5 H11 O7 P'
U RNA linking URIDINE-5'-MONOPHOSPHATE 'C9 H13 N2 O9 P'
ZN non-polymer 'ZINC ION' 'Zn 2'
#
# COMPACT_ATOMS: atom_id res chain seq x y z
N MET A 99 -11.04 66.18 -50.34
CA MET A 99 -9.76 66.02 -49.66
C MET A 99 -9.21 67.37 -49.22
N PRO A 100 -8.75 67.47 -47.98
CA PRO A 100 -8.19 68.74 -47.50
C PRO A 100 -6.90 69.07 -48.23
N ARG A 101 -6.66 70.37 -48.39
CA ARG A 101 -5.42 70.88 -48.99
C ARG A 101 -4.89 71.98 -48.07
N VAL A 102 -4.01 71.59 -47.15
CA VAL A 102 -3.43 72.51 -46.18
C VAL A 102 -1.94 72.23 -46.10
N LYS A 103 -1.21 73.21 -45.57
CA LYS A 103 0.24 73.16 -45.49
C LYS A 103 0.66 73.72 -44.14
N VAL A 104 1.52 73.01 -43.43
CA VAL A 104 1.92 73.40 -42.09
C VAL A 104 3.35 73.95 -42.11
N GLN A 105 3.48 75.26 -42.24
CA GLN A 105 4.78 75.90 -42.26
C GLN A 105 5.27 76.10 -40.83
N SER A 106 6.44 75.56 -40.51
CA SER A 106 7.00 75.63 -39.17
C SER A 106 7.77 76.95 -39.05
N VAL A 107 7.12 77.96 -38.47
CA VAL A 107 7.75 79.26 -38.30
C VAL A 107 8.86 79.14 -37.27
N GLU A 108 10.03 79.67 -37.61
CA GLU A 108 11.12 79.73 -36.64
C GLU A 108 10.73 80.60 -35.47
N THR A 109 11.22 80.26 -34.29
CA THR A 109 10.87 80.98 -33.08
C THR A 109 11.97 80.84 -32.05
N VAL A 110 11.96 81.75 -31.08
CA VAL A 110 12.86 81.63 -29.94
C VAL A 110 12.47 80.38 -29.16
N GLU A 111 13.46 79.74 -28.54
CA GLU A 111 13.23 78.47 -27.88
C GLU A 111 12.26 78.64 -26.72
N GLY A 112 11.46 77.61 -26.50
CA GLY A 112 10.47 77.61 -25.44
C GLY A 112 9.10 77.22 -25.96
N CYS A 113 8.77 77.66 -27.17
CA CYS A 113 7.51 77.36 -27.80
C CYS A 113 7.75 77.00 -29.26
N THR A 114 6.84 76.22 -29.83
CA THR A 114 6.94 75.76 -31.21
C THR A 114 5.83 76.41 -32.01
N HIS A 115 6.11 77.60 -32.54
CA HIS A 115 5.12 78.37 -33.28
C HIS A 115 5.10 77.90 -34.72
N GLU A 116 3.99 77.29 -35.15
CA GLU A 116 3.87 76.82 -36.52
C GLU A 116 2.47 77.12 -37.03
N VAL A 117 2.37 77.52 -38.29
CA VAL A 117 1.13 78.03 -38.85
C VAL A 117 0.66 77.10 -39.97
N ALA A 118 -0.59 76.68 -39.90
CA ALA A 118 -1.22 75.91 -40.96
C ALA A 118 -2.06 76.83 -41.82
N LEU A 119 -1.82 76.81 -43.12
CA LEU A 119 -2.47 77.71 -44.05
C LEU A 119 -2.79 76.95 -45.33
N PRO A 120 -3.80 77.40 -46.09
CA PRO A 120 -4.20 76.63 -47.28
C PRO A 120 -3.06 76.50 -48.26
N ALA A 121 -3.02 75.35 -48.93
CA ALA A 121 -1.87 75.04 -49.79
C ALA A 121 -1.70 76.06 -50.90
N GLU A 122 -2.80 76.46 -51.53
CA GLU A 122 -2.70 77.38 -52.66
C GLU A 122 -2.10 78.72 -52.27
N GLU A 123 -2.13 79.09 -50.99
CA GLU A 123 -1.54 80.34 -50.53
C GLU A 123 -0.05 80.15 -50.25
N ASP A 124 0.65 81.26 -50.09
CA ASP A 124 2.07 81.29 -49.80
C ASP A 124 2.31 81.98 -48.47
N TYR A 125 3.03 81.33 -47.58
CA TYR A 125 3.27 81.88 -46.26
C TYR A 125 4.05 83.19 -46.34
N LEU A 126 3.69 84.13 -45.48
CA LEU A 126 4.41 85.38 -45.35
C LEU A 126 4.62 85.70 -43.87
N PRO A 127 5.67 86.44 -43.53
CA PRO A 127 5.95 86.70 -42.12
C PRO A 127 4.92 87.62 -41.50
N LEU A 128 4.82 87.54 -40.18
CA LEU A 128 3.89 88.38 -39.42
C LEU A 128 4.48 89.76 -39.22
N LYS A 129 3.73 90.78 -39.59
CA LYS A 129 4.19 92.15 -39.41
C LYS A 129 4.29 92.49 -37.93
N PRO A 130 5.31 93.23 -37.51
CA PRO A 130 5.34 93.71 -36.13
C PRO A 130 4.17 94.63 -35.84
N ARG A 131 3.73 94.64 -34.59
CA ARG A 131 2.60 95.49 -34.22
C ARG A 131 2.88 96.93 -34.61
N VAL A 132 1.88 97.58 -35.21
CA VAL A 132 1.98 98.96 -35.64
C VAL A 132 1.12 99.81 -34.72
N GLY A 133 1.70 100.86 -34.18
CA GLY A 133 0.99 101.73 -33.26
C GLY A 133 1.04 101.23 -31.83
N LYS A 134 0.26 101.91 -30.99
CA LYS A 134 0.26 101.61 -29.57
C LYS A 134 -0.27 100.20 -29.32
N ALA A 135 0.28 99.55 -28.31
CA ALA A 135 -0.19 98.24 -27.90
C ALA A 135 -1.59 98.33 -27.31
N ALA A 136 -2.39 97.29 -27.52
CA ALA A 136 -3.77 97.31 -27.07
C ALA A 136 -3.85 97.52 -25.56
N LYS A 137 -3.04 96.77 -24.81
CA LYS A 137 -2.94 96.97 -23.37
C LYS A 137 -1.54 96.59 -22.93
N GLU A 138 -1.15 97.11 -21.77
CA GLU A 138 0.18 96.88 -21.21
C GLU A 138 0.05 96.13 -19.90
N TYR A 139 0.97 95.19 -19.67
CA TYR A 139 0.93 94.36 -18.48
C TYR A 139 2.05 94.75 -17.52
N PRO A 140 1.85 94.59 -16.21
CA PRO A 140 2.85 95.03 -15.24
C PRO A 140 4.05 94.10 -15.10
N PHE A 141 4.08 92.99 -15.84
CA PHE A 141 5.18 92.04 -15.74
C PHE A 141 5.61 91.62 -17.13
N ILE A 142 6.87 91.19 -17.23
CA ILE A 142 7.40 90.78 -18.51
C ILE A 142 6.59 89.60 -19.05
N LEU A 143 6.49 89.53 -20.37
CA LEU A 143 5.77 88.45 -21.05
C LEU A 143 6.78 87.45 -21.58
N ASP A 144 6.64 86.19 -21.17
CA ASP A 144 7.51 85.15 -21.69
C ASP A 144 7.30 85.02 -23.21
N ALA A 145 8.16 84.22 -23.82
CA ALA A 145 8.23 84.20 -25.28
C ALA A 145 6.89 83.83 -25.90
N PHE A 146 6.27 82.75 -25.43
CA PHE A 146 5.08 82.25 -26.11
C PHE A 146 3.93 83.26 -26.01
N GLN A 147 3.80 83.93 -24.87
CA GLN A 147 2.77 84.96 -24.75
C GLN A 147 3.04 86.09 -25.74
N ARG A 148 4.30 86.49 -25.90
CA ARG A 148 4.63 87.54 -26.86
C ARG A 148 4.27 87.12 -28.27
N GLU A 149 4.58 85.88 -28.64
CA GLU A 149 4.25 85.43 -30.00
C GLU A 149 2.74 85.36 -30.20
N ALA A 150 2.00 84.90 -29.19
CA ALA A 150 0.55 84.89 -29.31
C ALA A 150 -0.01 86.30 -29.47
N ILE A 151 0.53 87.25 -28.71
CA ILE A 151 0.09 88.63 -28.83
C ILE A 151 0.38 89.15 -30.23
N GLN A 152 1.56 88.86 -30.75
CA GLN A 152 1.89 89.30 -32.10
C GLN A 152 0.94 88.69 -33.11
N CYS A 153 0.63 87.40 -32.96
CA CYS A 153 -0.26 86.73 -33.91
C CYS A 153 -1.65 87.33 -33.88
N VAL A 154 -2.16 87.65 -32.69
CA VAL A 154 -3.49 88.25 -32.60
C VAL A 154 -3.47 89.71 -33.04
N ASP A 155 -2.30 90.35 -33.03
CA ASP A 155 -2.23 91.73 -33.49
C ASP A 155 -2.58 91.87 -34.96
N ASN A 156 -2.32 90.83 -35.75
CA ASN A 156 -2.54 90.88 -37.19
C ASN A 156 -3.91 90.36 -37.60
N ASN A 157 -4.78 90.04 -36.64
CA ASN A 157 -6.12 89.54 -36.94
C ASN A 157 -6.06 88.18 -37.64
N GLN A 158 -5.24 87.29 -37.08
CA GLN A 158 -5.13 85.92 -37.57
C GLN A 158 -5.40 84.95 -36.42
N SER A 159 -6.13 83.88 -36.72
CA SER A 159 -6.51 82.91 -35.71
C SER A 159 -5.29 82.39 -34.98
N VAL A 160 -5.49 81.79 -33.82
CA VAL A 160 -4.40 81.25 -33.02
C VAL A 160 -4.95 80.15 -32.13
N LEU A 161 -4.11 79.15 -31.85
CA LEU A 161 -4.47 78.02 -30.99
C LEU A 161 -3.37 77.88 -29.95
N VAL A 162 -3.51 78.58 -28.83
CA VAL A 162 -2.53 78.46 -27.75
C VAL A 162 -2.84 77.19 -26.97
N SER A 163 -1.81 76.37 -26.76
CA SER A 163 -1.94 75.12 -26.01
C SER A 163 -0.77 75.04 -25.04
N ALA A 164 -0.99 75.45 -23.80
CA ALA A 164 0.05 75.46 -22.80
C ALA A 164 -0.55 75.02 -21.46
N HIS A 165 0.32 74.59 -20.56
CA HIS A 165 -0.13 74.22 -19.23
C HIS A 165 -0.85 75.38 -18.56
N THR A 166 -1.99 75.09 -17.95
CA THR A 166 -2.65 76.10 -17.16
C THR A 166 -1.71 76.58 -16.07
N SER A 167 -1.82 77.87 -15.73
CA SER A 167 -0.90 78.58 -14.85
C SER A 167 0.35 79.00 -15.60
N ALA A 168 0.49 78.64 -16.87
CA ALA A 168 1.55 79.22 -17.69
C ALA A 168 1.16 80.61 -18.18
N GLY A 169 -0.10 81.00 -18.05
CA GLY A 169 -0.53 82.34 -18.40
C GLY A 169 -1.23 82.44 -19.73
N LYS A 170 -2.12 81.49 -20.02
CA LYS A 170 -2.88 81.56 -21.26
C LYS A 170 -3.81 82.77 -21.27
N THR A 171 -4.42 83.08 -20.13
CA THR A 171 -5.48 84.09 -20.10
C THR A 171 -5.00 85.45 -20.59
N VAL A 172 -3.69 85.70 -20.56
CA VAL A 172 -3.19 86.99 -21.02
C VAL A 172 -3.56 87.22 -22.48
N CYS A 173 -3.44 86.17 -23.30
CA CYS A 173 -3.79 86.31 -24.72
C CYS A 173 -5.26 86.66 -24.90
N ALA A 174 -6.14 85.99 -24.16
CA ALA A 174 -7.56 86.29 -24.25
C ALA A 174 -7.84 87.73 -23.82
N GLU A 175 -7.22 88.16 -22.72
CA GLU A 175 -7.41 89.54 -22.28
C GLU A 175 -6.95 90.53 -23.34
N TYR A 176 -5.80 90.27 -23.95
CA TYR A 176 -5.31 91.17 -24.99
C TYR A 176 -6.25 91.19 -26.18
N ALA A 177 -6.77 90.03 -26.58
CA ALA A 177 -7.71 89.99 -27.70
C ALA A 177 -8.97 90.79 -27.38
N ILE A 178 -9.48 90.66 -26.16
CA ILE A 178 -10.65 91.43 -25.77
C ILE A 178 -10.36 92.91 -25.81
N ALA A 179 -9.19 93.31 -25.28
CA ALA A 179 -8.83 94.72 -25.29
C ALA A 179 -8.74 95.26 -26.71
N LEU A 180 -8.09 94.49 -27.61
CA LEU A 180 -7.99 94.92 -28.99
C LEU A 180 -9.38 95.06 -29.62
N ALA A 181 -10.24 94.08 -29.38
CA ALA A 181 -11.58 94.14 -29.96
C ALA A 181 -12.33 95.37 -29.46
N LEU A 182 -12.20 95.69 -28.18
CA LEU A 182 -12.89 96.85 -27.64
C LEU A 182 -12.29 98.15 -28.16
N ARG A 183 -11.00 98.15 -28.49
CA ARG A 183 -10.38 99.37 -29.00
C ARG A 183 -10.77 99.69 -30.43
N GLU A 184 -11.27 98.70 -31.19
CA GLU A 184 -11.68 98.91 -32.56
C GLU A 184 -13.20 99.06 -32.70
N LYS A 185 -13.90 99.26 -31.59
CA LYS A 185 -15.36 99.41 -31.61
C LYS A 185 -16.05 98.15 -32.10
N GLN A 186 -15.38 97.01 -32.04
CA GLN A 186 -15.95 95.74 -32.46
C GLN A 186 -16.65 95.08 -31.28
N ARG A 187 -17.10 93.85 -31.46
CA ARG A 187 -17.70 93.06 -30.40
C ARG A 187 -16.98 91.72 -30.32
N VAL A 188 -16.84 91.20 -29.11
CA VAL A 188 -16.11 89.96 -28.89
C VAL A 188 -16.93 89.07 -27.96
N ILE A 189 -16.83 87.76 -28.17
CA ILE A 189 -17.53 86.77 -27.37
C ILE A 189 -16.52 85.85 -26.73
N PHE A 190 -16.62 85.68 -25.42
CA PHE A 190 -15.82 84.73 -24.66
C PHE A 190 -16.71 83.56 -24.30
N THR A 191 -16.24 82.35 -24.59
CA THR A 191 -17.05 81.15 -24.38
C THR A 191 -16.32 80.18 -23.46
N SER A 192 -17.07 79.59 -22.54
CA SER A 192 -16.53 78.66 -21.56
C SER A 192 -17.43 77.45 -21.45
N PRO A 193 -16.89 76.31 -20.99
CA PRO A 193 -17.70 75.08 -20.99
C PRO A 193 -18.77 75.03 -19.91
N ILE A 194 -18.57 75.71 -18.77
CA ILE A 194 -19.37 75.47 -17.59
C ILE A 194 -19.99 76.78 -17.11
N LYS A 195 -21.09 76.66 -16.38
CA LYS A 195 -21.74 77.84 -15.82
C LYS A 195 -20.87 78.52 -14.78
N ALA A 196 -20.37 77.75 -13.80
CA ALA A 196 -19.60 78.36 -12.72
C ALA A 196 -18.33 79.01 -13.24
N LEU A 197 -17.63 78.33 -14.15
CA LEU A 197 -16.43 78.92 -14.74
C LEU A 197 -16.79 80.19 -15.49
N SER A 198 -17.92 80.20 -16.19
CA SER A 198 -18.35 81.40 -16.89
C SER A 198 -18.60 82.53 -15.91
N ASN A 199 -19.23 82.24 -14.77
CA ASN A 199 -19.47 83.28 -13.77
C ASN A 199 -18.16 83.86 -13.27
N GLN A 200 -17.20 83.01 -12.93
CA GLN A 200 -15.92 83.50 -12.42
C GLN A 200 -15.21 84.34 -13.47
N LYS A 201 -15.19 83.87 -14.72
CA LYS A 201 -14.54 84.61 -15.79
C LYS A 201 -15.23 85.95 -16.01
N TYR A 202 -16.57 85.98 -15.94
CA TYR A 202 -17.29 87.22 -16.08
C TYR A 202 -16.92 88.20 -14.98
N ARG A 203 -16.82 87.71 -13.74
CA ARG A 203 -16.42 88.59 -12.66
C ARG A 203 -15.05 89.19 -12.93
N GLU A 204 -14.10 88.36 -13.35
CA GLU A 204 -12.76 88.87 -13.65
C GLU A 204 -12.82 89.94 -14.74
N MET A 205 -13.47 89.64 -15.86
CA MET A 205 -13.50 90.59 -16.96
C MET A 205 -14.19 91.88 -16.56
N TYR A 206 -15.29 91.79 -15.81
CA TYR A 206 -15.97 92.99 -15.35
C TYR A 206 -15.07 93.82 -14.47
N GLU A 207 -14.30 93.17 -13.59
CA GLU A 207 -13.32 93.91 -12.81
C GLU A 207 -12.20 94.47 -13.67
N GLU A 208 -12.04 93.97 -14.90
CA GLU A 208 -11.01 94.48 -15.79
C GLU A 208 -11.50 95.62 -16.67
N PHE A 209 -12.53 95.37 -17.48
CA PHE A 209 -12.98 96.33 -18.49
C PHE A 209 -14.28 97.03 -18.15
N GLN A 210 -15.19 96.36 -17.44
CA GLN A 210 -16.46 96.92 -17.01
C GLN A 210 -17.45 97.09 -18.17
N ASP A 211 -16.99 96.86 -19.39
CA ASP A 211 -17.88 96.78 -20.55
C ASP A 211 -18.14 95.32 -20.92
N VAL A 212 -18.67 94.57 -19.95
CA VAL A 212 -18.81 93.12 -20.07
C VAL A 212 -20.24 92.72 -19.79
N GLY A 213 -20.72 91.73 -20.53
CA GLY A 213 -22.02 91.14 -20.31
C GLY A 213 -21.92 89.72 -19.79
N LEU A 214 -23.04 89.01 -19.90
CA LEU A 214 -23.08 87.61 -19.49
C LEU A 214 -24.39 87.01 -19.98
N MET A 215 -24.32 85.81 -20.55
CA MET A 215 -25.50 85.16 -21.09
C MET A 215 -25.35 83.66 -20.88
N THR A 216 -25.95 83.16 -19.80
CA THR A 216 -26.04 81.73 -19.54
C THR A 216 -27.51 81.38 -19.38
N GLY A 217 -27.80 80.08 -19.31
CA GLY A 217 -29.17 79.65 -19.12
C GLY A 217 -29.79 80.22 -17.86
N ASP A 218 -29.00 80.31 -16.79
CA ASP A 218 -29.53 80.76 -15.50
C ASP A 218 -29.88 82.24 -15.55
N VAL A 219 -28.96 83.08 -16.03
CA VAL A 219 -29.10 84.53 -15.93
C VAL A 219 -28.56 85.18 -17.20
N THR A 220 -28.80 86.49 -17.31
CA THR A 220 -28.22 87.30 -18.38
C THR A 220 -28.02 88.70 -17.84
N ILE A 221 -26.78 89.19 -17.90
CA ILE A 221 -26.42 90.49 -17.35
C ILE A 221 -25.90 91.37 -18.47
N ASN A 222 -26.48 92.56 -18.60
CA ASN A 222 -26.03 93.56 -19.56
C ASN A 222 -25.86 92.95 -20.96
N PRO A 223 -26.93 92.43 -21.55
CA PRO A 223 -26.79 91.73 -22.84
C PRO A 223 -26.25 92.62 -23.94
N THR A 224 -26.55 93.91 -23.91
CA THR A 224 -26.11 94.83 -24.96
C THR A 224 -24.73 95.41 -24.67
N ALA A 225 -23.76 94.53 -24.44
CA ALA A 225 -22.38 94.91 -24.19
C ALA A 225 -21.51 94.52 -25.38
N SER A 226 -20.22 94.76 -25.24
CA SER A 226 -19.26 94.44 -26.30
C SER A 226 -18.49 93.15 -26.04
N CYS A 227 -18.32 92.76 -24.78
CA CYS A 227 -17.63 91.53 -24.42
C CYS A 227 -18.63 90.63 -23.71
N LEU A 228 -19.21 89.68 -24.44
CA LEU A 228 -20.20 88.76 -23.89
C LEU A 228 -19.52 87.46 -23.48
N VAL A 229 -19.81 87.02 -22.26
CA VAL A 229 -19.36 85.74 -21.75
C VAL A 229 -20.57 84.81 -21.74
N MET A 230 -20.51 83.74 -22.52
CA MET A 230 -21.66 82.85 -22.65
C MET A 230 -21.16 81.43 -22.84
N THR A 231 -21.88 80.47 -22.28
CA THR A 231 -21.53 79.08 -22.47
C THR A 231 -21.77 78.67 -23.92
N THR A 232 -21.14 77.58 -24.32
CA THR A 232 -21.21 77.16 -25.72
C THR A 232 -22.65 76.92 -26.15
N GLU A 233 -23.48 76.38 -25.26
CA GLU A 233 -24.84 76.02 -25.66
C GLU A 233 -25.65 77.26 -26.05
N ILE A 234 -25.50 78.35 -25.29
CA ILE A 234 -26.19 79.58 -25.65
C ILE A 234 -25.71 80.08 -27.01
N LEU A 235 -24.40 80.00 -27.25
CA LEU A 235 -23.86 80.42 -28.54
C LEU A 235 -24.44 79.58 -29.66
N ARG A 236 -24.56 78.28 -29.44
CA ARG A 236 -25.15 77.40 -30.45
C ARG A 236 -26.59 77.78 -30.71
N SER A 237 -27.34 78.10 -29.65
CA SER A 237 -28.71 78.54 -29.84
C SER A 237 -28.77 79.82 -30.67
N MET A 238 -27.90 80.78 -30.37
CA MET A 238 -27.90 82.03 -31.13
C MET A 238 -27.57 81.76 -32.60
N LEU A 239 -26.59 80.89 -32.85
CA LEU A 239 -26.23 80.55 -34.22
C LEU A 239 -27.41 79.93 -34.95
N TYR A 240 -28.08 78.96 -34.32
CA TYR A 240 -29.18 78.29 -35.00
C TYR A 240 -30.35 79.23 -35.25
N ARG A 241 -30.60 80.16 -34.33
CA ARG A 241 -31.70 81.10 -34.50
C ARG A 241 -31.25 82.42 -35.13
N GLY A 242 -29.95 82.61 -35.34
CA GLY A 242 -29.46 83.79 -36.04
C GLY A 242 -29.85 85.10 -35.39
N SER A 243 -29.31 85.38 -34.21
CA SER A 243 -29.57 86.64 -33.55
C SER A 243 -28.63 87.73 -34.07
N GLU A 244 -29.15 88.95 -34.16
CA GLU A 244 -28.37 90.06 -34.68
C GLU A 244 -27.13 90.34 -33.84
N VAL A 245 -27.15 89.99 -32.56
CA VAL A 245 -25.97 90.21 -31.72
C VAL A 245 -24.77 89.47 -32.30
N MET A 246 -25.01 88.34 -32.95
CA MET A 246 -23.91 87.59 -33.56
C MET A 246 -23.33 88.32 -34.77
N ARG A 247 -24.10 89.22 -35.38
CA ARG A 247 -23.63 89.87 -36.61
C ARG A 247 -22.41 90.73 -36.35
N GLU A 248 -22.41 91.48 -35.25
CA GLU A 248 -21.36 92.46 -35.00
C GLU A 248 -20.06 91.81 -34.51
N VAL A 249 -20.08 90.53 -34.14
CA VAL A 249 -18.90 89.93 -33.53
C VAL A 249 -17.75 89.92 -34.53
N ALA A 250 -16.54 90.07 -34.00
CA ALA A 250 -15.31 89.98 -34.77
C ALA A 250 -14.34 88.94 -34.24
N TRP A 251 -14.34 88.69 -32.94
CA TRP A 251 -13.49 87.68 -32.33
C TRP A 251 -14.34 86.72 -31.51
N VAL A 252 -13.96 85.45 -31.50
CA VAL A 252 -14.56 84.46 -30.63
C VAL A 252 -13.43 83.71 -29.93
N ILE A 253 -13.50 83.64 -28.62
CA ILE A 253 -12.41 83.11 -27.81
C ILE A 253 -12.94 81.87 -27.11
N PHE A 254 -12.74 80.71 -27.74
CA PHE A 254 -13.10 79.45 -27.11
C PHE A 254 -12.13 79.13 -26.00
N ASP A 255 -12.66 78.71 -24.85
CA ASP A 255 -11.85 78.39 -23.68
C ASP A 255 -11.97 76.90 -23.40
N GLU A 256 -10.86 76.30 -22.96
CA GLU A 256 -10.82 74.88 -22.66
C GLU A 256 -11.33 74.07 -23.86
N ILE A 257 -10.80 74.39 -25.03
CA ILE A 257 -11.27 73.73 -26.25
C ILE A 257 -11.03 72.23 -26.19
N HIS A 258 -10.06 71.77 -25.40
CA HIS A 258 -9.86 70.34 -25.26
C HIS A 258 -11.07 69.67 -24.64
N TYR A 259 -11.96 70.44 -24.03
CA TYR A 259 -13.22 69.90 -23.54
C TYR A 259 -14.09 69.37 -24.67
N MET A 260 -13.71 69.60 -25.93
CA MET A 260 -14.52 69.17 -27.06
C MET A 260 -14.69 67.66 -27.14
N ARG A 261 -13.86 66.90 -26.42
CA ARG A 261 -13.95 65.44 -26.41
C ARG A 261 -14.82 64.93 -25.28
N ASP A 262 -15.83 65.69 -24.87
CA ASP A 262 -16.69 65.32 -23.75
C ASP A 262 -17.71 64.26 -24.11
N SER A 263 -17.55 63.57 -25.24
CA SER A 263 -18.45 62.49 -25.61
C SER A 263 -19.86 63.01 -25.87
N GLU A 264 -20.53 63.46 -24.82
CA GLU A 264 -21.90 63.93 -24.96
C GLU A 264 -21.98 65.39 -25.37
N ARG A 265 -21.27 66.27 -24.67
CA ARG A 265 -21.30 67.70 -24.96
C ARG A 265 -20.20 68.14 -25.91
N GLY A 266 -19.47 67.19 -26.50
CA GLY A 266 -18.48 67.57 -27.50
C GLY A 266 -19.11 68.15 -28.75
N VAL A 267 -20.22 67.55 -29.20
CA VAL A 267 -20.81 67.95 -30.47
C VAL A 267 -21.20 69.43 -30.44
N VAL A 268 -21.78 69.89 -29.33
CA VAL A 268 -22.22 71.28 -29.24
C VAL A 268 -21.09 72.25 -29.47
N TRP A 269 -19.85 71.78 -29.48
CA TRP A 269 -18.73 72.64 -29.85
C TRP A 269 -18.61 72.73 -31.37
N GLU A 270 -18.48 71.58 -32.03
CA GLU A 270 -18.17 71.59 -33.46
C GLU A 270 -19.23 72.35 -34.23
N GLU A 271 -20.51 72.12 -33.92
CA GLU A 271 -21.56 72.87 -34.60
C GLU A 271 -21.28 74.36 -34.54
N THR A 272 -20.99 74.87 -33.34
CA THR A 272 -20.74 76.30 -33.20
C THR A 272 -19.60 76.75 -34.09
N ILE A 273 -18.55 75.94 -34.22
CA ILE A 273 -17.44 76.34 -35.07
C ILE A 273 -17.85 76.30 -36.53
N ILE A 274 -18.66 75.31 -36.91
CA ILE A 274 -18.99 75.15 -38.32
C ILE A 274 -19.91 76.26 -38.79
N LEU A 275 -20.86 76.66 -37.94
CA LEU A 275 -21.88 77.62 -38.36
C LEU A 275 -21.41 79.06 -38.29
N LEU A 276 -20.28 79.35 -37.66
CA LEU A 276 -19.80 80.72 -37.59
C LEU A 276 -19.36 81.19 -38.98
N PRO A 277 -19.58 82.45 -39.32
CA PRO A 277 -19.13 82.94 -40.63
C PRO A 277 -17.62 83.02 -40.70
N ASP A 278 -17.12 83.14 -41.94
CA ASP A 278 -15.69 83.12 -42.19
C ASP A 278 -14.99 84.43 -41.85
N ASN A 279 -15.75 85.52 -41.71
CA ASN A 279 -15.14 86.81 -41.41
C ASN A 279 -14.61 86.89 -39.98
N VAL A 280 -15.01 85.97 -39.10
CA VAL A 280 -14.61 86.03 -37.70
C VAL A 280 -13.22 85.42 -37.55
N HIS A 281 -12.60 85.69 -36.40
CA HIS A 281 -11.31 85.13 -36.06
C HIS A 281 -11.38 84.51 -34.67
N TYR A 282 -10.76 83.35 -34.51
CA TYR A 282 -10.84 82.58 -33.28
C TYR A 282 -9.59 82.77 -32.44
N VAL A 283 -9.71 82.39 -31.17
CA VAL A 283 -8.56 82.25 -30.28
C VAL A 283 -8.82 81.03 -29.41
N PHE A 284 -8.21 79.90 -29.75
CA PHE A 284 -8.49 78.64 -29.08
C PHE A 284 -7.48 78.41 -27.96
N LEU A 285 -7.86 78.75 -26.74
CA LEU A 285 -7.09 78.33 -25.58
C LEU A 285 -7.33 76.85 -25.32
N SER A 286 -6.37 76.21 -24.67
CA SER A 286 -6.50 74.79 -24.39
C SER A 286 -5.41 74.37 -23.41
N ALA A 287 -5.37 73.08 -23.11
CA ALA A 287 -4.28 72.47 -22.38
C ALA A 287 -3.38 71.76 -23.36
N THR A 288 -2.18 71.42 -22.90
CA THR A 288 -1.19 70.80 -23.77
C THR A 288 -1.74 69.52 -24.36
N ILE A 289 -1.69 69.41 -25.69
CA ILE A 289 -2.12 68.20 -26.38
C ILE A 289 -1.21 67.94 -27.55
N PRO A 290 -1.02 66.67 -27.91
CA PRO A 290 -0.10 66.35 -29.00
C PRO A 290 -0.62 66.76 -30.37
N ASN A 291 -1.87 66.47 -30.67
CA ASN A 291 -2.41 66.70 -32.01
C ASN A 291 -3.03 68.08 -32.15
N ALA A 292 -2.29 69.12 -31.79
CA ALA A 292 -2.76 70.47 -32.04
C ALA A 292 -2.71 70.80 -33.52
N ARG A 293 -1.70 70.29 -34.21
CA ARG A 293 -1.56 70.56 -35.64
C ARG A 293 -2.78 70.10 -36.41
N GLN A 294 -3.36 68.96 -36.01
CA GLN A 294 -4.57 68.50 -36.69
C GLN A 294 -5.71 69.48 -36.51
N PHE A 295 -5.89 70.01 -35.29
CA PHE A 295 -6.95 70.97 -35.07
C PHE A 295 -6.72 72.23 -35.89
N ALA A 296 -5.49 72.72 -35.92
CA ALA A 296 -5.20 73.91 -36.72
C ALA A 296 -5.48 73.67 -38.19
N GLU A 297 -5.09 72.51 -38.71
CA GLU A 297 -5.38 72.17 -40.09
C GLU A 297 -6.88 72.13 -40.32
N TRP A 298 -7.64 71.60 -39.36
CA TRP A 298 -9.08 71.57 -39.52
C TRP A 298 -9.63 72.98 -39.63
N ILE A 299 -9.17 73.88 -38.76
CA ILE A 299 -9.68 75.25 -38.81
C ILE A 299 -9.34 75.90 -40.15
N CYS A 300 -8.11 75.72 -40.60
CA CYS A 300 -7.72 76.28 -41.90
C CYS A 300 -8.60 75.74 -43.01
N HIS A 301 -8.74 74.42 -43.09
CA HIS A 301 -9.54 73.82 -44.16
C HIS A 301 -11.00 74.22 -44.07
N LEU A 302 -11.48 74.52 -42.86
CA LEU A 302 -12.90 74.80 -42.68
C LEU A 302 -13.25 76.25 -42.99
N HIS A 303 -12.39 77.19 -42.60
CA HIS A 303 -12.66 78.60 -42.80
C HIS A 303 -11.70 79.28 -43.76
N LYS A 304 -10.74 78.55 -44.31
CA LYS A 304 -9.85 79.06 -45.35
C LYS A 304 -9.17 80.36 -44.88
N GLN A 305 -8.38 80.23 -43.83
CA GLN A 305 -7.55 81.32 -43.33
C GLN A 305 -6.40 80.72 -42.54
N PRO A 306 -5.30 81.46 -42.38
CA PRO A 306 -4.19 80.93 -41.59
C PRO A 306 -4.64 80.67 -40.16
N CYS A 307 -4.10 79.59 -39.58
CA CYS A 307 -4.35 79.26 -38.17
C CYS A 307 -3.02 78.89 -37.54
N HIS A 308 -2.65 79.59 -36.48
CA HIS A 308 -1.36 79.37 -35.85
C HIS A 308 -1.47 78.37 -34.72
N VAL A 309 -0.32 77.87 -34.28
CA VAL A 309 -0.24 76.94 -33.15
C VAL A 309 0.98 77.32 -32.33
N ILE A 310 0.76 77.64 -31.07
CA ILE A 310 1.82 78.02 -30.14
C ILE A 310 1.81 76.97 -29.04
N TYR A 311 2.62 75.93 -29.21
CA TYR A 311 2.71 74.84 -28.24
C TYR A 311 3.90 75.10 -27.33
N THR A 312 3.67 74.99 -26.02
CA THR A 312 4.74 75.20 -25.06
C THR A 312 4.40 74.45 -23.78
N ASP A 313 5.34 73.63 -23.31
CA ASP A 313 5.18 72.89 -22.08
C ASP A 313 5.73 73.63 -20.87
N TYR A 314 6.30 74.82 -21.08
CA TYR A 314 6.92 75.55 -19.98
C TYR A 314 5.91 75.83 -18.87
N ARG A 315 6.35 75.66 -17.64
CA ARG A 315 5.58 75.98 -16.46
C ARG A 315 6.42 76.84 -15.53
N PRO A 316 5.77 77.73 -14.77
CA PRO A 316 6.55 78.68 -13.95
C PRO A 316 7.35 78.02 -12.85
N THR A 317 6.69 77.17 -12.04
CA THR A 317 7.33 76.57 -10.88
C THR A 317 7.47 75.05 -11.06
N PRO A 318 8.61 74.48 -10.72
CA PRO A 318 8.81 73.05 -10.94
C PRO A 318 7.92 72.21 -10.03
N LEU A 319 7.82 70.94 -10.37
CA LEU A 319 7.00 69.97 -9.64
C LEU A 319 7.86 68.83 -9.16
N GLN A 320 7.57 68.35 -7.94
CA GLN A 320 8.16 67.14 -7.40
C GLN A 320 7.04 66.15 -7.13
N HIS A 321 7.15 64.96 -7.70
CA HIS A 321 6.13 63.93 -7.56
C HIS A 321 6.64 62.88 -6.59
N TYR A 322 5.90 62.68 -5.50
CA TYR A 322 6.15 61.62 -4.54
C TYR A 322 5.06 60.55 -4.67
N ILE A 323 5.41 59.33 -4.31
CA ILE A 323 4.46 58.22 -4.24
C ILE A 323 4.41 57.73 -2.81
N PHE A 324 3.20 57.56 -2.29
CA PHE A 324 2.99 56.96 -0.98
C PHE A 324 2.42 55.56 -1.18
N PRO A 325 3.18 54.50 -0.93
CA PRO A 325 2.61 53.15 -1.00
C PRO A 325 1.68 52.88 0.16
N ALA A 326 0.73 51.98 -0.07
CA ALA A 326 -0.24 51.61 0.96
C ALA A 326 0.43 50.67 1.94
N GLY A 327 0.61 51.14 3.17
CA GLY A 327 1.32 50.38 4.19
C GLY A 327 2.74 50.82 4.42
N GLY A 328 3.29 51.66 3.55
CA GLY A 328 4.63 52.14 3.72
C GLY A 328 4.76 53.06 4.93
N ASP A 329 5.90 53.76 4.98
CA ASP A 329 6.19 54.64 6.11
C ASP A 329 6.82 55.95 5.67
N GLY A 330 6.70 56.33 4.41
CA GLY A 330 7.30 57.57 3.95
C GLY A 330 6.93 57.83 2.51
N LEU A 331 7.38 58.98 2.02
CA LEU A 331 7.15 59.41 0.66
C LEU A 331 8.44 59.28 -0.14
N HIS A 332 8.35 58.64 -1.30
CA HIS A 332 9.51 58.43 -2.16
C HIS A 332 9.45 59.40 -3.33
N LEU A 333 10.53 60.15 -3.53
CA LEU A 333 10.57 61.16 -4.58
C LEU A 333 10.70 60.47 -5.94
N VAL A 334 9.56 60.10 -6.53
CA VAL A 334 9.61 59.35 -7.79
C VAL A 334 10.07 60.25 -8.93
N VAL A 335 9.62 61.50 -8.98
CA VAL A 335 10.01 62.41 -10.07
C VAL A 335 10.51 63.71 -9.46
N ASP A 336 11.67 64.15 -9.92
CA ASP A 336 12.32 65.34 -9.40
C ASP A 336 11.97 66.56 -10.25
N GLU A 337 12.29 67.75 -9.72
CA GLU A 337 11.97 68.98 -10.42
C GLU A 337 12.55 68.99 -11.83
N ASN A 338 13.75 68.42 -12.00
CA ASN A 338 14.38 68.41 -13.31
C ASN A 338 13.61 67.59 -14.34
N GLY A 339 12.65 66.79 -13.90
CA GLY A 339 11.89 65.94 -14.80
C GLY A 339 12.49 64.58 -15.04
N ASP A 340 13.65 64.29 -14.48
CA ASP A 340 14.30 62.99 -14.67
C ASP A 340 13.66 61.98 -13.73
N PHE A 341 12.95 61.01 -14.31
CA PHE A 341 12.35 59.95 -13.51
C PHE A 341 13.43 59.18 -12.76
N ARG A 342 13.19 58.93 -11.48
CA ARG A 342 14.11 58.17 -10.64
C ARG A 342 13.61 56.73 -10.54
N GLU A 343 14.33 55.82 -11.20
CA GLU A 343 13.86 54.43 -11.28
C GLU A 343 14.05 53.71 -9.95
N ASP A 344 15.17 53.93 -9.29
CA ASP A 344 15.47 53.18 -8.07
C ASP A 344 14.42 53.44 -6.99
N ASN A 345 14.07 54.71 -6.79
CA ASN A 345 13.08 55.03 -5.77
C ASN A 345 11.72 54.44 -6.11
N PHE A 346 11.34 54.49 -7.38
CA PHE A 346 10.06 53.91 -7.79
C PHE A 346 10.05 52.41 -7.53
N ASN A 347 11.14 51.72 -7.88
CA ASN A 347 11.22 50.29 -7.61
C ASN A 347 11.13 50.01 -6.11
N THR A 348 11.80 50.83 -5.30
CA THR A 348 11.74 50.62 -3.86
C THR A 348 10.31 50.79 -3.35
N ALA A 349 9.63 51.83 -3.81
CA ALA A 349 8.26 52.05 -3.36
C ALA A 349 7.35 50.89 -3.75
N MET A 350 7.47 50.42 -4.99
CA MET A 350 6.62 49.32 -5.42
C MET A 350 7.00 48.02 -4.71
N GLN A 351 8.27 47.85 -4.37
CA GLN A 351 8.67 46.68 -3.58
C GLN A 351 8.03 46.73 -2.20
N VAL A 352 8.01 47.91 -1.59
CA VAL A 352 7.33 48.06 -0.31
C VAL A 352 5.85 47.72 -0.45
N LEU A 353 5.24 48.20 -1.53
CA LEU A 353 3.82 47.90 -1.76
C LEU A 353 3.60 46.39 -1.85
N ARG A 354 4.46 45.70 -2.61
CA ARG A 354 4.31 44.26 -2.76
C ARG A 354 4.51 43.54 -1.44
N ASP A 355 5.52 43.96 -0.66
CA ASP A 355 5.76 43.30 0.62
C ASP A 355 4.59 43.49 1.57
N ALA A 356 4.00 44.68 1.59
CA ALA A 356 2.80 44.89 2.39
C ALA A 356 1.66 44.02 1.89
N GLY A 357 1.50 43.92 0.58
CA GLY A 357 0.39 43.16 0.03
C GLY A 357 0.48 41.67 0.34
N ASP A 358 1.65 41.08 0.18
CA ASP A 358 1.81 39.65 0.42
C ASP A 358 2.06 39.31 1.88
N LEU A 359 2.15 40.30 2.76
CA LEU A 359 2.31 40.06 4.18
C LEU A 359 1.08 39.35 4.73
N GLY A 373 -2.70 58.23 13.83
CA GLY A 373 -3.04 58.25 12.42
C GLY A 373 -3.74 56.98 11.98
N PRO A 374 -5.02 56.84 12.32
CA PRO A 374 -5.75 55.63 11.93
C PRO A 374 -5.79 55.40 10.43
N SER A 375 -5.84 56.47 9.63
CA SER A 375 -5.96 56.37 8.18
C SER A 375 -4.74 56.98 7.51
N ASN A 376 -4.41 56.45 6.33
CA ASN A 376 -3.24 56.94 5.61
C ASN A 376 -3.38 58.41 5.27
N VAL A 377 -4.56 58.82 4.80
CA VAL A 377 -4.75 60.21 4.40
C VAL A 377 -4.52 61.15 5.58
N PHE A 378 -4.95 60.73 6.77
CA PHE A 378 -4.71 61.55 7.95
C PHE A 378 -3.22 61.71 8.21
N LYS A 379 -2.46 60.63 8.09
CA LYS A 379 -1.02 60.74 8.28
C LYS A 379 -0.41 61.69 7.24
N ILE A 380 -0.85 61.56 5.98
CA ILE A 380 -0.28 62.38 4.92
C ILE A 380 -0.57 63.86 5.18
N VAL A 381 -1.80 64.17 5.53
CA VAL A 381 -2.17 65.58 5.72
C VAL A 381 -1.51 66.14 6.97
N LYS A 382 -1.41 65.34 8.03
CA LYS A 382 -0.69 65.80 9.21
C LYS A 382 0.77 66.08 8.89
N MET A 383 1.40 65.20 8.13
CA MET A 383 2.79 65.42 7.74
C MET A 383 2.91 66.67 6.90
N ILE A 384 1.97 66.88 5.98
CA ILE A 384 1.96 68.10 5.18
C ILE A 384 1.90 69.31 6.08
N MET A 385 1.02 69.29 7.08
CA MET A 385 0.90 70.43 7.98
C MET A 385 2.22 70.66 8.72
N GLU A 386 2.85 69.60 9.21
CA GLU A 386 4.04 69.75 10.03
C GLU A 386 5.30 70.03 9.21
N ARG A 387 5.25 69.89 7.89
CA ARG A 387 6.37 70.23 7.03
C ARG A 387 6.18 71.56 6.33
N ASN A 388 5.13 72.31 6.66
CA ASN A 388 4.88 73.64 6.08
C ASN A 388 4.55 73.52 4.59
N PHE A 389 3.67 72.59 4.26
CA PHE A 389 3.07 72.48 2.94
C PHE A 389 1.56 72.70 3.03
N GLN A 390 1.14 73.61 3.91
CA GLN A 390 -0.24 73.60 4.38
C GLN A 390 -1.27 73.76 3.27
N PRO A 391 -1.15 74.66 2.30
CA PRO A 391 -2.26 74.84 1.36
C PRO A 391 -2.35 73.65 0.43
N VAL A 392 -3.33 72.77 0.66
CA VAL A 392 -3.36 71.46 0.03
C VAL A 392 -4.73 71.20 -0.58
N ILE A 393 -4.74 70.58 -1.75
CA ILE A 393 -5.96 70.14 -2.41
C ILE A 393 -5.90 68.63 -2.49
N ILE A 394 -6.93 67.98 -1.96
CA ILE A 394 -6.99 66.52 -1.90
C ILE A 394 -8.03 66.08 -2.92
N PHE A 395 -7.57 65.46 -4.00
CA PHE A 395 -8.44 65.01 -5.08
C PHE A 395 -8.84 63.57 -4.82
N SER A 396 -10.08 63.36 -4.41
CA SER A 396 -10.64 62.03 -4.24
C SER A 396 -11.82 61.88 -5.19
N PHE A 397 -11.81 60.80 -5.97
CA PHE A 397 -12.79 60.62 -7.03
C PHE A 397 -14.07 59.98 -6.52
N SER A 398 -14.63 60.56 -5.46
CA SER A 398 -15.88 60.08 -4.90
C SER A 398 -16.39 61.08 -3.87
N LYS A 399 -17.69 61.38 -3.92
CA LYS A 399 -18.25 62.32 -2.95
C LYS A 399 -18.12 61.76 -1.53
N LYS A 400 -18.44 60.47 -1.35
CA LYS A 400 -18.40 59.89 -0.02
C LYS A 400 -16.98 59.90 0.53
N ASP A 401 -15.99 59.64 -0.32
CA ASP A 401 -14.61 59.66 0.15
C ASP A 401 -14.21 61.05 0.64
N CYS A 402 -14.59 62.09 -0.11
CA CYS A 402 -14.29 63.44 0.33
C CYS A 402 -14.97 63.74 1.66
N GLU A 403 -16.25 63.36 1.78
CA GLU A 403 -16.95 63.58 3.05
C GLU A 403 -16.22 62.89 4.19
N ALA A 404 -15.88 61.62 4.01
CA ALA A 404 -15.27 60.86 5.09
C ALA A 404 -13.92 61.43 5.49
N TYR A 405 -13.09 61.76 4.50
CA TYR A 405 -11.77 62.28 4.83
C TYR A 405 -11.85 63.65 5.49
N ALA A 406 -12.81 64.47 5.06
CA ALA A 406 -13.01 65.75 5.74
C ALA A 406 -13.43 65.55 7.18
N LEU A 407 -14.35 64.62 7.43
CA LEU A 407 -14.80 64.39 8.79
C LEU A 407 -13.69 63.84 9.67
N GLN A 408 -12.88 62.92 9.14
CA GLN A 408 -11.82 62.32 9.95
C GLN A 408 -10.91 63.40 10.54
N MET A 409 -10.71 64.50 9.82
CA MET A 409 -9.79 65.54 10.24
C MET A 409 -10.43 66.55 11.18
N THR A 410 -11.53 66.19 11.83
CA THR A 410 -12.15 67.12 12.76
C THR A 410 -11.47 67.06 14.12
N LYS A 411 -10.14 67.10 14.13
CA LYS A 411 -9.38 67.25 15.36
C LYS A 411 -8.16 68.13 15.21
N LEU A 412 -7.94 68.74 14.04
CA LEU A 412 -6.85 69.68 13.81
C LEU A 412 -7.42 71.08 13.71
N ASP A 413 -6.54 72.05 13.47
CA ASP A 413 -6.95 73.43 13.31
C ASP A 413 -5.83 74.17 12.59
N PHE A 414 -6.08 74.57 11.35
CA PHE A 414 -5.10 75.31 10.57
C PHE A 414 -5.27 76.82 10.66
N ASN A 415 -6.31 77.30 11.34
CA ASN A 415 -6.69 78.70 11.32
C ASN A 415 -6.38 79.36 12.66
N THR A 416 -5.79 80.54 12.60
CA THR A 416 -5.65 81.39 13.77
C THR A 416 -7.01 82.00 14.13
N ASP A 417 -7.11 82.47 15.37
CA ASP A 417 -8.39 83.02 15.84
C ASP A 417 -8.88 84.13 14.91
N GLU A 418 -7.97 84.98 14.44
CA GLU A 418 -8.38 86.05 13.53
C GLU A 418 -8.97 85.48 12.26
N GLU A 419 -8.35 84.42 11.73
CA GLU A 419 -8.92 83.75 10.56
C GLU A 419 -10.29 83.19 10.89
N LYS A 420 -10.49 82.66 12.09
CA LYS A 420 -11.79 82.14 12.47
C LYS A 420 -12.84 83.25 12.45
N LYS A 421 -12.51 84.40 13.03
CA LYS A 421 -13.46 85.51 13.03
C LYS A 421 -13.77 85.95 11.61
N MET A 422 -12.74 86.08 10.77
CA MET A 422 -12.97 86.53 9.41
C MET A 422 -13.82 85.54 8.63
N VAL A 423 -13.55 84.24 8.80
CA VAL A 423 -14.32 83.22 8.10
C VAL A 423 -15.76 83.24 8.55
N GLU A 424 -15.99 83.36 9.86
CA GLU A 424 -17.35 83.43 10.36
C GLU A 424 -18.09 84.62 9.76
N GLU A 425 -17.43 85.79 9.75
CA GLU A 425 -18.08 86.97 9.21
C GLU A 425 -18.40 86.80 7.73
N VAL A 426 -17.44 86.27 6.96
CA VAL A 426 -17.65 86.11 5.53
C VAL A 426 -18.79 85.13 5.26
N PHE A 427 -18.81 84.01 5.99
CA PHE A 427 -19.84 83.01 5.78
C PHE A 427 -21.21 83.57 6.12
N SER A 428 -21.32 84.30 7.23
CA SER A 428 -22.60 84.90 7.58
C SER A 428 -23.05 85.90 6.53
N ASN A 429 -22.12 86.72 6.04
CA ASN A 429 -22.47 87.69 5.01
C ASN A 429 -22.94 86.99 3.74
N ALA A 430 -22.27 85.92 3.35
CA ALA A 430 -22.67 85.18 2.15
C ALA A 430 -24.05 84.56 2.33
N ILE A 431 -24.32 83.99 3.51
CA ILE A 431 -25.59 83.30 3.71
C ILE A 431 -26.75 84.23 4.01
N ASP A 432 -26.48 85.49 4.35
CA ASP A 432 -27.58 86.39 4.70
C ASP A 432 -28.60 86.53 3.57
N CYS A 433 -28.21 86.23 2.33
CA CYS A 433 -29.16 86.35 1.22
C CYS A 433 -30.31 85.37 1.38
N LEU A 434 -30.04 84.16 1.85
CA LEU A 434 -31.08 83.15 1.97
C LEU A 434 -32.12 83.56 3.01
N SER A 435 -33.28 82.93 2.93
CA SER A 435 -34.33 83.18 3.90
C SER A 435 -33.97 82.54 5.24
N ASP A 436 -34.69 82.95 6.29
CA ASP A 436 -34.39 82.45 7.62
C ASP A 436 -34.52 80.94 7.69
N GLU A 437 -35.54 80.37 7.05
CA GLU A 437 -35.73 78.93 7.09
C GLU A 437 -34.56 78.21 6.43
N ASP A 438 -34.07 78.75 5.31
CA ASP A 438 -32.93 78.14 4.64
C ASP A 438 -31.69 78.16 5.52
N LYS A 439 -31.49 79.25 6.26
CA LYS A 439 -30.35 79.33 7.16
C LYS A 439 -30.38 78.20 8.18
N LYS A 440 -31.56 77.69 8.51
CA LYS A 440 -31.70 76.61 9.46
C LYS A 440 -31.34 75.25 8.89
N LEU A 441 -31.06 75.17 7.60
CA LEU A 441 -30.77 73.89 6.98
C LEU A 441 -29.52 73.27 7.62
N PRO A 442 -29.50 71.96 7.84
CA PRO A 442 -28.27 71.34 8.37
C PRO A 442 -27.07 71.56 7.47
N GLN A 443 -27.26 71.59 6.15
CA GLN A 443 -26.12 71.67 5.24
C GLN A 443 -25.33 72.95 5.47
N VAL A 444 -26.01 74.09 5.60
CA VAL A 444 -25.30 75.35 5.80
C VAL A 444 -24.70 75.41 7.20
N GLU A 445 -25.43 74.94 8.21
CA GLU A 445 -24.97 75.09 9.59
C GLU A 445 -23.75 74.22 9.86
N HIS A 446 -23.76 72.97 9.40
CA HIS A 446 -22.73 72.01 9.80
C HIS A 446 -21.43 72.17 9.03
N VAL A 447 -21.41 72.94 7.94
CA VAL A 447 -20.14 73.22 7.28
C VAL A 447 -19.37 74.31 8.01
N LEU A 448 -20.06 75.16 8.77
CA LEU A 448 -19.38 76.30 9.39
C LEU A 448 -18.23 75.88 10.30
N PRO A 449 -18.36 74.88 11.16
CA PRO A 449 -17.19 74.48 11.97
C PRO A 449 -15.99 74.09 11.13
N LEU A 450 -16.22 73.37 10.03
CA LEU A 450 -15.10 72.93 9.19
C LEU A 450 -14.35 74.14 8.64
N LEU A 451 -15.07 75.08 8.05
CA LEU A 451 -14.42 76.28 7.54
C LEU A 451 -13.76 77.08 8.65
N LYS A 452 -14.36 77.06 9.85
CA LYS A 452 -13.75 77.75 10.98
C LYS A 452 -12.38 77.17 11.30
N ARG A 453 -12.27 75.84 11.30
CA ARG A 453 -10.99 75.22 11.61
C ARG A 453 -10.06 75.13 10.40
N GLY A 454 -10.53 75.56 9.22
CA GLY A 454 -9.66 75.60 8.05
C GLY A 454 -9.70 74.36 7.18
N ILE A 455 -10.84 73.70 7.10
CA ILE A 455 -11.01 72.52 6.26
C ILE A 455 -12.28 72.71 5.44
N GLY A 456 -12.19 72.45 4.13
CA GLY A 456 -13.31 72.67 3.25
C GLY A 456 -13.56 71.47 2.34
N ILE A 457 -14.80 71.38 1.88
CA ILE A 457 -15.23 70.32 0.98
C ILE A 457 -15.84 70.97 -0.26
N HIS A 458 -15.51 70.46 -1.43
CA HIS A 458 -16.02 71.02 -2.68
C HIS A 458 -16.26 69.88 -3.67
N HIS A 459 -17.51 69.45 -3.80
CA HIS A 459 -17.88 68.45 -4.77
C HIS A 459 -19.30 68.74 -5.25
N GLY A 460 -19.65 68.14 -6.38
CA GLY A 460 -20.92 68.47 -7.02
C GLY A 460 -22.12 68.28 -6.12
N GLY A 461 -22.01 67.39 -5.13
CA GLY A 461 -23.14 67.13 -4.25
C GLY A 461 -23.56 68.34 -3.45
N LEU A 462 -22.59 69.15 -3.03
CA LEU A 462 -22.88 70.27 -2.15
C LEU A 462 -23.87 71.24 -2.80
N LEU A 463 -24.38 72.16 -1.98
CA LEU A 463 -25.23 73.22 -2.51
C LEU A 463 -24.37 74.20 -3.32
N PRO A 464 -24.95 74.79 -4.38
CA PRO A 464 -24.15 75.73 -5.17
C PRO A 464 -23.59 76.89 -4.36
N ILE A 465 -24.37 77.44 -3.44
CA ILE A 465 -23.92 78.60 -2.69
C ILE A 465 -22.75 78.23 -1.80
N LEU A 466 -22.80 77.05 -1.19
CA LEU A 466 -21.66 76.59 -0.40
C LEU A 466 -20.42 76.41 -1.27
N LYS A 467 -20.60 75.86 -2.47
CA LYS A 467 -19.46 75.71 -3.37
C LYS A 467 -18.83 77.06 -3.68
N GLU A 468 -19.65 78.05 -4.00
CA GLU A 468 -19.11 79.37 -4.32
C GLU A 468 -18.42 79.99 -3.11
N THR A 469 -19.02 79.87 -1.92
CA THR A 469 -18.40 80.43 -0.73
C THR A 469 -17.06 79.77 -0.44
N ILE A 470 -16.99 78.46 -0.57
CA ILE A 470 -15.75 77.75 -0.31
C ILE A 470 -14.70 78.13 -1.34
N GLU A 471 -15.10 78.29 -2.61
CA GLU A 471 -14.16 78.76 -3.61
C GLU A 471 -13.60 80.12 -3.24
N ILE A 472 -14.47 81.04 -2.80
CA ILE A 472 -14.00 82.36 -2.41
C ILE A 472 -13.00 82.25 -1.26
N LEU A 473 -13.36 81.49 -0.23
CA LEU A 473 -12.50 81.39 0.93
C LEU A 473 -11.15 80.80 0.56
N PHE A 474 -11.15 79.73 -0.24
CA PHE A 474 -9.88 79.12 -0.64
C PHE A 474 -9.05 80.09 -1.45
N SER A 475 -9.67 80.80 -2.40
CA SER A 475 -8.93 81.77 -3.20
C SER A 475 -8.34 82.86 -2.32
N GLU A 476 -8.99 83.18 -1.21
CA GLU A 476 -8.48 84.18 -0.29
C GLU A 476 -7.56 83.61 0.78
N GLY A 477 -7.30 82.31 0.76
CA GLY A 477 -6.32 81.72 1.65
C GLY A 477 -6.82 81.38 3.03
N LEU A 478 -8.12 81.48 3.29
CA LEU A 478 -8.65 81.17 4.60
C LEU A 478 -8.89 79.68 4.81
N ILE A 479 -8.85 78.87 3.76
CA ILE A 479 -9.00 77.43 3.86
C ILE A 479 -7.68 76.81 3.41
N LYS A 480 -7.15 75.90 4.23
CA LYS A 480 -5.83 75.34 3.99
C LYS A 480 -5.85 73.84 3.75
N ALA A 481 -7.02 73.25 3.53
CA ALA A 481 -7.09 71.85 3.11
C ALA A 481 -8.45 71.63 2.46
N LEU A 482 -8.47 71.50 1.14
CA LEU A 482 -9.72 71.43 0.39
C LEU A 482 -9.86 70.03 -0.20
N PHE A 483 -10.85 69.29 0.28
CA PHE A 483 -11.18 67.97 -0.27
C PHE A 483 -12.15 68.17 -1.43
N ALA A 484 -11.70 67.85 -2.64
CA ALA A 484 -12.49 68.14 -3.83
C ALA A 484 -12.38 66.99 -4.81
N THR A 485 -13.36 66.91 -5.70
CA THR A 485 -13.31 65.99 -6.82
C THR A 485 -12.62 66.69 -7.99
N GLU A 486 -12.63 66.06 -9.16
CA GLU A 486 -11.86 66.60 -10.28
C GLU A 486 -12.42 67.92 -10.81
N THR A 487 -13.69 68.23 -10.55
CA THR A 487 -14.26 69.46 -11.07
C THR A 487 -13.46 70.67 -10.61
N PHE A 488 -13.08 70.70 -9.34
CA PHE A 488 -12.36 71.86 -8.82
C PHE A 488 -11.05 72.08 -9.55
N ALA A 489 -10.55 71.07 -10.26
CA ALA A 489 -9.33 71.25 -11.04
C ALA A 489 -9.51 72.33 -12.09
N MET A 490 -10.67 72.37 -12.74
CA MET A 490 -10.89 73.33 -13.82
C MET A 490 -11.17 74.74 -13.30
N GLY A 491 -11.31 74.93 -12.00
CA GLY A 491 -11.51 76.25 -11.43
C GLY A 491 -10.46 77.23 -11.91
N ILE A 492 -10.72 78.52 -11.75
CA ILE A 492 -9.86 79.57 -12.27
C ILE A 492 -9.19 80.28 -11.10
N ASN A 493 -7.86 80.35 -11.14
CA ASN A 493 -7.09 81.12 -10.17
C ASN A 493 -7.27 80.58 -8.75
N MET A 494 -7.15 79.26 -8.61
CA MET A 494 -7.22 78.61 -7.31
C MET A 494 -6.09 77.58 -7.21
N PRO A 495 -4.84 78.05 -7.17
CA PRO A 495 -3.72 77.13 -7.02
C PRO A 495 -3.47 76.80 -5.55
N ALA A 496 -2.55 75.86 -5.34
CA ALA A 496 -2.18 75.43 -4.01
C ALA A 496 -0.73 74.95 -4.04
N ARG A 497 -0.11 74.88 -2.86
CA ARG A 497 1.27 74.44 -2.79
C ARG A 497 1.42 72.93 -2.83
N THR A 498 0.34 72.19 -2.69
CA THR A 498 0.45 70.74 -2.68
C THR A 498 -0.86 70.12 -3.16
N VAL A 499 -0.75 69.01 -3.88
CA VAL A 499 -1.89 68.25 -4.37
C VAL A 499 -1.71 66.80 -3.95
N LEU A 500 -2.77 66.21 -3.41
CA LEU A 500 -2.73 64.85 -2.90
C LEU A 500 -3.81 64.02 -3.57
N PHE A 501 -3.41 62.92 -4.20
CA PHE A 501 -4.33 62.00 -4.85
C PHE A 501 -4.58 60.83 -3.91
N THR A 502 -5.82 60.68 -3.47
CA THR A 502 -6.14 59.56 -2.59
C THR A 502 -6.15 58.24 -3.36
N ASN A 503 -7.01 58.14 -4.37
CA ASN A 503 -7.17 56.92 -5.15
C ASN A 503 -7.01 57.26 -6.62
N ALA A 504 -6.19 56.48 -7.32
CA ALA A 504 -5.98 56.67 -8.75
C ALA A 504 -6.93 55.79 -9.57
N ARG A 505 -8.21 55.86 -9.25
CA ARG A 505 -9.25 55.13 -9.99
C ARG A 505 -10.49 56.00 -10.02
N LYS A 506 -11.11 56.12 -11.19
CA LYS A 506 -12.31 56.92 -11.34
C LYS A 506 -13.32 56.17 -12.19
N PHE A 507 -14.60 56.48 -11.98
CA PHE A 507 -15.68 55.95 -12.78
C PHE A 507 -16.13 57.02 -13.77
N ASP A 508 -15.72 56.88 -15.02
CA ASP A 508 -16.20 57.76 -16.08
C ASP A 508 -17.59 57.28 -16.49
N GLY A 509 -18.08 57.79 -17.63
CA GLY A 509 -19.39 57.38 -18.09
C GLY A 509 -19.51 55.87 -18.27
N LYS A 510 -18.45 55.23 -18.76
CA LYS A 510 -18.52 53.81 -19.07
C LYS A 510 -18.37 52.96 -17.81
N ASP A 511 -17.21 53.02 -17.16
CA ASP A 511 -16.91 52.14 -16.05
C ASP A 511 -15.57 52.57 -15.44
N PHE A 512 -15.19 51.88 -14.36
CA PHE A 512 -13.96 52.21 -13.67
C PHE A 512 -12.76 52.10 -14.61
N ARG A 513 -11.72 52.87 -14.31
CA ARG A 513 -10.50 52.85 -15.10
C ARG A 513 -9.45 53.66 -14.38
N TRP A 514 -8.19 53.42 -14.74
CA TRP A 514 -7.11 54.24 -14.23
C TRP A 514 -7.19 55.64 -14.84
N ILE A 515 -6.94 56.65 -14.01
CA ILE A 515 -6.98 58.02 -14.52
C ILE A 515 -5.89 58.17 -15.58
N SER A 516 -6.27 58.70 -16.73
CA SER A 516 -5.31 58.86 -17.82
C SER A 516 -4.27 59.92 -17.46
N SER A 517 -3.12 59.82 -18.11
CA SER A 517 -2.05 60.77 -17.86
C SER A 517 -2.54 62.20 -18.08
N GLY A 518 -3.50 62.40 -18.98
CA GLY A 518 -4.02 63.74 -19.18
C GLY A 518 -4.66 64.31 -17.93
N GLU A 519 -5.51 63.51 -17.27
CA GLU A 519 -6.15 63.98 -16.05
C GLU A 519 -5.14 64.21 -14.95
N TYR A 520 -4.14 63.33 -14.83
CA TYR A 520 -3.11 63.52 -13.82
C TYR A 520 -2.37 64.82 -14.06
N ILE A 521 -2.03 65.11 -15.31
CA ILE A 521 -1.33 66.36 -15.61
C ILE A 521 -2.23 67.55 -15.29
N GLN A 522 -3.50 67.46 -15.68
CA GLN A 522 -4.43 68.57 -15.45
C GLN A 522 -4.54 68.89 -13.96
N MET A 523 -4.65 67.85 -13.13
CA MET A 523 -4.81 68.09 -11.70
C MET A 523 -3.50 68.52 -11.06
N SER A 524 -2.39 67.88 -11.41
CA SER A 524 -1.11 68.26 -10.82
C SER A 524 -0.69 69.67 -11.24
N GLY A 525 -1.22 70.18 -12.34
CA GLY A 525 -0.93 71.55 -12.72
C GLY A 525 -1.39 72.56 -11.68
N ARG A 526 -2.29 72.16 -10.79
CA ARG A 526 -2.78 73.02 -9.73
C ARG A 526 -1.88 73.04 -8.51
N ALA A 527 -0.61 72.66 -8.66
CA ALA A 527 0.34 72.63 -7.57
C ALA A 527 1.45 73.64 -7.85
N GLY A 528 1.72 74.50 -6.88
CA GLY A 528 2.78 75.47 -7.01
C GLY A 528 2.27 76.84 -7.40
N ARG A 529 2.19 77.76 -6.45
CA ARG A 529 1.74 79.10 -6.74
C ARG A 529 2.87 79.90 -7.38
N ARG A 530 2.50 81.06 -7.93
CA ARG A 530 3.44 81.90 -8.66
C ARG A 530 4.21 82.76 -7.66
N GLY A 531 5.52 82.55 -7.60
CA GLY A 531 6.39 83.41 -6.80
C GLY A 531 6.40 83.16 -5.31
N MET A 532 5.23 83.05 -4.68
CA MET A 532 5.20 82.93 -3.22
C MET A 532 5.91 81.67 -2.76
N ASP A 533 5.70 80.55 -3.45
CA ASP A 533 6.36 79.29 -3.14
C ASP A 533 7.19 78.87 -4.35
N ASP A 534 8.44 78.50 -4.08
CA ASP A 534 9.40 78.19 -5.14
C ASP A 534 9.39 76.72 -5.54
N ARG A 535 8.47 75.93 -5.01
CA ARG A 535 8.43 74.51 -5.31
C ARG A 535 7.00 74.02 -5.19
N GLY A 536 6.62 73.11 -6.08
CA GLY A 536 5.31 72.49 -6.07
C GLY A 536 5.46 71.01 -5.77
N ILE A 537 4.53 70.48 -4.98
CA ILE A 537 4.59 69.10 -4.50
C ILE A 537 3.30 68.40 -4.89
N VAL A 538 3.42 67.22 -5.49
CA VAL A 538 2.26 66.40 -5.82
C VAL A 538 2.51 65.00 -5.28
N ILE A 539 1.57 64.51 -4.48
CA ILE A 539 1.72 63.24 -3.76
C ILE A 539 0.64 62.31 -4.28
N LEU A 540 1.04 61.13 -4.75
CA LEU A 540 0.12 60.14 -5.29
C LEU A 540 0.12 58.93 -4.39
N MET A 541 -1.04 58.58 -3.85
CA MET A 541 -1.18 57.41 -3.00
C MET A 541 -1.53 56.21 -3.86
N VAL A 542 -0.77 55.13 -3.72
CA VAL A 542 -0.95 53.93 -4.53
C VAL A 542 -1.39 52.79 -3.64
N ASP A 543 -2.45 52.09 -4.05
CA ASP A 543 -3.00 50.99 -3.28
C ASP A 543 -2.39 49.68 -3.77
N GLU A 544 -2.91 48.55 -3.26
CA GLU A 544 -2.33 47.25 -3.60
C GLU A 544 -2.49 46.94 -5.07
N LYS A 545 -3.64 47.27 -5.65
CA LYS A 545 -3.92 46.89 -7.03
C LYS A 545 -3.27 47.85 -8.01
N MET A 546 -1.98 48.12 -7.84
CA MET A 546 -1.25 49.04 -8.68
C MET A 546 0.00 48.34 -9.21
N SER A 547 0.10 48.25 -10.48
CA SER A 547 1.27 47.62 -11.06
C SER A 547 2.33 48.65 -11.40
N PRO A 548 3.61 48.33 -11.26
CA PRO A 548 4.65 49.30 -11.63
C PRO A 548 4.52 49.83 -13.05
N THR A 549 4.08 48.99 -13.99
CA THR A 549 3.89 49.48 -15.36
C THR A 549 2.83 50.58 -15.40
N ILE A 550 1.73 50.39 -14.68
CA ILE A 550 0.68 51.40 -14.65
C ILE A 550 1.21 52.70 -14.05
N GLY A 551 1.95 52.59 -12.94
CA GLY A 551 2.50 53.79 -12.33
C GLY A 551 3.45 54.52 -13.27
N LYS A 552 4.32 53.78 -13.94
CA LYS A 552 5.25 54.41 -14.87
C LYS A 552 4.50 55.10 -16.01
N GLN A 553 3.49 54.44 -16.56
CA GLN A 553 2.72 55.07 -17.63
C GLN A 553 2.04 56.34 -17.13
N LEU A 554 1.47 56.29 -15.92
CA LEU A 554 0.76 57.45 -15.40
C LEU A 554 1.71 58.62 -15.17
N LEU A 555 2.88 58.35 -14.60
CA LEU A 555 3.80 59.44 -14.28
C LEU A 555 4.53 59.97 -15.50
N LYS A 556 4.85 59.11 -16.47
CA LYS A 556 5.64 59.53 -17.62
C LYS A 556 4.81 59.80 -18.87
N GLY A 557 3.57 59.34 -18.92
CA GLY A 557 2.78 59.57 -20.10
C GLY A 557 2.49 61.04 -20.32
N SER A 558 2.25 61.40 -21.58
CA SER A 558 1.94 62.76 -21.95
C SER A 558 0.42 62.91 -22.15
N ALA A 559 0.01 64.12 -22.47
CA ALA A 559 -1.42 64.40 -22.58
C ALA A 559 -2.04 63.58 -23.70
N ASP A 560 -3.31 63.25 -23.53
CA ASP A 560 -4.03 62.48 -24.54
C ASP A 560 -4.29 63.34 -25.78
N PRO A 561 -4.42 62.72 -26.95
CA PRO A 561 -4.78 63.48 -28.14
C PRO A 561 -6.24 63.91 -28.10
N LEU A 562 -6.53 64.96 -28.86
CA LEU A 562 -7.88 65.49 -28.97
C LEU A 562 -8.59 64.79 -30.12
N ASN A 563 -9.51 63.89 -29.79
CA ASN A 563 -10.28 63.15 -30.78
C ASN A 563 -11.74 63.57 -30.69
N SER A 564 -12.35 63.82 -31.85
CA SER A 564 -13.71 64.33 -31.87
C SER A 564 -14.67 63.36 -31.19
N ALA A 565 -15.88 63.85 -30.93
CA ALA A 565 -16.96 63.03 -30.40
C ALA A 565 -18.27 63.32 -31.11
N PHE A 566 -18.19 63.71 -32.38
CA PHE A 566 -19.39 64.09 -33.12
C PHE A 566 -20.35 62.93 -33.22
N HIS A 567 -21.63 63.21 -32.98
CA HIS A 567 -22.67 62.20 -33.10
C HIS A 567 -24.00 62.91 -33.33
N LEU A 568 -24.79 62.38 -34.26
CA LEU A 568 -25.99 63.08 -34.68
C LEU A 568 -27.00 63.16 -33.54
N THR A 569 -27.79 64.23 -33.55
CA THR A 569 -28.91 64.39 -32.65
C THR A 569 -30.09 64.89 -33.46
N TYR A 570 -31.30 64.42 -33.11
CA TYR A 570 -32.48 64.83 -33.85
C TYR A 570 -32.62 66.34 -33.87
N ASN A 571 -32.12 67.03 -32.84
CA ASN A 571 -32.18 68.48 -32.84
C ASN A 571 -31.36 69.07 -33.99
N MET A 572 -30.13 68.56 -34.17
CA MET A 572 -29.30 69.04 -35.26
C MET A 572 -29.96 68.78 -36.61
N VAL A 573 -30.44 67.55 -36.82
CA VAL A 573 -31.05 67.19 -38.09
C VAL A 573 -32.24 68.09 -38.37
N LEU A 574 -33.12 68.26 -37.37
CA LEU A 574 -34.31 69.06 -37.56
C LEU A 574 -33.97 70.50 -37.86
N ASN A 575 -33.03 71.08 -37.10
CA ASN A 575 -32.69 72.48 -37.32
C ASN A 575 -32.09 72.68 -38.71
N LEU A 576 -31.19 71.79 -39.13
CA LEU A 576 -30.59 71.93 -40.44
C LEU A 576 -31.64 71.76 -41.54
N LEU A 577 -32.57 70.82 -41.37
CA LEU A 577 -33.62 70.66 -42.36
C LEU A 577 -34.48 71.91 -42.44
N ARG A 578 -34.80 72.51 -41.30
CA ARG A 578 -35.62 73.71 -41.30
C ARG A 578 -34.99 74.80 -42.15
N VAL A 579 -33.81 75.26 -41.76
CA VAL A 579 -33.13 76.29 -42.54
C VAL A 579 -32.93 75.79 -43.96
N GLU A 580 -32.86 76.73 -44.90
CA GLU A 580 -32.77 76.43 -46.31
C GLU A 580 -31.35 76.64 -46.83
N GLU A 581 -31.08 76.10 -48.02
CA GLU A 581 -29.77 76.19 -48.64
C GLU A 581 -28.69 75.50 -47.80
N ILE A 582 -29.08 74.51 -47.01
CA ILE A 582 -28.12 73.74 -46.22
C ILE A 582 -28.81 72.47 -45.75
N ASN A 583 -28.04 71.40 -45.61
CA ASN A 583 -28.56 70.09 -45.25
C ASN A 583 -27.57 69.40 -44.32
N PRO A 584 -28.01 68.40 -43.57
CA PRO A 584 -27.11 67.74 -42.61
C PRO A 584 -25.86 67.15 -43.25
N GLU A 585 -25.90 66.83 -44.54
CA GLU A 585 -24.70 66.31 -45.18
C GLU A 585 -23.54 67.28 -45.03
N TYR A 586 -23.82 68.59 -45.06
CA TYR A 586 -22.78 69.59 -44.86
C TYR A 586 -22.10 69.41 -43.51
N MET A 587 -22.89 69.36 -42.46
CA MET A 587 -22.34 69.17 -41.12
C MET A 587 -21.53 67.89 -41.04
N LEU A 588 -22.09 66.79 -41.55
CA LEU A 588 -21.36 65.53 -41.51
C LEU A 588 -20.03 65.64 -42.23
N GLU A 589 -20.02 66.36 -43.37
CA GLU A 589 -18.80 66.49 -44.15
C GLU A 589 -17.72 67.24 -43.39
N LYS A 590 -18.09 68.33 -42.72
CA LYS A 590 -17.09 69.24 -42.17
C LYS A 590 -16.89 69.09 -40.67
N SER A 591 -17.38 68.03 -40.05
CA SER A 591 -17.44 67.97 -38.58
C SER A 591 -16.24 67.29 -37.95
N PHE A 592 -15.03 67.65 -38.34
CA PHE A 592 -13.81 67.22 -37.65
C PHE A 592 -13.86 65.73 -37.30
N TYR A 593 -14.61 64.97 -38.05
CA TYR A 593 -14.64 63.53 -37.90
C TYR A 593 -14.41 62.85 -39.24
N GLN A 594 -14.94 63.41 -40.32
CA GLN A 594 -14.45 63.09 -41.64
C GLN A 594 -13.05 63.63 -41.85
N PHE A 595 -12.73 64.76 -41.21
CA PHE A 595 -11.42 65.38 -41.42
C PHE A 595 -10.29 64.48 -40.92
N GLN A 596 -10.48 63.87 -39.75
CA GLN A 596 -9.44 62.99 -39.24
C GLN A 596 -9.21 61.81 -40.18
N HIS A 597 -10.29 61.24 -40.72
CA HIS A 597 -10.14 60.13 -41.66
C HIS A 597 -9.46 60.58 -42.94
N TYR A 598 -9.79 61.77 -43.43
CA TYR A 598 -9.10 62.27 -44.61
C TYR A 598 -7.62 62.42 -44.34
N ARG A 599 -7.26 62.93 -43.17
CA ARG A 599 -5.85 63.03 -42.80
C ARG A 599 -5.21 61.65 -42.72
N ALA A 600 -5.97 60.64 -42.29
CA ALA A 600 -5.42 59.30 -42.15
C ALA A 600 -5.22 58.60 -43.49
N ILE A 601 -6.05 58.92 -44.48
CA ILE A 601 -6.03 58.16 -45.73
C ILE A 601 -4.63 58.06 -46.33
N PRO A 602 -3.86 59.14 -46.44
CA PRO A 602 -2.53 59.01 -47.05
C PRO A 602 -1.66 57.98 -46.35
N GLY A 603 -1.77 57.87 -45.03
CA GLY A 603 -0.96 56.89 -44.32
C GLY A 603 -1.26 55.48 -44.77
N VAL A 604 -2.54 55.12 -44.86
CA VAL A 604 -2.90 53.77 -45.30
C VAL A 604 -2.54 53.57 -46.76
N VAL A 605 -2.67 54.61 -47.59
CA VAL A 605 -2.26 54.49 -48.99
C VAL A 605 -0.78 54.12 -49.07
N GLU A 606 0.06 54.85 -48.34
CA GLU A 606 1.49 54.55 -48.36
C GLU A 606 1.75 53.18 -47.78
N LYS A 607 1.02 52.78 -46.74
CA LYS A 607 1.23 51.48 -46.14
C LYS A 607 0.93 50.36 -47.13
N VAL A 608 -0.19 50.45 -47.85
CA VAL A 608 -0.53 49.42 -48.81
C VAL A 608 0.50 49.39 -49.93
N LYS A 609 0.93 50.56 -50.40
CA LYS A 609 1.92 50.57 -51.48
C LYS A 609 3.23 49.92 -51.03
N ASN A 610 3.70 50.26 -49.83
CA ASN A 610 4.94 49.69 -49.33
C ASN A 610 4.81 48.18 -49.15
N SER A 611 3.70 47.73 -48.59
CA SER A 611 3.50 46.30 -48.42
C SER A 611 3.45 45.60 -49.77
N GLU A 612 2.82 46.21 -50.76
CA GLU A 612 2.74 45.60 -52.08
C GLU A 612 4.12 45.46 -52.71
N GLU A 613 4.92 46.53 -52.67
CA GLU A 613 6.24 46.44 -53.27
C GLU A 613 7.09 45.42 -52.54
N GLN A 614 6.99 45.36 -51.21
CA GLN A 614 7.74 44.37 -50.46
C GLN A 614 7.28 42.96 -50.80
N TYR A 615 5.96 42.77 -50.95
CA TYR A 615 5.43 41.46 -51.30
C TYR A 615 5.94 41.01 -52.67
N ASN A 616 5.96 41.91 -53.63
CA ASN A 616 6.47 41.56 -54.95
C ASN A 616 7.99 41.42 -54.96
N LYS A 617 8.69 42.03 -53.98
CA LYS A 617 10.13 41.93 -53.94
C LYS A 617 10.58 40.49 -53.72
N ILE A 618 9.90 39.76 -52.84
CA ILE A 618 10.32 38.41 -52.51
C ILE A 618 10.28 37.53 -53.76
N VAL A 619 11.15 36.53 -53.79
CA VAL A 619 11.31 35.66 -54.95
C VAL A 619 11.11 34.21 -54.52
N ILE A 620 10.21 33.50 -55.18
CA ILE A 620 9.99 32.09 -54.97
C ILE A 620 10.26 31.37 -56.29
N PRO A 621 11.22 30.44 -56.34
CA PRO A 621 11.55 29.82 -57.64
C PRO A 621 10.39 29.04 -58.25
N ASN A 622 9.81 28.11 -57.50
CA ASN A 622 8.71 27.27 -57.98
C ASN A 622 7.54 27.47 -57.02
N GLU A 623 6.68 28.45 -57.34
CA GLU A 623 5.63 28.84 -56.40
C GLU A 623 4.49 27.84 -56.35
N GLU A 624 4.19 27.15 -57.45
CA GLU A 624 3.04 26.25 -57.45
C GLU A 624 3.22 25.12 -56.44
N SER A 625 4.35 24.41 -56.49
CA SER A 625 4.55 23.28 -55.59
C SER A 625 4.67 23.75 -54.15
N VAL A 626 5.42 24.83 -53.92
CA VAL A 626 5.57 25.34 -52.56
C VAL A 626 4.21 25.74 -51.99
N VAL A 627 3.38 26.37 -52.82
CA VAL A 627 2.07 26.82 -52.36
C VAL A 627 1.17 25.63 -52.05
N ILE A 628 1.20 24.60 -52.89
CA ILE A 628 0.39 23.42 -52.61
C ILE A 628 0.82 22.79 -51.28
N TYR A 629 2.14 22.66 -51.09
CA TYR A 629 2.64 22.08 -49.85
C TYR A 629 2.24 22.94 -48.65
N TYR A 630 2.33 24.26 -48.78
CA TYR A 630 1.95 25.16 -47.70
C TYR A 630 0.48 25.00 -47.36
N LYS A 631 -0.37 24.93 -48.37
CA LYS A 631 -1.80 24.80 -48.12
C LYS A 631 -2.11 23.46 -47.46
N ILE A 632 -1.44 22.39 -47.87
CA ILE A 632 -1.64 21.10 -47.22
C ILE A 632 -1.23 21.18 -45.76
N ARG A 633 -0.09 21.83 -45.47
CA ARG A 633 0.35 21.97 -44.09
C ARG A 633 -0.67 22.76 -43.28
N GLN A 634 -1.19 23.85 -43.86
CA GLN A 634 -2.18 24.65 -43.14
C GLN A 634 -3.44 23.85 -42.87
N GLN A 635 -3.86 23.02 -43.83
CA GLN A 635 -5.04 22.20 -43.59
C GLN A 635 -4.79 21.20 -42.48
N LEU A 636 -3.58 20.62 -42.44
CA LEU A 636 -3.24 19.73 -41.34
C LEU A 636 -3.32 20.45 -40.00
N ALA A 637 -2.78 21.67 -39.94
CA ALA A 637 -2.85 22.44 -38.71
C ALA A 637 -4.30 22.71 -38.31
N LYS A 638 -5.14 23.05 -39.28
CA LYS A 638 -6.55 23.29 -38.97
C LYS A 638 -7.23 22.04 -38.44
N LEU A 639 -6.95 20.89 -39.04
CA LEU A 639 -7.54 19.65 -38.56
C LEU A 639 -7.06 19.33 -37.15
N GLY A 640 -5.77 19.57 -36.88
CA GLY A 640 -5.28 19.40 -35.53
C GLY A 640 -6.00 20.30 -34.54
N LYS A 641 -6.28 21.53 -34.96
CA LYS A 641 -7.04 22.44 -34.10
C LYS A 641 -8.43 21.90 -33.84
N GLU A 642 -9.07 21.33 -34.86
CA GLU A 642 -10.38 20.71 -34.66
C GLU A 642 -10.29 19.56 -33.66
N ILE A 643 -9.27 18.72 -33.78
CA ILE A 643 -9.10 17.62 -32.84
C ILE A 643 -8.96 18.15 -31.42
N GLU A 644 -8.12 19.16 -31.25
CA GLU A 644 -7.92 19.71 -29.91
C GLU A 644 -9.21 20.31 -29.36
N GLU A 645 -9.97 20.99 -30.21
CA GLU A 645 -11.28 21.48 -29.79
C GLU A 645 -12.18 20.33 -29.36
N TYR A 646 -12.00 19.16 -29.98
CA TYR A 646 -12.78 17.99 -29.55
C TYR A 646 -12.31 17.49 -28.19
N ILE A 647 -11.01 17.46 -27.96
CA ILE A 647 -10.48 16.92 -26.71
C ILE A 647 -10.97 17.74 -25.53
N HIS A 648 -10.92 19.05 -25.64
CA HIS A 648 -11.13 19.93 -24.50
C HIS A 648 -12.55 20.01 -24.07
N LYS A 649 -13.46 19.16 -24.54
CA LYS A 649 -14.78 19.14 -23.96
C LYS A 649 -14.68 18.85 -22.48
N PRO A 650 -15.31 19.64 -21.61
CA PRO A 650 -15.12 19.43 -20.17
C PRO A 650 -15.59 18.08 -19.68
N LYS A 651 -16.47 17.40 -20.42
CA LYS A 651 -16.93 16.09 -20.00
C LYS A 651 -15.93 14.99 -20.30
N TYR A 652 -14.88 15.26 -21.07
CA TYR A 652 -13.89 14.25 -21.44
C TYR A 652 -12.52 14.49 -20.84
N CYS A 653 -12.07 15.74 -20.75
CA CYS A 653 -10.71 16.01 -20.29
C CYS A 653 -10.63 16.30 -18.81
N LEU A 654 -11.73 16.70 -18.17
CA LEU A 654 -11.67 17.04 -16.75
C LEU A 654 -11.22 15.87 -15.87
N PRO A 655 -11.66 14.63 -16.09
CA PRO A 655 -11.13 13.52 -15.29
C PRO A 655 -9.63 13.37 -15.41
N PHE A 656 -9.02 13.88 -16.49
CA PHE A 656 -7.60 13.73 -16.72
C PHE A 656 -6.77 14.87 -16.16
N LEU A 657 -7.40 15.92 -15.62
CA LEU A 657 -6.65 17.06 -15.10
C LEU A 657 -6.43 16.91 -13.60
N GLN A 658 -5.68 15.88 -13.26
CA GLN A 658 -5.34 15.58 -11.87
C GLN A 658 -4.26 16.53 -11.39
N PRO A 659 -4.03 16.61 -10.09
CA PRO A 659 -3.09 17.61 -9.57
C PRO A 659 -1.63 17.29 -9.85
N GLY A 660 -1.35 16.34 -10.72
CA GLY A 660 0.02 16.08 -11.12
C GLY A 660 0.20 16.02 -12.61
N ARG A 661 -0.91 15.98 -13.35
CA ARG A 661 -0.86 15.79 -14.79
C ARG A 661 0.16 16.73 -15.41
N LEU A 662 0.70 16.33 -16.56
CA LEU A 662 1.72 17.09 -17.26
C LEU A 662 1.09 17.60 -18.55
N VAL A 663 0.85 18.90 -18.63
CA VAL A 663 0.17 19.49 -19.78
C VAL A 663 1.02 20.63 -20.31
N LYS A 664 1.06 20.78 -21.62
CA LYS A 664 1.68 21.94 -22.25
C LYS A 664 0.60 22.96 -22.51
N VAL A 665 0.83 24.20 -22.09
CA VAL A 665 -0.13 25.27 -22.27
C VAL A 665 0.49 26.32 -23.17
N LYS A 666 -0.17 26.62 -24.27
CA LYS A 666 0.36 27.50 -25.32
C LYS A 666 -0.78 28.39 -25.81
N ASN A 667 -0.89 29.57 -25.24
CA ASN A 667 -1.75 30.60 -25.80
C ASN A 667 -1.14 31.11 -27.09
N GLU A 668 -1.96 31.22 -28.13
CA GLU A 668 -1.46 31.57 -29.46
C GLU A 668 -0.41 32.66 -29.39
N GLY A 669 0.77 32.38 -29.94
CA GLY A 669 1.85 33.34 -29.97
C GLY A 669 2.93 33.06 -28.94
N ASP A 670 2.53 32.70 -27.73
CA ASP A 670 3.47 32.44 -26.64
C ASP A 670 3.18 31.09 -26.01
N ASP A 671 4.23 30.28 -25.85
CA ASP A 671 4.10 28.95 -25.26
C ASP A 671 4.92 28.92 -23.98
N PHE A 672 4.27 28.49 -22.89
CA PHE A 672 4.93 28.44 -21.59
C PHE A 672 5.76 27.18 -21.39
N GLY A 673 5.61 26.17 -22.25
CA GLY A 673 6.26 24.90 -22.05
C GLY A 673 5.46 23.99 -21.16
N TRP A 674 6.05 22.84 -20.85
CA TRP A 674 5.37 21.85 -20.03
C TRP A 674 5.16 22.37 -18.62
N GLY A 675 4.02 22.05 -18.03
CA GLY A 675 3.73 22.45 -16.68
C GLY A 675 2.81 21.44 -16.02
N VAL A 676 2.89 21.38 -14.70
CA VAL A 676 2.12 20.44 -13.91
C VAL A 676 0.80 21.08 -13.53
N VAL A 677 -0.30 20.41 -13.85
CA VAL A 677 -1.60 20.88 -13.38
C VAL A 677 -1.61 20.84 -11.86
N VAL A 678 -2.42 21.71 -11.26
CA VAL A 678 -2.52 21.78 -9.80
C VAL A 678 -3.98 21.70 -9.39
N ASN A 679 -4.85 22.44 -10.08
CA ASN A 679 -6.26 22.48 -9.71
C ASN A 679 -7.05 23.03 -10.88
N PHE A 680 -8.36 22.78 -10.85
CA PHE A 680 -9.28 23.35 -11.83
C PHE A 680 -10.62 23.58 -11.14
N SER A 681 -11.40 24.50 -11.70
CA SER A 681 -12.66 24.86 -11.08
C SER A 681 -13.61 25.43 -12.12
N LYS A 682 -14.90 25.43 -11.77
CA LYS A 682 -15.94 26.00 -12.63
C LYS A 682 -16.08 27.47 -12.27
N LYS A 683 -15.30 28.31 -12.94
CA LYS A 683 -15.35 29.74 -12.68
C LYS A 683 -16.70 30.32 -13.07
N SER A 684 -17.19 31.26 -12.28
CA SER A 684 -18.46 31.90 -12.56
C SER A 684 -18.76 32.97 -11.51
N PRO A 695 -20.16 28.33 -19.15
CA PRO A 695 -19.45 27.85 -17.96
C PRO A 695 -17.97 27.59 -18.24
N LEU A 696 -17.17 28.64 -18.28
CA LEU A 696 -15.74 28.49 -18.53
C LEU A 696 -15.08 27.72 -17.39
N TYR A 697 -14.07 26.94 -17.74
CA TYR A 697 -13.28 26.18 -16.79
C TYR A 697 -11.88 26.76 -16.71
N VAL A 698 -11.43 27.07 -15.51
CA VAL A 698 -10.13 27.66 -15.27
C VAL A 698 -9.25 26.58 -14.66
N VAL A 699 -8.21 26.18 -15.39
CA VAL A 699 -7.26 25.18 -14.92
C VAL A 699 -6.01 25.91 -14.48
N GLU A 700 -5.56 25.64 -13.27
CA GLU A 700 -4.34 26.26 -12.76
C GLU A 700 -3.18 25.31 -13.02
N VAL A 701 -2.20 25.77 -13.78
CA VAL A 701 -1.00 25.00 -14.05
C VAL A 701 0.15 25.65 -13.31
N LEU A 702 1.30 25.00 -13.34
CA LEU A 702 2.49 25.47 -12.64
C LEU A 702 3.60 25.67 -13.67
N LEU A 703 3.69 26.88 -14.23
CA LEU A 703 4.54 27.15 -15.37
C LEU A 703 5.72 28.01 -14.97
N ARG A 704 6.62 28.22 -15.93
CA ARG A 704 7.76 29.12 -15.75
C ARG A 704 7.36 30.53 -16.18
N CYS A 705 7.34 31.45 -15.23
CA CYS A 705 6.98 32.83 -15.50
C CYS A 705 8.23 33.69 -15.62
N SER A 706 8.04 34.90 -16.16
CA SER A 706 9.14 35.69 -16.71
C SER A 706 9.85 36.58 -15.69
N LYS A 707 9.35 36.67 -14.46
CA LYS A 707 9.96 37.51 -13.43
C LYS A 707 9.72 39.00 -13.70
N GLU A 708 9.14 39.31 -14.85
CA GLU A 708 8.68 40.66 -15.16
C GLU A 708 7.16 40.76 -15.03
N SER A 709 6.43 39.88 -15.71
CA SER A 709 5.01 39.75 -15.47
C SER A 709 4.71 39.13 -14.12
N LEU A 710 5.72 38.61 -13.43
CA LEU A 710 5.54 38.08 -12.09
C LEU A 710 5.65 39.14 -11.00
N LYS A 711 6.35 40.25 -11.28
CA LYS A 711 6.45 41.33 -10.31
C LYS A 711 5.29 42.30 -10.40
N ASN A 712 4.77 42.55 -11.61
CA ASN A 712 3.60 43.38 -11.79
C ASN A 712 2.35 42.55 -12.06
N SER A 713 2.23 41.42 -11.37
CA SER A 713 1.10 40.52 -11.56
C SER A 713 -0.22 41.14 -11.14
N ALA A 714 -0.18 42.26 -10.41
CA ALA A 714 -1.43 42.85 -9.93
C ALA A 714 -2.35 43.21 -11.08
N THR A 715 -1.81 43.47 -12.26
CA THR A 715 -2.62 43.82 -13.43
C THR A 715 -2.31 42.95 -14.64
N GLU A 716 -1.04 42.58 -14.84
CA GLU A 716 -0.70 41.73 -15.97
C GLU A 716 -1.24 40.32 -15.76
N ALA A 717 -1.34 39.57 -16.86
CA ALA A 717 -1.92 38.22 -16.81
C ALA A 717 -0.83 37.20 -16.51
N ALA A 718 0.09 37.00 -17.45
CA ALA A 718 1.26 36.14 -17.26
C ALA A 718 2.07 36.19 -18.55
N LYS A 719 3.33 35.76 -18.45
CA LYS A 719 4.18 35.73 -19.62
C LYS A 719 5.20 34.61 -19.48
N PRO A 720 5.51 33.89 -20.55
CA PRO A 720 6.48 32.81 -20.46
C PRO A 720 7.87 33.34 -20.15
N ALA A 721 8.64 32.51 -19.45
CA ALA A 721 10.02 32.89 -19.15
C ALA A 721 10.80 33.09 -20.44
N LYS A 722 11.58 34.16 -20.48
CA LYS A 722 12.39 34.42 -21.65
C LYS A 722 13.44 33.31 -21.80
N PRO A 723 13.80 32.96 -23.04
CA PRO A 723 14.65 31.78 -23.22
C PRO A 723 15.98 31.86 -22.49
N ASP A 724 16.59 33.04 -22.43
CA ASP A 724 17.92 33.15 -21.83
C ASP A 724 17.86 33.02 -20.31
N GLU A 725 16.90 33.70 -19.68
CA GLU A 725 16.86 33.75 -18.23
C GLU A 725 16.13 32.54 -17.65
N LYS A 726 16.01 32.51 -16.32
CA LYS A 726 15.30 31.46 -15.61
C LYS A 726 14.09 32.07 -14.91
N GLY A 727 12.95 31.39 -15.01
CA GLY A 727 11.72 31.86 -14.44
C GLY A 727 11.62 31.54 -12.96
N GLU A 728 10.44 31.80 -12.41
CA GLU A 728 10.17 31.58 -11.00
C GLU A 728 9.33 30.34 -10.75
N MET A 729 8.75 29.75 -11.79
CA MET A 729 7.97 28.52 -11.66
C MET A 729 6.76 28.73 -10.74
N GLN A 730 5.88 29.62 -11.18
CA GLN A 730 4.71 30.04 -10.41
C GLN A 730 3.44 29.43 -11.00
N VAL A 731 2.38 29.48 -10.20
CA VAL A 731 1.08 28.92 -10.58
C VAL A 731 0.32 29.95 -11.40
N VAL A 732 -0.14 29.55 -12.57
CA VAL A 732 -0.81 30.42 -13.53
C VAL A 732 -2.21 29.87 -13.77
N PRO A 733 -3.28 30.66 -13.61
CA PRO A 733 -4.63 30.17 -13.91
C PRO A 733 -5.02 30.31 -15.37
N VAL A 734 -4.68 29.34 -16.21
CA VAL A 734 -4.99 29.42 -17.63
C VAL A 734 -6.40 28.89 -17.88
N LEU A 735 -6.93 29.15 -19.06
CA LEU A 735 -8.20 28.57 -19.46
C LEU A 735 -8.02 27.12 -19.90
N VAL A 736 -9.11 26.36 -19.87
CA VAL A 736 -9.01 24.95 -20.18
C VAL A 736 -8.61 24.74 -21.63
N HIS A 737 -9.11 25.57 -22.54
CA HIS A 737 -8.87 25.37 -23.96
C HIS A 737 -7.52 25.91 -24.41
N LEU A 738 -6.66 26.31 -23.47
CA LEU A 738 -5.29 26.69 -23.81
C LEU A 738 -4.30 25.54 -23.62
N LEU A 739 -4.77 24.36 -23.22
CA LEU A 739 -3.91 23.20 -23.05
C LEU A 739 -3.68 22.58 -24.42
N SER A 740 -2.52 22.87 -25.01
CA SER A 740 -2.21 22.34 -26.33
C SER A 740 -2.18 20.82 -26.33
N ALA A 741 -1.55 20.23 -25.31
CA ALA A 741 -1.39 18.78 -25.27
C ALA A 741 -1.47 18.31 -23.82
N ILE A 742 -2.37 17.38 -23.54
CA ILE A 742 -2.51 16.79 -22.22
C ILE A 742 -1.72 15.49 -22.25
N SER A 743 -0.43 15.57 -21.95
CA SER A 743 0.39 14.39 -21.91
C SER A 743 -0.13 13.44 -20.83
N SER A 744 0.41 12.22 -20.81
CA SER A 744 0.08 11.26 -19.77
C SER A 744 1.37 10.80 -19.12
N VAL A 745 1.91 11.65 -18.26
CA VAL A 745 2.89 11.25 -17.25
C VAL A 745 2.59 12.07 -16.01
N ARG A 746 1.86 11.51 -15.07
CA ARG A 746 1.49 12.24 -13.88
C ARG A 746 2.66 12.20 -12.89
N LEU A 747 3.25 13.36 -12.62
CA LEU A 747 4.36 13.43 -11.70
C LEU A 747 3.89 13.19 -10.27
N TYR A 748 4.82 13.23 -9.34
CA TYR A 748 4.53 13.17 -7.91
C TYR A 748 4.65 14.58 -7.36
N ILE A 749 3.53 15.15 -6.95
CA ILE A 749 3.47 16.55 -6.56
C ILE A 749 3.86 16.67 -5.09
N PRO A 750 4.62 17.69 -4.69
CA PRO A 750 5.07 17.77 -3.29
C PRO A 750 3.94 17.87 -2.28
N LYS A 751 2.76 18.30 -2.68
CA LYS A 751 1.57 18.43 -1.84
C LYS A 751 1.61 19.71 -1.01
N ASP A 752 2.66 20.51 -1.10
CA ASP A 752 2.69 21.83 -0.48
C ASP A 752 3.56 22.71 -1.37
N LEU A 753 2.92 23.42 -2.30
CA LEU A 753 3.62 24.21 -3.31
C LEU A 753 3.72 25.69 -2.92
N ARG A 754 3.65 26.00 -1.64
CA ARG A 754 3.84 27.37 -1.19
C ARG A 754 5.32 27.75 -1.23
N PRO A 755 6.19 27.04 -0.52
CA PRO A 755 7.60 27.44 -0.50
C PRO A 755 8.21 27.42 -1.89
N VAL A 756 9.10 28.37 -2.15
CA VAL A 756 9.71 28.49 -3.47
C VAL A 756 10.78 27.44 -3.73
N ASP A 757 11.00 26.51 -2.80
CA ASP A 757 11.94 25.43 -3.02
C ASP A 757 11.28 24.20 -3.62
N ASN A 758 10.06 23.88 -3.19
CA ASN A 758 9.35 22.76 -3.79
C ASN A 758 9.07 23.02 -5.28
N ARG A 759 8.64 24.23 -5.59
CA ARG A 759 8.33 24.57 -6.98
C ARG A 759 9.55 24.55 -7.87
N GLN A 760 10.74 24.30 -7.34
CA GLN A 760 11.92 24.02 -8.15
C GLN A 760 12.20 22.53 -8.25
N SER A 761 11.91 21.77 -7.19
CA SER A 761 11.96 20.33 -7.31
C SER A 761 10.99 19.85 -8.38
N VAL A 762 9.85 20.51 -8.53
CA VAL A 762 8.93 20.15 -9.61
C VAL A 762 9.58 20.35 -10.97
N LEU A 763 10.30 21.48 -11.14
CA LEU A 763 10.99 21.71 -12.40
C LEU A 763 12.05 20.66 -12.65
N LYS A 764 12.81 20.30 -11.62
CA LYS A 764 13.79 19.25 -11.78
C LYS A 764 13.13 17.94 -12.20
N SER A 765 12.00 17.62 -11.59
CA SER A 765 11.30 16.39 -11.95
C SER A 765 10.84 16.42 -13.41
N ILE A 766 10.31 17.56 -13.86
CA ILE A 766 9.89 17.66 -15.25
C ILE A 766 11.07 17.45 -16.18
N GLN A 767 12.21 18.05 -15.85
CA GLN A 767 13.39 17.90 -16.70
C GLN A 767 13.85 16.45 -16.72
N GLU A 768 13.80 15.77 -15.58
CA GLU A 768 14.18 14.35 -15.55
C GLU A 768 13.25 13.53 -16.43
N VAL A 769 11.94 13.77 -16.32
CA VAL A 769 10.99 13.01 -17.14
C VAL A 769 11.27 13.25 -18.62
N GLN A 770 11.54 14.49 -19.00
CA GLN A 770 11.87 14.77 -20.40
C GLN A 770 13.14 14.04 -20.82
N LYS A 771 14.16 14.06 -19.98
CA LYS A 771 15.41 13.38 -20.30
C LYS A 771 15.22 11.88 -20.41
N ARG A 772 14.19 11.33 -19.77
CA ARG A 772 13.94 9.90 -19.88
C ARG A 772 13.29 9.53 -21.22
N PHE A 773 12.41 10.39 -21.73
CA PHE A 773 11.81 10.19 -23.04
C PHE A 773 12.60 11.00 -24.06
N PRO A 774 13.56 10.41 -24.76
CA PRO A 774 14.43 11.22 -25.64
C PRO A 774 13.69 11.90 -26.78
N ASP A 775 12.53 11.41 -27.19
CA ASP A 775 11.83 11.93 -28.36
C ASP A 775 10.44 12.44 -28.00
N GLY A 776 10.33 13.17 -26.90
CA GLY A 776 9.09 13.82 -26.57
C GLY A 776 8.22 12.99 -25.65
N ILE A 777 7.51 13.68 -24.78
CA ILE A 777 6.64 13.01 -23.80
C ILE A 777 5.41 12.46 -24.51
N PRO A 778 4.89 11.29 -24.13
CA PRO A 778 3.69 10.77 -24.80
C PRO A 778 2.48 11.64 -24.53
N LEU A 779 1.54 11.61 -25.48
CA LEU A 779 0.30 12.35 -25.39
C LEU A 779 -0.88 11.38 -25.35
N LEU A 780 -1.93 11.79 -24.65
CA LEU A 780 -3.13 10.95 -24.58
C LEU A 780 -3.76 10.84 -25.96
N ASP A 781 -4.14 9.61 -26.32
CA ASP A 781 -4.80 9.38 -27.60
C ASP A 781 -6.26 9.77 -27.50
N PRO A 782 -6.76 10.68 -28.34
CA PRO A 782 -8.13 11.17 -28.12
C PRO A 782 -9.19 10.08 -28.20
N ILE A 783 -8.94 9.00 -28.93
CA ILE A 783 -10.00 8.05 -29.24
C ILE A 783 -10.12 7.00 -28.13
N ASP A 784 -9.05 6.23 -27.92
CA ASP A 784 -9.12 5.10 -26.99
C ASP A 784 -8.72 5.46 -25.57
N ASP A 785 -7.64 6.23 -25.40
CA ASP A 785 -7.24 6.63 -24.05
C ASP A 785 -8.30 7.47 -23.38
N MET A 786 -8.85 8.44 -24.11
CA MET A 786 -9.93 9.28 -23.57
C MET A 786 -11.31 8.70 -23.86
N GLY A 787 -11.40 7.65 -24.67
CA GLY A 787 -12.69 7.02 -24.92
C GLY A 787 -13.71 7.93 -25.55
N ILE A 788 -13.30 8.72 -26.54
CA ILE A 788 -14.24 9.57 -27.27
C ILE A 788 -14.88 8.73 -28.37
N GLN A 789 -16.20 8.67 -28.39
CA GLN A 789 -16.93 7.78 -29.28
C GLN A 789 -17.59 8.48 -30.45
N ASP A 790 -17.99 9.73 -30.31
CA ASP A 790 -18.78 10.39 -31.34
C ASP A 790 -18.06 10.36 -32.69
N GLN A 791 -18.83 10.11 -33.75
CA GLN A 791 -18.26 9.87 -35.07
C GLN A 791 -17.53 11.09 -35.64
N GLY A 792 -17.86 12.30 -35.17
CA GLY A 792 -17.19 13.47 -35.70
C GLY A 792 -15.69 13.39 -35.55
N LEU A 793 -15.22 12.94 -34.38
CA LEU A 793 -13.79 12.75 -34.19
C LEU A 793 -13.26 11.71 -35.17
N LYS A 794 -14.03 10.66 -35.43
CA LYS A 794 -13.61 9.65 -36.39
C LYS A 794 -13.36 10.28 -37.76
N LYS A 795 -14.31 11.09 -38.22
CA LYS A 795 -14.17 11.70 -39.53
C LYS A 795 -13.02 12.69 -39.58
N VAL A 796 -12.83 13.46 -38.50
CA VAL A 796 -11.68 14.37 -38.46
C VAL A 796 -10.38 13.57 -38.55
N ILE A 797 -10.33 12.43 -37.87
CA ILE A 797 -9.14 11.59 -37.93
C ILE A 797 -8.91 11.08 -39.35
N GLN A 798 -9.98 10.66 -40.02
CA GLN A 798 -9.83 10.20 -41.40
C GLN A 798 -9.31 11.32 -42.29
N LYS A 799 -9.85 12.53 -42.14
CA LYS A 799 -9.41 13.64 -42.97
C LYS A 799 -7.94 13.95 -42.73
N VAL A 800 -7.53 13.98 -41.47
CA VAL A 800 -6.13 14.30 -41.17
C VAL A 800 -5.22 13.19 -41.68
N GLU A 801 -5.66 11.94 -41.61
CA GLU A 801 -4.86 10.85 -42.15
C GLU A 801 -4.68 11.01 -43.66
N ALA A 802 -5.76 11.32 -44.37
CA ALA A 802 -5.66 11.49 -45.81
C ALA A 802 -4.73 12.65 -46.16
N PHE A 803 -4.87 13.77 -45.46
CA PHE A 803 -4.01 14.91 -45.75
C PHE A 803 -2.56 14.60 -45.44
N GLU A 804 -2.31 13.88 -44.34
CA GLU A 804 -0.94 13.50 -44.02
C GLU A 804 -0.35 12.64 -45.12
N HIS A 805 -1.12 11.68 -45.63
CA HIS A 805 -0.60 10.83 -46.71
C HIS A 805 -0.32 11.65 -47.96
N ARG A 806 -1.24 12.55 -48.32
CA ARG A 806 -1.03 13.37 -49.50
C ARG A 806 0.20 14.26 -49.35
N MET A 807 0.44 14.76 -48.13
CA MET A 807 1.65 15.53 -47.87
C MET A 807 2.90 14.66 -48.05
N TYR A 808 2.91 13.49 -47.41
CA TYR A 808 4.10 12.64 -47.47
C TYR A 808 4.40 12.24 -48.91
N SER A 809 3.37 11.98 -49.70
CA SER A 809 3.58 11.60 -51.09
C SER A 809 4.21 12.72 -51.92
N HIS A 810 4.22 13.95 -51.42
CA HIS A 810 4.63 15.08 -52.24
C HIS A 810 6.10 14.95 -52.65
N PRO A 811 6.44 15.23 -53.90
CA PRO A 811 7.85 15.13 -54.32
C PRO A 811 8.79 16.05 -53.56
N LEU A 812 8.33 17.23 -53.16
CA LEU A 812 9.22 18.20 -52.53
C LEU A 812 9.52 17.87 -51.08
N HIS A 813 8.74 16.99 -50.45
CA HIS A 813 8.89 16.76 -49.02
C HIS A 813 10.27 16.20 -48.68
N ASN A 814 10.75 15.24 -49.46
CA ASN A 814 12.01 14.59 -49.13
C ASN A 814 13.20 15.50 -49.34
N ASP A 815 13.10 16.45 -50.28
CA ASP A 815 14.24 17.30 -50.58
C ASP A 815 14.61 18.13 -49.36
N PRO A 816 15.87 18.55 -49.25
CA PRO A 816 16.30 19.34 -48.10
C PRO A 816 16.17 20.84 -48.36
N ASN A 817 16.42 21.62 -47.32
CA ASN A 817 16.39 23.07 -47.38
C ASN A 817 14.99 23.60 -47.67
N LEU A 818 13.97 22.77 -47.47
CA LEU A 818 12.60 23.23 -47.66
C LEU A 818 12.06 23.99 -46.45
N GLU A 819 12.75 23.93 -45.31
CA GLU A 819 12.27 24.67 -44.14
C GLU A 819 12.33 26.17 -44.37
N THR A 820 13.45 26.66 -44.88
CA THR A 820 13.58 28.10 -45.15
C THR A 820 12.59 28.54 -46.23
N VAL A 821 12.41 27.70 -47.26
CA VAL A 821 11.43 28.01 -48.29
C VAL A 821 10.04 28.09 -47.69
N TYR A 822 9.72 27.16 -46.80
CA TYR A 822 8.41 27.18 -46.16
C TYR A 822 8.23 28.45 -45.35
N THR A 823 9.25 28.85 -44.59
CA THR A 823 9.14 30.08 -43.80
C THR A 823 8.93 31.30 -44.68
N LEU A 824 9.69 31.38 -45.77
CA LEU A 824 9.55 32.54 -46.65
C LEU A 824 8.18 32.57 -47.31
N CYS A 825 7.67 31.40 -47.71
CA CYS A 825 6.32 31.35 -48.26
C CYS A 825 5.29 31.77 -47.22
N GLU A 826 5.46 31.34 -45.98
CA GLU A 826 4.54 31.71 -44.92
C GLU A 826 4.51 33.22 -44.72
N LYS A 827 5.69 33.84 -44.65
CA LYS A 827 5.70 35.29 -44.48
C LYS A 827 5.14 35.99 -45.70
N LYS A 828 5.32 35.43 -46.89
CA LYS A 828 4.72 36.01 -48.09
C LYS A 828 3.20 36.01 -47.98
N ALA A 829 2.63 34.89 -47.54
CA ALA A 829 1.18 34.83 -47.34
C ALA A 829 0.74 35.83 -46.28
N GLN A 830 1.53 35.97 -45.21
CA GLN A 830 1.20 36.93 -44.16
C GLN A 830 1.14 38.34 -44.73
N ILE A 831 2.13 38.71 -45.53
CA ILE A 831 2.13 40.03 -46.15
C ILE A 831 0.94 40.18 -47.07
N ALA A 832 0.58 39.10 -47.78
CA ALA A 832 -0.57 39.16 -48.67
C ALA A 832 -1.85 39.49 -47.90
N ILE A 833 -2.07 38.80 -46.78
CA ILE A 833 -3.29 39.06 -46.00
C ILE A 833 -3.25 40.45 -45.40
N ASP A 834 -2.07 40.91 -44.98
CA ASP A 834 -1.96 42.26 -44.46
C ASP A 834 -2.34 43.30 -45.51
N ILE A 835 -1.86 43.10 -46.75
CA ILE A 835 -2.26 43.98 -47.84
C ILE A 835 -3.76 43.92 -48.06
N LYS A 836 -4.32 42.72 -48.02
CA LYS A 836 -5.76 42.57 -48.22
C LYS A 836 -6.52 43.40 -47.21
N SER A 837 -6.19 43.26 -45.92
CA SER A 837 -6.90 44.00 -44.88
C SER A 837 -6.68 45.51 -45.02
N ALA A 838 -5.44 45.92 -45.28
CA ALA A 838 -5.16 47.34 -45.37
C ALA A 838 -5.91 48.00 -46.51
N LYS A 839 -5.94 47.37 -47.69
CA LYS A 839 -6.66 47.96 -48.80
C LYS A 839 -8.17 47.87 -48.58
N ARG A 840 -8.65 46.82 -47.90
CA ARG A 840 -10.05 46.77 -47.54
C ARG A 840 -10.44 47.99 -46.72
N GLU A 841 -9.71 48.27 -45.64
CA GLU A 841 -10.08 49.39 -44.79
C GLU A 841 -9.83 50.72 -45.50
N LEU A 842 -8.83 50.79 -46.37
CA LEU A 842 -8.64 52.01 -47.15
C LEU A 842 -9.85 52.29 -48.03
N LYS A 843 -10.35 51.25 -48.71
CA LYS A 843 -11.57 51.43 -49.50
C LYS A 843 -12.74 51.83 -48.61
N LYS A 844 -12.83 51.23 -47.43
CA LYS A 844 -13.93 51.55 -46.51
C LYS A 844 -13.90 53.03 -46.13
N ALA A 845 -12.72 53.54 -45.80
CA ALA A 845 -12.62 54.88 -45.23
C ALA A 845 -12.87 55.99 -46.24
N ARG A 846 -12.96 55.67 -47.53
CA ARG A 846 -13.17 56.69 -48.56
C ARG A 846 -14.63 57.12 -48.69
N THR A 847 -15.46 56.84 -47.70
CA THR A 847 -16.86 57.25 -47.70
C THR A 847 -17.19 57.93 -46.38
N VAL A 848 -18.11 58.89 -46.44
CA VAL A 848 -18.61 59.49 -45.21
C VAL A 848 -19.11 58.38 -44.29
N LEU A 849 -18.96 58.59 -42.99
CA LEU A 849 -19.16 57.52 -42.01
C LEU A 849 -20.60 57.44 -41.53
N GLN A 850 -21.10 58.51 -40.91
CA GLN A 850 -22.43 58.49 -40.32
C GLN A 850 -23.54 58.68 -41.34
N MET A 851 -23.26 58.55 -42.64
CA MET A 851 -24.29 58.81 -43.64
C MET A 851 -25.47 57.86 -43.47
N ASP A 852 -25.20 56.58 -43.24
CA ASP A 852 -26.29 55.64 -43.00
C ASP A 852 -27.06 56.02 -41.75
N GLU A 853 -26.35 56.48 -40.72
CA GLU A 853 -27.02 56.97 -39.51
C GLU A 853 -27.93 58.14 -39.85
N LEU A 854 -27.46 59.05 -40.70
CA LEU A 854 -28.30 60.18 -41.08
C LEU A 854 -29.54 59.71 -41.83
N LYS A 855 -29.39 58.75 -42.73
CA LYS A 855 -30.55 58.23 -43.46
C LYS A 855 -31.54 57.60 -42.50
N CYS A 856 -31.06 56.83 -41.54
CA CYS A 856 -31.95 56.21 -40.56
C CYS A 856 -32.68 57.26 -39.74
N ARG A 857 -31.95 58.30 -39.31
CA ARG A 857 -32.60 59.38 -38.55
C ARG A 857 -33.66 60.07 -39.37
N LYS A 858 -33.37 60.33 -40.65
CA LYS A 858 -34.37 60.97 -41.51
C LYS A 858 -35.60 60.08 -41.67
N ARG A 859 -35.38 58.77 -41.83
CA ARG A 859 -36.51 57.85 -41.90
C ARG A 859 -37.36 57.94 -40.64
N VAL A 860 -36.72 57.93 -39.48
CA VAL A 860 -37.47 58.00 -38.23
C VAL A 860 -38.25 59.30 -38.16
N LEU A 861 -37.62 60.41 -38.52
CA LEU A 861 -38.29 61.70 -38.44
C LEU A 861 -39.50 61.76 -39.35
N ARG A 862 -39.37 61.27 -40.59
CA ARG A 862 -40.49 61.37 -41.51
C ARG A 862 -41.60 60.39 -41.15
N ARG A 863 -41.24 59.20 -40.64
CA ARG A 863 -42.24 58.20 -40.32
C ARG A 863 -43.14 58.63 -39.18
N LEU A 864 -42.70 59.58 -38.35
CA LEU A 864 -43.51 60.11 -37.27
C LEU A 864 -44.21 61.41 -37.63
N GLY A 865 -44.08 61.86 -38.87
CA GLY A 865 -44.74 63.08 -39.33
C GLY A 865 -43.91 64.34 -39.21
N PHE A 866 -42.75 64.29 -38.58
CA PHE A 866 -41.93 65.49 -38.46
C PHE A 866 -41.42 65.94 -39.82
N ALA A 867 -40.84 65.03 -40.59
CA ALA A 867 -40.18 65.35 -41.85
C ALA A 867 -41.05 64.92 -43.02
N THR A 868 -41.26 65.83 -43.97
CA THR A 868 -42.02 65.50 -45.16
C THR A 868 -41.21 64.55 -46.04
N SER A 869 -41.94 63.81 -46.89
CA SER A 869 -41.27 62.88 -47.79
C SER A 869 -40.22 63.57 -48.64
N SER A 870 -40.43 64.84 -48.96
CA SER A 870 -39.45 65.64 -49.70
C SER A 870 -38.42 66.29 -48.79
N ASP A 871 -38.45 65.99 -47.49
CA ASP A 871 -37.50 66.53 -46.52
C ASP A 871 -37.66 68.04 -46.36
N VAL A 872 -38.89 68.46 -46.08
CA VAL A 872 -39.18 69.82 -45.66
C VAL A 872 -39.85 69.74 -44.29
N ILE A 873 -39.35 70.53 -43.34
CA ILE A 873 -39.79 70.42 -41.96
C ILE A 873 -41.29 70.71 -41.89
N GLU A 874 -42.04 69.76 -41.36
CA GLU A 874 -43.45 69.96 -41.10
C GLU A 874 -43.64 70.69 -39.76
N MET A 875 -44.86 71.17 -39.52
CA MET A 875 -45.12 71.92 -38.31
C MET A 875 -44.66 71.16 -37.07
N LYS A 876 -44.85 69.84 -37.07
CA LYS A 876 -44.40 69.04 -35.93
C LYS A 876 -42.89 69.15 -35.74
N GLY A 877 -42.13 69.04 -36.84
CA GLY A 877 -40.69 69.21 -36.73
C GLY A 877 -40.31 70.62 -36.34
N ARG A 878 -41.05 71.61 -36.86
CA ARG A 878 -40.79 72.99 -36.47
C ARG A 878 -40.92 73.15 -34.97
N VAL A 879 -41.96 72.55 -34.37
CA VAL A 879 -42.13 72.61 -32.93
C VAL A 879 -40.98 71.88 -32.24
N ALA A 880 -40.63 70.69 -32.74
CA ALA A 880 -39.56 69.92 -32.12
C ALA A 880 -38.23 70.66 -32.16
N CYS A 881 -38.06 71.59 -33.09
CA CYS A 881 -36.80 72.33 -33.16
C CYS A 881 -36.53 73.09 -31.86
N GLU A 882 -37.56 73.70 -31.28
CA GLU A 882 -37.36 74.55 -30.10
C GLU A 882 -36.73 73.77 -28.96
N ILE A 883 -37.31 72.63 -28.62
CA ILE A 883 -36.86 71.87 -27.46
C ILE A 883 -35.47 71.34 -27.73
N SER A 884 -34.51 71.70 -26.86
CA SER A 884 -33.13 71.24 -27.03
C SER A 884 -32.48 70.77 -25.74
N SER A 885 -33.06 71.04 -24.57
CA SER A 885 -32.45 70.64 -23.31
C SER A 885 -32.81 69.21 -22.91
N ALA A 886 -33.68 68.54 -23.65
CA ALA A 886 -34.07 67.18 -23.35
C ALA A 886 -34.40 66.49 -24.67
N ASP A 887 -35.06 65.34 -24.59
CA ASP A 887 -35.50 64.66 -25.80
C ASP A 887 -36.56 65.48 -26.52
N GLU A 888 -36.61 65.33 -27.83
CA GLU A 888 -37.52 66.09 -28.69
C GLU A 888 -38.69 65.26 -29.16
N LEU A 889 -38.44 64.05 -29.68
CA LEU A 889 -39.51 63.23 -30.21
C LEU A 889 -40.55 62.94 -29.14
N LEU A 890 -40.10 62.53 -27.94
CA LEU A 890 -41.04 62.23 -26.88
C LEU A 890 -41.89 63.45 -26.52
N LEU A 891 -41.23 64.58 -26.27
CA LEU A 891 -41.96 65.77 -25.82
C LEU A 891 -42.94 66.22 -26.88
N THR A 892 -42.50 66.31 -28.14
CA THR A 892 -43.39 66.77 -29.20
C THR A 892 -44.55 65.81 -29.38
N GLU A 893 -44.28 64.50 -29.39
CA GLU A 893 -45.35 63.53 -29.60
C GLU A 893 -46.37 63.60 -28.47
N MET A 894 -45.90 63.66 -27.22
CA MET A 894 -46.83 63.77 -26.11
C MET A 894 -47.63 65.07 -26.18
N MET A 895 -46.98 66.15 -26.59
CA MET A 895 -47.67 67.43 -26.73
C MET A 895 -48.78 67.33 -27.77
N PHE A 896 -48.50 66.65 -28.89
CA PHE A 896 -49.49 66.53 -29.96
C PHE A 896 -50.48 65.40 -29.72
N ASN A 897 -50.21 64.49 -28.79
CA ASN A 897 -51.19 63.48 -28.44
C ASN A 897 -52.18 63.97 -27.39
N GLY A 898 -52.04 65.21 -26.93
CA GLY A 898 -52.94 65.73 -25.93
C GLY A 898 -52.74 65.15 -24.55
N LEU A 899 -51.57 64.56 -24.28
CA LEU A 899 -51.32 64.03 -22.95
C LEU A 899 -51.32 65.14 -21.91
N PHE A 900 -50.67 66.27 -22.21
CA PHE A 900 -50.54 67.33 -21.24
C PHE A 900 -51.82 68.13 -21.04
N ASN A 901 -52.76 68.05 -21.97
CA ASN A 901 -53.93 68.93 -21.93
C ASN A 901 -54.89 68.61 -20.79
N ASP A 902 -54.59 67.68 -19.88
CA ASP A 902 -55.49 67.39 -18.77
C ASP A 902 -54.76 67.52 -17.44
N LEU A 903 -53.48 67.15 -17.43
CA LEU A 903 -52.71 67.19 -16.19
C LEU A 903 -52.65 68.61 -15.65
N SER A 904 -52.76 68.73 -14.33
CA SER A 904 -52.53 70.02 -13.71
C SER A 904 -51.05 70.36 -13.72
N ALA A 905 -50.74 71.63 -13.43
CA ALA A 905 -49.36 72.09 -13.55
C ALA A 905 -48.40 71.20 -12.78
N GLU A 906 -48.85 70.68 -11.64
CA GLU A 906 -47.94 69.91 -10.79
C GLU A 906 -47.52 68.62 -11.48
N GLN A 907 -48.47 67.87 -12.02
CA GLN A 907 -48.12 66.61 -12.67
C GLN A 907 -47.23 66.86 -13.87
N ALA A 908 -47.53 67.89 -14.66
CA ALA A 908 -46.71 68.20 -15.82
C ALA A 908 -45.28 68.53 -15.41
N THR A 909 -45.12 69.36 -14.38
CA THR A 909 -43.79 69.69 -13.90
C THR A 909 -43.06 68.44 -13.42
N ALA A 910 -43.76 67.57 -12.69
CA ALA A 910 -43.12 66.37 -12.19
C ALA A 910 -42.68 65.47 -13.33
N LEU A 911 -43.52 65.31 -14.35
CA LEU A 911 -43.16 64.47 -15.49
C LEU A 911 -41.95 65.03 -16.22
N LEU A 912 -41.97 66.34 -16.50
CA LEU A 912 -40.82 66.96 -17.15
C LEU A 912 -39.58 66.77 -16.30
N SER A 913 -39.71 66.81 -14.97
CA SER A 913 -38.57 66.53 -14.12
C SER A 913 -38.08 65.11 -14.34
N CYS A 914 -39.00 64.16 -14.46
CA CYS A 914 -38.61 62.80 -14.82
C CYS A 914 -37.83 62.79 -16.12
N PHE A 915 -38.09 63.76 -17.01
CA PHE A 915 -37.35 63.80 -18.27
C PHE A 915 -35.89 64.22 -18.06
N VAL A 916 -35.65 65.20 -17.18
CA VAL A 916 -34.35 65.86 -17.11
C VAL A 916 -33.52 65.34 -15.95
N PHE A 917 -33.79 64.13 -15.47
CA PHE A 917 -33.01 63.53 -14.39
C PHE A 917 -32.28 62.32 -14.94
N GLN A 918 -30.99 62.21 -14.61
CA GLN A 918 -30.18 61.07 -15.06
C GLN A 918 -29.12 60.83 -13.99
N GLU A 919 -29.38 59.90 -13.08
CA GLU A 919 -28.44 59.58 -12.02
C GLU A 919 -28.69 58.15 -11.57
N ASN A 920 -27.62 57.45 -11.23
CA ASN A 920 -27.69 56.04 -10.83
C ASN A 920 -28.13 55.97 -9.37
N SER A 921 -29.44 55.97 -9.17
CA SER A 921 -30.04 55.77 -7.86
C SER A 921 -31.10 54.70 -7.95
N SER A 922 -31.15 53.82 -6.94
CA SER A 922 -32.06 52.68 -6.94
C SER A 922 -33.13 52.80 -5.86
N GLU A 923 -33.43 54.02 -5.41
CA GLU A 923 -34.43 54.19 -4.37
C GLU A 923 -35.80 53.72 -4.84
N MET A 924 -36.16 54.04 -6.09
CA MET A 924 -37.42 53.60 -6.69
C MET A 924 -38.61 53.87 -5.75
N PRO A 925 -38.83 55.14 -5.37
CA PRO A 925 -39.98 55.44 -4.53
C PRO A 925 -41.28 55.17 -5.25
N LYS A 926 -42.31 54.84 -4.49
CA LYS A 926 -43.61 54.50 -5.06
C LYS A 926 -44.38 55.78 -5.38
N LEU A 927 -44.90 55.85 -6.60
CA LEU A 927 -45.70 56.97 -7.05
C LEU A 927 -47.18 56.61 -6.89
N THR A 928 -47.95 57.50 -6.24
CA THR A 928 -49.22 57.05 -5.68
C THR A 928 -50.34 57.00 -6.71
N GLU A 929 -50.86 58.17 -7.10
CA GLU A 929 -51.95 58.19 -8.07
C GLU A 929 -51.68 59.11 -9.25
N GLN A 930 -51.33 60.37 -8.96
CA GLN A 930 -51.21 61.39 -9.99
C GLN A 930 -49.86 61.36 -10.67
N LEU A 931 -48.94 60.52 -10.21
CA LEU A 931 -47.62 60.40 -10.79
C LEU A 931 -47.39 59.05 -11.46
N ALA A 932 -48.31 58.10 -11.31
CA ALA A 932 -48.16 56.79 -11.93
C ALA A 932 -48.82 56.72 -13.30
N GLY A 933 -50.07 57.18 -13.40
CA GLY A 933 -50.78 57.14 -14.66
C GLY A 933 -50.05 57.89 -15.76
N PRO A 934 -49.71 59.15 -15.49
CA PRO A 934 -48.90 59.89 -16.46
C PRO A 934 -47.58 59.22 -16.78
N LEU A 935 -46.93 58.62 -15.78
CA LEU A 935 -45.68 57.94 -16.04
C LEU A 935 -45.89 56.77 -16.98
N ARG A 936 -46.97 56.00 -16.81
CA ARG A 936 -47.20 54.87 -17.69
C ARG A 936 -47.61 55.31 -19.09
N GLN A 937 -48.33 56.43 -19.20
CA GLN A 937 -48.62 56.96 -20.53
C GLN A 937 -47.33 57.37 -21.24
N MET A 938 -46.43 58.03 -20.51
CA MET A 938 -45.12 58.36 -21.09
C MET A 938 -44.38 57.09 -21.48
N GLN A 939 -44.49 56.04 -20.65
CA GLN A 939 -43.85 54.77 -20.98
C GLN A 939 -44.40 54.22 -22.29
N GLU A 940 -45.71 54.28 -22.48
CA GLU A 940 -46.30 53.77 -23.72
C GLU A 940 -45.82 54.56 -24.92
N CYS A 941 -45.79 55.89 -24.80
CA CYS A 941 -45.32 56.71 -25.92
C CYS A 941 -43.87 56.41 -26.24
N ALA A 942 -43.03 56.25 -25.21
CA ALA A 942 -41.64 55.91 -25.43
C ALA A 942 -41.52 54.54 -26.09
N LYS A 943 -42.37 53.59 -25.70
CA LYS A 943 -42.34 52.29 -26.35
C LYS A 943 -42.68 52.40 -27.83
N ARG A 944 -43.69 53.21 -28.16
CA ARG A 944 -44.04 53.40 -29.57
C ARG A 944 -42.86 54.00 -30.33
N ILE A 945 -42.21 55.01 -29.76
CA ILE A 945 -41.08 55.62 -30.43
C ILE A 945 -39.95 54.61 -30.62
N ALA A 946 -39.67 53.81 -29.59
CA ALA A 946 -38.60 52.83 -29.69
C ALA A 946 -38.90 51.81 -30.78
N LYS A 947 -40.14 51.33 -30.83
CA LYS A 947 -40.51 50.35 -31.84
C LYS A 947 -40.37 50.92 -33.24
N VAL A 948 -40.85 52.16 -33.43
CA VAL A 948 -40.77 52.77 -34.75
C VAL A 948 -39.31 52.98 -35.15
N SER A 949 -38.48 53.42 -34.20
CA SER A 949 -37.07 53.62 -34.50
C SER A 949 -36.40 52.31 -34.87
N ALA A 950 -36.69 51.25 -34.13
CA ALA A 950 -36.10 49.95 -34.45
C ALA A 950 -36.54 49.48 -35.83
N GLU A 951 -37.81 49.69 -36.18
CA GLU A 951 -38.30 49.28 -37.48
C GLU A 951 -37.54 49.95 -38.61
N ALA A 952 -36.95 51.12 -38.35
CA ALA A 952 -36.20 51.86 -39.35
C ALA A 952 -34.73 51.46 -39.38
N LYS A 953 -34.39 50.25 -38.94
CA LYS A 953 -33.03 49.76 -38.96
C LYS A 953 -32.08 50.71 -38.22
N LEU A 954 -32.55 51.23 -37.09
CA LEU A 954 -31.75 52.12 -36.25
C LEU A 954 -31.40 51.38 -34.96
N GLU A 955 -30.10 51.32 -34.66
CA GLU A 955 -29.63 50.59 -33.49
C GLU A 955 -30.13 51.28 -32.23
N ILE A 956 -31.01 50.61 -31.50
CA ILE A 956 -31.51 51.13 -30.23
C ILE A 956 -32.03 49.97 -29.40
N ASP A 957 -31.62 49.90 -28.14
CA ASP A 957 -32.08 48.87 -27.23
C ASP A 957 -33.31 49.39 -26.50
N GLU A 958 -34.46 48.78 -26.77
CA GLU A 958 -35.72 49.33 -26.30
C GLU A 958 -35.75 49.43 -24.78
N GLU A 959 -35.27 48.39 -24.09
CA GLU A 959 -35.29 48.42 -22.63
C GLU A 959 -34.46 49.58 -22.09
N THR A 960 -33.26 49.78 -22.63
CA THR A 960 -32.43 50.87 -22.17
C THR A 960 -33.10 52.21 -22.43
N TYR A 961 -33.68 52.38 -23.62
CA TYR A 961 -34.33 53.63 -23.94
C TYR A 961 -35.48 53.92 -22.99
N LEU A 962 -36.29 52.90 -22.68
CA LEU A 962 -37.38 53.11 -21.73
C LEU A 962 -36.87 53.33 -20.32
N SER A 963 -35.67 52.83 -20.01
CA SER A 963 -35.10 53.00 -18.68
C SER A 963 -34.29 54.29 -18.54
N SER A 964 -34.04 55.00 -19.63
CA SER A 964 -33.30 56.25 -19.53
C SER A 964 -34.07 57.27 -18.69
N PHE A 965 -35.38 57.35 -18.89
CA PHE A 965 -36.21 58.32 -18.17
C PHE A 965 -36.45 57.80 -16.76
N LYS A 966 -35.58 58.21 -15.84
CA LYS A 966 -35.69 57.78 -14.45
C LYS A 966 -36.62 58.71 -13.69
N PRO A 967 -37.75 58.24 -13.17
CA PRO A 967 -38.70 59.13 -12.50
C PRO A 967 -38.44 59.33 -11.02
N HIS A 968 -37.23 59.01 -10.56
CA HIS A 968 -36.95 58.95 -9.13
C HIS A 968 -37.41 60.23 -8.40
N LEU A 969 -37.17 61.39 -9.01
CA LEU A 969 -37.48 62.65 -8.36
C LEU A 969 -38.89 63.15 -8.64
N MET A 970 -39.72 62.36 -9.32
CA MET A 970 -41.05 62.84 -9.69
C MET A 970 -41.83 63.28 -8.46
N ASP A 971 -41.87 62.43 -7.43
CA ASP A 971 -42.60 62.79 -6.21
C ASP A 971 -41.95 63.96 -5.50
N VAL A 972 -40.62 64.01 -5.47
CA VAL A 972 -39.93 65.11 -4.82
C VAL A 972 -40.29 66.43 -5.48
N VAL A 973 -40.26 66.46 -6.81
CA VAL A 973 -40.56 67.70 -7.53
C VAL A 973 -42.03 68.05 -7.38
N TYR A 974 -42.91 67.05 -7.36
CA TYR A 974 -44.32 67.32 -7.12
C TYR A 974 -44.53 68.00 -5.78
N THR A 975 -43.94 67.43 -4.72
CA THR A 975 -44.08 68.02 -3.39
C THR A 975 -43.49 69.42 -3.36
N TRP A 976 -42.33 69.60 -3.99
CA TRP A 976 -41.72 70.93 -4.01
C TRP A 976 -42.63 71.94 -4.69
N ALA A 977 -43.25 71.55 -5.80
CA ALA A 977 -44.19 72.44 -6.47
C ALA A 977 -45.39 72.74 -5.57
N THR A 978 -45.84 71.75 -4.81
CA THR A 978 -46.98 71.98 -3.92
C THR A 978 -46.70 73.11 -2.95
N GLY A 979 -45.42 73.37 -2.63
CA GLY A 979 -45.06 74.48 -1.77
C GLY A 979 -44.26 74.07 -0.56
N ALA A 980 -43.85 72.82 -0.49
CA ALA A 980 -43.14 72.33 0.68
C ALA A 980 -41.80 73.03 0.82
N THR A 981 -41.35 73.16 2.06
CA THR A 981 -40.05 73.77 2.32
C THR A 981 -38.93 72.86 1.82
N PHE A 982 -37.80 73.48 1.47
CA PHE A 982 -36.71 72.71 0.89
C PHE A 982 -36.20 71.64 1.86
N ALA A 983 -36.10 71.98 3.14
CA ALA A 983 -35.60 71.01 4.11
C ALA A 983 -36.44 69.75 4.10
N HIS A 984 -37.75 69.89 3.90
CA HIS A 984 -38.64 68.74 3.90
C HIS A 984 -38.31 67.80 2.74
N ILE A 985 -38.18 68.35 1.53
CA ILE A 985 -37.93 67.49 0.37
C ILE A 985 -36.53 66.90 0.45
N CYS A 986 -35.56 67.66 0.94
CA CYS A 986 -34.20 67.14 1.04
C CYS A 986 -34.15 65.90 1.89
N LYS A 987 -35.09 65.76 2.83
CA LYS A 987 -35.22 64.57 3.65
C LYS A 987 -36.20 63.56 3.07
N MET A 988 -36.82 63.86 1.93
CA MET A 988 -37.78 62.97 1.30
C MET A 988 -37.12 61.94 0.39
N THR A 989 -35.82 62.06 0.14
CA THR A 989 -35.12 61.12 -0.72
C THR A 989 -33.68 61.01 -0.25
N ASP A 990 -32.83 60.42 -1.09
CA ASP A 990 -31.44 60.15 -0.73
C ASP A 990 -30.43 60.87 -1.58
N VAL A 991 -30.81 61.35 -2.78
CA VAL A 991 -29.85 62.02 -3.64
C VAL A 991 -29.32 63.27 -2.94
N PHE A 992 -28.05 63.59 -3.22
CA PHE A 992 -27.45 64.77 -2.63
C PHE A 992 -28.24 66.01 -3.02
N GLU A 993 -28.34 66.96 -2.09
CA GLU A 993 -29.12 68.17 -2.36
C GLU A 993 -28.63 68.87 -3.63
N GLY A 994 -27.33 68.83 -3.89
CA GLY A 994 -26.81 69.47 -5.09
C GLY A 994 -27.44 68.91 -6.35
N SER A 995 -27.62 67.60 -6.41
CA SER A 995 -28.26 66.99 -7.57
C SER A 995 -29.71 67.47 -7.69
N ILE A 996 -30.40 67.62 -6.57
CA ILE A 996 -31.77 68.13 -6.62
C ILE A 996 -31.79 69.54 -7.19
N ILE A 997 -30.86 70.39 -6.74
CA ILE A 997 -30.81 71.76 -7.25
C ILE A 997 -30.54 71.75 -8.75
N ARG A 998 -29.57 70.95 -9.18
CA ARG A 998 -29.22 70.90 -10.59
C ARG A 998 -30.41 70.47 -11.43
N CYS A 999 -31.08 69.39 -11.01
CA CYS A 999 -32.23 68.92 -11.75
C CYS A 999 -33.33 69.97 -11.77
N MET A 1000 -33.52 70.69 -10.66
CA MET A 1000 -34.54 71.72 -10.63
C MET A 1000 -34.25 72.82 -11.63
N ARG A 1001 -32.99 73.27 -11.70
CA ARG A 1001 -32.64 74.29 -12.67
C ARG A 1001 -32.86 73.80 -14.09
N ARG A 1002 -32.44 72.57 -14.37
CA ARG A 1002 -32.60 72.02 -15.71
C ARG A 1002 -34.08 71.91 -16.06
N LEU A 1003 -34.90 71.49 -15.10
CA LEU A 1003 -36.33 71.41 -15.32
C LEU A 1003 -36.93 72.79 -15.60
N GLU A 1004 -36.46 73.81 -14.90
CA GLU A 1004 -36.96 75.15 -15.15
C GLU A 1004 -36.66 75.59 -16.58
N GLU A 1005 -35.43 75.36 -17.04
CA GLU A 1005 -35.11 75.77 -18.41
C GLU A 1005 -35.90 74.96 -19.43
N LEU A 1006 -36.07 73.66 -19.17
CA LEU A 1006 -36.90 72.86 -20.06
C LEU A 1006 -38.32 73.38 -20.09
N LEU A 1007 -38.84 73.85 -18.96
CA LEU A 1007 -40.19 74.38 -18.92
C LEU A 1007 -40.29 75.68 -19.71
N ARG A 1008 -39.27 76.51 -19.65
CA ARG A 1008 -39.28 77.71 -20.49
C ARG A 1008 -39.31 77.33 -21.97
N GLN A 1009 -38.50 76.35 -22.36
CA GLN A 1009 -38.53 75.90 -23.75
C GLN A 1009 -39.90 75.32 -24.11
N MET A 1010 -40.53 74.63 -23.17
CA MET A 1010 -41.86 74.06 -23.43
C MET A 1010 -42.89 75.17 -23.59
N CYS A 1011 -42.79 76.23 -22.79
CA CYS A 1011 -43.66 77.39 -23.01
C CYS A 1011 -43.46 77.94 -24.40
N GLN A 1012 -42.21 78.04 -24.84
CA GLN A 1012 -41.94 78.55 -26.19
C GLN A 1012 -42.58 77.66 -27.25
N ALA A 1013 -42.45 76.34 -27.08
CA ALA A 1013 -43.03 75.42 -28.06
C ALA A 1013 -44.56 75.52 -28.07
N ALA A 1014 -45.17 75.62 -26.89
CA ALA A 1014 -46.62 75.77 -26.81
C ALA A 1014 -47.06 77.03 -27.52
N LYS A 1015 -46.33 78.13 -27.33
CA LYS A 1015 -46.61 79.34 -28.08
C LYS A 1015 -46.48 79.09 -29.58
N ALA A 1016 -45.49 78.30 -29.97
CA ALA A 1016 -45.30 78.01 -31.39
C ALA A 1016 -46.51 77.30 -31.97
N ILE A 1017 -47.04 76.31 -31.26
CA ILE A 1017 -48.24 75.62 -31.75
C ILE A 1017 -49.51 76.40 -31.53
N GLY A 1018 -49.45 77.51 -30.80
CA GLY A 1018 -50.64 78.30 -30.53
C GLY A 1018 -51.67 77.59 -29.68
N ASN A 1019 -51.24 76.89 -28.64
CA ASN A 1019 -52.12 76.23 -27.69
C ASN A 1019 -51.94 76.92 -26.33
N THR A 1020 -52.72 77.98 -26.11
CA THR A 1020 -52.49 78.84 -24.96
C THR A 1020 -52.61 78.10 -23.64
N GLU A 1021 -53.41 77.03 -23.60
CA GLU A 1021 -53.57 76.31 -22.34
C GLU A 1021 -52.24 75.75 -21.84
N LEU A 1022 -51.46 75.16 -22.75
CA LEU A 1022 -50.15 74.66 -22.34
C LEU A 1022 -49.23 75.79 -21.92
N GLU A 1023 -49.31 76.93 -22.61
CA GLU A 1023 -48.52 78.08 -22.20
C GLU A 1023 -48.82 78.45 -20.76
N ASN A 1024 -50.10 78.58 -20.42
CA ASN A 1024 -50.49 78.95 -19.06
C ASN A 1024 -50.03 77.89 -18.06
N LYS A 1025 -50.24 76.62 -18.40
CA LYS A 1025 -49.88 75.55 -17.47
C LYS A 1025 -48.38 75.56 -17.18
N PHE A 1026 -47.57 75.67 -18.21
CA PHE A 1026 -46.13 75.66 -18.00
C PHE A 1026 -45.64 76.95 -17.34
N ALA A 1027 -46.30 78.08 -17.60
CA ALA A 1027 -45.95 79.30 -16.89
C ALA A 1027 -46.20 79.15 -15.40
N GLU A 1028 -47.34 78.56 -15.03
CA GLU A 1028 -47.62 78.31 -13.61
C GLU A 1028 -46.59 77.35 -13.03
N GLY A 1029 -46.23 76.30 -13.78
CA GLY A 1029 -45.19 75.40 -13.31
C GLY A 1029 -43.88 76.12 -13.06
N ILE A 1030 -43.51 77.03 -13.95
CA ILE A 1030 -42.29 77.82 -13.74
C ILE A 1030 -42.42 78.65 -12.47
N THR A 1031 -43.56 79.31 -12.29
CA THR A 1031 -43.72 80.18 -11.14
C THR A 1031 -43.60 79.40 -9.84
N LYS A 1032 -44.19 78.21 -9.78
CA LYS A 1032 -44.28 77.50 -8.51
C LYS A 1032 -42.90 77.01 -8.04
N ILE A 1033 -42.07 76.53 -8.96
CA ILE A 1033 -40.83 75.85 -8.57
C ILE A 1033 -39.63 76.79 -8.63
N LYS A 1034 -39.84 78.09 -8.78
CA LYS A 1034 -38.76 79.07 -8.88
C LYS A 1034 -38.83 79.97 -7.67
N ARG A 1035 -38.08 79.66 -6.62
CA ARG A 1035 -38.16 80.40 -5.38
C ARG A 1035 -36.83 80.28 -4.64
N ASP A 1036 -36.85 80.61 -3.34
CA ASP A 1036 -35.69 81.11 -2.62
C ASP A 1036 -34.38 80.36 -2.89
N ILE A 1037 -34.32 79.08 -2.51
CA ILE A 1037 -33.01 78.45 -2.34
C ILE A 1037 -32.51 77.82 -3.63
N VAL A 1038 -33.36 77.10 -4.36
CA VAL A 1038 -32.91 76.42 -5.57
C VAL A 1038 -32.33 77.42 -6.55
N PHE A 1039 -33.07 78.49 -6.84
CA PHE A 1039 -32.62 79.52 -7.75
C PHE A 1039 -32.06 80.71 -6.98
N ALA A 1040 -31.05 80.43 -6.17
CA ALA A 1040 -30.36 81.46 -5.41
C ALA A 1040 -29.26 82.06 -6.29
N ALA A 1041 -29.37 83.37 -6.53
CA ALA A 1041 -28.43 84.02 -7.44
C ALA A 1041 -27.00 83.82 -6.94
N SER A 1042 -26.12 83.44 -7.87
CA SER A 1042 -24.72 83.23 -7.51
C SER A 1042 -24.11 84.52 -6.98
N LEU A 1043 -23.24 84.38 -6.00
CA LEU A 1043 -22.62 85.55 -5.39
C LEU A 1043 -21.50 86.14 -6.23
N TYR A 1044 -21.06 85.45 -7.29
CA TYR A 1044 -20.06 86.01 -8.17
C TYR A 1044 -20.61 87.09 -9.07
N LEU A 1045 -21.93 87.26 -9.13
CA LEU A 1045 -22.54 88.25 -10.00
C LEU A 1045 -22.83 89.53 -9.22
N ASP B 49 -24.05 -12.04 -62.04
CA ASP B 49 -23.88 -12.02 -60.59
C ASP B 49 -22.43 -12.31 -60.20
N ALA B 50 -21.54 -12.35 -61.19
CA ALA B 50 -20.14 -12.64 -60.90
C ALA B 50 -19.54 -11.60 -59.96
N GLU B 51 -19.84 -10.32 -60.21
CA GLU B 51 -19.38 -9.28 -59.29
C GLU B 51 -19.98 -9.49 -57.90
N LEU B 52 -21.25 -9.91 -57.84
CA LEU B 52 -21.85 -10.21 -56.55
C LEU B 52 -21.14 -11.35 -55.85
N ARG B 53 -20.79 -12.40 -56.60
CA ARG B 53 -20.14 -13.55 -55.98
C ARG B 53 -18.74 -13.18 -55.48
N GLU B 54 -17.99 -12.40 -56.26
CA GLU B 54 -16.65 -12.02 -55.80
C GLU B 54 -16.74 -11.06 -54.61
N ARG B 55 -17.74 -10.18 -54.59
CA ARG B 55 -17.95 -9.35 -53.39
C ARG B 55 -18.28 -10.23 -52.19
N LEU B 56 -19.08 -11.27 -52.40
CA LEU B 56 -19.39 -12.20 -51.32
C LEU B 56 -18.12 -12.85 -50.80
N ARG B 57 -17.24 -13.28 -51.70
CA ARG B 57 -15.98 -13.88 -51.28
C ARG B 57 -15.13 -12.87 -50.52
N GLN B 58 -15.11 -11.62 -50.98
CA GLN B 58 -14.35 -10.58 -50.27
C GLN B 58 -14.89 -10.40 -48.86
N CYS B 59 -16.21 -10.37 -48.70
CA CYS B 59 -16.80 -10.22 -47.38
C CYS B 59 -16.49 -11.43 -46.51
N GLU B 60 -16.52 -12.63 -47.09
CA GLU B 60 -16.17 -13.83 -46.32
C GLU B 60 -14.74 -13.75 -45.82
N GLU B 61 -13.81 -13.34 -46.68
CA GLU B 61 -12.43 -13.21 -46.25
C GLU B 61 -12.30 -12.15 -45.16
N THR B 62 -13.00 -11.03 -45.31
CA THR B 62 -12.90 -9.96 -44.32
C THR B 62 -13.41 -10.44 -42.96
N ILE B 63 -14.54 -11.14 -42.94
CA ILE B 63 -15.09 -11.62 -41.67
C ILE B 63 -14.19 -12.68 -41.07
N GLU B 64 -13.56 -13.51 -41.90
CA GLU B 64 -12.61 -14.50 -41.39
C GLU B 64 -11.43 -13.81 -40.72
N GLN B 65 -10.89 -12.78 -41.36
CA GLN B 65 -9.79 -12.04 -40.78
C GLN B 65 -10.20 -11.40 -39.46
N LEU B 66 -11.41 -10.82 -39.43
CA LEU B 66 -11.87 -10.15 -38.22
C LEU B 66 -12.04 -11.14 -37.07
N ARG B 67 -12.63 -12.31 -37.36
CA ARG B 67 -12.76 -13.32 -36.31
C ARG B 67 -11.41 -13.76 -35.80
N ALA B 68 -10.45 -13.98 -36.70
CA ALA B 68 -9.12 -14.39 -36.27
C ALA B 68 -8.48 -13.33 -35.38
N GLU B 69 -8.60 -12.06 -35.78
CA GLU B 69 -7.97 -11.00 -35.00
C GLU B 69 -8.65 -10.84 -33.64
N ASN B 70 -9.97 -10.97 -33.59
CA ASN B 70 -10.66 -10.90 -32.30
C ASN B 70 -10.22 -12.04 -31.41
N GLN B 71 -10.08 -13.25 -31.96
CA GLN B 71 -9.63 -14.38 -31.15
C GLN B 71 -8.22 -14.15 -30.62
N GLU B 72 -7.34 -13.60 -31.46
CA GLU B 72 -5.98 -13.33 -30.99
C GLU B 72 -5.98 -12.28 -29.88
N LEU B 73 -6.79 -11.23 -30.04
CA LEU B 73 -6.88 -10.22 -28.98
C LEU B 73 -7.40 -10.84 -27.69
N LYS B 74 -8.41 -11.70 -27.78
CA LYS B 74 -8.91 -12.38 -26.59
C LYS B 74 -7.82 -13.23 -25.95
N ARG B 75 -7.00 -13.89 -26.77
CA ARG B 75 -5.91 -14.69 -26.24
C ARG B 75 -4.91 -13.81 -25.49
N LYS B 76 -4.62 -12.63 -26.02
CA LYS B 76 -3.63 -11.75 -25.38
C LYS B 76 -4.18 -11.12 -24.11
N LEU B 77 -5.50 -10.90 -24.02
CA LEU B 77 -6.10 -10.32 -22.83
C LEU B 77 -6.36 -11.39 -21.77
N ASN B 78 -5.35 -12.19 -21.44
CA ASN B 78 -5.59 -13.26 -20.48
C ASN B 78 -5.71 -12.71 -19.06
N ILE B 79 -4.87 -11.73 -18.71
CA ILE B 79 -4.93 -11.17 -17.37
C ILE B 79 -6.27 -10.48 -17.14
N LEU B 80 -6.70 -9.66 -18.10
CA LEU B 80 -7.93 -8.91 -17.94
C LEU B 80 -9.14 -9.77 -18.28
N THR B 81 -9.25 -10.93 -17.64
CA THR B 81 -10.34 -11.87 -17.93
C THR B 81 -10.85 -12.42 -16.60
N ARG B 82 -11.84 -11.75 -16.03
CA ARG B 82 -12.48 -12.25 -14.83
C ARG B 82 -13.36 -13.44 -15.19
N PRO B 83 -13.44 -14.45 -14.33
CA PRO B 83 -14.28 -15.62 -14.64
C PRO B 83 -15.75 -15.24 -14.64
N SER B 84 -16.50 -15.90 -15.52
CA SER B 84 -17.94 -15.70 -15.60
C SER B 84 -18.62 -16.71 -14.69
N GLY B 85 -19.43 -16.22 -13.76
CA GLY B 85 -20.10 -17.08 -12.81
C GLY B 85 -20.04 -16.55 -11.39
N ILE B 86 -19.15 -15.59 -11.13
CA ILE B 86 -19.05 -15.03 -9.80
C ILE B 86 -20.41 -14.49 -9.37
N LEU B 87 -20.88 -14.96 -8.22
CA LEU B 87 -22.18 -14.55 -7.70
C LEU B 87 -22.00 -13.25 -6.93
N VAL B 88 -21.89 -12.16 -7.68
CA VAL B 88 -21.65 -10.84 -7.11
C VAL B 88 -22.99 -10.22 -6.74
N ASN B 89 -23.18 -9.97 -5.45
CA ASN B 89 -24.32 -9.22 -4.93
C ASN B 89 -23.80 -8.13 -4.02
N ASP B 90 -24.60 -7.07 -3.88
CA ASP B 90 -24.15 -5.86 -3.18
C ASP B 90 -22.90 -5.29 -3.87
N THR B 91 -23.11 -4.85 -5.10
CA THR B 91 -22.01 -4.41 -5.95
C THR B 91 -21.20 -3.28 -5.32
N LYS B 92 -21.80 -2.50 -4.43
CA LYS B 92 -21.10 -1.34 -3.88
C LYS B 92 -19.86 -1.76 -3.10
N LEU B 93 -19.96 -2.83 -2.30
CA LEU B 93 -18.84 -3.31 -1.51
C LEU B 93 -18.28 -4.63 -2.02
N ASP B 94 -19.11 -5.53 -2.53
CA ASP B 94 -18.63 -6.76 -3.15
C ASP B 94 -18.01 -6.41 -4.50
N GLY B 95 -17.65 -7.43 -5.26
CA GLY B 95 -16.93 -7.22 -6.49
C GLY B 95 -15.46 -7.03 -6.17
N PRO B 96 -14.62 -6.98 -7.20
CA PRO B 96 -13.17 -6.94 -6.97
C PRO B 96 -12.72 -5.62 -6.40
N ILE B 97 -11.45 -5.59 -6.05
CA ILE B 97 -10.74 -4.39 -5.62
C ILE B 97 -9.50 -4.34 -6.51
N LEU B 98 -8.56 -3.46 -6.18
CA LEU B 98 -7.35 -3.30 -6.98
C LEU B 98 -6.89 -4.59 -7.61
N GLN B 99 -6.59 -4.56 -8.90
CA GLN B 99 -5.80 -5.60 -9.54
C GLN B 99 -4.39 -5.08 -9.72
N ILE B 100 -3.40 -5.81 -9.21
CA ILE B 100 -2.01 -5.38 -9.23
C ILE B 100 -1.23 -6.32 -10.12
N LEU B 101 -0.49 -5.77 -11.06
CA LEU B 101 0.35 -6.52 -11.99
C LEU B 101 1.80 -6.32 -11.55
N PHE B 102 2.27 -7.18 -10.65
CA PHE B 102 3.65 -7.08 -10.19
C PHE B 102 4.59 -7.20 -11.37
N MET B 103 5.55 -6.28 -11.44
CA MET B 103 6.46 -6.20 -12.58
C MET B 103 7.83 -6.74 -12.20
N ASN B 104 8.61 -7.05 -13.22
CA ASN B 104 9.91 -7.69 -13.04
C ASN B 104 10.96 -6.63 -12.69
N ASN B 105 11.02 -6.29 -11.42
CA ASN B 105 12.09 -5.42 -10.92
C ASN B 105 12.21 -5.64 -9.42
N ALA B 106 13.32 -5.17 -8.86
CA ALA B 106 13.71 -5.56 -7.52
C ALA B 106 12.64 -5.21 -6.48
N ILE B 107 12.09 -3.99 -6.56
CA ILE B 107 11.20 -3.51 -5.51
C ILE B 107 9.97 -4.41 -5.39
N SER B 108 9.35 -4.71 -6.53
CA SER B 108 8.14 -5.52 -6.50
C SER B 108 8.41 -6.92 -5.98
N LYS B 109 9.44 -7.57 -6.53
CA LYS B 109 9.77 -8.91 -6.09
C LYS B 109 10.04 -8.95 -4.59
N GLN B 110 10.67 -7.90 -4.06
CA GLN B 110 11.04 -7.91 -2.65
C GLN B 110 9.84 -7.62 -1.76
N TYR B 111 8.94 -6.72 -2.17
CA TYR B 111 7.86 -6.26 -1.30
C TYR B 111 6.49 -6.79 -1.73
N HIS B 112 6.45 -7.90 -2.46
CA HIS B 112 5.18 -8.54 -2.79
C HIS B 112 4.33 -8.76 -1.53
N GLN B 113 4.92 -9.34 -0.49
CA GLN B 113 4.14 -9.65 0.71
C GLN B 113 3.67 -8.37 1.41
N GLU B 114 4.51 -7.34 1.45
CA GLU B 114 4.07 -6.08 2.03
C GLU B 114 2.89 -5.51 1.26
N ILE B 115 2.91 -5.61 -0.06
CA ILE B 115 1.80 -5.11 -0.86
C ILE B 115 0.52 -5.87 -0.53
N GLU B 116 0.60 -7.19 -0.47
CA GLU B 116 -0.61 -7.97 -0.18
C GLU B 116 -1.14 -7.66 1.22
N GLU B 117 -0.25 -7.56 2.21
CA GLU B 117 -0.68 -7.22 3.55
C GLU B 117 -1.32 -5.84 3.58
N PHE B 118 -0.77 -4.89 2.81
CA PHE B 118 -1.36 -3.56 2.77
C PHE B 118 -2.76 -3.59 2.19
N VAL B 119 -2.99 -4.38 1.14
CA VAL B 119 -4.34 -4.45 0.57
C VAL B 119 -5.31 -5.05 1.57
N SER B 120 -4.89 -6.11 2.26
CA SER B 120 -5.76 -6.69 3.29
C SER B 120 -6.06 -5.66 4.38
N ASN B 121 -5.05 -4.87 4.78
CA ASN B 121 -5.26 -3.84 5.78
C ASN B 121 -6.22 -2.78 5.29
N LEU B 122 -6.16 -2.43 4.00
CA LEU B 122 -7.12 -1.48 3.45
C LEU B 122 -8.54 -2.00 3.59
N VAL B 123 -8.75 -3.26 3.23
CA VAL B 123 -10.09 -3.83 3.34
C VAL B 123 -10.55 -3.80 4.80
N LYS B 124 -9.67 -4.21 5.70
CA LYS B 124 -10.03 -4.24 7.12
C LYS B 124 -10.36 -2.85 7.64
N ARG B 125 -9.55 -1.85 7.27
CA ARG B 125 -9.77 -0.49 7.72
C ARG B 125 -11.11 0.05 7.21
N PHE B 126 -11.41 -0.18 5.93
CA PHE B 126 -12.69 0.31 5.42
C PHE B 126 -13.84 -0.35 6.16
N GLU B 127 -13.78 -1.67 6.33
CA GLU B 127 -14.86 -2.34 7.04
C GLU B 127 -15.04 -1.74 8.43
N GLU B 128 -13.93 -1.58 9.16
CA GLU B 128 -14.02 -1.06 10.52
C GLU B 128 -14.61 0.34 10.54
N GLN B 129 -14.07 1.24 9.72
CA GLN B 129 -14.47 2.64 9.79
C GLN B 129 -15.84 2.90 9.20
N GLN B 130 -16.35 2.03 8.33
CA GLN B 130 -17.65 2.25 7.72
C GLN B 130 -18.76 1.56 8.52
N LYS B 131 -18.54 0.32 8.94
CA LYS B 131 -19.59 -0.40 9.67
C LYS B 131 -19.86 0.20 11.04
N ASN B 132 -19.01 1.10 11.52
CA ASN B 132 -19.15 1.69 12.85
C ASN B 132 -19.45 3.18 12.79
N ASP B 133 -18.61 3.96 12.11
CA ASP B 133 -18.68 5.41 12.21
C ASP B 133 -19.55 6.02 11.10
N VAL B 134 -19.15 5.83 9.85
CA VAL B 134 -19.84 6.46 8.72
C VAL B 134 -21.11 5.68 8.41
N GLU B 135 -22.22 6.39 8.28
CA GLU B 135 -23.52 5.76 8.01
C GLU B 135 -24.29 6.55 6.96
N LYS B 136 -23.60 7.05 5.94
CA LYS B 136 -24.25 7.74 4.83
C LYS B 136 -24.11 6.98 3.52
N THR B 137 -22.87 6.77 3.05
CA THR B 137 -22.58 5.99 1.84
C THR B 137 -23.64 6.22 0.77
N SER B 138 -23.96 7.49 0.52
CA SER B 138 -25.06 7.86 -0.37
C SER B 138 -24.58 8.18 -1.78
N PHE B 139 -23.67 9.15 -1.92
CA PHE B 139 -23.22 9.57 -3.23
C PHE B 139 -22.43 8.47 -3.92
N ASN B 140 -22.48 8.46 -5.25
CA ASN B 140 -21.78 7.47 -6.06
C ASN B 140 -21.02 8.16 -7.17
N LEU B 141 -19.80 7.70 -7.43
CA LEU B 141 -18.96 8.20 -8.50
C LEU B 141 -19.06 7.22 -9.67
N LEU B 142 -19.91 7.54 -10.64
CA LEU B 142 -20.06 6.67 -11.78
C LEU B 142 -18.74 6.64 -12.58
N PRO B 143 -18.45 5.53 -13.26
CA PRO B 143 -17.20 5.46 -14.02
C PRO B 143 -17.10 6.56 -15.06
N GLN B 144 -15.89 7.09 -15.24
CA GLN B 144 -15.67 8.10 -16.26
C GLN B 144 -15.81 7.47 -17.65
N PRO B 145 -16.01 8.28 -18.68
CA PRO B 145 -16.20 7.72 -20.02
C PRO B 145 -15.05 6.86 -20.51
N SER B 146 -13.87 6.95 -19.89
CA SER B 146 -12.71 6.17 -20.29
C SER B 146 -12.50 4.95 -19.39
N SER B 147 -13.58 4.34 -18.92
CA SER B 147 -13.51 3.19 -18.03
C SER B 147 -13.87 1.93 -18.79
N ILE B 148 -12.96 0.98 -18.85
CA ILE B 148 -13.17 -0.29 -19.53
C ILE B 148 -13.83 -1.27 -18.57
N VAL B 149 -14.35 -2.38 -19.10
CA VAL B 149 -14.93 -3.45 -18.31
C VAL B 149 -14.13 -4.71 -18.57
N LEU B 150 -13.76 -5.43 -17.50
CA LEU B 150 -12.98 -6.65 -17.66
C LEU B 150 -13.71 -7.63 -18.57
N GLU B 151 -12.97 -8.27 -19.47
CA GLU B 151 -13.55 -9.11 -20.50
C GLU B 151 -13.76 -10.51 -19.93
N GLU B 152 -15.01 -10.88 -19.69
CA GLU B 152 -15.31 -12.19 -19.13
C GLU B 152 -15.08 -13.29 -20.17
N ASP B 153 -14.68 -14.46 -19.69
CA ASP B 153 -14.60 -15.66 -20.50
C ASP B 153 -15.79 -16.54 -20.15
N HIS B 154 -16.62 -16.84 -21.15
CA HIS B 154 -17.91 -17.45 -20.92
C HIS B 154 -17.75 -18.95 -20.72
N LYS B 155 -17.57 -19.35 -19.46
CA LYS B 155 -17.60 -20.75 -19.07
C LYS B 155 -18.95 -21.16 -18.48
N VAL B 156 -19.91 -20.24 -18.43
CA VAL B 156 -21.24 -20.54 -17.91
C VAL B 156 -22.16 -19.40 -18.34
N GLU B 157 -23.47 -19.66 -18.34
CA GLU B 157 -24.47 -18.69 -18.74
C GLU B 157 -25.16 -18.12 -17.51
N GLU B 158 -25.22 -16.79 -17.42
CA GLU B 158 -25.94 -16.12 -16.35
C GLU B 158 -27.35 -15.78 -16.81
N SER B 159 -28.15 -15.25 -15.88
CA SER B 159 -29.55 -14.93 -16.16
C SER B 159 -29.81 -13.43 -16.07
N CYS B 160 -29.58 -12.82 -14.91
CA CYS B 160 -29.86 -11.40 -14.71
C CYS B 160 -28.71 -10.63 -14.07
N ALA B 161 -27.79 -11.31 -13.39
CA ALA B 161 -26.64 -10.62 -12.79
C ALA B 161 -25.61 -10.16 -13.80
N ILE B 162 -25.88 -10.32 -15.10
CA ILE B 162 -24.92 -9.88 -16.11
C ILE B 162 -24.69 -8.38 -16.00
N LYS B 163 -25.77 -7.60 -15.87
CA LYS B 163 -25.63 -6.16 -15.68
C LYS B 163 -24.90 -5.84 -14.38
N ASN B 164 -25.22 -6.57 -13.31
CA ASN B 164 -24.54 -6.35 -12.04
C ASN B 164 -23.05 -6.64 -12.16
N ASN B 165 -22.69 -7.72 -12.85
CA ASN B 165 -21.28 -8.02 -13.06
C ASN B 165 -20.62 -6.94 -13.91
N LYS B 166 -21.31 -6.45 -14.94
CA LYS B 166 -20.76 -5.36 -15.74
C LYS B 166 -20.47 -4.14 -14.88
N GLU B 167 -21.40 -3.77 -14.01
CA GLU B 167 -21.19 -2.62 -13.14
C GLU B 167 -20.05 -2.86 -12.16
N ALA B 168 -19.95 -4.07 -11.62
CA ALA B 168 -18.99 -4.35 -10.55
C ALA B 168 -17.57 -4.46 -11.07
N PHE B 169 -17.38 -5.04 -12.25
CA PHE B 169 -16.05 -5.26 -12.81
C PHE B 169 -15.69 -4.15 -13.81
N SER B 170 -15.72 -2.91 -13.32
CA SER B 170 -15.40 -1.74 -14.13
C SER B 170 -14.08 -1.16 -13.65
N VAL B 171 -13.14 -0.98 -14.57
CA VAL B 171 -11.85 -0.39 -14.25
C VAL B 171 -11.96 1.12 -14.35
N VAL B 172 -11.68 1.82 -13.25
CA VAL B 172 -11.75 3.28 -13.20
C VAL B 172 -10.40 3.75 -12.66
N GLY B 173 -9.45 3.98 -13.57
CA GLY B 173 -8.12 4.38 -13.18
C GLY B 173 -7.08 3.30 -13.42
N SER B 174 -6.06 3.61 -14.22
CA SER B 174 -4.96 2.70 -14.48
C SER B 174 -3.66 3.46 -14.33
N VAL B 175 -2.72 2.91 -13.57
CA VAL B 175 -1.48 3.59 -13.24
C VAL B 175 -0.33 2.60 -13.34
N LEU B 176 0.75 3.00 -14.01
CA LEU B 176 1.98 2.22 -14.13
C LEU B 176 3.06 3.00 -13.38
N TYR B 177 3.45 2.50 -12.21
CA TYR B 177 4.30 3.25 -11.30
C TYR B 177 5.76 3.03 -11.65
N PHE B 178 6.46 4.10 -12.01
CA PHE B 178 7.90 4.10 -12.13
C PHE B 178 8.49 4.65 -10.84
N THR B 179 9.79 4.92 -10.84
CA THR B 179 10.44 5.42 -9.63
C THR B 179 10.01 6.85 -9.32
N ASN B 180 10.01 7.73 -10.32
CA ASN B 180 9.81 9.16 -10.10
C ASN B 180 8.65 9.74 -10.88
N PHE B 181 7.80 8.91 -11.50
CA PHE B 181 6.62 9.42 -12.18
C PHE B 181 5.68 8.28 -12.54
N CYS B 182 4.41 8.41 -12.20
CA CYS B 182 3.42 7.36 -12.50
C CYS B 182 2.79 7.65 -13.85
N LEU B 183 3.00 6.74 -14.80
CA LEU B 183 2.41 6.86 -16.12
C LEU B 183 0.95 6.42 -16.03
N ASP B 184 0.04 7.37 -16.13
CA ASP B 184 -1.36 7.15 -15.80
C ASP B 184 -2.24 7.28 -17.04
N LYS B 185 -3.35 6.55 -17.03
CA LYS B 185 -4.39 6.73 -18.04
C LYS B 185 -5.69 6.23 -17.44
N LEU B 186 -6.79 6.61 -18.08
CA LEU B 186 -8.18 6.44 -17.65
C LEU B 186 -8.57 7.48 -16.60
N GLY B 187 -7.65 8.30 -16.11
CA GLY B 187 -7.99 9.33 -15.15
C GLY B 187 -8.74 8.80 -13.93
N GLN B 188 -9.40 9.68 -13.20
CA GLN B 188 -10.22 9.31 -12.06
C GLN B 188 -11.60 9.92 -12.21
N PRO B 189 -12.63 9.25 -11.69
CA PRO B 189 -13.97 9.84 -11.73
C PRO B 189 -14.10 10.96 -10.71
N LEU B 190 -15.07 11.85 -10.96
CA LEU B 190 -15.37 12.93 -10.04
C LEU B 190 -16.86 13.23 -10.10
N LEU B 191 -17.36 13.87 -9.04
CA LEU B 191 -18.77 14.21 -8.92
C LEU B 191 -19.02 15.60 -9.47
N ASN B 192 -19.88 15.69 -10.48
CA ASN B 192 -20.30 16.94 -11.10
C ASN B 192 -19.13 17.92 -11.20
N GLU B 193 -18.00 17.41 -11.69
CA GLU B 193 -16.85 18.23 -12.04
C GLU B 193 -16.42 19.12 -10.88
N ASN B 194 -16.02 18.48 -9.78
CA ASN B 194 -15.53 19.20 -8.62
C ASN B 194 -14.54 18.35 -7.85
N PRO B 195 -13.24 18.65 -7.91
CA PRO B 195 -12.28 17.85 -7.14
C PRO B 195 -12.52 17.88 -5.66
N GLN B 196 -13.05 18.98 -5.12
CA GLN B 196 -13.25 19.08 -3.68
C GLN B 196 -14.24 18.03 -3.19
N LEU B 197 -15.33 17.82 -3.93
CA LEU B 197 -16.39 16.90 -3.53
C LEU B 197 -16.13 15.47 -3.96
N SER B 198 -15.06 15.20 -4.71
CA SER B 198 -14.76 13.86 -5.16
C SER B 198 -14.01 13.09 -4.08
N GLU B 199 -13.86 11.79 -4.31
CA GLU B 199 -13.31 10.89 -3.30
C GLU B 199 -11.78 10.84 -3.32
N GLY B 200 -11.20 10.48 -4.45
CA GLY B 200 -9.77 10.23 -4.51
C GLY B 200 -8.94 11.42 -4.92
N TRP B 201 -9.50 12.62 -4.83
CA TRP B 201 -8.81 13.84 -5.24
C TRP B 201 -8.31 14.59 -4.02
N GLU B 202 -7.05 15.03 -4.07
CA GLU B 202 -6.44 15.79 -2.99
C GLU B 202 -5.56 16.88 -3.62
N ILE B 203 -6.07 18.11 -3.62
CA ILE B 203 -5.38 19.23 -4.25
C ILE B 203 -4.20 19.67 -3.39
N PRO B 204 -3.08 20.11 -3.98
CA PRO B 204 -2.00 20.67 -3.16
C PRO B 204 -2.34 22.04 -2.63
N LYS B 205 -1.38 22.68 -1.97
CA LYS B 205 -1.53 24.01 -1.41
C LYS B 205 -0.65 24.98 -2.19
N TYR B 206 -1.25 26.06 -2.68
CA TYR B 206 -0.56 27.02 -3.53
C TYR B 206 -1.03 28.42 -3.17
N HIS B 207 -0.34 29.42 -3.72
CA HIS B 207 -0.59 30.81 -3.38
C HIS B 207 -1.55 31.51 -4.33
N GLN B 208 -1.49 31.24 -5.63
CA GLN B 208 -2.36 31.88 -6.60
C GLN B 208 -2.16 33.40 -6.58
N VAL B 209 -0.95 33.79 -6.98
CA VAL B 209 -0.56 35.20 -6.91
C VAL B 209 -1.10 36.03 -8.07
N PHE B 210 -1.47 35.42 -9.19
CA PHE B 210 -1.79 36.19 -10.38
C PHE B 210 -3.23 36.72 -10.36
N SER B 211 -4.20 35.82 -10.34
CA SER B 211 -5.61 36.21 -10.34
C SER B 211 -5.95 36.99 -11.61
N HIS B 212 -5.48 36.49 -12.75
CA HIS B 212 -5.82 37.08 -14.05
C HIS B 212 -5.69 35.96 -15.10
N ILE B 213 -6.83 35.42 -15.51
CA ILE B 213 -6.85 34.34 -16.50
C ILE B 213 -6.04 34.76 -17.72
N VAL B 214 -5.37 33.80 -18.35
CA VAL B 214 -4.42 34.13 -19.40
C VAL B 214 -5.14 34.70 -20.62
N SER B 215 -6.26 34.10 -21.02
CA SER B 215 -6.94 34.53 -22.24
C SER B 215 -8.34 35.04 -21.95
N LEU B 216 -8.49 35.88 -20.93
CA LEU B 216 -9.79 36.43 -20.55
C LEU B 216 -9.55 37.53 -19.53
N GLU B 217 -10.61 38.28 -19.25
CA GLU B 217 -10.57 39.27 -18.19
C GLU B 217 -10.40 38.58 -16.83
N GLY B 218 -9.77 39.31 -15.91
CA GLY B 218 -9.46 38.75 -14.60
C GLY B 218 -10.68 38.26 -13.84
N GLN B 219 -10.45 37.77 -12.63
CA GLN B 219 -11.52 37.21 -11.82
C GLN B 219 -12.18 38.28 -10.96
N HIS B 231 -25.16 37.63 1.01
CA HIS B 231 -25.76 36.79 2.04
C HIS B 231 -24.71 36.36 3.07
N CYS B 232 -24.54 37.18 4.11
CA CYS B 232 -23.61 36.91 5.20
C CYS B 232 -22.19 36.71 4.66
N PHE B 233 -21.66 37.80 4.10
CA PHE B 233 -20.29 37.76 3.59
C PHE B 233 -19.29 37.43 4.68
N ASN B 234 -19.65 37.63 5.95
CA ASN B 234 -18.75 37.28 7.04
C ASN B 234 -18.46 35.78 7.04
N CYS B 235 -19.49 34.95 6.85
CA CYS B 235 -19.27 33.51 6.77
C CYS B 235 -18.53 33.13 5.50
N GLY B 236 -18.82 33.81 4.39
CA GLY B 236 -18.25 33.47 3.11
C GLY B 236 -19.09 32.52 2.29
N SER B 237 -20.18 32.00 2.83
CA SER B 237 -21.09 31.11 2.10
C SER B 237 -22.33 31.91 1.71
N GLU B 238 -22.64 31.93 0.41
CA GLU B 238 -23.76 32.72 -0.11
C GLU B 238 -25.04 31.87 -0.08
N GLU B 239 -25.45 31.53 1.14
CA GLU B 239 -26.69 30.79 1.35
C GLU B 239 -27.55 31.33 2.48
N HIS B 240 -27.01 32.08 3.42
CA HIS B 240 -27.79 32.60 4.54
C HIS B 240 -27.34 34.02 4.84
N GLN B 241 -28.25 34.80 5.41
CA GLN B 241 -27.99 36.18 5.79
C GLN B 241 -27.36 36.25 7.18
N MET B 242 -26.65 37.34 7.42
CA MET B 242 -26.02 37.54 8.73
C MET B 242 -27.06 37.70 9.83
N LYS B 243 -28.28 38.09 9.49
CA LYS B 243 -29.32 38.28 10.51
C LYS B 243 -29.62 36.97 11.22
N ASP B 244 -29.73 35.88 10.47
CA ASP B 244 -29.97 34.55 11.04
C ASP B 244 -28.71 33.71 11.02
N CYS B 245 -27.57 34.35 11.23
CA CYS B 245 -26.28 33.66 11.12
C CYS B 245 -26.14 32.61 12.21
N PRO B 246 -25.88 31.34 11.87
CA PRO B 246 -25.60 30.34 12.91
C PRO B 246 -24.12 30.12 13.18
N MET B 247 -23.24 30.66 12.35
CA MET B 247 -21.79 30.52 12.52
C MET B 247 -21.13 31.89 12.35
N PRO B 248 -21.37 32.80 13.30
CA PRO B 248 -20.79 34.15 13.22
C PRO B 248 -19.28 34.16 13.39
N ASN B 272 -17.43 52.24 2.97
CA ASN B 272 -18.30 52.15 4.14
C ASN B 272 -18.27 53.44 4.94
N PHE B 273 -18.72 54.53 4.30
CA PHE B 273 -18.76 55.86 4.90
C PHE B 273 -20.11 56.51 4.63
N GLN B 274 -21.19 55.78 4.88
CA GLN B 274 -22.51 56.25 4.50
C GLN B 274 -22.86 57.57 5.16
N GLN B 275 -22.27 57.87 6.32
CA GLN B 275 -22.60 59.09 7.03
C GLN B 275 -22.24 60.32 6.21
N ARG B 276 -23.17 61.27 6.15
CA ARG B 276 -22.93 62.55 5.50
C ARG B 276 -22.38 63.55 6.52
N TYR B 277 -21.72 64.58 6.01
CA TYR B 277 -21.09 65.57 6.89
C TYR B 277 -22.14 66.29 7.72
N HIS B 278 -23.28 66.64 7.12
CA HIS B 278 -24.29 67.41 7.84
C HIS B 278 -24.98 66.60 8.91
N ALA B 279 -25.00 65.27 8.79
CA ALA B 279 -25.68 64.41 9.77
C ALA B 279 -24.71 64.12 10.92
N GLU B 280 -24.54 65.14 11.77
CA GLU B 280 -23.71 65.02 12.96
C GLU B 280 -24.52 64.76 14.22
N GLU B 281 -25.64 64.05 14.10
CA GLU B 281 -26.50 63.75 15.23
C GLU B 281 -25.99 62.60 16.08
N VAL B 282 -24.72 62.21 15.90
CA VAL B 282 -24.15 61.12 16.68
C VAL B 282 -24.20 61.43 18.16
N GLU B 283 -23.96 62.69 18.53
CA GLU B 283 -23.95 63.10 19.93
C GLU B 283 -25.13 64.00 20.28
N GLU B 284 -26.17 64.03 19.45
CA GLU B 284 -27.32 64.89 19.70
C GLU B 284 -28.63 64.17 19.40
N ARG B 285 -28.64 62.83 19.47
CA ARG B 285 -29.89 62.10 19.31
C ARG B 285 -30.89 62.50 20.38
N PHE B 286 -30.42 62.65 21.62
CA PHE B 286 -31.27 63.02 22.74
C PHE B 286 -30.76 64.23 23.51
N GLY B 287 -29.51 64.64 23.32
CA GLY B 287 -28.99 65.79 24.04
C GLY B 287 -27.48 65.78 23.99
N ARG B 288 -26.89 66.74 24.70
CA ARG B 288 -25.45 66.85 24.79
C ARG B 288 -25.09 67.64 26.05
N PHE B 289 -23.97 67.26 26.67
CA PHE B 289 -23.51 67.89 27.89
C PHE B 289 -22.00 68.06 27.79
N LYS B 290 -21.37 68.43 28.91
CA LYS B 290 -19.94 68.65 28.97
C LYS B 290 -19.36 67.86 30.14
N PRO B 291 -18.08 67.49 30.05
CA PRO B 291 -17.42 66.85 31.19
C PRO B 291 -17.05 67.87 32.26
N GLY B 292 -16.81 67.36 33.46
CA GLY B 292 -16.48 68.23 34.58
C GLY B 292 -17.66 68.97 35.18
N VAL B 293 -18.47 69.62 34.34
CA VAL B 293 -19.61 70.37 34.85
C VAL B 293 -20.57 69.44 35.58
N ILE B 294 -21.43 70.03 36.40
CA ILE B 294 -22.40 69.31 37.21
C ILE B 294 -23.79 69.67 36.73
N SER B 295 -24.74 68.75 36.96
CA SER B 295 -26.13 68.96 36.57
C SER B 295 -27.05 68.72 37.78
N GLU B 296 -28.18 69.42 37.78
CA GLU B 296 -29.16 69.24 38.83
C GLU B 296 -29.68 67.80 38.85
N GLU B 297 -29.97 67.24 37.68
CA GLU B 297 -30.42 65.86 37.61
C GLU B 297 -29.37 64.91 38.15
N LEU B 298 -28.09 65.21 37.90
CA LEU B 298 -27.02 64.38 38.45
C LEU B 298 -27.09 64.36 39.97
N GLN B 299 -27.24 65.52 40.59
CA GLN B 299 -27.34 65.58 42.04
C GLN B 299 -28.58 64.84 42.53
N ASP B 300 -29.71 65.03 41.85
CA ASP B 300 -30.97 64.45 42.32
C ASP B 300 -30.95 62.93 42.24
N ALA B 301 -30.56 62.38 41.09
CA ALA B 301 -30.66 60.94 40.89
C ALA B 301 -29.82 60.18 41.91
N LEU B 302 -28.59 60.65 42.15
CA LEU B 302 -27.74 60.01 43.14
C LEU B 302 -28.26 60.22 44.56
N GLY B 303 -29.15 61.19 44.76
CA GLY B 303 -29.58 61.55 46.10
C GLY B 303 -28.62 62.45 46.84
N VAL B 304 -27.61 62.98 46.16
CA VAL B 304 -26.59 63.83 46.75
C VAL B 304 -26.79 65.25 46.24
N THR B 305 -26.82 66.22 47.15
CA THR B 305 -27.12 67.60 46.79
C THR B 305 -25.89 68.26 46.16
N ASP B 306 -26.07 69.52 45.75
CA ASP B 306 -24.99 70.25 45.08
C ASP B 306 -23.81 70.47 46.01
N LYS B 307 -24.08 70.86 47.27
CA LYS B 307 -23.00 71.17 48.19
C LYS B 307 -22.06 69.99 48.40
N SER B 308 -22.58 68.77 48.27
CA SER B 308 -21.78 67.56 48.47
C SER B 308 -21.08 67.20 47.17
N LEU B 309 -19.76 67.06 47.23
CA LEU B 309 -18.99 66.73 46.05
C LEU B 309 -19.38 65.34 45.55
N PRO B 310 -19.37 65.12 44.22
CA PRO B 310 -19.72 63.79 43.71
C PRO B 310 -18.80 62.73 44.27
N PRO B 311 -19.32 61.54 44.59
CA PRO B 311 -18.49 60.55 45.26
C PRO B 311 -17.36 60.03 44.38
N PHE B 312 -17.64 59.73 43.12
CA PHE B 312 -16.61 59.17 42.25
C PHE B 312 -15.38 60.07 42.20
N ILE B 313 -15.58 61.38 42.34
CA ILE B 313 -14.45 62.31 42.33
C ILE B 313 -13.37 61.82 43.28
N TYR B 314 -13.77 61.41 44.48
CA TYR B 314 -12.81 60.83 45.43
C TYR B 314 -12.00 59.74 44.75
N ARG B 315 -12.66 58.67 44.33
CA ARG B 315 -11.95 57.58 43.66
C ARG B 315 -11.20 58.09 42.45
N MET B 316 -11.70 59.15 41.81
CA MET B 316 -10.99 59.70 40.66
C MET B 316 -9.59 60.14 41.05
N ARG B 317 -9.46 60.93 42.12
CA ARG B 317 -8.13 61.28 42.58
C ARG B 317 -7.42 60.08 43.20
N GLN B 318 -8.17 59.06 43.62
CA GLN B 318 -7.54 57.79 43.99
C GLN B 318 -6.92 57.12 42.77
N LEU B 319 -7.52 57.30 41.60
CA LEU B 319 -6.99 56.72 40.37
C LEU B 319 -6.10 57.71 39.63
N GLY B 320 -6.65 58.87 39.29
CA GLY B 320 -5.93 59.90 38.58
C GLY B 320 -6.81 60.50 37.50
N TYR B 321 -6.18 61.16 36.56
CA TYR B 321 -6.91 61.76 35.45
C TYR B 321 -7.38 60.66 34.49
N PRO B 322 -8.67 60.59 34.17
CA PRO B 322 -9.14 59.54 33.26
C PRO B 322 -8.41 59.60 31.94
N PRO B 323 -8.07 58.44 31.36
CA PRO B 323 -7.34 58.46 30.08
C PRO B 323 -8.26 58.66 28.89
N GLY B 324 -9.52 58.25 29.02
CA GLY B 324 -10.42 58.29 27.88
C GLY B 324 -10.56 59.69 27.30
N TRP B 325 -10.78 60.68 28.17
CA TRP B 325 -10.80 62.06 27.71
C TRP B 325 -9.41 62.62 27.49
N LEU B 326 -8.38 61.99 28.06
CA LEU B 326 -7.03 62.48 27.86
C LEU B 326 -6.63 62.39 26.39
N LYS B 327 -6.97 61.27 25.73
CA LYS B 327 -6.56 61.11 24.34
C LYS B 327 -7.22 62.13 23.44
N GLU B 328 -8.44 62.56 23.78
CA GLU B 328 -9.14 63.54 22.95
C GLU B 328 -8.36 64.85 22.84
N ALA B 329 -7.51 65.15 23.81
CA ALA B 329 -6.69 66.35 23.77
C ALA B 329 -5.26 66.07 23.31
N GLU B 330 -5.01 64.87 22.79
CA GLU B 330 -3.66 64.45 22.42
C GLU B 330 -3.63 64.14 20.92
N LEU B 331 -2.62 64.69 20.23
CA LEU B 331 -2.42 64.44 18.82
C LEU B 331 -1.08 63.74 18.63
N GLU B 332 -1.08 62.67 17.85
CA GLU B 332 0.12 61.88 17.60
C GLU B 332 0.72 62.28 16.27
N ASN B 333 1.95 62.77 16.28
CA ASN B 333 2.61 63.20 15.06
C ASN B 333 2.86 62.02 14.13
N SER B 334 2.59 62.22 12.85
CA SER B 334 2.82 61.18 11.86
C SER B 334 4.31 60.93 11.69
N GLY B 335 4.68 59.66 11.61
CA GLY B 335 6.07 59.27 11.44
C GLY B 335 6.58 59.28 10.02
N LEU B 336 5.75 59.69 9.06
CA LEU B 336 6.16 59.65 7.66
C LEU B 336 7.37 60.54 7.43
N ALA B 337 8.26 60.09 6.56
CA ALA B 337 9.45 60.84 6.19
C ALA B 337 9.63 60.80 4.68
N LEU B 338 10.32 61.79 4.16
CA LEU B 338 10.56 61.91 2.72
C LEU B 338 11.84 61.18 2.38
N TYR B 339 11.72 60.09 1.61
CA TYR B 339 12.89 59.33 1.15
C TYR B 339 13.41 59.97 -0.13
N ASP B 340 13.94 61.17 0.02
CA ASP B 340 14.52 61.87 -1.10
C ASP B 340 15.63 61.05 -1.73
N GLY B 341 15.68 61.05 -3.06
CA GLY B 341 16.68 60.29 -3.79
C GLY B 341 18.10 60.62 -3.37
N LYS B 358 8.51 59.67 18.81
CA LYS B 358 7.65 60.72 18.25
C LYS B 358 7.10 61.60 19.36
N SER B 359 7.35 62.91 19.25
CA SER B 359 6.88 63.85 20.25
C SER B 359 5.36 64.02 20.14
N VAL B 360 4.61 63.16 20.84
CA VAL B 360 3.17 63.22 20.76
C VAL B 360 2.68 64.57 21.24
N THR B 361 1.85 65.23 20.44
CA THR B 361 1.39 66.57 20.73
C THR B 361 0.14 66.55 21.60
N TYR B 362 0.02 67.56 22.46
CA TYR B 362 -1.12 67.71 23.34
C TYR B 362 -1.78 69.06 23.12
N ASP B 363 -3.11 69.07 23.09
CA ASP B 363 -3.89 70.31 22.99
C ASP B 363 -4.30 70.70 24.40
N LEU B 364 -3.50 71.55 25.04
CA LEU B 364 -3.75 71.92 26.43
C LEU B 364 -5.13 72.55 26.58
N SER B 365 -5.55 73.35 25.59
CA SER B 365 -6.84 74.03 25.69
C SER B 365 -8.01 73.06 25.76
N LYS B 366 -7.83 71.83 25.28
CA LYS B 366 -8.89 70.84 25.31
C LYS B 366 -8.91 70.01 26.59
N LEU B 367 -7.96 70.25 27.49
CA LEU B 367 -7.95 69.53 28.76
C LEU B 367 -9.13 69.97 29.62
N VAL B 368 -9.77 68.98 30.26
CA VAL B 368 -10.97 69.23 31.06
C VAL B 368 -10.56 69.64 32.47
N ASN B 369 -11.45 70.34 33.14
CA ASN B 369 -11.24 70.81 34.51
C ASN B 369 -12.09 69.99 35.47
N TYR B 370 -11.45 69.49 36.53
CA TYR B 370 -12.14 68.71 37.57
C TYR B 370 -11.86 69.37 38.91
N PRO B 371 -12.74 70.27 39.36
CA PRO B 371 -12.52 70.90 40.66
C PRO B 371 -12.38 69.88 41.78
N GLY B 372 -11.42 70.11 42.66
CA GLY B 372 -11.14 69.22 43.76
C GLY B 372 -10.15 68.11 43.45
N PHE B 373 -9.89 67.86 42.17
CA PHE B 373 -8.94 66.83 41.76
C PHE B 373 -7.72 67.43 41.08
N ASN B 374 -7.91 68.23 40.03
CA ASN B 374 -6.81 68.86 39.32
C ASN B 374 -6.77 70.37 39.50
N ILE B 375 -7.81 70.96 40.10
CA ILE B 375 -7.88 72.39 40.33
C ILE B 375 -8.33 72.61 41.77
N SER B 376 -8.05 73.82 42.27
CA SER B 376 -8.41 74.19 43.63
C SER B 376 -9.81 73.68 43.99
N THR B 377 -9.94 73.13 45.18
CA THR B 377 -11.20 72.56 45.61
C THR B 377 -12.27 73.65 45.67
N PRO B 378 -13.50 73.36 45.27
CA PRO B 378 -14.55 74.39 45.32
C PRO B 378 -14.76 74.90 46.74
N ARG B 379 -15.03 76.19 46.85
CA ARG B 379 -15.28 76.79 48.15
C ARG B 379 -16.55 76.22 48.76
N GLY B 380 -16.51 76.01 50.08
CA GLY B 380 -17.67 75.52 50.80
C GLY B 380 -17.90 74.04 50.72
N ILE B 381 -17.04 73.30 50.01
CA ILE B 381 -17.16 71.86 49.88
C ILE B 381 -15.89 71.24 50.46
N PRO B 382 -15.92 70.83 51.74
CA PRO B 382 -14.70 70.31 52.36
C PRO B 382 -14.19 69.08 51.64
N ASP B 383 -12.86 68.97 51.55
CA ASP B 383 -12.21 67.81 50.93
C ASP B 383 -12.33 66.64 51.90
N GLU B 384 -13.52 66.03 51.91
CA GLU B 384 -13.81 64.95 52.82
C GLU B 384 -13.26 63.63 52.28
N TRP B 385 -11.97 63.63 51.92
CA TRP B 385 -11.34 62.41 51.45
C TRP B 385 -11.37 61.31 52.50
N ARG B 386 -11.50 61.67 53.78
CA ARG B 386 -11.53 60.66 54.84
C ARG B 386 -12.70 59.70 54.65
N ILE B 387 -13.87 60.23 54.31
CA ILE B 387 -15.05 59.40 54.15
C ILE B 387 -14.93 58.61 52.85
N PHE B 388 -15.29 57.32 52.93
CA PHE B 388 -15.36 56.45 51.76
C PHE B 388 -13.99 56.06 51.24
N GLY B 389 -12.93 56.64 51.81
CA GLY B 389 -11.58 56.27 51.44
C GLY B 389 -11.03 57.13 50.33
N SER B 390 -10.03 57.95 50.64
CA SER B 390 -9.39 58.81 49.65
C SER B 390 -8.23 59.57 50.28
N ILE B 391 -7.56 60.40 49.49
CA ILE B 391 -6.45 61.21 49.99
C ILE B 391 -6.73 62.66 49.63
N PRO B 392 -6.14 63.60 50.38
CA PRO B 392 -6.35 65.01 50.06
C PRO B 392 -5.81 65.36 48.68
N MET B 393 -6.44 66.36 48.06
CA MET B 393 -6.05 66.77 46.72
C MET B 393 -4.54 66.98 46.66
N GLN B 394 -3.91 66.36 45.66
CA GLN B 394 -2.47 66.33 45.55
C GLN B 394 -1.98 67.29 44.48
N ALA B 395 -0.83 67.90 44.73
CA ALA B 395 -0.24 68.81 43.75
C ALA B 395 0.11 68.07 42.47
N CYS B 396 0.61 66.84 42.59
CA CYS B 396 0.99 66.08 41.39
C CYS B 396 -0.21 65.90 40.47
N GLN B 397 -1.38 65.60 41.03
CA GLN B 397 -2.59 65.46 40.23
C GLN B 397 -3.09 66.78 39.68
N GLN B 398 -2.53 67.91 40.12
CA GLN B 398 -2.99 69.20 39.65
C GLN B 398 -2.82 69.31 38.14
N LYS B 399 -3.76 70.00 37.50
CA LYS B 399 -3.77 70.10 36.04
C LYS B 399 -2.50 70.76 35.53
N ASP B 400 -2.18 71.94 36.05
CA ASP B 400 -1.05 72.71 35.54
C ASP B 400 0.27 71.96 35.73
N VAL B 401 0.42 71.28 36.87
CA VAL B 401 1.66 70.57 37.14
C VAL B 401 1.98 69.60 36.01
N PHE B 402 1.08 68.65 35.76
CA PHE B 402 1.34 67.67 34.72
C PHE B 402 1.33 68.31 33.34
N ALA B 403 0.52 69.35 33.13
CA ALA B 403 0.48 70.01 31.84
C ALA B 403 1.85 70.57 31.47
N ASN B 404 2.51 71.24 32.42
CA ASN B 404 3.86 71.73 32.19
C ASN B 404 4.87 70.60 32.20
N TYR B 405 4.56 69.49 32.89
CA TYR B 405 5.48 68.35 32.90
C TYR B 405 5.68 67.80 31.50
N LEU B 406 4.61 67.73 30.71
CA LEU B 406 4.70 67.25 29.34
C LEU B 406 5.76 68.02 28.56
N PRO B 570 -20.95 79.85 -48.88
CA PRO B 570 -21.57 78.53 -48.70
C PRO B 570 -22.51 78.48 -47.50
N ILE B 571 -22.06 79.01 -46.36
CA ILE B 571 -22.91 79.02 -45.17
C ILE B 571 -24.09 79.96 -45.40
N PRO B 572 -25.32 79.55 -45.11
CA PRO B 572 -26.45 80.47 -45.31
C PRO B 572 -26.34 81.70 -44.44
N ASP B 573 -26.92 82.80 -44.91
CA ASP B 573 -26.89 84.05 -44.17
C ASP B 573 -27.68 83.92 -42.87
N MET B 574 -27.38 84.82 -41.93
CA MET B 574 -28.05 84.78 -40.64
C MET B 574 -29.56 84.91 -40.79
N SER B 575 -30.01 85.77 -41.69
CA SER B 575 -31.45 86.00 -41.83
C SER B 575 -32.19 84.72 -42.13
N LYS B 576 -31.57 83.82 -42.91
CA LYS B 576 -32.24 82.58 -43.28
C LYS B 576 -32.50 81.72 -42.05
N PHE B 577 -31.56 81.68 -41.11
CA PHE B 577 -31.73 80.83 -39.93
C PHE B 577 -32.95 81.24 -39.12
N ALA B 578 -33.16 82.54 -38.93
CA ALA B 578 -34.18 83.04 -38.03
C ALA B 578 -35.59 82.94 -38.58
N THR B 579 -35.80 82.25 -39.70
CA THR B 579 -37.11 82.11 -40.31
C THR B 579 -37.68 80.74 -39.99
N GLY B 580 -38.94 80.71 -39.56
CA GLY B 580 -39.61 79.48 -39.20
C GLY B 580 -39.46 79.08 -37.75
N ILE B 581 -38.61 79.77 -36.99
CA ILE B 581 -38.41 79.47 -35.58
C ILE B 581 -38.46 80.77 -34.79
N THR B 582 -38.85 80.68 -33.54
CA THR B 582 -38.94 81.87 -32.70
C THR B 582 -37.55 82.49 -32.53
N PRO B 583 -37.45 83.82 -32.53
CA PRO B 583 -36.14 84.45 -32.34
C PRO B 583 -35.61 84.24 -30.93
N PHE B 584 -34.30 84.25 -30.81
CA PHE B 584 -33.68 84.10 -29.50
C PHE B 584 -34.07 85.26 -28.60
N GLU B 585 -34.31 84.95 -27.32
CA GLU B 585 -34.73 85.94 -26.34
C GLU B 585 -33.75 85.94 -25.17
N PHE B 586 -33.53 87.11 -24.60
CA PHE B 586 -32.68 87.25 -23.42
C PHE B 586 -33.55 86.99 -22.19
N GLU B 587 -33.61 85.74 -21.77
CA GLU B 587 -34.47 85.32 -20.68
C GLU B 587 -33.72 85.39 -19.34
N ASN B 588 -34.49 85.38 -18.26
CA ASN B 588 -33.93 85.44 -16.90
C ASN B 588 -33.06 86.68 -16.73
N MET B 589 -33.47 87.79 -17.34
CA MET B 589 -32.72 89.02 -17.21
C MET B 589 -32.62 89.44 -15.75
N ALA B 590 -31.44 89.86 -15.34
CA ALA B 590 -31.19 90.25 -13.95
C ALA B 590 -30.10 91.31 -13.94
N GLU B 591 -29.63 91.66 -12.74
CA GLU B 591 -28.56 92.64 -12.59
C GLU B 591 -27.75 92.29 -11.35
N SER B 592 -26.51 92.78 -11.34
CA SER B 592 -25.62 92.50 -10.22
C SER B 592 -26.19 93.07 -8.93
N THR B 593 -26.04 92.32 -7.85
CA THR B 593 -26.50 92.75 -6.53
C THR B 593 -25.36 93.28 -5.66
N GLY B 594 -24.14 93.30 -6.16
CA GLY B 594 -23.02 93.84 -5.40
C GLY B 594 -22.55 92.98 -4.26
N MET B 595 -23.01 91.74 -4.16
CA MET B 595 -22.62 90.89 -3.03
C MET B 595 -21.13 90.59 -3.06
N TYR B 596 -20.57 90.36 -4.25
CA TYR B 596 -19.15 90.06 -4.33
C TYR B 596 -18.31 91.23 -3.82
N LEU B 597 -18.73 92.46 -4.12
CA LEU B 597 -17.97 93.62 -3.67
C LEU B 597 -17.95 93.70 -2.15
N ARG B 598 -19.11 93.53 -1.51
CA ARG B 598 -19.16 93.60 -0.06
C ARG B 598 -18.37 92.46 0.56
N ILE B 599 -18.45 91.26 -0.03
CA ILE B 599 -17.69 90.14 0.50
C ILE B 599 -16.20 90.45 0.43
N ARG B 600 -15.73 90.96 -0.72
CA ARG B 600 -14.32 91.28 -0.85
C ARG B 600 -13.91 92.36 0.15
N SER B 601 -14.77 93.34 0.37
CA SER B 601 -14.47 94.38 1.34
C SER B 601 -14.33 93.79 2.74
N LEU B 602 -15.19 92.83 3.09
CA LEU B 602 -15.12 92.22 4.42
C LEU B 602 -13.73 91.65 4.69
N LEU B 603 -13.30 90.66 3.91
CA LEU B 603 -12.00 90.05 4.11
C LEU B 603 -10.91 90.77 3.32
N LYS B 604 -10.86 92.09 3.49
CA LYS B 604 -9.83 92.88 2.82
C LYS B 604 -8.44 92.49 3.33
N ASN B 605 -8.31 92.25 4.64
CA ASN B 605 -7.05 91.85 5.25
C ASN B 605 -7.11 90.35 5.50
N SER B 606 -6.65 89.58 4.53
CA SER B 606 -6.61 88.13 4.58
C SER B 606 -5.22 87.66 4.24
N PRO B 607 -4.86 86.42 4.58
CA PRO B 607 -3.49 85.97 4.37
C PRO B 607 -3.00 86.18 2.96
N ARG B 608 -3.85 85.95 1.95
CA ARG B 608 -3.44 86.23 0.58
C ARG B 608 -3.17 87.71 0.38
N ASN B 609 -4.05 88.57 0.89
CA ASN B 609 -3.88 90.01 0.69
C ASN B 609 -2.68 90.54 1.45
N GLN B 610 -2.56 90.21 2.74
CA GLN B 610 -1.48 90.75 3.54
C GLN B 610 -0.14 90.13 3.18
N GLN B 611 -0.13 89.00 2.48
CA GLN B 611 1.10 88.42 1.96
C GLN B 611 1.38 88.87 0.53
N LYS B 612 0.57 89.75 -0.02
CA LYS B 612 0.77 90.23 -1.38
C LYS B 612 1.79 91.37 -1.40
N GLU C 4 -16.88 47.86 17.95
CA GLU C 4 -18.22 48.21 18.42
C GLU C 4 -18.54 47.45 19.71
N ALA C 5 -18.59 46.12 19.62
CA ALA C 5 -18.93 45.32 20.79
C ALA C 5 -17.93 45.52 21.92
N ASP C 6 -16.64 45.61 21.59
CA ASP C 6 -15.63 45.75 22.63
C ASP C 6 -15.83 47.03 23.43
N ARG C 7 -16.14 48.13 22.76
CA ARG C 7 -16.32 49.40 23.44
C ARG C 7 -17.66 49.50 24.17
N THR C 8 -18.60 48.59 23.90
CA THR C 8 -19.88 48.63 24.57
C THR C 8 -19.73 48.19 26.03
N LEU C 9 -20.74 48.50 26.83
CA LEU C 9 -20.75 48.14 28.24
C LEU C 9 -22.19 47.93 28.67
N PHE C 10 -22.49 46.73 29.18
CA PHE C 10 -23.82 46.36 29.61
C PHE C 10 -24.05 46.82 31.04
N VAL C 11 -25.29 47.18 31.36
CA VAL C 11 -25.65 47.67 32.67
C VAL C 11 -26.94 47.01 33.13
N GLY C 12 -27.09 46.90 34.45
CA GLY C 12 -28.27 46.29 35.03
C GLY C 12 -28.57 46.89 36.39
N ASN C 13 -29.77 46.59 36.88
CA ASN C 13 -30.27 47.14 38.14
C ASN C 13 -30.38 48.66 38.06
N LEU C 14 -31.21 49.11 37.11
CA LEU C 14 -31.52 50.52 36.94
C LEU C 14 -32.93 50.80 37.45
N GLU C 15 -33.07 51.85 38.24
CA GLU C 15 -34.36 52.17 38.83
C GLU C 15 -35.33 52.68 37.76
N THR C 16 -36.59 52.79 38.13
CA THR C 16 -37.64 53.15 37.17
C THR C 16 -37.38 54.51 36.55
N LYS C 17 -37.05 55.51 37.37
CA LYS C 17 -36.86 56.86 36.84
C LYS C 17 -35.54 57.01 36.09
N VAL C 18 -34.68 56.00 36.09
CA VAL C 18 -33.41 56.09 35.39
C VAL C 18 -33.69 56.16 33.89
N THR C 19 -33.43 57.31 33.29
CA THR C 19 -33.56 57.50 31.85
C THR C 19 -32.18 57.55 31.21
N GLU C 20 -32.16 57.36 29.88
CA GLU C 20 -30.90 57.35 29.16
C GLU C 20 -30.12 58.64 29.36
N GLU C 21 -30.83 59.74 29.60
CA GLU C 21 -30.14 61.01 29.80
C GLU C 21 -29.26 60.97 31.04
N LEU C 22 -29.78 60.40 32.13
CA LEU C 22 -29.00 60.30 33.35
C LEU C 22 -27.74 59.47 33.14
N LEU C 23 -27.88 58.31 32.49
CA LEU C 23 -26.72 57.46 32.24
C LEU C 23 -25.73 58.16 31.33
N PHE C 24 -26.22 58.85 30.30
CA PHE C 24 -25.33 59.57 29.40
C PHE C 24 -24.56 60.64 30.14
N GLU C 25 -25.23 61.41 31.00
CA GLU C 25 -24.54 62.42 31.78
C GLU C 25 -23.50 61.79 32.70
N LEU C 26 -23.86 60.69 33.36
CA LEU C 26 -22.93 60.05 34.29
C LEU C 26 -21.69 59.55 33.57
N PHE C 27 -21.87 58.91 32.41
CA PHE C 27 -20.75 58.29 31.71
C PHE C 27 -20.00 59.26 30.81
N HIS C 28 -20.53 60.45 30.57
CA HIS C 28 -19.77 61.45 29.84
C HIS C 28 -18.50 61.82 30.61
N GLN C 29 -18.61 61.93 31.93
CA GLN C 29 -17.43 62.19 32.75
C GLN C 29 -16.43 61.05 32.61
N ALA C 30 -16.90 59.81 32.62
CA ALA C 30 -16.01 58.68 32.46
C ALA C 30 -15.31 58.72 31.11
N GLY C 31 -16.05 59.02 30.05
CA GLY C 31 -15.48 59.06 28.71
C GLY C 31 -16.49 59.55 27.70
N PRO C 32 -16.07 59.68 26.45
CA PRO C 32 -17.01 60.05 25.39
C PRO C 32 -18.09 58.99 25.19
N VAL C 33 -19.34 59.35 25.49
CA VAL C 33 -20.46 58.42 25.42
C VAL C 33 -21.04 58.50 24.01
N ILE C 34 -20.83 57.45 23.22
CA ILE C 34 -21.35 57.44 21.85
C ILE C 34 -22.87 57.49 21.87
N LYS C 35 -23.49 56.59 22.65
CA LYS C 35 -24.94 56.55 22.78
C LYS C 35 -25.28 55.52 23.85
N VAL C 36 -26.59 55.37 24.09
CA VAL C 36 -27.08 54.48 25.14
C VAL C 36 -28.39 53.86 24.66
N LYS C 37 -28.62 52.62 25.10
CA LYS C 37 -29.79 51.84 24.74
C LYS C 37 -30.50 51.41 26.01
N ILE C 38 -31.82 51.58 26.05
CA ILE C 38 -32.64 51.05 27.13
C ILE C 38 -33.82 50.31 26.52
N PRO C 39 -33.62 49.12 25.96
CA PRO C 39 -34.73 48.42 25.30
C PRO C 39 -35.89 48.21 26.26
N LYS C 40 -37.11 48.35 25.74
CA LYS C 40 -38.33 48.17 26.50
C LYS C 40 -39.04 46.92 26.00
N ASP C 41 -39.31 45.99 26.91
CA ASP C 41 -40.00 44.76 26.57
C ASP C 41 -41.49 45.04 26.47
N LYS C 42 -42.30 43.99 26.46
CA LYS C 42 -43.76 44.13 26.35
C LYS C 42 -44.36 44.55 27.70
N ASP C 43 -43.84 45.67 28.21
CA ASP C 43 -44.29 46.22 29.49
C ASP C 43 -44.56 47.71 29.47
N GLY C 44 -44.09 48.45 28.47
CA GLY C 44 -44.31 49.87 28.39
C GLY C 44 -43.20 50.73 28.95
N LYS C 45 -42.24 50.13 29.65
CA LYS C 45 -41.10 50.84 30.22
C LYS C 45 -39.82 50.16 29.79
N PRO C 46 -38.70 50.89 29.78
CA PRO C 46 -37.42 50.26 29.43
C PRO C 46 -37.04 49.18 30.42
N LYS C 47 -36.38 48.15 29.93
CA LYS C 47 -35.96 47.05 30.78
C LYS C 47 -35.05 47.56 31.88
N GLN C 48 -34.81 46.69 32.87
CA GLN C 48 -33.93 47.04 33.97
C GLN C 48 -32.46 47.05 33.56
N PHE C 49 -32.14 46.62 32.34
CA PHE C 49 -30.77 46.66 31.84
C PHE C 49 -30.63 47.81 30.85
N ALA C 50 -29.41 47.98 30.34
CA ALA C 50 -29.13 49.01 29.35
C ALA C 50 -27.77 48.73 28.74
N PHE C 51 -27.44 49.50 27.72
CA PHE C 51 -26.13 49.46 27.07
C PHE C 51 -25.60 50.87 26.92
N VAL C 52 -24.29 51.03 27.04
CA VAL C 52 -23.64 52.32 26.84
C VAL C 52 -22.43 52.11 25.95
N ASN C 53 -22.23 52.99 24.98
CA ASN C 53 -21.14 52.88 24.01
C ASN C 53 -20.15 54.02 24.24
N PHE C 54 -18.89 53.66 24.45
CA PHE C 54 -17.81 54.62 24.60
C PHE C 54 -17.01 54.73 23.30
N LYS C 55 -16.52 55.93 23.02
CA LYS C 55 -15.70 56.15 21.83
C LYS C 55 -14.41 55.35 21.90
N HIS C 56 -13.78 55.30 23.07
CA HIS C 56 -12.51 54.64 23.26
C HIS C 56 -12.68 53.43 24.17
N GLU C 57 -12.08 52.30 23.77
CA GLU C 57 -12.14 51.11 24.61
C GLU C 57 -11.54 51.36 25.98
N VAL C 58 -10.58 52.26 26.09
CA VAL C 58 -9.91 52.51 27.36
C VAL C 58 -10.92 52.92 28.42
N SER C 59 -12.04 53.52 28.01
CA SER C 59 -13.06 53.91 28.96
C SER C 59 -13.68 52.70 29.64
N VAL C 60 -13.94 51.63 28.87
CA VAL C 60 -14.67 50.49 29.42
C VAL C 60 -14.00 49.95 30.67
N PRO C 61 -12.69 49.69 30.70
CA PRO C 61 -12.05 49.32 31.98
C PRO C 61 -12.12 50.44 33.00
N TYR C 62 -11.68 51.64 32.62
CA TYR C 62 -11.62 52.73 33.59
C TYR C 62 -12.97 52.99 34.23
N ALA C 63 -14.03 53.03 33.42
CA ALA C 63 -15.37 53.21 33.97
C ALA C 63 -15.67 52.12 34.99
N MET C 64 -15.38 50.86 34.64
CA MET C 64 -15.53 49.79 35.61
C MET C 64 -14.64 50.02 36.82
N ASN C 65 -13.41 50.49 36.58
CA ASN C 65 -12.51 50.83 37.68
C ASN C 65 -13.04 52.00 38.50
N LEU C 66 -13.93 52.82 37.92
CA LEU C 66 -14.40 54.03 38.56
C LEU C 66 -15.81 53.90 39.12
N LEU C 67 -16.76 53.40 38.33
CA LEU C 67 -18.16 53.36 38.70
C LEU C 67 -18.67 51.92 38.67
N ASN C 68 -19.35 51.53 39.74
CA ASN C 68 -20.08 50.27 39.79
C ASN C 68 -20.89 50.25 41.08
N GLY C 69 -22.11 49.73 41.01
CA GLY C 69 -22.96 49.70 42.18
C GLY C 69 -23.23 51.07 42.75
N ILE C 70 -23.38 52.07 41.89
CA ILE C 70 -23.61 53.43 42.34
C ILE C 70 -25.08 53.60 42.71
N LYS C 71 -25.34 54.17 43.88
CA LYS C 71 -26.69 54.22 44.44
C LYS C 71 -27.46 55.35 43.77
N LEU C 72 -28.21 55.02 42.73
CA LEU C 72 -29.09 55.96 42.05
C LEU C 72 -30.53 55.58 42.32
N TYR C 73 -31.33 56.55 42.76
CA TYR C 73 -32.74 56.31 43.08
C TYR C 73 -32.89 55.21 44.12
N GLY C 74 -31.99 55.20 45.10
CA GLY C 74 -32.04 54.18 46.14
C GLY C 74 -31.85 52.78 45.63
N ARG C 75 -30.92 52.59 44.69
CA ARG C 75 -30.59 51.27 44.19
C ARG C 75 -29.24 51.31 43.47
N PRO C 76 -28.30 50.44 43.83
CA PRO C 76 -27.02 50.41 43.10
C PRO C 76 -27.20 49.85 41.70
N ILE C 77 -26.20 50.12 40.86
CA ILE C 77 -26.21 49.74 39.45
C ILE C 77 -25.02 48.83 39.18
N LYS C 78 -25.28 47.69 38.54
CA LYS C 78 -24.23 46.75 38.20
C LYS C 78 -23.82 46.92 36.75
N ILE C 79 -22.55 46.66 36.47
CA ILE C 79 -21.97 46.87 35.16
C ILE C 79 -21.25 45.59 34.74
N GLN C 80 -21.54 45.12 33.53
CA GLN C 80 -20.98 43.90 32.99
C GLN C 80 -20.61 44.10 31.54
N PHE C 81 -20.11 43.04 30.92
CA PHE C 81 -19.75 43.03 29.51
C PHE C 81 -20.69 42.09 28.76
N ARG C 82 -20.41 41.88 27.48
CA ARG C 82 -21.26 41.04 26.63
C ARG C 82 -21.38 39.64 27.21
N MET E 99 -2.42 -84.43 -8.79
CA MET E 99 -3.25 -83.61 -7.90
C MET E 99 -3.51 -84.34 -6.58
N PRO E 100 -3.43 -83.62 -5.46
CA PRO E 100 -3.70 -84.25 -4.17
C PRO E 100 -5.15 -84.66 -4.04
N ARG E 101 -5.38 -85.71 -3.24
CA ARG E 101 -6.73 -86.17 -2.97
C ARG E 101 -6.72 -86.75 -1.55
N VAL E 102 -7.10 -85.91 -0.59
CA VAL E 102 -7.00 -86.26 0.82
C VAL E 102 -8.27 -85.81 1.53
N LYS E 103 -8.76 -86.65 2.43
CA LYS E 103 -9.99 -86.40 3.17
C LYS E 103 -9.65 -86.07 4.62
N VAL E 104 -10.22 -85.00 5.14
CA VAL E 104 -9.98 -84.54 6.50
C VAL E 104 -11.23 -84.85 7.31
N GLN E 105 -11.17 -85.92 8.10
CA GLN E 105 -12.27 -86.31 8.97
C GLN E 105 -12.07 -85.70 10.34
N SER E 106 -13.04 -84.90 10.78
CA SER E 106 -12.96 -84.22 12.06
C SER E 106 -13.39 -85.18 13.16
N VAL E 107 -12.42 -85.85 13.77
CA VAL E 107 -12.73 -86.78 14.85
C VAL E 107 -13.29 -86.02 16.04
N GLU E 108 -14.37 -86.54 16.60
CA GLU E 108 -14.92 -85.94 17.81
C GLU E 108 -13.92 -86.05 18.95
N THR E 109 -13.94 -85.06 19.84
CA THR E 109 -13.04 -85.05 20.98
C THR E 109 -13.65 -84.23 22.10
N VAL E 110 -13.11 -84.43 23.30
CA VAL E 110 -13.55 -83.69 24.47
C VAL E 110 -13.09 -82.23 24.34
N GLU E 111 -13.64 -81.36 25.18
CA GLU E 111 -13.29 -79.95 25.12
C GLU E 111 -11.82 -79.75 25.46
N GLY E 112 -11.21 -78.76 24.80
CA GLY E 112 -9.83 -78.39 25.00
C GLY E 112 -8.95 -78.64 23.79
N CYS E 113 -9.25 -79.67 23.01
CA CYS E 113 -8.46 -80.02 21.84
C CYS E 113 -9.38 -80.26 20.65
N THR E 114 -8.82 -80.09 19.47
CA THR E 114 -9.53 -80.29 18.21
C THR E 114 -8.79 -81.37 17.43
N HIS E 115 -9.22 -82.62 17.58
CA HIS E 115 -8.53 -83.76 17.00
C HIS E 115 -9.15 -84.07 15.63
N GLU E 116 -8.35 -83.93 14.58
CA GLU E 116 -8.85 -84.24 13.24
C GLU E 116 -7.78 -84.97 12.44
N VAL E 117 -8.20 -85.92 11.62
CA VAL E 117 -7.28 -86.82 10.94
C VAL E 117 -7.40 -86.59 9.44
N ALA E 118 -6.25 -86.38 8.79
CA ALA E 118 -6.18 -86.29 7.34
C ALA E 118 -5.65 -87.62 6.81
N LEU E 119 -6.41 -88.25 5.93
CA LEU E 119 -6.09 -89.58 5.43
C LEU E 119 -6.47 -89.66 3.96
N PRO E 120 -5.86 -90.58 3.21
CA PRO E 120 -6.07 -90.60 1.77
C PRO E 120 -7.55 -90.76 1.41
N ALA E 121 -7.94 -90.10 0.33
CA ALA E 121 -9.36 -89.96 0.02
C ALA E 121 -10.03 -91.32 -0.13
N GLU E 122 -9.41 -92.24 -0.86
CA GLU E 122 -10.04 -93.52 -1.12
C GLU E 122 -10.19 -94.36 0.14
N GLU E 123 -9.43 -94.07 1.19
CA GLU E 123 -9.52 -94.86 2.41
C GLU E 123 -10.82 -94.56 3.15
N ASP E 124 -11.10 -95.41 4.14
CA ASP E 124 -12.27 -95.27 5.00
C ASP E 124 -11.80 -95.10 6.44
N TYR E 125 -12.18 -93.99 7.06
CA TYR E 125 -11.77 -93.73 8.42
C TYR E 125 -12.37 -94.76 9.37
N LEU E 126 -11.57 -95.17 10.35
CA LEU E 126 -12.04 -96.08 11.39
C LEU E 126 -11.58 -95.56 12.75
N PRO E 127 -12.30 -95.88 13.81
CA PRO E 127 -11.93 -95.38 15.14
C PRO E 127 -10.61 -95.97 15.60
N LEU E 128 -9.93 -95.20 16.45
CA LEU E 128 -8.64 -95.62 17.00
C LEU E 128 -8.87 -96.65 18.10
N LYS E 129 -8.16 -97.76 18.02
CA LYS E 129 -8.29 -98.79 19.04
C LYS E 129 -7.73 -98.28 20.37
N PRO E 130 -8.34 -98.65 21.49
CA PRO E 130 -7.75 -98.27 22.79
C PRO E 130 -6.39 -98.90 23.00
N ARG E 131 -5.76 -98.59 24.13
CA ARG E 131 -4.47 -99.19 24.44
C ARG E 131 -4.59 -100.70 24.55
N VAL E 132 -3.55 -101.40 24.12
CA VAL E 132 -3.44 -102.84 24.27
C VAL E 132 -2.22 -103.13 25.15
N GLY E 133 -2.45 -103.83 26.25
CA GLY E 133 -1.37 -104.13 27.17
C GLY E 133 -1.00 -102.96 28.05
N LYS E 134 0.04 -103.18 28.86
CA LYS E 134 0.49 -102.15 29.78
C LYS E 134 0.97 -100.91 29.02
N ALA E 135 0.67 -99.75 29.57
CA ALA E 135 1.13 -98.51 28.97
C ALA E 135 2.65 -98.44 28.98
N ALA E 136 3.21 -97.80 27.95
CA ALA E 136 4.66 -97.79 27.78
C ALA E 136 5.35 -97.24 29.03
N LYS E 137 4.91 -96.08 29.51
CA LYS E 137 5.45 -95.50 30.73
C LYS E 137 4.34 -94.79 31.48
N GLU E 138 4.52 -94.67 32.79
CA GLU E 138 3.54 -94.07 33.68
C GLU E 138 4.06 -92.74 34.20
N TYR E 139 3.16 -91.77 34.32
CA TYR E 139 3.53 -90.45 34.81
C TYR E 139 2.93 -90.20 36.18
N PRO E 140 3.57 -89.38 37.01
CA PRO E 140 3.09 -89.16 38.38
C PRO E 140 1.93 -88.20 38.49
N PHE E 141 1.49 -87.60 37.38
CA PHE E 141 0.43 -86.60 37.41
C PHE E 141 -0.59 -86.91 36.33
N ILE E 142 -1.81 -86.42 36.54
CA ILE E 142 -2.88 -86.64 35.58
C ILE E 142 -2.51 -85.96 34.26
N LEU E 143 -2.96 -86.55 33.16
CA LEU E 143 -2.69 -86.03 31.82
C LEU E 143 -3.91 -85.30 31.30
N ASP E 144 -3.71 -84.04 30.90
CA ASP E 144 -4.77 -83.31 30.24
C ASP E 144 -5.25 -84.07 29.00
N ALA E 145 -6.42 -83.69 28.51
CA ALA E 145 -7.12 -84.50 27.51
C ALA E 145 -6.28 -84.65 26.25
N PHE E 146 -5.71 -83.55 25.75
CA PHE E 146 -5.04 -83.61 24.46
C PHE E 146 -3.83 -84.52 24.51
N GLN E 147 -3.08 -84.49 25.61
CA GLN E 147 -1.96 -85.42 25.75
C GLN E 147 -2.45 -86.86 25.76
N ARG E 148 -3.57 -87.12 26.41
CA ARG E 148 -4.11 -88.48 26.41
C ARG E 148 -4.46 -88.93 25.00
N GLU E 149 -5.08 -88.04 24.22
CA GLU E 149 -5.42 -88.39 22.85
C GLU E 149 -4.17 -88.63 22.03
N ALA E 150 -3.13 -87.81 22.23
CA ALA E 150 -1.89 -88.03 21.49
C ALA E 150 -1.28 -89.38 21.84
N ILE E 151 -1.30 -89.74 23.13
CA ILE E 151 -0.75 -91.03 23.54
C ILE E 151 -1.55 -92.15 22.90
N GLN E 152 -2.88 -92.04 22.90
CA GLN E 152 -3.69 -93.07 22.27
C GLN E 152 -3.38 -93.17 20.78
N CYS E 153 -3.19 -92.03 20.13
CA CYS E 153 -2.89 -92.04 18.69
C CYS E 153 -1.57 -92.74 18.42
N VAL E 154 -0.53 -92.43 19.20
CA VAL E 154 0.75 -93.08 18.99
C VAL E 154 0.68 -94.55 19.37
N ASP E 155 -0.25 -94.94 20.23
CA ASP E 155 -0.40 -96.37 20.56
C ASP E 155 -0.74 -97.19 19.34
N ASN E 156 -1.28 -96.58 18.30
CA ASN E 156 -1.69 -97.28 17.09
C ASN E 156 -0.70 -97.10 15.95
N ASN E 157 0.50 -96.62 16.23
CA ASN E 157 1.54 -96.48 15.20
C ASN E 157 1.07 -95.62 14.05
N GLN E 158 0.33 -94.56 14.37
CA GLN E 158 -0.13 -93.58 13.39
C GLN E 158 0.51 -92.24 13.70
N SER E 159 1.03 -91.59 12.66
CA SER E 159 1.68 -90.31 12.85
C SER E 159 0.74 -89.32 13.52
N VAL E 160 1.31 -88.25 14.08
CA VAL E 160 0.54 -87.24 14.79
C VAL E 160 1.32 -85.94 14.75
N LEU E 161 0.58 -84.83 14.75
CA LEU E 161 1.17 -83.50 14.70
C LEU E 161 0.59 -82.69 15.86
N VAL E 162 1.31 -82.62 16.97
CA VAL E 162 0.86 -81.90 18.15
C VAL E 162 1.24 -80.44 17.99
N SER E 163 0.26 -79.55 18.10
CA SER E 163 0.48 -78.11 17.98
C SER E 163 -0.17 -77.46 19.20
N ALA E 164 0.65 -77.07 20.17
CA ALA E 164 0.14 -76.44 21.38
C ALA E 164 1.21 -75.52 21.95
N HIS E 165 0.77 -74.60 22.80
CA HIS E 165 1.70 -73.65 23.40
C HIS E 165 2.79 -74.39 24.14
N THR E 166 4.04 -73.97 23.91
CA THR E 166 5.13 -74.52 24.69
C THR E 166 4.86 -74.30 26.17
N SER E 167 5.24 -75.26 26.99
CA SER E 167 4.92 -75.33 28.40
C SER E 167 3.51 -75.88 28.62
N ALA E 168 2.76 -76.16 27.55
CA ALA E 168 1.54 -76.91 27.71
C ALA E 168 1.80 -78.39 27.96
N GLY E 169 3.03 -78.84 27.73
CA GLY E 169 3.42 -80.20 28.03
C GLY E 169 3.54 -81.08 26.80
N LYS E 170 4.06 -80.53 25.71
CA LYS E 170 4.18 -81.31 24.48
C LYS E 170 5.15 -82.47 24.66
N THR E 171 6.28 -82.25 25.34
CA THR E 171 7.36 -83.22 25.33
C THR E 171 6.95 -84.56 25.91
N VAL E 172 5.86 -84.61 26.69
CA VAL E 172 5.43 -85.87 27.26
C VAL E 172 5.10 -86.87 26.16
N CYS E 173 4.51 -86.40 25.07
CA CYS E 173 4.20 -87.29 23.96
C CYS E 173 5.46 -87.89 23.37
N ALA E 174 6.49 -87.06 23.16
CA ALA E 174 7.75 -87.57 22.63
C ALA E 174 8.36 -88.58 23.59
N GLU E 175 8.31 -88.30 24.89
CA GLU E 175 8.85 -89.25 25.86
C GLU E 175 8.14 -90.58 25.78
N TYR E 176 6.80 -90.55 25.70
CA TYR E 176 6.05 -91.79 25.61
C TYR E 176 6.39 -92.54 24.33
N ALA E 177 6.52 -91.82 23.22
CA ALA E 177 6.86 -92.47 21.96
C ALA E 177 8.22 -93.15 22.06
N ILE E 178 9.20 -92.46 22.65
CA ILE E 178 10.52 -93.07 22.78
C ILE E 178 10.47 -94.29 23.68
N ALA E 179 9.74 -94.21 24.79
CA ALA E 179 9.63 -95.35 25.68
C ALA E 179 9.00 -96.54 24.96
N LEU E 180 7.93 -96.30 24.22
CA LEU E 180 7.29 -97.38 23.48
C LEU E 180 8.25 -97.98 22.47
N ALA E 181 8.96 -97.13 21.73
CA ALA E 181 9.90 -97.65 20.74
C ALA E 181 10.97 -98.51 21.38
N LEU E 182 11.51 -98.07 22.52
CA LEU E 182 12.53 -98.86 23.19
C LEU E 182 11.96 -100.18 23.68
N ARG E 183 10.72 -100.18 24.18
CA ARG E 183 10.13 -101.41 24.70
C ARG E 183 10.02 -102.49 23.64
N GLU E 184 9.99 -102.12 22.36
CA GLU E 184 9.81 -103.07 21.28
C GLU E 184 11.09 -103.32 20.49
N LYS E 185 12.24 -103.02 21.09
CA LYS E 185 13.54 -103.27 20.46
C LYS E 185 13.71 -102.53 19.15
N GLN E 186 12.91 -101.50 18.93
CA GLN E 186 13.00 -100.69 17.71
C GLN E 186 14.07 -99.63 17.90
N ARG E 187 14.18 -98.71 16.95
CA ARG E 187 15.07 -97.56 17.05
C ARG E 187 14.29 -96.31 16.70
N VAL E 188 14.65 -95.20 17.37
CA VAL E 188 13.98 -93.93 17.19
C VAL E 188 15.02 -92.83 17.07
N ILE E 189 14.64 -91.74 16.41
CA ILE E 189 15.50 -90.58 16.22
C ILE E 189 14.76 -89.35 16.68
N PHE E 190 15.43 -88.50 17.45
CA PHE E 190 14.90 -87.22 17.88
C PHE E 190 15.68 -86.12 17.19
N THR E 191 14.97 -85.21 16.53
CA THR E 191 15.59 -84.18 15.71
C THR E 191 15.24 -82.81 16.26
N SER E 192 16.24 -81.94 16.38
CA SER E 192 16.05 -80.59 16.87
C SER E 192 16.76 -79.60 15.98
N PRO E 193 16.24 -78.37 15.86
CA PRO E 193 16.84 -77.41 14.94
C PRO E 193 18.24 -76.97 15.34
N ILE E 194 18.39 -76.49 16.57
CA ILE E 194 19.62 -75.85 17.01
C ILE E 194 20.51 -76.86 17.70
N LYS E 195 21.80 -76.55 17.73
CA LYS E 195 22.75 -77.46 18.36
C LYS E 195 22.62 -77.45 19.88
N ALA E 196 22.53 -76.26 20.47
CA ALA E 196 22.47 -76.16 21.93
C ALA E 196 21.19 -76.79 22.46
N LEU E 197 20.07 -76.53 21.79
CA LEU E 197 18.82 -77.19 22.18
C LEU E 197 18.96 -78.70 22.09
N SER E 198 19.67 -79.18 21.07
CA SER E 198 19.91 -80.61 20.95
C SER E 198 20.70 -81.12 22.14
N ASN E 199 21.73 -80.38 22.57
CA ASN E 199 22.51 -80.82 23.71
C ASN E 199 21.66 -80.91 24.96
N GLN E 200 20.83 -79.89 25.21
CA GLN E 200 19.99 -79.91 26.39
C GLN E 200 19.02 -81.08 26.34
N LYS E 201 18.40 -81.31 25.18
CA LYS E 201 17.47 -82.42 25.06
C LYS E 201 18.18 -83.75 25.27
N TYR E 202 19.41 -83.87 24.76
CA TYR E 202 20.17 -85.10 24.97
C TYR E 202 20.43 -85.33 26.44
N ARG E 203 20.80 -84.28 27.17
CA ARG E 203 21.04 -84.46 28.60
C ARG E 203 19.78 -84.94 29.29
N GLU E 204 18.64 -84.31 28.97
CA GLU E 204 17.39 -84.75 29.58
C GLU E 204 17.13 -86.21 29.29
N MET E 205 17.18 -86.61 28.02
CA MET E 205 16.86 -87.98 27.66
C MET E 205 17.82 -88.97 28.30
N TYR E 206 19.11 -88.67 28.28
CA TYR E 206 20.10 -89.57 28.88
C TYR E 206 19.82 -89.75 30.36
N GLU E 207 19.52 -88.66 31.07
CA GLU E 207 19.13 -88.80 32.46
C GLU E 207 17.78 -89.47 32.61
N GLU E 208 17.02 -89.63 31.52
CA GLU E 208 15.75 -90.33 31.58
C GLU E 208 15.92 -91.83 31.39
N PHE E 209 16.48 -92.25 30.25
CA PHE E 209 16.56 -93.66 29.89
C PHE E 209 17.96 -94.24 29.95
N GLN E 210 18.99 -93.41 29.72
CA GLN E 210 20.39 -93.83 29.78
C GLN E 210 20.78 -94.71 28.59
N ASP E 211 19.80 -95.10 27.78
CA ASP E 211 20.08 -95.74 26.50
C ASP E 211 19.91 -94.75 25.36
N VAL E 212 20.77 -93.73 25.36
CA VAL E 212 20.66 -92.62 24.42
C VAL E 212 22.01 -92.37 23.78
N GLY E 213 21.97 -91.81 22.58
CA GLY E 213 23.17 -91.39 21.88
C GLY E 213 23.11 -89.91 21.55
N LEU E 214 23.94 -89.46 20.64
CA LEU E 214 23.93 -88.06 20.22
C LEU E 214 24.83 -87.93 18.99
N MET E 215 24.34 -87.20 18.00
CA MET E 215 25.09 -87.00 16.76
C MET E 215 24.88 -85.58 16.28
N THR E 216 25.93 -84.78 16.34
CA THR E 216 25.93 -83.44 15.78
C THR E 216 27.27 -83.20 15.12
N GLY E 217 27.38 -82.08 14.39
CA GLY E 217 28.64 -81.77 13.75
C GLY E 217 29.78 -81.67 14.73
N ASP E 218 29.51 -81.10 15.91
CA ASP E 218 30.57 -80.88 16.88
C ASP E 218 31.07 -82.20 17.48
N VAL E 219 30.15 -83.05 17.94
CA VAL E 219 30.50 -84.23 18.73
C VAL E 219 29.55 -85.36 18.40
N THR E 220 29.87 -86.55 18.91
CA THR E 220 29.01 -87.72 18.81
C THR E 220 29.24 -88.58 20.04
N ILE E 221 28.16 -89.02 20.66
CA ILE E 221 28.23 -89.82 21.89
C ILE E 221 27.35 -91.06 21.70
N ASN E 222 27.92 -92.23 21.98
CA ASN E 222 27.19 -93.49 21.98
C ASN E 222 26.35 -93.64 20.71
N PRO E 223 26.99 -93.63 19.54
CA PRO E 223 26.21 -93.69 18.29
C PRO E 223 25.35 -94.93 18.18
N THR E 224 25.81 -96.07 18.68
CA THR E 224 25.06 -97.32 18.58
C THR E 224 24.08 -97.46 19.74
N ALA E 225 23.13 -96.53 19.77
CA ALA E 225 22.11 -96.49 20.81
C ALA E 225 20.74 -96.64 20.19
N SER E 226 19.83 -97.27 20.93
CA SER E 226 18.47 -97.47 20.44
C SER E 226 17.76 -96.15 20.18
N CYS E 227 18.22 -95.06 20.79
CA CYS E 227 17.67 -93.73 20.55
C CYS E 227 18.80 -92.79 20.19
N LEU E 228 18.48 -91.78 19.39
CA LEU E 228 19.47 -90.82 18.94
C LEU E 228 18.87 -89.43 18.94
N VAL E 229 19.74 -88.44 19.18
CA VAL E 229 19.39 -87.03 19.07
C VAL E 229 20.37 -86.39 18.11
N MET E 230 19.86 -85.72 17.10
CA MET E 230 20.73 -85.16 16.07
C MET E 230 20.04 -83.98 15.40
N THR E 231 20.84 -82.98 15.05
CA THR E 231 20.31 -81.86 14.30
C THR E 231 19.93 -82.30 12.90
N THR E 232 18.98 -81.56 12.30
CA THR E 232 18.40 -81.98 11.03
C THR E 232 19.47 -82.23 9.99
N GLU E 233 20.56 -81.46 10.02
CA GLU E 233 21.56 -81.57 8.97
C GLU E 233 22.21 -82.96 8.96
N ILE E 234 22.48 -83.50 10.15
CA ILE E 234 23.05 -84.84 10.21
C ILE E 234 22.08 -85.85 9.63
N LEU E 235 20.79 -85.71 9.94
CA LEU E 235 19.80 -86.62 9.39
C LEU E 235 19.75 -86.53 7.87
N ARG E 236 19.81 -85.31 7.34
CA ARG E 236 19.83 -85.13 5.89
C ARG E 236 21.05 -85.78 5.27
N SER E 237 22.21 -85.66 5.94
CA SER E 237 23.41 -86.32 5.46
C SER E 237 23.22 -87.83 5.44
N MET E 238 22.65 -88.38 6.51
CA MET E 238 22.39 -89.82 6.54
C MET E 238 21.52 -90.23 5.36
N LEU E 239 20.44 -89.48 5.12
CA LEU E 239 19.53 -89.83 4.04
C LEU E 239 20.23 -89.79 2.70
N TYR E 240 20.96 -88.71 2.41
CA TYR E 240 21.61 -88.59 1.12
C TYR E 240 22.64 -89.69 0.92
N ARG E 241 23.42 -89.99 1.95
CA ARG E 241 24.42 -91.04 1.87
C ARG E 241 23.88 -92.40 2.28
N GLY E 242 22.64 -92.46 2.75
CA GLY E 242 22.00 -93.73 3.04
C GLY E 242 22.74 -94.59 4.05
N SER E 243 23.15 -93.99 5.16
CA SER E 243 23.85 -94.75 6.19
C SER E 243 22.98 -95.90 6.68
N GLU E 244 23.60 -97.06 6.88
CA GLU E 244 22.84 -98.24 7.26
C GLU E 244 22.11 -98.05 8.57
N VAL E 245 22.60 -97.17 9.44
CA VAL E 245 21.95 -96.96 10.73
C VAL E 245 20.51 -96.55 10.54
N MET E 246 20.21 -95.82 9.46
CA MET E 246 18.86 -95.36 9.23
C MET E 246 17.88 -96.51 9.02
N ARG E 247 18.37 -97.71 8.70
CA ARG E 247 17.49 -98.81 8.37
C ARG E 247 16.63 -99.20 9.56
N GLU E 248 17.24 -99.32 10.74
CA GLU E 248 16.53 -99.86 11.89
C GLU E 248 15.45 -98.92 12.42
N VAL E 249 15.50 -97.64 12.07
CA VAL E 249 14.60 -96.67 12.66
C VAL E 249 13.15 -97.02 12.33
N ALA E 250 12.24 -96.67 13.24
CA ALA E 250 10.82 -96.88 13.03
C ALA E 250 10.05 -95.59 13.33
N TRP E 251 10.61 -94.74 14.18
CA TRP E 251 9.98 -93.48 14.56
C TRP E 251 10.97 -92.34 14.37
N VAL E 252 10.43 -91.19 13.98
CA VAL E 252 11.19 -89.96 13.90
C VAL E 252 10.36 -88.85 14.52
N ILE E 253 10.95 -88.13 15.48
CA ILE E 253 10.25 -87.11 16.24
C ILE E 253 10.86 -85.77 15.86
N PHE E 254 10.20 -85.03 14.98
CA PHE E 254 10.65 -83.71 14.62
C PHE E 254 10.23 -82.71 15.67
N ASP E 255 11.15 -81.83 16.05
CA ASP E 255 10.90 -80.85 17.10
C ASP E 255 10.95 -79.44 16.50
N GLU E 256 10.08 -78.57 16.99
CA GLU E 256 10.02 -77.19 16.51
C GLU E 256 9.84 -77.16 15.00
N ILE E 257 8.93 -78.01 14.50
CA ILE E 257 8.71 -78.08 13.06
C ILE E 257 8.26 -76.74 12.51
N HIS E 258 7.73 -75.85 13.34
CA HIS E 258 7.39 -74.52 12.87
C HIS E 258 8.63 -73.76 12.42
N TYR E 259 9.81 -74.24 12.79
CA TYR E 259 11.05 -73.65 12.30
C TYR E 259 11.26 -73.90 10.80
N MET E 260 10.41 -74.72 10.19
CA MET E 260 10.57 -75.04 8.77
C MET E 260 10.49 -73.82 7.88
N ARG E 261 9.91 -72.72 8.37
CA ARG E 261 9.82 -71.49 7.60
C ARG E 261 10.99 -70.55 7.87
N ASP E 262 12.16 -71.10 8.21
CA ASP E 262 13.31 -70.28 8.53
C ASP E 262 13.78 -69.45 7.35
N SER E 263 13.48 -69.88 6.13
CA SER E 263 13.82 -69.15 4.91
C SER E 263 15.31 -69.26 4.58
N GLU E 264 16.10 -69.84 5.48
CA GLU E 264 17.48 -70.18 5.21
C GLU E 264 17.73 -71.67 5.38
N ARG E 265 17.36 -72.22 6.52
CA ARG E 265 17.52 -73.65 6.81
C ARG E 265 16.19 -74.39 6.77
N GLY E 266 15.14 -73.79 6.22
CA GLY E 266 13.88 -74.50 6.12
C GLY E 266 13.97 -75.70 5.21
N VAL E 267 14.66 -75.57 4.09
CA VAL E 267 14.68 -76.62 3.08
C VAL E 267 15.12 -77.94 3.71
N VAL E 268 16.10 -77.90 4.61
CA VAL E 268 16.66 -79.13 5.15
C VAL E 268 15.60 -79.98 5.82
N TRP E 269 14.49 -79.39 6.26
CA TRP E 269 13.40 -80.20 6.78
C TRP E 269 12.71 -80.96 5.66
N GLU E 270 12.25 -80.24 4.64
CA GLU E 270 11.49 -80.88 3.58
C GLU E 270 12.26 -82.03 2.97
N GLU E 271 13.51 -81.79 2.57
CA GLU E 271 14.35 -82.86 2.08
C GLU E 271 14.24 -84.08 2.99
N THR E 272 14.54 -83.88 4.28
CA THR E 272 14.54 -84.99 5.21
C THR E 272 13.18 -85.67 5.26
N ILE E 273 12.11 -84.88 5.21
CA ILE E 273 10.78 -85.49 5.24
C ILE E 273 10.53 -86.28 3.96
N ILE E 274 11.01 -85.77 2.83
CA ILE E 274 10.70 -86.40 1.55
C ILE E 274 11.41 -87.74 1.42
N LEU E 275 12.67 -87.80 1.86
CA LEU E 275 13.51 -88.94 1.54
C LEU E 275 13.30 -90.13 2.47
N LEU E 276 12.60 -89.97 3.58
CA LEU E 276 12.42 -91.08 4.49
C LEU E 276 11.53 -92.16 3.86
N PRO E 277 11.78 -93.43 4.16
CA PRO E 277 10.89 -94.48 3.66
C PRO E 277 9.50 -94.40 4.29
N ASP E 278 8.52 -94.93 3.56
CA ASP E 278 7.14 -94.77 3.98
C ASP E 278 6.81 -95.54 5.26
N ASN E 279 7.52 -96.65 5.50
CA ASN E 279 7.19 -97.47 6.67
C ASN E 279 7.36 -96.71 7.97
N VAL E 280 8.14 -95.63 7.98
CA VAL E 280 8.40 -94.92 9.23
C VAL E 280 7.16 -94.13 9.64
N HIS E 281 7.08 -93.83 10.93
CA HIS E 281 6.00 -93.04 11.51
C HIS E 281 6.59 -91.81 12.18
N TYR E 282 5.94 -90.67 11.98
CA TYR E 282 6.45 -89.40 12.45
C TYR E 282 5.71 -88.93 13.69
N VAL E 283 6.31 -87.97 14.39
CA VAL E 283 5.66 -87.25 15.47
C VAL E 283 6.19 -85.82 15.41
N PHE E 284 5.32 -84.88 15.05
CA PHE E 284 5.73 -83.49 14.86
C PHE E 284 5.25 -82.66 16.03
N LEU E 285 6.17 -81.92 16.64
CA LEU E 285 5.87 -81.02 17.75
C LEU E 285 6.10 -79.59 17.28
N SER E 286 5.09 -78.75 17.45
CA SER E 286 5.17 -77.38 16.95
C SER E 286 4.41 -76.44 17.87
N ALA E 287 4.79 -75.18 17.82
CA ALA E 287 3.98 -74.15 18.46
C ALA E 287 2.65 -74.04 17.74
N THR E 288 1.67 -73.45 18.41
CA THR E 288 0.36 -73.32 17.82
C THR E 288 0.45 -72.58 16.50
N ILE E 289 -0.14 -73.17 15.45
CA ILE E 289 -0.19 -72.52 14.14
C ILE E 289 -1.54 -72.76 13.51
N PRO E 290 -2.00 -71.82 12.70
CA PRO E 290 -3.35 -71.96 12.13
C PRO E 290 -3.46 -73.06 11.08
N ASN E 291 -2.51 -73.14 10.17
CA ASN E 291 -2.60 -74.07 9.04
C ASN E 291 -1.90 -75.40 9.33
N ALA E 292 -2.27 -76.04 10.44
CA ALA E 292 -1.74 -77.38 10.71
C ALA E 292 -2.37 -78.41 9.80
N ARG E 293 -3.67 -78.24 9.52
CA ARG E 293 -4.36 -79.21 8.68
C ARG E 293 -3.66 -79.37 7.34
N GLN E 294 -3.15 -78.28 6.77
CA GLN E 294 -2.43 -78.39 5.52
C GLN E 294 -1.20 -79.26 5.67
N PHE E 295 -0.46 -79.11 6.77
CA PHE E 295 0.72 -79.92 6.97
C PHE E 295 0.36 -81.40 7.10
N ALA E 296 -0.69 -81.69 7.86
CA ALA E 296 -1.10 -83.08 8.00
C ALA E 296 -1.53 -83.66 6.65
N GLU E 297 -2.27 -82.88 5.87
CA GLU E 297 -2.65 -83.33 4.54
C GLU E 297 -1.42 -83.59 3.68
N TRP E 298 -0.42 -82.72 3.76
CA TRP E 298 0.79 -82.94 2.99
C TRP E 298 1.45 -84.26 3.37
N ILE E 299 1.57 -84.52 4.67
CA ILE E 299 2.21 -85.76 5.09
C ILE E 299 1.42 -86.96 4.60
N CYS E 300 0.09 -86.91 4.74
CA CYS E 300 -0.74 -88.02 4.29
C CYS E 300 -0.54 -88.26 2.79
N HIS E 301 -0.66 -87.21 1.98
CA HIS E 301 -0.53 -87.35 0.54
C HIS E 301 0.88 -87.80 0.16
N LEU E 302 1.88 -87.45 0.96
CA LEU E 302 3.25 -87.74 0.59
C LEU E 302 3.67 -89.16 0.95
N HIS E 303 3.13 -89.71 2.05
CA HIS E 303 3.49 -91.05 2.46
C HIS E 303 2.32 -92.03 2.44
N LYS E 304 1.12 -91.56 2.10
CA LYS E 304 -0.03 -92.45 1.93
C LYS E 304 -0.35 -93.20 3.23
N GLN E 305 -0.64 -92.42 4.27
CA GLN E 305 -1.02 -93.00 5.56
C GLN E 305 -1.81 -91.95 6.32
N PRO E 306 -2.63 -92.36 7.28
CA PRO E 306 -3.32 -91.38 8.12
C PRO E 306 -2.33 -90.52 8.89
N CYS E 307 -2.72 -89.27 9.12
CA CYS E 307 -1.94 -88.37 9.95
C CYS E 307 -2.89 -87.51 10.75
N HIS E 308 -2.71 -87.49 12.07
CA HIS E 308 -3.63 -86.81 12.95
C HIS E 308 -3.14 -85.40 13.26
N VAL E 309 -4.03 -84.60 13.83
CA VAL E 309 -3.72 -83.24 14.24
C VAL E 309 -4.45 -82.99 15.55
N ILE E 310 -3.68 -82.66 16.59
CA ILE E 310 -4.21 -82.26 17.89
C ILE E 310 -3.82 -80.82 18.10
N TYR E 311 -4.81 -79.93 18.12
CA TYR E 311 -4.58 -78.50 18.28
C TYR E 311 -5.26 -78.04 19.56
N THR E 312 -4.50 -77.38 20.43
CA THR E 312 -5.04 -76.89 21.69
C THR E 312 -4.29 -75.63 22.08
N ASP E 313 -5.05 -74.57 22.38
CA ASP E 313 -4.49 -73.31 22.83
C ASP E 313 -4.43 -73.20 24.34
N TYR E 314 -4.87 -74.23 25.06
CA TYR E 314 -4.88 -74.17 26.51
C TYR E 314 -3.48 -74.03 27.07
N ARG E 315 -3.35 -73.22 28.12
CA ARG E 315 -2.11 -73.04 28.84
C ARG E 315 -2.39 -73.23 30.33
N PRO E 316 -1.40 -73.72 31.09
CA PRO E 316 -1.66 -74.05 32.49
C PRO E 316 -1.94 -72.82 33.35
N THR E 317 -1.06 -71.82 33.29
CA THR E 317 -1.18 -70.63 34.13
C THR E 317 -1.51 -69.42 33.29
N PRO E 318 -2.57 -68.68 33.62
CA PRO E 318 -2.99 -67.56 32.77
C PRO E 318 -1.92 -66.49 32.66
N LEU E 319 -2.19 -65.51 31.80
CA LEU E 319 -1.27 -64.40 31.55
C LEU E 319 -2.03 -63.09 31.67
N GLN E 320 -1.30 -62.05 32.09
CA GLN E 320 -1.82 -60.69 32.11
C GLN E 320 -0.84 -59.79 31.37
N HIS E 321 -1.34 -59.05 30.39
CA HIS E 321 -0.51 -58.20 29.55
C HIS E 321 -0.70 -56.74 29.95
N TYR E 322 0.38 -56.11 30.37
CA TYR E 322 0.43 -54.69 30.66
C TYR E 322 1.25 -53.97 29.59
N ILE E 323 0.95 -52.69 29.40
CA ILE E 323 1.67 -51.85 28.46
C ILE E 323 2.27 -50.68 29.23
N PHE E 324 3.56 -50.43 29.00
CA PHE E 324 4.23 -49.27 29.58
C PHE E 324 4.51 -48.26 28.48
N PRO E 325 3.80 -47.12 28.45
CA PRO E 325 4.14 -46.09 27.48
C PRO E 325 5.44 -45.39 27.86
N ALA E 326 6.12 -44.85 26.85
CA ALA E 326 7.37 -44.13 27.07
C ALA E 326 7.05 -42.71 27.51
N GLY E 327 7.10 -42.48 28.82
CA GLY E 327 6.80 -41.17 29.37
C GLY E 327 5.80 -41.23 30.49
N GLY E 328 4.93 -42.24 30.47
CA GLY E 328 3.93 -42.39 31.51
C GLY E 328 4.57 -42.69 32.86
N ASP E 329 3.71 -43.02 33.81
CA ASP E 329 4.15 -43.32 35.17
C ASP E 329 3.42 -44.52 35.75
N GLY E 330 3.04 -45.48 34.91
CA GLY E 330 2.35 -46.64 35.41
C GLY E 330 2.15 -47.65 34.31
N LEU E 331 1.70 -48.84 34.71
CA LEU E 331 1.41 -49.93 33.80
C LEU E 331 -0.10 -50.13 33.72
N HIS E 332 -0.61 -50.27 32.51
CA HIS E 332 -2.04 -50.39 32.27
C HIS E 332 -2.37 -51.82 31.89
N LEU E 333 -3.36 -52.40 32.57
CA LEU E 333 -3.76 -53.79 32.33
C LEU E 333 -4.53 -53.84 31.03
N VAL E 334 -3.80 -53.91 29.92
CA VAL E 334 -4.44 -53.90 28.61
C VAL E 334 -5.19 -55.20 28.36
N VAL E 335 -4.60 -56.33 28.75
CA VAL E 335 -5.26 -57.63 28.54
C VAL E 335 -5.25 -58.40 29.85
N ASP E 336 -6.41 -58.91 30.24
CA ASP E 336 -6.56 -59.74 31.42
C ASP E 336 -6.57 -61.21 31.02
N GLU E 337 -6.37 -62.08 32.02
CA GLU E 337 -6.32 -63.51 31.75
C GLU E 337 -7.58 -63.99 31.02
N ASN E 338 -8.72 -63.35 31.28
CA ASN E 338 -9.94 -63.73 30.59
C ASN E 338 -9.89 -63.45 29.10
N GLY E 339 -8.90 -62.68 28.63
CA GLY E 339 -8.75 -62.38 27.23
C GLY E 339 -9.53 -61.18 26.76
N ASP E 340 -10.35 -60.58 27.61
CA ASP E 340 -11.14 -59.42 27.22
C ASP E 340 -10.24 -58.20 27.09
N PHE E 341 -9.76 -57.94 25.88
CA PHE E 341 -8.91 -56.79 25.62
C PHE E 341 -9.60 -55.53 26.13
N ARG E 342 -9.04 -54.90 27.16
CA ARG E 342 -9.67 -53.74 27.78
C ARG E 342 -9.39 -52.52 26.92
N GLU E 343 -10.36 -52.15 26.09
CA GLU E 343 -10.15 -51.08 25.11
C GLU E 343 -9.84 -49.75 25.80
N ASP E 344 -10.57 -49.43 26.86
CA ASP E 344 -10.42 -48.11 27.48
C ASP E 344 -9.02 -47.92 28.04
N ASN E 345 -8.49 -48.94 28.73
CA ASN E 345 -7.15 -48.80 29.29
C ASN E 345 -6.11 -48.65 28.18
N PHE E 346 -6.24 -49.42 27.11
CA PHE E 346 -5.30 -49.29 26.01
C PHE E 346 -5.36 -47.90 25.40
N ASN E 347 -6.56 -47.37 25.22
CA ASN E 347 -6.69 -46.02 24.67
C ASN E 347 -6.07 -45.00 25.61
N THR E 348 -6.28 -45.16 26.91
CA THR E 348 -5.67 -44.23 27.86
C THR E 348 -4.16 -44.28 27.78
N ALA E 349 -3.59 -45.48 27.70
CA ALA E 349 -2.15 -45.61 27.62
C ALA E 349 -1.63 -44.94 26.36
N MET E 350 -2.29 -45.17 25.23
CA MET E 350 -1.83 -44.56 23.99
C MET E 350 -2.00 -43.05 24.00
N GLN E 351 -3.06 -42.56 24.65
CA GLN E 351 -3.24 -41.11 24.76
C GLN E 351 -2.13 -40.50 25.61
N VAL E 352 -1.74 -41.18 26.69
CA VAL E 352 -0.61 -40.70 27.48
C VAL E 352 0.65 -40.68 26.64
N LEU E 353 0.86 -41.73 25.84
CA LEU E 353 2.00 -41.75 24.94
C LEU E 353 1.99 -40.55 24.01
N ARG E 354 0.84 -40.27 23.41
CA ARG E 354 0.72 -39.15 22.48
C ARG E 354 0.99 -37.82 23.18
N ASP E 355 0.42 -37.62 24.37
CA ASP E 355 0.60 -36.36 25.07
C ASP E 355 2.05 -36.16 25.47
N ALA E 356 2.73 -37.23 25.89
CA ALA E 356 4.16 -37.10 26.17
C ALA E 356 4.94 -36.78 24.90
N GLY E 357 4.61 -37.46 23.80
CA GLY E 357 5.39 -37.28 22.58
C GLY E 357 5.28 -35.88 22.01
N ASP E 358 4.05 -35.37 21.92
CA ASP E 358 3.84 -34.07 21.28
C ASP E 358 4.29 -32.91 22.15
N LEU E 359 4.67 -33.17 23.40
CA LEU E 359 5.17 -32.11 24.28
C LEU E 359 6.34 -31.39 23.63
N GLY E 373 16.12 -43.16 38.72
CA GLY E 373 15.91 -44.05 37.60
C GLY E 373 15.97 -43.36 36.26
N PRO E 374 17.19 -43.02 35.81
CA PRO E 374 17.33 -42.33 34.51
C PRO E 374 16.79 -43.12 33.35
N SER E 375 16.72 -44.44 33.44
CA SER E 375 16.27 -45.30 32.35
C SER E 375 14.94 -45.95 32.71
N ASN E 376 14.04 -46.03 31.72
CA ASN E 376 12.73 -46.61 31.97
C ASN E 376 12.84 -48.07 32.39
N VAL E 377 13.72 -48.83 31.73
CA VAL E 377 13.85 -50.25 32.06
C VAL E 377 14.28 -50.41 33.51
N PHE E 378 15.13 -49.50 34.00
CA PHE E 378 15.52 -49.56 35.41
C PHE E 378 14.31 -49.38 36.31
N LYS E 379 13.45 -48.43 35.99
CA LYS E 379 12.24 -48.25 36.79
C LYS E 379 11.38 -49.50 36.74
N ILE E 380 11.22 -50.09 35.56
CA ILE E 380 10.36 -51.27 35.43
C ILE E 380 10.90 -52.41 36.28
N VAL E 381 12.20 -52.68 36.17
CA VAL E 381 12.78 -53.81 36.89
C VAL E 381 12.76 -53.55 38.39
N LYS E 382 13.01 -52.31 38.81
CA LYS E 382 12.94 -51.99 40.23
C LYS E 382 11.53 -52.21 40.75
N MET E 383 10.52 -51.76 39.99
CA MET E 383 9.14 -51.97 40.40
C MET E 383 8.82 -53.45 40.51
N ILE E 384 9.31 -54.24 39.54
CA ILE E 384 9.13 -55.68 39.61
C ILE E 384 9.74 -56.22 40.89
N MET E 385 10.96 -55.81 41.20
CA MET E 385 11.64 -56.31 42.38
C MET E 385 10.84 -56.01 43.64
N GLU E 386 10.37 -54.78 43.77
CA GLU E 386 9.63 -54.40 44.97
C GLU E 386 8.20 -54.92 45.00
N ARG E 387 7.70 -55.44 43.88
CA ARG E 387 6.36 -56.02 43.84
C ARG E 387 6.38 -57.54 43.93
N ASN E 388 7.55 -58.14 44.15
CA ASN E 388 7.68 -59.59 44.31
C ASN E 388 7.34 -60.33 43.02
N PHE E 389 7.91 -59.85 41.91
CA PHE E 389 7.89 -60.53 40.63
C PHE E 389 9.31 -60.86 40.20
N GLN E 390 10.11 -61.35 41.14
CA GLN E 390 11.56 -61.34 40.94
C GLN E 390 12.01 -62.06 39.68
N PRO E 391 11.56 -63.28 39.37
CA PRO E 391 12.15 -64.01 38.23
C PRO E 391 11.66 -63.43 36.92
N VAL E 392 12.53 -62.69 36.23
CA VAL E 392 12.13 -61.88 35.08
C VAL E 392 13.11 -62.11 33.93
N ILE E 393 12.57 -62.18 32.73
CA ILE E 393 13.34 -62.26 31.49
C ILE E 393 13.07 -60.99 30.71
N ILE E 394 14.13 -60.24 30.41
CA ILE E 394 14.04 -58.99 29.69
C ILE E 394 14.54 -59.25 28.28
N PHE E 395 13.64 -59.17 27.30
CA PHE E 395 13.98 -59.44 25.91
C PHE E 395 14.29 -58.13 25.21
N SER E 396 15.48 -58.04 24.64
CA SER E 396 15.89 -56.89 23.85
C SER E 396 16.52 -57.39 22.57
N PHE E 397 16.12 -56.80 21.45
CA PHE E 397 16.54 -57.28 20.14
C PHE E 397 17.81 -56.58 19.66
N SER E 398 18.83 -56.59 20.53
CA SER E 398 20.13 -56.05 20.18
C SER E 398 21.13 -56.45 21.26
N LYS E 399 22.31 -56.88 20.84
CA LYS E 399 23.33 -57.25 21.80
C LYS E 399 23.74 -56.04 22.64
N LYS E 400 23.94 -54.90 21.99
CA LYS E 400 24.37 -53.71 22.71
C LYS E 400 23.34 -53.28 23.74
N ASP E 401 22.06 -53.37 23.40
CA ASP E 401 21.02 -53.01 24.36
C ASP E 401 21.09 -53.89 25.60
N CYS E 402 21.24 -55.20 25.41
CA CYS E 402 21.34 -56.11 26.55
C CYS E 402 22.56 -55.77 27.39
N GLU E 403 23.71 -55.54 26.76
CA GLU E 403 24.90 -55.20 27.50
C GLU E 403 24.68 -53.94 28.33
N ALA E 404 24.16 -52.89 27.69
CA ALA E 404 23.99 -51.62 28.39
C ALA E 404 23.00 -51.76 29.54
N TYR E 405 21.88 -52.43 29.31
CA TYR E 405 20.89 -52.55 30.37
C TYR E 405 21.43 -53.37 31.53
N ALA E 406 22.19 -54.43 31.24
CA ALA E 406 22.82 -55.17 32.33
C ALA E 406 23.78 -54.27 33.11
N LEU E 407 24.56 -53.46 32.41
CA LEU E 407 25.50 -52.58 33.08
C LEU E 407 24.77 -51.58 33.97
N GLN E 408 23.66 -51.03 33.49
CA GLN E 408 22.93 -50.04 34.28
C GLN E 408 22.52 -50.61 35.63
N MET E 409 22.14 -51.87 35.67
CA MET E 409 21.60 -52.47 36.89
C MET E 409 22.68 -52.96 37.83
N THR E 410 23.93 -52.50 37.70
CA THR E 410 24.97 -52.94 38.62
C THR E 410 24.92 -52.11 39.90
N LYS E 411 23.73 -51.97 40.48
CA LYS E 411 23.58 -51.32 41.78
C LYS E 411 22.52 -52.00 42.64
N LEU E 412 21.94 -53.11 42.19
CA LEU E 412 20.97 -53.86 42.95
C LEU E 412 21.57 -55.20 43.36
N ASP E 413 20.79 -55.99 44.09
CA ASP E 413 21.21 -57.32 44.50
C ASP E 413 19.97 -58.12 44.85
N PHE E 414 19.68 -59.15 44.04
CA PHE E 414 18.55 -60.02 44.28
C PHE E 414 18.93 -61.29 45.05
N ASN E 415 20.19 -61.43 45.42
CA ASN E 415 20.70 -62.67 45.99
C ASN E 415 21.08 -62.49 47.45
N THR E 416 20.83 -63.53 48.24
CA THR E 416 21.36 -63.61 49.59
C THR E 416 22.80 -64.11 49.54
N ASP E 417 23.54 -63.86 50.64
CA ASP E 417 24.95 -64.22 50.66
C ASP E 417 25.16 -65.69 50.35
N GLU E 418 24.27 -66.55 50.86
CA GLU E 418 24.40 -67.98 50.59
C GLU E 418 24.29 -68.25 49.09
N GLU E 419 23.34 -67.60 48.42
CA GLU E 419 23.25 -67.71 46.98
C GLU E 419 24.53 -67.25 46.32
N LYS E 420 25.16 -66.20 46.87
CA LYS E 420 26.41 -65.72 46.30
C LYS E 420 27.51 -66.78 46.42
N LYS E 421 27.60 -67.44 47.57
CA LYS E 421 28.59 -68.49 47.73
C LYS E 421 28.31 -69.63 46.75
N MET E 422 27.04 -70.00 46.62
CA MET E 422 26.69 -71.09 45.71
C MET E 422 27.04 -70.72 44.27
N VAL E 423 26.75 -69.49 43.86
CA VAL E 423 27.05 -69.05 42.50
C VAL E 423 28.55 -69.06 42.27
N GLU E 424 29.32 -68.56 43.24
CA GLU E 424 30.77 -68.59 43.09
C GLU E 424 31.26 -70.02 42.92
N GLU E 425 30.75 -70.92 43.76
CA GLU E 425 31.18 -72.32 43.68
C GLU E 425 30.87 -72.89 42.29
N VAL E 426 29.64 -72.70 41.82
CA VAL E 426 29.23 -73.27 40.54
C VAL E 426 30.06 -72.68 39.41
N PHE E 427 30.26 -71.37 39.41
CA PHE E 427 30.99 -70.73 38.33
C PHE E 427 32.44 -71.20 38.30
N SER E 428 33.08 -71.28 39.47
CA SER E 428 34.46 -71.76 39.52
C SER E 428 34.53 -73.19 39.03
N ASN E 429 33.60 -74.05 39.46
CA ASN E 429 33.63 -75.44 39.04
C ASN E 429 33.44 -75.56 37.53
N ALA E 430 32.55 -74.76 36.96
CA ALA E 430 32.33 -74.80 35.52
C ALA E 430 33.57 -74.33 34.77
N ILE E 431 34.20 -73.25 35.23
CA ILE E 431 35.32 -72.68 34.50
C ILE E 431 36.60 -73.49 34.68
N ASP E 432 36.68 -74.34 35.71
CA ASP E 432 37.94 -75.03 35.97
C ASP E 432 38.42 -75.85 34.77
N CYS E 433 37.50 -76.25 33.88
CA CYS E 433 37.89 -77.07 32.75
C CYS E 433 38.86 -76.32 31.83
N LEU E 434 38.61 -75.03 31.60
CA LEU E 434 39.47 -74.27 30.71
C LEU E 434 40.87 -74.12 31.31
N SER E 435 41.83 -73.81 30.46
CA SER E 435 43.18 -73.56 30.93
C SER E 435 43.21 -72.27 31.74
N ASP E 436 44.16 -72.20 32.68
CA ASP E 436 44.26 -71.04 33.55
C ASP E 436 44.41 -69.76 32.75
N GLU E 437 45.08 -69.83 31.59
CA GLU E 437 45.21 -68.64 30.75
C GLU E 437 43.85 -68.20 30.23
N ASP E 438 42.98 -69.16 29.92
CA ASP E 438 41.62 -68.84 29.50
C ASP E 438 40.86 -68.14 30.62
N LYS E 439 41.04 -68.61 31.85
CA LYS E 439 40.33 -68.03 32.98
C LYS E 439 40.69 -66.57 33.18
N LYS E 440 41.80 -66.12 32.62
CA LYS E 440 42.23 -64.73 32.73
C LYS E 440 41.54 -63.81 31.73
N LEU E 441 40.68 -64.35 30.87
CA LEU E 441 40.00 -63.53 29.89
C LEU E 441 39.13 -62.50 30.60
N PRO E 442 39.03 -61.27 30.08
CA PRO E 442 38.13 -60.29 30.70
C PRO E 442 36.69 -60.76 30.75
N GLN E 443 36.24 -61.50 29.74
CA GLN E 443 34.83 -61.87 29.67
C GLN E 443 34.43 -62.73 30.86
N VAL E 444 35.18 -63.81 31.10
CA VAL E 444 34.83 -64.70 32.20
C VAL E 444 34.92 -63.98 33.54
N GLU E 445 35.97 -63.18 33.72
CA GLU E 445 36.16 -62.50 35.01
C GLU E 445 35.04 -61.52 35.29
N HIS E 446 34.63 -60.75 34.28
CA HIS E 446 33.75 -59.62 34.51
C HIS E 446 32.28 -60.01 34.64
N VAL E 447 31.89 -61.22 34.24
CA VAL E 447 30.50 -61.62 34.41
C VAL E 447 30.23 -62.08 35.83
N LEU E 448 31.24 -62.62 36.51
CA LEU E 448 31.02 -63.20 37.83
C LEU E 448 30.36 -62.24 38.80
N PRO E 449 30.74 -60.97 38.89
CA PRO E 449 30.02 -60.06 39.79
C PRO E 449 28.53 -59.99 39.49
N LEU E 450 28.17 -59.95 38.21
CA LEU E 450 26.76 -59.87 37.85
C LEU E 450 25.99 -61.08 38.36
N LEU E 451 26.55 -62.27 38.17
CA LEU E 451 25.90 -63.47 38.67
C LEU E 451 25.85 -63.45 40.19
N LYS E 452 26.89 -62.90 40.82
CA LYS E 452 26.90 -62.81 42.28
C LYS E 452 25.73 -61.97 42.77
N ARG E 453 25.49 -60.84 42.13
CA ARG E 453 24.38 -59.98 42.55
C ARG E 453 23.04 -60.42 41.98
N GLY E 454 23.03 -61.39 41.06
CA GLY E 454 21.78 -61.91 40.54
C GLY E 454 21.32 -61.26 39.26
N ILE E 455 22.24 -61.04 38.34
CA ILE E 455 21.94 -60.49 37.02
C ILE E 455 22.75 -61.25 35.98
N GLY E 456 22.10 -61.60 34.87
CA GLY E 456 22.74 -62.39 33.84
C GLY E 456 22.39 -61.89 32.46
N ILE E 457 23.24 -62.24 31.50
CA ILE E 457 23.09 -61.86 30.11
C ILE E 457 23.13 -63.12 29.26
N HIS E 458 22.43 -63.09 28.13
CA HIS E 458 22.39 -64.26 27.25
C HIS E 458 22.12 -63.78 25.83
N HIS E 459 23.15 -63.77 24.99
CA HIS E 459 22.99 -63.45 23.59
C HIS E 459 24.13 -64.11 22.80
N GLY E 460 23.94 -64.17 21.49
CA GLY E 460 24.89 -64.89 20.65
C GLY E 460 26.32 -64.41 20.76
N GLY E 461 26.52 -63.15 21.15
CA GLY E 461 27.88 -62.64 21.25
C GLY E 461 28.71 -63.34 22.30
N LEU E 462 28.09 -63.72 23.41
CA LEU E 462 28.84 -64.28 24.53
C LEU E 462 29.60 -65.54 24.10
N LEU E 463 30.50 -65.98 24.97
CA LEU E 463 31.16 -67.26 24.77
C LEU E 463 30.17 -68.38 25.03
N PRO E 464 30.25 -69.49 24.28
CA PRO E 464 29.28 -70.57 24.51
C PRO E 464 29.27 -71.09 25.94
N ILE E 465 30.45 -71.22 26.56
CA ILE E 465 30.51 -71.78 27.90
C ILE E 465 29.79 -70.89 28.89
N LEU E 466 29.95 -69.57 28.76
CA LEU E 466 29.23 -68.66 29.64
C LEU E 466 27.73 -68.76 29.42
N LYS E 467 27.29 -68.91 28.16
CA LYS E 467 25.87 -69.08 27.90
C LYS E 467 25.34 -70.32 28.59
N GLU E 468 26.06 -71.44 28.50
CA GLU E 468 25.61 -72.66 29.15
C GLU E 468 25.57 -72.49 30.67
N THR E 469 26.59 -71.84 31.23
CA THR E 469 26.61 -71.64 32.68
C THR E 469 25.43 -70.80 33.13
N ILE E 470 25.14 -69.73 32.39
CA ILE E 470 24.03 -68.86 32.74
C ILE E 470 22.72 -69.61 32.61
N GLU E 471 22.59 -70.45 31.58
CA GLU E 471 21.39 -71.26 31.45
C GLU E 471 21.21 -72.15 32.66
N ILE E 472 22.28 -72.80 33.11
CA ILE E 472 22.17 -73.67 34.27
C ILE E 472 21.75 -72.86 35.49
N LEU E 473 22.42 -71.73 35.73
CA LEU E 473 22.09 -70.94 36.91
C LEU E 473 20.65 -70.49 36.88
N PHE E 474 20.16 -70.01 35.73
CA PHE E 474 18.77 -69.60 35.64
C PHE E 474 17.84 -70.77 35.91
N SER E 475 18.15 -71.94 35.34
CA SER E 475 17.33 -73.11 35.61
C SER E 475 17.28 -73.42 37.09
N GLU E 476 18.35 -73.14 37.81
CA GLU E 476 18.39 -73.40 39.24
C GLU E 476 17.94 -72.21 40.08
N GLY E 477 17.56 -71.11 39.45
CA GLY E 477 16.94 -70.00 40.15
C GLY E 477 17.90 -69.01 40.79
N LEU E 478 19.21 -69.24 40.72
CA LEU E 478 20.14 -68.32 41.35
C LEU E 478 20.06 -66.94 40.73
N ILE E 479 19.98 -66.86 39.41
CA ILE E 479 19.80 -65.60 38.70
C ILE E 479 18.33 -65.28 38.65
N LYS E 480 17.97 -64.04 38.98
CA LYS E 480 16.57 -63.64 39.06
C LYS E 480 16.20 -62.56 38.05
N ALA E 481 17.10 -62.17 37.16
CA ALA E 481 16.76 -61.20 36.12
C ALA E 481 17.74 -61.41 34.97
N LEU E 482 17.24 -61.88 33.84
CA LEU E 482 18.09 -62.30 32.73
C LEU E 482 17.77 -61.46 31.50
N PHE E 483 18.78 -60.76 30.98
CA PHE E 483 18.65 -59.99 29.75
C PHE E 483 19.03 -60.90 28.59
N ALA E 484 18.07 -61.22 27.73
CA ALA E 484 18.29 -62.18 26.66
C ALA E 484 17.72 -61.64 25.36
N THR E 485 18.25 -62.15 24.26
CA THR E 485 17.69 -61.88 22.94
C THR E 485 16.66 -62.95 22.62
N GLU E 486 16.20 -62.98 21.37
CA GLU E 486 15.12 -63.90 21.00
C GLU E 486 15.54 -65.35 21.17
N THR E 487 16.83 -65.65 21.04
CA THR E 487 17.27 -67.05 21.05
C THR E 487 16.85 -67.76 22.33
N PHE E 488 17.01 -67.10 23.48
CA PHE E 488 16.69 -67.75 24.74
C PHE E 488 15.24 -68.19 24.79
N ALA E 489 14.38 -67.60 23.97
CA ALA E 489 12.98 -68.01 23.95
C ALA E 489 12.85 -69.48 23.61
N MET E 490 13.66 -69.97 22.67
CA MET E 490 13.56 -71.36 22.25
C MET E 490 14.15 -72.33 23.26
N GLY E 491 14.84 -71.84 24.28
CA GLY E 491 15.38 -72.70 25.31
C GLY E 491 14.33 -73.61 25.89
N ILE E 492 14.74 -74.67 26.58
CA ILE E 492 13.83 -75.68 27.09
C ILE E 492 13.83 -75.62 28.61
N ASN E 493 12.64 -75.55 29.20
CA ASN E 493 12.47 -75.64 30.65
C ASN E 493 13.25 -74.54 31.37
N MET E 494 13.08 -73.31 30.90
CA MET E 494 13.62 -72.13 31.56
C MET E 494 12.52 -71.07 31.61
N PRO E 495 11.47 -71.31 32.37
CA PRO E 495 10.39 -70.32 32.50
C PRO E 495 10.75 -69.25 33.52
N ALA E 496 9.85 -68.27 33.64
CA ALA E 496 10.00 -67.20 34.61
C ALA E 496 8.62 -66.65 34.92
N ARG E 497 8.52 -65.95 36.06
CA ARG E 497 7.23 -65.40 36.45
C ARG E 497 6.85 -64.17 35.65
N THR E 498 7.81 -63.51 35.01
CA THR E 498 7.51 -62.30 34.27
C THR E 498 8.44 -62.17 33.07
N VAL E 499 7.92 -61.54 32.02
CA VAL E 499 8.68 -61.28 30.80
C VAL E 499 8.47 -59.83 30.41
N LEU E 500 9.54 -59.18 29.98
CA LEU E 500 9.52 -57.77 29.64
C LEU E 500 10.13 -57.58 28.26
N PHE E 501 9.46 -56.80 27.42
CA PHE E 501 9.96 -56.45 26.10
C PHE E 501 10.44 -55.01 26.14
N THR E 502 11.71 -54.80 25.81
CA THR E 502 12.23 -53.44 25.76
C THR E 502 11.73 -52.71 24.52
N ASN E 503 12.05 -53.24 23.36
CA ASN E 503 11.73 -52.61 22.09
C ASN E 503 11.02 -53.61 21.19
N ALA E 504 9.89 -53.21 20.64
CA ALA E 504 9.13 -54.06 19.73
C ALA E 504 9.51 -53.82 18.27
N ARG E 505 10.81 -53.86 18.00
CA ARG E 505 11.32 -53.66 16.65
C ARG E 505 12.56 -54.52 16.48
N LYS E 506 12.55 -55.43 15.52
CA LYS E 506 13.66 -56.33 15.29
C LYS E 506 14.10 -56.23 13.84
N PHE E 507 15.40 -56.40 13.61
CA PHE E 507 15.98 -56.44 12.27
C PHE E 507 16.19 -57.89 11.90
N ASP E 508 15.29 -58.43 11.08
CA ASP E 508 15.46 -59.77 10.55
C ASP E 508 16.49 -59.73 9.44
N GLY E 509 16.60 -60.81 8.66
CA GLY E 509 17.56 -60.82 7.57
C GLY E 509 17.36 -59.68 6.59
N LYS E 510 16.11 -59.25 6.41
CA LYS E 510 15.82 -58.21 5.41
C LYS E 510 16.04 -56.81 5.98
N ASP E 511 15.26 -56.43 6.97
CA ASP E 511 15.28 -55.05 7.47
C ASP E 511 14.42 -54.99 8.72
N PHE E 512 14.34 -53.79 9.29
CA PHE E 512 13.57 -53.58 10.52
C PHE E 512 12.10 -53.87 10.27
N ARG E 513 11.40 -54.20 11.34
CA ARG E 513 9.96 -54.48 11.26
C ARG E 513 9.44 -54.69 12.67
N TRP E 514 8.13 -54.55 12.81
CA TRP E 514 7.49 -54.89 14.07
C TRP E 514 7.48 -56.40 14.27
N ILE E 515 7.73 -56.83 15.51
CA ILE E 515 7.73 -58.25 15.79
C ILE E 515 6.36 -58.82 15.46
N SER E 516 6.35 -59.92 14.72
CA SER E 516 5.10 -60.56 14.35
C SER E 516 4.40 -61.11 15.59
N SER E 517 3.07 -61.13 15.54
CA SER E 517 2.31 -61.63 16.68
C SER E 517 2.74 -63.04 17.05
N GLY E 518 3.16 -63.83 16.06
CA GLY E 518 3.63 -65.18 16.38
C GLY E 518 4.82 -65.16 17.30
N GLU E 519 5.80 -64.29 17.01
CA GLU E 519 6.97 -64.20 17.87
C GLU E 519 6.61 -63.69 19.25
N TYR E 520 5.68 -62.73 19.32
CA TYR E 520 5.25 -62.24 20.62
C TYR E 520 4.62 -63.35 21.45
N ILE E 521 3.76 -64.15 20.84
CA ILE E 521 3.15 -65.26 21.56
C ILE E 521 4.22 -66.26 21.99
N GLN E 522 5.15 -66.57 21.08
CA GLN E 522 6.19 -67.54 21.41
C GLN E 522 7.00 -67.08 22.61
N MET E 523 7.39 -65.81 22.64
CA MET E 523 8.21 -65.32 23.74
C MET E 523 7.40 -65.22 25.03
N SER E 524 6.20 -64.65 24.96
CA SER E 524 5.37 -64.53 26.15
C SER E 524 5.02 -65.89 26.73
N GLY E 525 5.06 -66.96 25.93
CA GLY E 525 4.79 -68.27 26.46
C GLY E 525 5.77 -68.68 27.54
N ARG E 526 6.91 -68.01 27.64
CA ARG E 526 7.91 -68.31 28.65
C ARG E 526 7.65 -67.59 29.97
N ALA E 527 6.41 -67.16 30.21
CA ALA E 527 6.05 -66.46 31.42
C ALA E 527 5.07 -67.29 32.22
N GLY E 528 5.35 -67.46 33.51
CA GLY E 528 4.46 -68.19 34.39
C GLY E 528 4.91 -69.62 34.58
N ARG E 529 5.52 -69.92 35.72
CA ARG E 529 5.91 -71.29 36.02
C ARG E 529 4.67 -72.10 36.35
N ARG E 530 4.88 -73.39 36.63
CA ARG E 530 3.79 -74.30 36.93
C ARG E 530 3.66 -74.41 38.44
N GLY E 531 2.48 -74.08 38.96
CA GLY E 531 2.21 -74.25 40.38
C GLY E 531 2.82 -73.25 41.32
N MET E 532 4.13 -73.00 41.19
CA MET E 532 4.80 -72.12 42.15
C MET E 532 4.23 -70.71 42.09
N ASP E 533 3.94 -70.19 40.90
CA ASP E 533 3.29 -68.91 40.73
C ASP E 533 2.03 -69.10 39.89
N ASP E 534 0.95 -68.43 40.28
CA ASP E 534 -0.37 -68.67 39.69
C ASP E 534 -0.84 -67.50 38.83
N ARG E 535 0.07 -66.63 38.40
CA ARG E 535 -0.32 -65.50 37.57
C ARG E 535 0.91 -65.02 36.82
N GLY E 536 0.98 -65.31 35.52
CA GLY E 536 2.08 -64.83 34.71
C GLY E 536 1.82 -63.40 34.25
N ILE E 537 2.90 -62.62 34.22
CA ILE E 537 2.82 -61.20 33.90
C ILE E 537 3.74 -60.94 32.71
N VAL E 538 3.20 -60.30 31.68
CA VAL E 538 3.98 -59.90 30.51
C VAL E 538 3.80 -58.40 30.31
N ILE E 539 4.90 -57.68 30.23
CA ILE E 539 4.91 -56.23 30.14
C ILE E 539 5.56 -55.83 28.83
N LEU E 540 4.87 -55.01 28.05
CA LEU E 540 5.37 -54.55 26.76
C LEU E 540 5.60 -53.04 26.83
N MET E 541 6.84 -52.63 26.58
CA MET E 541 7.17 -51.22 26.52
C MET E 541 6.92 -50.70 25.10
N VAL E 542 6.28 -49.53 25.01
CA VAL E 542 5.95 -48.94 23.71
C VAL E 542 6.54 -47.54 23.67
N ASP E 543 7.24 -47.23 22.58
CA ASP E 543 7.86 -45.93 22.40
C ASP E 543 6.91 -45.01 21.63
N GLU E 544 7.41 -43.85 21.20
CA GLU E 544 6.57 -42.88 20.52
C GLU E 544 6.18 -43.37 19.12
N LYS E 545 7.06 -44.09 18.45
CA LYS E 545 6.79 -44.54 17.09
C LYS E 545 5.91 -45.78 17.11
N MET E 546 4.79 -45.70 17.80
CA MET E 546 3.85 -46.81 17.93
C MET E 546 2.45 -46.29 17.63
N SER E 547 1.62 -47.18 17.09
CA SER E 547 0.27 -46.79 16.73
C SER E 547 -0.74 -47.70 17.41
N PRO E 548 -1.87 -47.17 17.86
CA PRO E 548 -2.89 -48.03 18.48
C PRO E 548 -3.30 -49.21 17.61
N THR E 549 -3.39 -49.02 16.30
CA THR E 549 -3.72 -50.14 15.42
C THR E 549 -2.65 -51.22 15.49
N ILE E 550 -1.38 -50.81 15.47
CA ILE E 550 -0.29 -51.79 15.54
C ILE E 550 -0.33 -52.52 16.87
N GLY E 551 -0.55 -51.79 17.97
CA GLY E 551 -0.64 -52.44 19.26
C GLY E 551 -1.78 -53.44 19.33
N LYS E 552 -2.95 -53.04 18.83
CA LYS E 552 -4.09 -53.95 18.85
C LYS E 552 -3.80 -55.20 18.03
N GLN E 553 -3.24 -55.03 16.83
CA GLN E 553 -2.94 -56.18 16.01
C GLN E 553 -1.91 -57.09 16.67
N LEU E 554 -0.89 -56.50 17.28
CA LEU E 554 0.15 -57.30 17.91
C LEU E 554 -0.40 -58.10 19.09
N LEU E 555 -1.20 -57.45 19.94
CA LEU E 555 -1.74 -58.15 21.10
C LEU E 555 -2.78 -59.19 20.70
N LYS E 556 -3.71 -58.82 19.83
CA LYS E 556 -4.83 -59.69 19.48
C LYS E 556 -4.50 -60.64 18.34
N GLY E 557 -3.36 -60.49 17.69
CA GLY E 557 -3.03 -61.35 16.58
C GLY E 557 -2.82 -62.78 17.01
N SER E 558 -2.95 -63.69 16.05
CA SER E 558 -2.74 -65.11 16.27
C SER E 558 -1.43 -65.55 15.61
N ALA E 559 -1.08 -66.80 15.84
CA ALA E 559 0.17 -67.32 15.30
C ALA E 559 0.17 -67.24 13.78
N ASP E 560 1.33 -66.93 13.22
CA ASP E 560 1.45 -66.82 11.78
C ASP E 560 1.30 -68.19 11.11
N PRO E 561 0.78 -68.24 9.89
CA PRO E 561 0.65 -69.52 9.20
C PRO E 561 2.03 -70.06 8.83
N LEU E 562 2.09 -71.38 8.69
CA LEU E 562 3.33 -72.06 8.32
C LEU E 562 3.41 -72.08 6.80
N ASN E 563 4.24 -71.21 6.23
CA ASN E 563 4.48 -71.16 4.79
C ASN E 563 5.90 -71.63 4.52
N SER E 564 6.03 -72.60 3.63
CA SER E 564 7.34 -73.17 3.36
C SER E 564 8.25 -72.13 2.71
N ALA E 565 9.53 -72.50 2.60
CA ALA E 565 10.53 -71.65 1.97
C ALA E 565 11.46 -72.48 1.08
N PHE E 566 10.93 -73.53 0.48
CA PHE E 566 11.77 -74.41 -0.35
C PHE E 566 12.40 -73.62 -1.48
N HIS E 567 13.69 -73.84 -1.69
CA HIS E 567 14.43 -73.21 -2.77
C HIS E 567 15.56 -74.13 -3.19
N LEU E 568 15.84 -74.16 -4.48
CA LEU E 568 16.83 -75.10 -5.00
C LEU E 568 18.22 -74.79 -4.47
N THR E 569 19.05 -75.82 -4.40
CA THR E 569 20.44 -75.69 -4.00
C THR E 569 21.28 -76.61 -4.86
N TYR E 570 22.46 -76.14 -5.24
CA TYR E 570 23.33 -76.94 -6.11
C TYR E 570 23.67 -78.28 -5.47
N ASN E 571 23.84 -78.31 -4.15
CA ASN E 571 24.15 -79.58 -3.50
C ASN E 571 23.01 -80.57 -3.66
N MET E 572 21.77 -80.11 -3.46
CA MET E 572 20.62 -81.00 -3.65
C MET E 572 20.58 -81.53 -5.07
N VAL E 573 20.74 -80.64 -6.05
CA VAL E 573 20.67 -81.05 -7.45
C VAL E 573 21.76 -82.08 -7.75
N LEU E 574 22.99 -81.79 -7.32
CA LEU E 574 24.10 -82.69 -7.61
C LEU E 574 23.85 -84.06 -6.98
N ASN E 575 23.46 -84.07 -5.70
CA ASN E 575 23.25 -85.36 -5.03
C ASN E 575 22.14 -86.15 -5.69
N LEU E 576 21.02 -85.49 -6.02
CA LEU E 576 19.93 -86.20 -6.65
C LEU E 576 20.32 -86.74 -8.02
N LEU E 577 21.07 -85.96 -8.80
CA LEU E 577 21.54 -86.46 -10.08
C LEU E 577 22.44 -87.66 -9.90
N ARG E 578 23.34 -87.60 -8.91
CA ARG E 578 24.26 -88.71 -8.70
C ARG E 578 23.52 -90.03 -8.50
N VAL E 579 22.57 -90.04 -7.57
CA VAL E 579 21.80 -91.26 -7.35
C VAL E 579 20.97 -91.56 -8.58
N GLU E 580 20.62 -92.82 -8.75
CA GLU E 580 19.91 -93.31 -9.92
C GLU E 580 18.46 -93.62 -9.57
N GLU E 581 17.64 -93.78 -10.60
CA GLU E 581 16.21 -94.05 -10.45
C GLU E 581 15.50 -92.92 -9.72
N ILE E 582 16.03 -91.70 -9.82
CA ILE E 582 15.36 -90.54 -9.24
C ILE E 582 16.00 -89.28 -9.79
N ASN E 583 15.22 -88.20 -9.85
CA ASN E 583 15.66 -86.95 -10.43
C ASN E 583 15.10 -85.79 -9.59
N PRO E 584 15.69 -84.60 -9.70
CA PRO E 584 15.22 -83.48 -8.88
C PRO E 584 13.76 -83.12 -9.12
N GLU E 585 13.20 -83.50 -10.26
CA GLU E 585 11.80 -83.19 -10.51
C GLU E 585 10.91 -83.78 -9.42
N TYR E 586 11.25 -84.98 -8.96
CA TYR E 586 10.49 -85.61 -7.89
C TYR E 586 10.44 -84.70 -6.66
N MET E 587 11.61 -84.26 -6.20
CA MET E 587 11.67 -83.38 -5.04
C MET E 587 10.86 -82.12 -5.29
N LEU E 588 11.09 -81.46 -6.41
CA LEU E 588 10.36 -80.22 -6.68
C LEU E 588 8.86 -80.45 -6.65
N GLU E 589 8.41 -81.59 -7.17
CA GLU E 589 6.99 -81.88 -7.18
C GLU E 589 6.43 -82.03 -5.77
N LYS E 590 7.18 -82.70 -4.90
CA LYS E 590 6.63 -83.10 -3.61
C LYS E 590 7.05 -82.19 -2.45
N SER E 591 7.66 -81.05 -2.71
CA SER E 591 8.29 -80.27 -1.64
C SER E 591 7.35 -79.23 -1.04
N PHE E 592 6.14 -79.64 -0.67
CA PHE E 592 5.25 -78.82 0.15
C PHE E 592 5.19 -77.38 -0.33
N TYR E 593 5.50 -77.15 -1.61
CA TYR E 593 5.37 -75.83 -2.22
C TYR E 593 4.43 -75.86 -3.40
N GLN E 594 4.62 -76.83 -4.30
CA GLN E 594 3.56 -77.14 -5.26
C GLN E 594 2.31 -77.61 -4.52
N PHE E 595 2.48 -78.21 -3.35
CA PHE E 595 1.33 -78.71 -2.61
C PHE E 595 0.41 -77.56 -2.19
N GLN E 596 0.98 -76.46 -1.71
CA GLN E 596 0.15 -75.34 -1.32
C GLN E 596 -0.62 -74.78 -2.51
N HIS E 597 0.04 -74.70 -3.67
CA HIS E 597 -0.65 -74.21 -4.86
C HIS E 597 -1.76 -75.15 -5.27
N TYR E 598 -1.52 -76.46 -5.20
CA TYR E 598 -2.58 -77.40 -5.53
C TYR E 598 -3.75 -77.23 -4.59
N ARG E 599 -3.48 -77.06 -3.29
CA ARG E 599 -4.55 -76.82 -2.34
C ARG E 599 -5.29 -75.53 -2.66
N ALA E 600 -4.58 -74.52 -3.17
CA ALA E 600 -5.22 -73.26 -3.49
C ALA E 600 -6.06 -73.33 -4.77
N ILE E 601 -5.71 -74.22 -5.68
CA ILE E 601 -6.34 -74.24 -7.00
C ILE E 601 -7.86 -74.25 -6.91
N PRO E 602 -8.49 -75.09 -6.09
CA PRO E 602 -9.96 -75.08 -6.04
C PRO E 602 -10.54 -73.71 -5.73
N GLY E 603 -9.88 -72.95 -4.87
CA GLY E 603 -10.39 -71.63 -4.55
C GLY E 603 -10.47 -70.73 -5.78
N VAL E 604 -9.39 -70.68 -6.56
CA VAL E 604 -9.38 -69.83 -7.74
C VAL E 604 -10.35 -70.37 -8.79
N VAL E 605 -10.46 -71.69 -8.90
CA VAL E 605 -11.40 -72.26 -9.86
C VAL E 605 -12.82 -71.81 -9.54
N GLU E 606 -13.21 -71.95 -8.26
CA GLU E 606 -14.54 -71.52 -7.88
C GLU E 606 -14.71 -70.02 -8.05
N LYS E 607 -13.64 -69.26 -7.77
CA LYS E 607 -13.72 -67.81 -7.93
C LYS E 607 -14.02 -67.43 -9.37
N VAL E 608 -13.29 -68.02 -10.32
CA VAL E 608 -13.51 -67.70 -11.71
C VAL E 608 -14.90 -68.16 -12.14
N LYS E 609 -15.33 -69.34 -11.69
CA LYS E 609 -16.65 -69.82 -12.09
C LYS E 609 -17.74 -68.88 -11.59
N ASN E 610 -17.65 -68.47 -10.32
CA ASN E 610 -18.64 -67.57 -9.76
C ASN E 610 -18.65 -66.24 -10.47
N SER E 611 -17.47 -65.67 -10.73
CA SER E 611 -17.41 -64.41 -11.44
C SER E 611 -18.01 -64.54 -12.83
N GLU E 612 -17.74 -65.65 -13.52
CA GLU E 612 -18.28 -65.86 -14.85
C GLU E 612 -19.80 -65.93 -14.82
N GLU E 613 -20.35 -66.71 -13.90
CA GLU E 613 -21.80 -66.85 -13.88
C GLU E 613 -22.46 -65.53 -13.52
N GLN E 614 -21.85 -64.75 -12.62
CA GLN E 614 -22.43 -63.46 -12.28
C GLN E 614 -22.33 -62.49 -13.45
N TYR E 615 -21.20 -62.50 -14.16
CA TYR E 615 -21.03 -61.65 -15.33
C TYR E 615 -22.07 -61.98 -16.39
N ASN E 616 -22.32 -63.26 -16.62
CA ASN E 616 -23.39 -63.64 -17.53
C ASN E 616 -24.75 -63.18 -17.00
N LYS E 617 -24.96 -63.30 -15.69
CA LYS E 617 -26.24 -62.93 -15.11
C LYS E 617 -26.63 -61.51 -15.45
N ILE E 618 -25.66 -60.59 -15.54
CA ILE E 618 -25.98 -59.20 -15.78
C ILE E 618 -26.74 -59.07 -17.10
N VAL E 619 -27.68 -58.12 -17.14
CA VAL E 619 -28.54 -57.89 -18.29
C VAL E 619 -28.38 -56.45 -18.74
N ILE E 620 -28.14 -56.27 -20.04
CA ILE E 620 -27.94 -54.94 -20.62
C ILE E 620 -28.96 -54.75 -21.75
N PRO E 621 -29.59 -53.58 -21.86
CA PRO E 621 -30.58 -53.40 -22.94
C PRO E 621 -29.99 -53.54 -24.33
N ASN E 622 -28.91 -52.81 -24.63
CA ASN E 622 -28.26 -52.89 -25.93
C ASN E 622 -26.79 -52.57 -25.70
N GLU E 623 -25.97 -53.61 -25.60
CA GLU E 623 -24.60 -53.43 -25.12
C GLU E 623 -23.72 -52.69 -26.12
N GLU E 624 -24.04 -52.73 -27.41
CA GLU E 624 -23.14 -52.11 -28.39
C GLU E 624 -23.03 -50.60 -28.15
N SER E 625 -24.17 -49.90 -28.09
CA SER E 625 -24.14 -48.45 -27.95
C SER E 625 -23.59 -48.05 -26.59
N VAL E 626 -24.02 -48.73 -25.54
CA VAL E 626 -23.54 -48.41 -24.20
C VAL E 626 -22.03 -48.63 -24.13
N VAL E 627 -21.54 -49.70 -24.77
CA VAL E 627 -20.12 -49.98 -24.73
C VAL E 627 -19.34 -48.92 -25.49
N ILE E 628 -19.86 -48.48 -26.64
CA ILE E 628 -19.18 -47.41 -27.37
C ILE E 628 -19.10 -46.15 -26.51
N TYR E 629 -20.22 -45.80 -25.88
CA TYR E 629 -20.23 -44.62 -25.03
C TYR E 629 -19.23 -44.76 -23.88
N TYR E 630 -19.20 -45.94 -23.25
CA TYR E 630 -18.29 -46.17 -22.14
C TYR E 630 -16.84 -46.10 -22.58
N LYS E 631 -16.54 -46.66 -23.76
CA LYS E 631 -15.17 -46.59 -24.27
C LYS E 631 -14.76 -45.15 -24.54
N ILE E 632 -15.67 -44.36 -25.11
CA ILE E 632 -15.37 -42.95 -25.34
C ILE E 632 -15.12 -42.24 -24.01
N ARG E 633 -15.95 -42.53 -23.00
CA ARG E 633 -15.75 -41.92 -21.69
C ARG E 633 -14.39 -42.28 -21.12
N GLN E 634 -14.02 -43.55 -21.21
CA GLN E 634 -12.72 -43.97 -20.69
C GLN E 634 -11.59 -43.31 -21.44
N GLN E 635 -11.74 -43.15 -22.76
CA GLN E 635 -10.71 -42.46 -23.53
C GLN E 635 -10.57 -41.01 -23.09
N LEU E 636 -11.71 -40.35 -22.83
CA LEU E 636 -11.64 -39.00 -22.30
C LEU E 636 -10.93 -38.97 -20.96
N ALA E 637 -11.20 -39.95 -20.11
CA ALA E 637 -10.52 -40.01 -18.82
C ALA E 637 -9.01 -40.15 -19.01
N LYS E 638 -8.59 -41.02 -19.93
CA LYS E 638 -7.16 -41.19 -20.18
C LYS E 638 -6.55 -39.89 -20.71
N LEU E 639 -7.23 -39.21 -21.62
CA LEU E 639 -6.69 -37.96 -22.14
C LEU E 639 -6.58 -36.91 -21.03
N GLY E 640 -7.57 -36.84 -20.15
CA GLY E 640 -7.46 -35.95 -19.01
C GLY E 640 -6.28 -36.30 -18.13
N LYS E 641 -6.04 -37.60 -17.96
CA LYS E 641 -4.86 -38.02 -17.20
C LYS E 641 -3.59 -37.54 -17.87
N GLU E 642 -3.52 -37.63 -19.20
CA GLU E 642 -2.34 -37.15 -19.91
C GLU E 642 -2.16 -35.65 -19.72
N ILE E 643 -3.26 -34.89 -19.82
CA ILE E 643 -3.16 -33.44 -19.63
C ILE E 643 -2.65 -33.12 -18.23
N GLU E 644 -3.21 -33.79 -17.22
CA GLU E 644 -2.76 -33.54 -15.87
C GLU E 644 -1.30 -33.90 -15.69
N GLU E 645 -0.85 -35.01 -16.29
CA GLU E 645 0.56 -35.32 -16.28
C GLU E 645 1.37 -34.18 -16.88
N TYR E 646 0.83 -33.55 -17.92
CA TYR E 646 1.52 -32.42 -18.52
C TYR E 646 1.60 -31.25 -17.55
N ILE E 647 0.51 -30.97 -16.83
CA ILE E 647 0.49 -29.84 -15.90
C ILE E 647 1.52 -30.04 -14.81
N HIS E 648 1.56 -31.23 -14.23
CA HIS E 648 2.37 -31.47 -13.04
C HIS E 648 3.84 -31.49 -13.31
N LYS E 649 4.33 -31.14 -14.48
CA LYS E 649 5.76 -30.95 -14.63
C LYS E 649 6.20 -29.87 -13.64
N PRO E 650 7.22 -30.12 -12.83
CA PRO E 650 7.51 -29.17 -11.74
C PRO E 650 7.75 -27.75 -12.22
N LYS E 651 8.45 -27.58 -13.35
CA LYS E 651 8.81 -26.25 -13.79
C LYS E 651 7.62 -25.41 -14.21
N TYR E 652 6.45 -26.02 -14.41
CA TYR E 652 5.26 -25.28 -14.80
C TYR E 652 4.29 -25.04 -13.65
N CYS E 653 4.17 -26.00 -12.72
CA CYS E 653 3.19 -25.87 -11.64
C CYS E 653 3.79 -25.38 -10.34
N LEU E 654 5.10 -25.52 -10.13
CA LEU E 654 5.67 -25.07 -8.86
C LEU E 654 5.45 -23.60 -8.61
N PRO E 655 5.60 -22.70 -9.57
CA PRO E 655 5.33 -21.28 -9.29
C PRO E 655 3.92 -21.03 -8.80
N PHE E 656 2.96 -21.89 -9.15
CA PHE E 656 1.58 -21.69 -8.78
C PHE E 656 1.21 -22.28 -7.43
N LEU E 657 2.11 -23.04 -6.81
CA LEU E 657 1.83 -23.66 -5.51
C LEU E 657 2.28 -22.72 -4.39
N GLN E 658 1.53 -21.65 -4.26
CA GLN E 658 1.82 -20.65 -3.24
C GLN E 658 1.16 -21.04 -1.93
N PRO E 659 1.57 -20.42 -0.82
CA PRO E 659 1.09 -20.88 0.49
C PRO E 659 -0.37 -20.57 0.76
N GLY E 660 -1.12 -20.16 -0.26
CA GLY E 660 -2.55 -19.97 -0.10
C GLY E 660 -3.36 -20.63 -1.19
N ARG E 661 -2.67 -21.18 -2.20
CA ARG E 661 -3.36 -21.75 -3.34
C ARG E 661 -4.42 -22.74 -2.88
N LEU E 662 -5.43 -22.93 -3.70
CA LEU E 662 -6.58 -23.77 -3.37
C LEU E 662 -6.60 -24.94 -4.34
N VAL E 663 -6.06 -26.09 -3.94
CA VAL E 663 -5.91 -27.23 -4.83
C VAL E 663 -6.75 -28.38 -4.30
N LYS E 664 -7.23 -29.21 -5.21
CA LYS E 664 -7.91 -30.46 -4.85
C LYS E 664 -6.93 -31.60 -4.99
N VAL E 665 -6.86 -32.45 -3.97
CA VAL E 665 -5.97 -33.60 -3.97
C VAL E 665 -6.81 -34.85 -3.89
N LYS E 666 -6.61 -35.76 -4.85
CA LYS E 666 -7.44 -36.97 -4.98
C LYS E 666 -6.52 -38.13 -5.33
N ASN E 667 -6.09 -38.86 -4.30
CA ASN E 667 -5.44 -40.14 -4.53
C ASN E 667 -6.48 -41.15 -4.99
N GLU E 668 -6.10 -42.01 -5.94
CA GLU E 668 -7.03 -42.96 -6.52
C GLU E 668 -7.90 -43.59 -5.45
N GLY E 669 -9.21 -43.56 -5.68
CA GLY E 669 -10.18 -44.13 -4.75
C GLY E 669 -10.63 -43.20 -3.65
N ASP E 670 -9.69 -42.46 -3.05
CA ASP E 670 -9.99 -41.60 -1.91
C ASP E 670 -9.62 -40.16 -2.27
N ASP E 671 -10.62 -39.27 -2.22
CA ASP E 671 -10.42 -37.86 -2.51
C ASP E 671 -10.72 -37.04 -1.26
N PHE E 672 -9.79 -36.16 -0.89
CA PHE E 672 -9.91 -35.38 0.33
C PHE E 672 -10.69 -34.09 0.12
N GLY E 673 -11.09 -33.78 -1.10
CA GLY E 673 -11.73 -32.51 -1.37
C GLY E 673 -10.72 -31.39 -1.44
N TRP E 674 -11.24 -30.17 -1.52
CA TRP E 674 -10.38 -29.00 -1.66
C TRP E 674 -9.53 -28.80 -0.41
N GLY E 675 -8.37 -28.21 -0.60
CA GLY E 675 -7.51 -27.88 0.51
C GLY E 675 -6.47 -26.87 0.08
N VAL E 676 -5.98 -26.12 1.05
CA VAL E 676 -5.06 -25.02 0.78
C VAL E 676 -3.64 -25.53 0.86
N VAL E 677 -2.83 -25.23 -0.16
CA VAL E 677 -1.41 -25.52 -0.07
C VAL E 677 -0.84 -24.71 1.08
N VAL E 678 0.26 -25.21 1.65
CA VAL E 678 0.95 -24.50 2.72
C VAL E 678 2.42 -24.36 2.37
N ASN E 679 3.03 -25.44 1.88
CA ASN E 679 4.44 -25.43 1.57
C ASN E 679 4.72 -26.60 0.64
N PHE E 680 5.87 -26.54 -0.03
CA PHE E 680 6.33 -27.65 -0.85
C PHE E 680 7.85 -27.70 -0.79
N SER E 681 8.40 -28.87 -1.07
CA SER E 681 9.84 -29.05 -0.99
C SER E 681 10.26 -30.22 -1.86
N LYS E 682 11.56 -30.28 -2.15
CA LYS E 682 12.14 -31.35 -2.96
C LYS E 682 12.66 -32.42 -2.02
N LYS E 683 11.96 -33.55 -1.96
CA LYS E 683 12.38 -34.67 -1.15
C LYS E 683 13.27 -35.59 -1.98
N SER E 684 14.27 -36.17 -1.33
CA SER E 684 15.19 -37.09 -2.00
C SER E 684 15.42 -38.34 -1.16
N PRO E 695 13.87 -37.61 -8.18
CA PRO E 695 13.78 -36.58 -7.13
C PRO E 695 12.39 -35.96 -7.07
N LEU E 696 11.49 -36.61 -6.34
CA LEU E 696 10.09 -36.20 -6.31
C LEU E 696 9.89 -34.95 -5.48
N TYR E 697 8.75 -34.30 -5.68
CA TYR E 697 8.36 -33.09 -4.97
C TYR E 697 7.20 -33.41 -4.04
N VAL E 698 7.29 -32.97 -2.79
CA VAL E 698 6.26 -33.18 -1.79
C VAL E 698 5.60 -31.84 -1.52
N VAL E 699 4.28 -31.78 -1.70
CA VAL E 699 3.49 -30.57 -1.46
C VAL E 699 2.64 -30.83 -0.23
N GLU E 700 2.63 -29.89 0.69
CA GLU E 700 1.94 -30.07 1.96
C GLU E 700 0.64 -29.28 1.93
N VAL E 701 -0.47 -29.99 1.79
CA VAL E 701 -1.77 -29.36 1.69
C VAL E 701 -2.42 -29.40 3.07
N LEU E 702 -3.54 -28.70 3.21
CA LEU E 702 -4.26 -28.62 4.48
C LEU E 702 -5.64 -29.19 4.25
N LEU E 703 -5.80 -30.48 4.52
CA LEU E 703 -7.00 -31.23 4.15
C LEU E 703 -7.81 -31.56 5.39
N ARG E 704 -8.98 -32.16 5.15
CA ARG E 704 -9.83 -32.68 6.22
C ARG E 704 -9.50 -34.15 6.43
N CYS E 705 -9.04 -34.49 7.63
CA CYS E 705 -8.65 -35.85 7.97
C CYS E 705 -9.76 -36.54 8.76
N SER E 706 -9.57 -37.84 8.99
CA SER E 706 -10.65 -38.70 9.47
C SER E 706 -10.75 -38.78 10.99
N LYS E 707 -9.79 -38.23 11.73
CA LYS E 707 -9.78 -38.29 13.19
C LYS E 707 -9.46 -39.68 13.70
N GLU E 708 -9.38 -40.65 12.80
CA GLU E 708 -8.89 -41.99 13.12
C GLU E 708 -7.46 -42.18 12.62
N SER E 709 -7.22 -41.91 11.34
CA SER E 709 -5.86 -41.83 10.84
C SER E 709 -5.08 -40.76 11.59
N LEU E 710 -5.76 -39.75 12.13
CA LEU E 710 -5.07 -38.73 12.89
C LEU E 710 -4.56 -39.27 14.22
N LYS E 711 -5.36 -40.09 14.90
CA LYS E 711 -4.97 -40.59 16.21
C LYS E 711 -3.79 -41.54 16.10
N ASN E 712 -3.79 -42.40 15.09
CA ASN E 712 -2.70 -43.35 14.87
C ASN E 712 -1.80 -42.91 13.72
N SER E 713 -1.56 -41.61 13.61
CA SER E 713 -0.77 -41.07 12.50
C SER E 713 0.69 -41.50 12.55
N ALA E 714 1.14 -42.09 13.66
CA ALA E 714 2.54 -42.48 13.77
C ALA E 714 2.94 -43.46 12.68
N THR E 715 1.98 -44.24 12.18
CA THR E 715 2.27 -45.23 11.14
C THR E 715 1.38 -45.08 9.91
N GLU E 716 0.12 -44.69 10.09
CA GLU E 716 -0.77 -44.53 8.96
C GLU E 716 -0.32 -43.35 8.10
N ALA E 717 -0.85 -43.28 6.89
CA ALA E 717 -0.48 -42.22 5.94
C ALA E 717 -1.45 -41.05 6.06
N ALA E 718 -2.70 -41.27 5.66
CA ALA E 718 -3.76 -40.28 5.79
C ALA E 718 -5.04 -40.91 5.25
N LYS E 719 -6.17 -40.29 5.56
CA LYS E 719 -7.44 -40.79 5.07
C LYS E 719 -8.44 -39.64 4.96
N PRO E 720 -9.23 -39.59 3.90
CA PRO E 720 -10.22 -38.51 3.79
C PRO E 720 -11.20 -38.57 4.94
N ALA E 721 -11.62 -37.39 5.40
CA ALA E 721 -12.56 -37.32 6.49
C ALA E 721 -13.85 -38.06 6.13
N LYS E 722 -14.34 -38.85 7.06
CA LYS E 722 -15.58 -39.57 6.81
C LYS E 722 -16.72 -38.57 6.60
N PRO E 723 -17.61 -38.82 5.64
CA PRO E 723 -18.66 -37.82 5.36
C PRO E 723 -19.53 -37.52 6.56
N ASP E 724 -19.80 -38.50 7.41
CA ASP E 724 -20.70 -38.29 8.54
C ASP E 724 -20.16 -37.23 9.49
N GLU E 725 -18.92 -37.40 9.94
CA GLU E 725 -18.35 -36.56 10.97
C GLU E 725 -17.55 -35.42 10.36
N LYS E 726 -17.08 -34.53 11.22
CA LYS E 726 -16.29 -33.37 10.81
C LYS E 726 -14.81 -33.64 11.07
N GLY E 727 -14.00 -33.51 10.02
CA GLY E 727 -12.59 -33.79 10.13
C GLY E 727 -11.90 -32.84 11.10
N GLU E 728 -10.57 -32.98 11.13
CA GLU E 728 -9.73 -32.15 12.00
C GLU E 728 -9.04 -31.02 11.25
N MET E 729 -9.01 -31.07 9.93
CA MET E 729 -8.40 -30.00 9.13
C MET E 729 -6.91 -29.89 9.43
N GLN E 730 -6.18 -30.98 9.14
CA GLN E 730 -4.76 -31.09 9.44
C GLN E 730 -3.94 -31.03 8.15
N VAL E 731 -2.65 -30.78 8.33
CA VAL E 731 -1.72 -30.68 7.21
C VAL E 731 -1.28 -32.08 6.79
N VAL E 732 -1.36 -32.36 5.49
CA VAL E 732 -1.05 -33.67 4.92
C VAL E 732 0.06 -33.48 3.89
N PRO E 733 1.17 -34.20 3.99
CA PRO E 733 2.22 -34.08 2.96
C PRO E 733 1.99 -34.97 1.75
N VAL E 734 1.22 -34.50 0.78
CA VAL E 734 0.90 -35.33 -0.39
C VAL E 734 2.00 -35.21 -1.43
N LEU E 735 2.00 -36.12 -2.40
CA LEU E 735 2.90 -36.04 -3.53
C LEU E 735 2.34 -35.07 -4.56
N VAL E 736 3.24 -34.49 -5.36
CA VAL E 736 2.82 -33.42 -6.26
C VAL E 736 1.81 -33.93 -7.27
N HIS E 737 2.03 -35.12 -7.83
CA HIS E 737 1.17 -35.57 -8.92
C HIS E 737 -0.24 -35.92 -8.45
N LEU E 738 -0.49 -35.95 -7.14
CA LEU E 738 -1.83 -36.21 -6.66
C LEU E 738 -2.75 -35.00 -6.79
N LEU E 739 -2.21 -33.83 -7.11
CA LEU E 739 -3.03 -32.63 -7.22
C LEU E 739 -3.92 -32.75 -8.45
N SER E 740 -5.17 -33.13 -8.23
CA SER E 740 -6.08 -33.32 -9.36
C SER E 740 -6.31 -32.02 -10.12
N ALA E 741 -6.50 -30.91 -9.40
CA ALA E 741 -6.83 -29.64 -10.05
C ALA E 741 -6.29 -28.49 -9.21
N ILE E 742 -5.46 -27.66 -9.82
CA ILE E 742 -4.85 -26.53 -9.14
C ILE E 742 -5.72 -25.32 -9.48
N SER E 743 -6.77 -25.10 -8.70
CA SER E 743 -7.64 -23.97 -8.98
C SER E 743 -6.87 -22.67 -8.87
N SER E 744 -7.50 -21.58 -9.27
CA SER E 744 -6.92 -20.26 -9.10
C SER E 744 -7.90 -19.42 -8.29
N VAL E 745 -7.90 -19.65 -6.98
CA VAL E 745 -8.40 -18.69 -6.01
C VAL E 745 -7.51 -18.81 -4.81
N ARG E 746 -6.52 -17.94 -4.70
CA ARG E 746 -5.58 -18.03 -3.60
C ARG E 746 -6.19 -17.38 -2.37
N LEU E 747 -6.33 -18.15 -1.30
CA LEU E 747 -6.95 -17.65 -0.09
C LEU E 747 -5.98 -16.81 0.72
N TYR E 748 -6.53 -16.05 1.67
CA TYR E 748 -5.73 -15.29 2.62
C TYR E 748 -5.44 -16.21 3.80
N ILE E 749 -4.21 -16.68 3.87
CA ILE E 749 -3.82 -17.69 4.86
C ILE E 749 -3.47 -16.98 6.17
N PRO E 750 -3.83 -17.53 7.33
CA PRO E 750 -3.58 -16.80 8.59
C PRO E 750 -2.12 -16.54 8.89
N LYS E 751 -1.20 -17.30 8.31
CA LYS E 751 0.25 -17.19 8.52
C LYS E 751 0.71 -17.85 9.81
N ASP E 752 -0.20 -18.40 10.62
CA ASP E 752 0.18 -19.17 11.80
C ASP E 752 -0.86 -20.27 11.98
N LEU E 753 -0.57 -21.44 11.44
CA LEU E 753 -1.51 -22.54 11.38
C LEU E 753 -1.26 -23.59 12.46
N ARG E 754 -0.62 -23.20 13.56
CA ARG E 754 -0.41 -24.11 14.67
C ARG E 754 -1.70 -24.31 15.46
N PRO E 755 -2.28 -23.26 16.03
CA PRO E 755 -3.51 -23.44 16.82
C PRO E 755 -4.63 -24.02 15.97
N VAL E 756 -5.42 -24.91 16.59
CA VAL E 756 -6.50 -25.56 15.86
C VAL E 756 -7.62 -24.59 15.53
N ASP E 757 -7.68 -23.44 16.19
CA ASP E 757 -8.74 -22.48 15.89
C ASP E 757 -8.58 -21.91 14.49
N ASN E 758 -7.35 -21.57 14.09
CA ASN E 758 -7.14 -20.95 12.79
C ASN E 758 -7.59 -21.86 11.65
N ARG E 759 -7.23 -23.14 11.72
CA ARG E 759 -7.53 -24.04 10.61
C ARG E 759 -9.03 -24.17 10.39
N GLN E 760 -9.83 -24.09 11.45
CA GLN E 760 -11.27 -24.05 11.26
C GLN E 760 -11.68 -22.78 10.53
N SER E 761 -11.00 -21.66 10.81
CA SER E 761 -11.27 -20.45 10.05
C SER E 761 -10.98 -20.65 8.58
N VAL E 762 -9.88 -21.35 8.27
CA VAL E 762 -9.56 -21.64 6.87
C VAL E 762 -10.66 -22.48 6.24
N LEU E 763 -11.16 -23.47 6.98
CA LEU E 763 -12.25 -24.28 6.45
C LEU E 763 -13.48 -23.42 6.15
N LYS E 764 -13.81 -22.52 7.07
CA LYS E 764 -14.94 -21.62 6.81
C LYS E 764 -14.70 -20.76 5.58
N SER E 765 -13.47 -20.28 5.42
CA SER E 765 -13.16 -19.48 4.24
C SER E 765 -13.34 -20.27 2.96
N ILE E 766 -12.90 -21.52 2.95
CA ILE E 766 -13.08 -22.35 1.76
C ILE E 766 -14.57 -22.53 1.48
N GLN E 767 -15.35 -22.78 2.52
CA GLN E 767 -16.79 -22.95 2.31
C GLN E 767 -17.39 -21.69 1.72
N GLU E 768 -16.98 -20.52 2.22
CA GLU E 768 -17.48 -19.26 1.68
C GLU E 768 -17.10 -19.10 0.21
N VAL E 769 -15.84 -19.39 -0.12
CA VAL E 769 -15.41 -19.25 -1.51
C VAL E 769 -16.22 -20.17 -2.41
N GLN E 770 -16.47 -21.40 -1.98
CA GLN E 770 -17.30 -22.30 -2.77
C GLN E 770 -18.71 -21.75 -2.93
N LYS E 771 -19.28 -21.22 -1.85
CA LYS E 771 -20.61 -20.63 -1.95
C LYS E 771 -20.63 -19.45 -2.91
N ARG E 772 -19.50 -18.79 -3.10
CA ARG E 772 -19.46 -17.64 -3.99
C ARG E 772 -19.48 -18.04 -5.46
N PHE E 773 -18.79 -19.12 -5.82
CA PHE E 773 -18.83 -19.64 -7.18
C PHE E 773 -19.84 -20.78 -7.26
N PRO E 774 -21.10 -20.51 -7.57
CA PRO E 774 -22.13 -21.58 -7.46
C PRO E 774 -21.90 -22.75 -8.38
N ASP E 775 -21.15 -22.59 -9.47
CA ASP E 775 -21.02 -23.66 -10.45
C ASP E 775 -19.58 -24.12 -10.62
N GLY E 776 -18.88 -24.32 -9.51
CA GLY E 776 -17.54 -24.87 -9.56
C GLY E 776 -16.45 -23.83 -9.58
N ILE E 777 -15.44 -24.02 -8.73
CA ILE E 777 -14.34 -23.06 -8.65
C ILE E 777 -13.56 -23.07 -9.95
N PRO E 778 -13.10 -21.93 -10.46
CA PRO E 778 -12.32 -21.93 -11.70
C PRO E 778 -11.00 -22.66 -11.53
N LEU E 779 -10.55 -23.28 -12.61
CA LEU E 779 -9.29 -24.00 -12.65
C LEU E 779 -8.32 -23.31 -13.59
N LEU E 780 -7.03 -23.40 -13.27
CA LEU E 780 -6.02 -22.80 -14.13
C LEU E 780 -6.06 -23.44 -15.50
N ASP E 781 -6.08 -22.63 -16.53
CA ASP E 781 -6.09 -23.13 -17.90
C ASP E 781 -4.70 -23.60 -18.28
N PRO E 782 -4.50 -24.88 -18.59
CA PRO E 782 -3.13 -25.36 -18.82
C PRO E 782 -2.44 -24.70 -19.99
N ILE E 783 -3.17 -24.07 -20.90
CA ILE E 783 -2.58 -23.61 -22.15
C ILE E 783 -1.98 -22.23 -21.96
N ASP E 784 -2.80 -21.25 -21.62
CA ASP E 784 -2.37 -19.85 -21.59
C ASP E 784 -2.02 -19.36 -20.20
N ASP E 785 -2.77 -19.77 -19.16
CA ASP E 785 -2.44 -19.35 -17.81
C ASP E 785 -1.06 -19.86 -17.40
N MET E 786 -0.84 -21.17 -17.55
CA MET E 786 0.47 -21.72 -17.25
C MET E 786 1.45 -21.53 -18.39
N GLY E 787 1.00 -21.05 -19.54
CA GLY E 787 1.92 -20.77 -20.64
C GLY E 787 2.66 -21.99 -21.14
N ILE E 788 1.97 -23.12 -21.27
CA ILE E 788 2.58 -24.34 -21.80
C ILE E 788 2.59 -24.26 -23.32
N GLN E 789 3.77 -24.49 -23.91
CA GLN E 789 3.98 -24.27 -25.33
C GLN E 789 4.19 -25.54 -26.13
N ASP E 790 4.81 -26.57 -25.55
CA ASP E 790 5.18 -27.74 -26.34
C ASP E 790 3.95 -28.32 -27.04
N GLN E 791 4.14 -28.69 -28.31
CA GLN E 791 3.03 -29.05 -29.17
C GLN E 791 2.26 -30.26 -28.67
N GLY E 792 2.90 -31.12 -27.86
CA GLY E 792 2.22 -32.32 -27.39
C GLY E 792 0.92 -31.99 -26.67
N LEU E 793 0.96 -30.97 -25.80
CA LEU E 793 -0.26 -30.56 -25.13
C LEU E 793 -1.28 -30.07 -26.12
N LYS E 794 -0.84 -29.35 -27.15
CA LYS E 794 -1.77 -28.90 -28.18
C LYS E 794 -2.50 -30.08 -28.82
N LYS E 795 -1.74 -31.12 -29.18
CA LYS E 795 -2.36 -32.27 -29.82
C LYS E 795 -3.28 -33.00 -28.86
N VAL E 796 -2.90 -33.09 -27.59
CA VAL E 796 -3.78 -33.72 -26.61
C VAL E 796 -5.08 -32.95 -26.50
N ILE E 797 -5.00 -31.62 -26.51
CA ILE E 797 -6.19 -30.79 -26.48
C ILE E 797 -7.07 -31.06 -27.69
N GLN E 798 -6.44 -31.16 -28.87
CA GLN E 798 -7.20 -31.47 -30.08
C GLN E 798 -7.92 -32.80 -29.94
N LYS E 799 -7.21 -33.83 -29.46
CA LYS E 799 -7.82 -35.14 -29.33
C LYS E 799 -9.00 -35.10 -28.38
N VAL E 800 -8.84 -34.43 -27.23
CA VAL E 800 -9.92 -34.41 -26.25
C VAL E 800 -11.10 -33.63 -26.79
N GLU E 801 -10.85 -32.55 -27.54
CA GLU E 801 -11.97 -31.82 -28.14
C GLU E 801 -12.73 -32.70 -29.12
N ALA E 802 -12.01 -33.43 -29.97
CA ALA E 802 -12.67 -34.30 -30.93
C ALA E 802 -13.48 -35.37 -30.22
N PHE E 803 -12.91 -35.99 -29.19
CA PHE E 803 -13.64 -37.02 -28.46
C PHE E 803 -14.85 -36.45 -27.75
N GLU E 804 -14.73 -35.26 -27.19
CA GLU E 804 -15.87 -34.63 -26.55
C GLU E 804 -17.00 -34.40 -27.54
N HIS E 805 -16.66 -33.90 -28.74
CA HIS E 805 -17.70 -33.68 -29.73
C HIS E 805 -18.34 -35.00 -30.14
N ARG E 806 -17.54 -36.04 -30.35
CA ARG E 806 -18.10 -37.34 -30.71
C ARG E 806 -19.03 -37.84 -29.61
N MET E 807 -18.64 -37.67 -28.35
CA MET E 807 -19.48 -38.12 -27.24
C MET E 807 -20.80 -37.36 -27.21
N TYR E 808 -20.74 -36.04 -27.36
CA TYR E 808 -21.96 -35.25 -27.31
C TYR E 808 -22.90 -35.63 -28.44
N SER E 809 -22.35 -35.84 -29.64
CA SER E 809 -23.21 -36.18 -30.78
C SER E 809 -23.89 -37.53 -30.61
N HIS E 810 -23.46 -38.35 -29.68
CA HIS E 810 -24.11 -39.64 -29.46
C HIS E 810 -25.50 -39.43 -28.88
N PRO E 811 -26.47 -40.28 -29.21
CA PRO E 811 -27.86 -40.01 -28.79
C PRO E 811 -28.07 -40.28 -27.31
N LEU E 812 -27.52 -41.39 -26.82
CA LEU E 812 -27.80 -41.78 -25.43
C LEU E 812 -27.28 -40.75 -24.43
N HIS E 813 -26.38 -39.87 -24.85
CA HIS E 813 -25.86 -38.89 -23.90
C HIS E 813 -26.97 -37.98 -23.39
N ASN E 814 -27.85 -37.53 -24.28
CA ASN E 814 -28.95 -36.67 -23.87
C ASN E 814 -30.12 -37.45 -23.30
N ASP E 815 -30.11 -38.78 -23.40
CA ASP E 815 -31.22 -39.58 -22.92
C ASP E 815 -31.29 -39.53 -21.39
N PRO E 816 -32.45 -39.84 -20.83
CA PRO E 816 -32.58 -39.90 -19.37
C PRO E 816 -32.32 -41.31 -18.84
N ASN E 817 -32.06 -41.37 -17.54
CA ASN E 817 -31.84 -42.61 -16.81
C ASN E 817 -30.56 -43.31 -17.23
N LEU E 818 -29.73 -42.69 -18.06
CA LEU E 818 -28.50 -43.32 -18.50
C LEU E 818 -27.52 -43.55 -17.36
N GLU E 819 -27.71 -42.90 -16.21
CA GLU E 819 -26.75 -43.04 -15.12
C GLU E 819 -26.69 -44.48 -14.63
N THR E 820 -27.84 -45.09 -14.38
CA THR E 820 -27.84 -46.46 -13.89
C THR E 820 -27.27 -47.43 -14.92
N VAL E 821 -27.61 -47.22 -16.20
CA VAL E 821 -27.08 -48.09 -17.25
C VAL E 821 -25.56 -47.96 -17.30
N TYR E 822 -25.06 -46.72 -17.21
CA TYR E 822 -23.62 -46.52 -17.21
C TYR E 822 -22.97 -47.20 -16.01
N THR E 823 -23.60 -47.10 -14.85
CA THR E 823 -23.04 -47.74 -13.65
C THR E 823 -22.95 -49.25 -13.83
N LEU E 824 -24.02 -49.87 -14.35
CA LEU E 824 -24.00 -51.31 -14.50
C LEU E 824 -23.01 -51.73 -15.59
N CYS E 825 -22.85 -50.92 -16.64
CA CYS E 825 -21.84 -51.22 -17.64
C CYS E 825 -20.45 -51.17 -17.03
N GLU E 826 -20.19 -50.17 -16.19
CA GLU E 826 -18.90 -50.08 -15.52
C GLU E 826 -18.67 -51.31 -14.65
N LYS E 827 -19.68 -51.73 -13.89
CA LYS E 827 -19.52 -52.89 -13.03
C LYS E 827 -19.27 -54.14 -13.87
N LYS E 828 -19.93 -54.26 -15.01
CA LYS E 828 -19.69 -55.39 -15.89
C LYS E 828 -18.25 -55.40 -16.39
N ALA E 829 -17.74 -54.25 -16.79
CA ALA E 829 -16.35 -54.18 -17.23
C ALA E 829 -15.40 -54.57 -16.10
N GLN E 830 -15.68 -54.10 -14.89
CA GLN E 830 -14.85 -54.44 -13.74
C GLN E 830 -14.84 -55.95 -13.53
N ILE E 831 -16.01 -56.57 -13.57
CA ILE E 831 -16.08 -58.02 -13.37
C ILE E 831 -15.38 -58.75 -14.49
N ALA E 832 -15.45 -58.22 -15.71
CA ALA E 832 -14.78 -58.86 -16.83
C ALA E 832 -13.26 -58.85 -16.63
N ILE E 833 -12.70 -57.72 -16.23
CA ILE E 833 -11.26 -57.68 -16.01
C ILE E 833 -10.89 -58.57 -14.83
N ASP E 834 -11.74 -58.64 -13.81
CA ASP E 834 -11.46 -59.53 -12.69
C ASP E 834 -11.41 -60.99 -13.16
N ILE E 835 -12.36 -61.38 -14.01
CA ILE E 835 -12.34 -62.74 -14.55
C ILE E 835 -11.05 -62.96 -15.34
N LYS E 836 -10.67 -61.99 -16.16
CA LYS E 836 -9.46 -62.15 -16.97
C LYS E 836 -8.26 -62.38 -16.07
N SER E 837 -8.09 -61.55 -15.06
CA SER E 837 -6.94 -61.69 -14.16
C SER E 837 -6.98 -63.02 -13.43
N ALA E 838 -8.15 -63.40 -12.91
CA ALA E 838 -8.25 -64.62 -12.13
C ALA E 838 -7.92 -65.84 -12.97
N LYS E 839 -8.47 -65.91 -14.19
CA LYS E 839 -8.18 -67.06 -15.04
C LYS E 839 -6.74 -67.05 -15.52
N ARG E 840 -6.16 -65.87 -15.78
CA ARG E 840 -4.76 -65.82 -16.15
C ARG E 840 -3.88 -66.39 -15.05
N GLU E 841 -4.10 -65.94 -13.81
CA GLU E 841 -3.27 -66.45 -12.72
C GLU E 841 -3.56 -67.92 -12.43
N LEU E 842 -4.81 -68.37 -12.64
CA LEU E 842 -5.10 -69.78 -12.49
C LEU E 842 -4.30 -70.61 -13.49
N LYS E 843 -4.28 -70.18 -14.75
CA LYS E 843 -3.47 -70.88 -15.73
C LYS E 843 -2.00 -70.83 -15.36
N LYS E 844 -1.56 -69.70 -14.81
CA LYS E 844 -0.18 -69.59 -14.34
C LYS E 844 0.13 -70.64 -13.29
N ALA E 845 -0.79 -70.86 -12.36
CA ALA E 845 -0.54 -71.77 -11.24
C ALA E 845 -0.53 -73.23 -11.67
N ARG E 846 -0.93 -73.56 -12.89
CA ARG E 846 -1.01 -74.94 -13.33
C ARG E 846 0.35 -75.52 -13.73
N THR E 847 1.45 -74.85 -13.42
CA THR E 847 2.77 -75.33 -13.77
C THR E 847 3.69 -75.27 -12.56
N VAL E 848 4.58 -76.26 -12.46
CA VAL E 848 5.61 -76.22 -11.43
C VAL E 848 6.45 -74.97 -11.60
N LEU E 849 6.77 -74.32 -10.48
CA LEU E 849 7.35 -72.98 -10.54
C LEU E 849 8.84 -73.01 -10.84
N GLN E 850 9.63 -73.64 -9.97
CA GLN E 850 11.07 -73.57 -10.13
C GLN E 850 11.60 -74.42 -11.28
N MET E 851 10.74 -75.07 -12.06
CA MET E 851 11.23 -75.91 -13.14
C MET E 851 12.19 -75.16 -14.03
N ASP E 852 11.87 -73.90 -14.35
CA ASP E 852 12.82 -73.06 -15.08
C ASP E 852 14.10 -72.87 -14.28
N GLU E 853 13.96 -72.67 -12.96
CA GLU E 853 15.14 -72.55 -12.12
C GLU E 853 15.97 -73.81 -12.16
N LEU E 854 15.32 -74.97 -12.12
CA LEU E 854 16.06 -76.23 -12.23
C LEU E 854 16.77 -76.34 -13.56
N LYS E 855 16.11 -75.91 -14.64
CA LYS E 855 16.75 -75.93 -15.95
C LYS E 855 18.00 -75.06 -15.95
N CYS E 856 17.90 -73.86 -15.38
CA CYS E 856 19.05 -72.97 -15.33
C CYS E 856 20.18 -73.58 -14.52
N ARG E 857 19.85 -74.17 -13.38
CA ARG E 857 20.87 -74.79 -12.55
C ARG E 857 21.56 -75.92 -13.29
N LYS E 858 20.79 -76.75 -14.00
CA LYS E 858 21.39 -77.86 -14.74
C LYS E 858 22.26 -77.35 -15.88
N ARG E 859 21.82 -76.28 -16.55
CA ARG E 859 22.65 -75.66 -17.57
C ARG E 859 23.99 -75.25 -16.97
N VAL E 860 23.96 -74.55 -15.84
CA VAL E 860 25.19 -74.10 -15.22
C VAL E 860 26.07 -75.29 -14.86
N LEU E 861 25.48 -76.32 -14.28
CA LEU E 861 26.26 -77.47 -13.86
C LEU E 861 26.94 -78.14 -15.04
N ARG E 862 26.22 -78.32 -16.15
CA ARG E 862 26.83 -78.95 -17.30
C ARG E 862 27.87 -78.06 -17.95
N ARG E 863 27.66 -76.73 -17.92
CA ARG E 863 28.60 -75.83 -18.56
C ARG E 863 29.97 -75.86 -17.91
N LEU E 864 30.05 -76.25 -16.64
CA LEU E 864 31.32 -76.32 -15.93
C LEU E 864 31.85 -77.74 -15.84
N GLY E 865 31.27 -78.68 -16.58
CA GLY E 865 31.76 -80.04 -16.62
C GLY E 865 31.26 -80.93 -15.50
N PHE E 866 30.45 -80.42 -14.58
CA PHE E 866 29.96 -81.25 -13.50
C PHE E 866 29.08 -82.38 -14.01
N ALA E 867 28.16 -82.06 -14.92
CA ALA E 867 27.22 -83.03 -15.44
C ALA E 867 27.30 -83.08 -16.96
N THR E 868 27.22 -84.28 -17.52
CA THR E 868 27.22 -84.43 -18.96
C THR E 868 25.93 -83.88 -19.55
N SER E 869 25.93 -83.67 -20.87
CA SER E 869 24.74 -83.15 -21.52
C SER E 869 23.52 -84.02 -21.24
N SER E 870 23.73 -85.31 -21.05
CA SER E 870 22.64 -86.22 -20.69
C SER E 870 22.29 -86.17 -19.21
N ASP E 871 22.92 -85.27 -18.45
CA ASP E 871 22.63 -85.10 -17.02
C ASP E 871 23.03 -86.36 -16.24
N VAL E 872 24.27 -86.78 -16.43
CA VAL E 872 24.90 -87.82 -15.63
C VAL E 872 26.10 -87.20 -14.92
N ILE E 873 26.19 -87.42 -13.61
CA ILE E 873 27.20 -86.74 -12.81
C ILE E 873 28.59 -87.13 -13.27
N GLU E 874 29.43 -86.13 -13.49
CA GLU E 874 30.84 -86.35 -13.79
C GLU E 874 31.66 -86.29 -12.51
N MET E 875 32.91 -86.70 -12.60
CA MET E 875 33.76 -86.75 -11.40
C MET E 875 33.78 -85.41 -10.68
N LYS E 876 33.73 -84.30 -11.42
CA LYS E 876 33.69 -83.00 -10.78
C LYS E 876 32.46 -82.85 -9.91
N GLY E 877 31.28 -83.23 -10.43
CA GLY E 877 30.08 -83.19 -9.62
C GLY E 877 30.14 -84.17 -8.47
N ARG E 878 30.74 -85.33 -8.69
CA ARG E 878 30.88 -86.31 -7.62
C ARG E 878 31.67 -85.73 -6.46
N VAL E 879 32.75 -85.00 -6.77
CA VAL E 879 33.51 -84.34 -5.73
C VAL E 879 32.69 -83.23 -5.07
N ALA E 880 32.02 -82.42 -5.88
CA ALA E 880 31.21 -81.33 -5.34
C ALA E 880 30.09 -81.83 -4.46
N CYS E 881 29.72 -83.11 -4.58
CA CYS E 881 28.66 -83.64 -3.73
C CYS E 881 29.02 -83.54 -2.25
N GLU E 882 30.28 -83.84 -1.91
CA GLU E 882 30.66 -83.90 -0.50
C GLU E 882 30.45 -82.56 0.20
N ILE E 883 31.00 -81.49 -0.37
CA ILE E 883 30.97 -80.19 0.29
C ILE E 883 29.52 -79.72 0.38
N SER E 884 29.05 -79.50 1.60
CA SER E 884 27.68 -79.04 1.82
C SER E 884 27.56 -77.95 2.86
N SER E 885 28.64 -77.56 3.52
CA SER E 885 28.58 -76.52 4.53
C SER E 885 28.82 -75.12 3.97
N ALA E 886 29.18 -75.02 2.70
CA ALA E 886 29.43 -73.73 2.07
C ALA E 886 29.29 -73.90 0.56
N ASP E 887 29.75 -72.92 -0.20
CA ASP E 887 29.66 -73.01 -1.64
C ASP E 887 30.44 -74.21 -2.15
N GLU E 888 29.93 -74.82 -3.22
CA GLU E 888 30.52 -76.01 -3.80
C GLU E 888 31.25 -75.71 -5.10
N LEU E 889 30.61 -74.97 -6.01
CA LEU E 889 31.23 -74.69 -7.29
C LEU E 889 32.55 -73.95 -7.11
N LEU E 890 32.58 -72.95 -6.24
CA LEU E 890 33.82 -72.24 -5.99
C LEU E 890 34.89 -73.17 -5.47
N LEU E 891 34.56 -73.93 -4.42
CA LEU E 891 35.56 -74.81 -3.81
C LEU E 891 36.05 -75.85 -4.80
N THR E 892 35.12 -76.48 -5.52
CA THR E 892 35.52 -77.51 -6.46
C THR E 892 36.37 -76.93 -7.59
N GLU E 893 35.99 -75.78 -8.12
CA GLU E 893 36.76 -75.17 -9.18
C GLU E 893 38.17 -74.83 -8.71
N MET E 894 38.28 -74.21 -7.53
CA MET E 894 39.60 -73.87 -7.02
C MET E 894 40.43 -75.11 -6.78
N MET E 895 39.81 -76.17 -6.25
CA MET E 895 40.54 -77.41 -6.03
C MET E 895 41.04 -78.00 -7.33
N PHE E 896 40.20 -77.99 -8.37
CA PHE E 896 40.61 -78.55 -9.65
C PHE E 896 41.58 -77.62 -10.37
N ASN E 897 41.36 -76.30 -10.31
CA ASN E 897 42.25 -75.36 -10.96
C ASN E 897 43.65 -75.36 -10.34
N GLY E 898 43.86 -76.10 -9.26
CA GLY E 898 45.18 -76.18 -8.66
C GLY E 898 45.57 -74.96 -7.85
N LEU E 899 44.60 -74.17 -7.40
CA LEU E 899 44.95 -73.01 -6.58
C LEU E 899 45.61 -73.43 -5.28
N PHE E 900 45.08 -74.48 -4.64
CA PHE E 900 45.58 -74.90 -3.33
C PHE E 900 46.89 -75.65 -3.40
N ASN E 901 47.36 -76.02 -4.59
CA ASN E 901 48.53 -76.89 -4.67
C ASN E 901 49.78 -76.26 -4.05
N ASP E 902 49.81 -74.94 -3.87
CA ASP E 902 50.99 -74.26 -3.37
C ASP E 902 50.80 -73.60 -2.01
N LEU E 903 49.58 -73.20 -1.66
CA LEU E 903 49.37 -72.51 -0.39
C LEU E 903 49.75 -73.40 0.78
N SER E 904 50.34 -72.80 1.80
CA SER E 904 50.56 -73.51 3.05
C SER E 904 49.24 -73.62 3.82
N ALA E 905 49.23 -74.50 4.81
CA ALA E 905 47.99 -74.78 5.53
C ALA E 905 47.35 -73.50 6.06
N GLU E 906 48.16 -72.53 6.45
CA GLU E 906 47.61 -71.31 7.06
C GLU E 906 46.78 -70.53 6.05
N GLN E 907 47.29 -70.32 4.85
CA GLN E 907 46.55 -69.55 3.86
C GLN E 907 45.27 -70.26 3.47
N ALA E 908 45.33 -71.58 3.30
CA ALA E 908 44.12 -72.35 2.98
C ALA E 908 43.09 -72.22 4.08
N THR E 909 43.53 -72.33 5.34
CA THR E 909 42.61 -72.16 6.46
C THR E 909 41.99 -70.78 6.43
N ALA E 910 42.79 -69.74 6.19
CA ALA E 910 42.27 -68.38 6.18
C ALA E 910 41.24 -68.20 5.07
N LEU E 911 41.53 -68.71 3.89
CA LEU E 911 40.60 -68.58 2.78
C LEU E 911 39.29 -69.30 3.09
N LEU E 912 39.39 -70.53 3.58
CA LEU E 912 38.18 -71.26 3.93
C LEU E 912 37.38 -70.51 4.98
N SER E 913 38.07 -69.85 5.93
CA SER E 913 37.36 -69.02 6.88
C SER E 913 36.63 -67.89 6.17
N CYS E 914 37.29 -67.28 5.18
CA CYS E 914 36.62 -66.25 4.40
C CYS E 914 35.34 -66.78 3.77
N PHE E 915 35.32 -68.07 3.42
CA PHE E 915 34.10 -68.65 2.85
C PHE E 915 32.96 -68.67 3.86
N VAL E 916 33.24 -69.04 5.10
CA VAL E 916 32.19 -69.42 6.04
C VAL E 916 31.84 -68.27 6.99
N PHE E 917 32.20 -67.04 6.65
CA PHE E 917 31.89 -65.87 7.45
C PHE E 917 30.83 -65.05 6.73
N GLN E 918 29.81 -64.62 7.47
CA GLN E 918 28.77 -63.77 6.91
C GLN E 918 28.16 -62.96 8.05
N GLU E 919 28.53 -61.69 8.13
CA GLU E 919 28.03 -60.80 9.17
C GLU E 919 28.19 -59.36 8.70
N ASN E 920 27.30 -58.49 9.19
CA ASN E 920 27.29 -57.09 8.79
C ASN E 920 28.48 -56.39 9.45
N SER E 921 29.64 -56.53 8.81
CA SER E 921 30.90 -55.98 9.29
C SER E 921 31.36 -54.88 8.35
N SER E 922 31.80 -53.76 8.92
CA SER E 922 32.27 -52.62 8.14
C SER E 922 33.77 -52.37 8.33
N GLU E 923 34.49 -53.29 8.96
CA GLU E 923 35.91 -53.08 9.21
C GLU E 923 36.71 -53.04 7.91
N MET E 924 36.53 -54.05 7.07
CA MET E 924 37.31 -54.20 5.84
C MET E 924 38.80 -54.09 6.15
N PRO E 925 39.36 -55.04 6.90
CA PRO E 925 40.77 -54.94 7.29
C PRO E 925 41.69 -55.13 6.10
N LYS E 926 42.89 -54.57 6.22
CA LYS E 926 43.91 -54.70 5.18
C LYS E 926 44.70 -55.97 5.42
N LEU E 927 44.89 -56.75 4.35
CA LEU E 927 45.62 -58.00 4.39
C LEU E 927 46.96 -57.80 3.70
N THR E 928 48.04 -58.26 4.33
CA THR E 928 49.36 -57.75 3.97
C THR E 928 49.92 -58.42 2.71
N GLU E 929 50.33 -59.69 2.83
CA GLU E 929 50.98 -60.35 1.71
C GLU E 929 50.33 -61.67 1.34
N GLN E 930 50.18 -62.56 2.32
CA GLN E 930 49.76 -63.93 2.03
C GLN E 930 48.24 -64.07 2.00
N LEU E 931 47.53 -63.17 2.66
CA LEU E 931 46.09 -63.22 2.70
C LEU E 931 45.43 -62.38 1.61
N ALA E 932 46.24 -61.73 0.76
CA ALA E 932 45.71 -60.91 -0.32
C ALA E 932 45.69 -61.67 -1.64
N GLY E 933 46.83 -62.17 -2.09
CA GLY E 933 46.94 -62.79 -3.39
C GLY E 933 45.95 -63.92 -3.57
N PRO E 934 45.92 -64.85 -2.62
CA PRO E 934 44.90 -65.91 -2.69
C PRO E 934 43.50 -65.35 -2.74
N LEU E 935 43.22 -64.28 -1.99
CA LEU E 935 41.90 -63.69 -2.06
C LEU E 935 41.62 -63.14 -3.45
N ARG E 936 42.63 -62.54 -4.10
CA ARG E 936 42.42 -62.04 -5.45
C ARG E 936 42.15 -63.17 -6.43
N GLN E 937 42.86 -64.29 -6.30
CA GLN E 937 42.59 -65.42 -7.17
C GLN E 937 41.18 -65.95 -6.96
N MET E 938 40.76 -66.04 -5.69
CA MET E 938 39.40 -66.44 -5.40
C MET E 938 38.41 -65.47 -6.02
N GLN E 939 38.72 -64.17 -5.97
CA GLN E 939 37.84 -63.17 -6.58
C GLN E 939 37.72 -63.41 -8.07
N GLU E 940 38.85 -63.71 -8.73
CA GLU E 940 38.80 -63.96 -10.17
C GLU E 940 37.93 -65.16 -10.48
N CYS E 941 38.10 -66.25 -9.73
CA CYS E 941 37.31 -67.45 -9.98
C CYS E 941 35.82 -67.17 -9.73
N ALA E 942 35.51 -66.44 -8.67
CA ALA E 942 34.12 -66.11 -8.39
C ALA E 942 33.52 -65.26 -9.49
N LYS E 943 34.30 -64.32 -10.02
CA LYS E 943 33.81 -63.52 -11.14
C LYS E 943 33.52 -64.40 -12.34
N ARG E 944 34.41 -65.36 -12.63
CA ARG E 944 34.16 -66.28 -13.73
C ARG E 944 32.84 -67.03 -13.51
N ILE E 945 32.63 -67.53 -12.31
CA ILE E 945 31.41 -68.29 -12.03
C ILE E 945 30.19 -67.40 -12.18
N ALA E 946 30.25 -66.18 -11.66
CA ALA E 946 29.12 -65.29 -11.76
C ALA E 946 28.78 -64.98 -13.21
N LYS E 947 29.80 -64.72 -14.02
CA LYS E 947 29.57 -64.43 -15.44
C LYS E 947 28.96 -65.64 -16.14
N VAL E 948 29.47 -66.84 -15.87
CA VAL E 948 28.93 -68.03 -16.51
C VAL E 948 27.48 -68.22 -16.11
N SER E 949 27.17 -68.01 -14.83
CA SER E 949 25.77 -68.11 -14.40
C SER E 949 24.91 -67.08 -15.10
N ALA E 950 25.40 -65.86 -15.23
CA ALA E 950 24.60 -64.80 -15.84
C ALA E 950 24.30 -65.13 -17.30
N GLU E 951 25.31 -65.58 -18.05
CA GLU E 951 25.08 -65.87 -19.46
C GLU E 951 24.14 -67.06 -19.65
N ALA E 952 23.99 -67.91 -18.64
CA ALA E 952 23.04 -69.00 -18.68
C ALA E 952 21.64 -68.58 -18.26
N LYS E 953 21.38 -67.27 -18.26
CA LYS E 953 20.06 -66.73 -17.92
C LYS E 953 19.60 -67.23 -16.55
N LEU E 954 20.38 -66.86 -15.53
CA LEU E 954 20.07 -67.16 -14.15
C LEU E 954 20.08 -65.85 -13.37
N GLU E 955 19.05 -65.65 -12.54
CA GLU E 955 18.95 -64.44 -11.74
C GLU E 955 20.10 -64.39 -10.75
N ILE E 956 21.06 -63.50 -10.99
CA ILE E 956 22.21 -63.37 -10.13
C ILE E 956 22.83 -62.00 -10.37
N ASP E 957 23.10 -61.26 -9.28
CA ASP E 957 23.76 -59.97 -9.36
C ASP E 957 25.23 -60.17 -9.01
N GLU E 958 26.10 -59.98 -9.99
CA GLU E 958 27.51 -60.35 -9.83
C GLU E 958 28.13 -59.62 -8.66
N GLU E 959 27.90 -58.31 -8.55
CA GLU E 959 28.52 -57.53 -7.49
C GLU E 959 28.10 -58.04 -6.12
N THR E 960 26.80 -58.26 -5.92
CA THR E 960 26.33 -58.78 -4.64
C THR E 960 26.94 -60.14 -4.36
N TYR E 961 26.99 -61.01 -5.38
CA TYR E 961 27.56 -62.33 -5.18
C TYR E 961 29.00 -62.23 -4.70
N LEU E 962 29.80 -61.37 -5.33
CA LEU E 962 31.17 -61.20 -4.89
C LEU E 962 31.25 -60.60 -3.49
N SER E 963 30.31 -59.74 -3.14
CA SER E 963 30.34 -59.11 -1.82
C SER E 963 30.00 -60.09 -0.70
N SER E 964 29.43 -61.25 -1.04
CA SER E 964 29.04 -62.19 0.00
C SER E 964 30.25 -62.68 0.79
N PHE E 965 31.35 -62.99 0.10
CA PHE E 965 32.52 -63.56 0.73
C PHE E 965 33.28 -62.45 1.45
N LYS E 966 33.04 -62.33 2.75
CA LYS E 966 33.69 -61.30 3.55
C LYS E 966 34.96 -61.85 4.19
N PRO E 967 36.14 -61.31 3.89
CA PRO E 967 37.38 -61.85 4.45
C PRO E 967 37.76 -61.25 5.78
N HIS E 968 36.81 -60.60 6.46
CA HIS E 968 37.15 -59.80 7.63
C HIS E 968 37.94 -60.58 8.66
N LEU E 969 37.67 -61.87 8.80
CA LEU E 969 38.36 -62.70 9.78
C LEU E 969 39.57 -63.41 9.21
N MET E 970 39.95 -63.14 7.96
CA MET E 970 41.07 -63.85 7.36
C MET E 970 42.33 -63.66 8.20
N ASP E 971 42.65 -62.41 8.54
CA ASP E 971 43.83 -62.16 9.37
C ASP E 971 43.69 -62.80 10.75
N VAL E 972 42.51 -62.71 11.34
CA VAL E 972 42.30 -63.28 12.66
C VAL E 972 42.55 -64.78 12.63
N VAL E 973 41.99 -65.47 11.63
CA VAL E 973 42.16 -66.91 11.53
C VAL E 973 43.61 -67.26 11.25
N TYR E 974 44.28 -66.48 10.41
CA TYR E 974 45.69 -66.74 10.14
C TYR E 974 46.50 -66.65 11.43
N THR E 975 46.29 -65.58 12.20
CA THR E 975 47.00 -65.43 13.46
C THR E 975 46.70 -66.58 14.40
N TRP E 976 45.42 -66.96 14.52
CA TRP E 976 45.05 -68.04 15.41
C TRP E 976 45.74 -69.34 15.00
N ALA E 977 45.80 -69.61 13.69
CA ALA E 977 46.52 -70.78 13.22
C ALA E 977 47.99 -70.70 13.56
N THR E 978 48.57 -69.49 13.49
CA THR E 978 49.98 -69.35 13.79
C THR E 978 50.30 -69.81 15.21
N GLY E 979 49.36 -69.68 16.14
CA GLY E 979 49.55 -70.13 17.50
C GLY E 979 49.25 -69.08 18.54
N ALA E 980 48.59 -68.00 18.15
CA ALA E 980 48.28 -66.92 19.07
C ALA E 980 47.28 -67.37 20.12
N THR E 981 47.41 -66.83 21.32
CA THR E 981 46.44 -67.07 22.37
C THR E 981 45.11 -66.41 22.02
N PHE E 982 44.03 -66.96 22.56
CA PHE E 982 42.71 -66.47 22.18
C PHE E 982 42.54 -65.00 22.53
N ALA E 983 42.99 -64.59 23.72
CA ALA E 983 42.84 -63.20 24.12
C ALA E 983 43.49 -62.27 23.09
N HIS E 984 44.61 -62.70 22.52
CA HIS E 984 45.31 -61.87 21.54
C HIS E 984 44.43 -61.60 20.34
N ILE E 985 43.83 -62.65 19.77
CA ILE E 985 43.01 -62.47 18.57
C ILE E 985 41.73 -61.72 18.91
N CYS E 986 41.13 -62.03 20.08
CA CYS E 986 39.89 -61.38 20.45
C CYS E 986 40.05 -59.85 20.47
N LYS E 987 41.24 -59.38 20.81
CA LYS E 987 41.54 -57.95 20.79
C LYS E 987 41.94 -57.46 19.41
N MET E 988 42.15 -58.36 18.45
CA MET E 988 42.61 -57.98 17.12
C MET E 988 41.50 -57.46 16.23
N THR E 989 40.24 -57.56 16.64
CA THR E 989 39.12 -57.08 15.85
C THR E 989 38.03 -56.60 16.79
N ASP E 990 36.84 -56.37 16.24
CA ASP E 990 35.70 -55.86 16.99
C ASP E 990 34.53 -56.82 17.08
N VAL E 991 34.44 -57.82 16.20
CA VAL E 991 33.32 -58.75 16.24
C VAL E 991 33.28 -59.44 17.59
N PHE E 992 32.06 -59.71 18.07
CA PHE E 992 31.90 -60.37 19.35
C PHE E 992 32.55 -61.75 19.30
N GLU E 993 33.15 -62.13 20.43
CA GLU E 993 33.83 -63.43 20.49
C GLU E 993 32.92 -64.57 20.11
N GLY E 994 31.61 -64.45 20.39
CA GLY E 994 30.70 -65.51 20.00
C GLY E 994 30.70 -65.76 18.50
N SER E 995 30.70 -64.69 17.71
CA SER E 995 30.75 -64.85 16.26
C SER E 995 32.05 -65.50 15.84
N ILE E 996 33.17 -65.14 16.48
CA ILE E 996 34.44 -65.76 16.14
C ILE E 996 34.38 -67.26 16.41
N ILE E 997 33.83 -67.65 17.56
CA ILE E 997 33.74 -69.07 17.88
C ILE E 997 32.87 -69.79 16.87
N ARG E 998 31.72 -69.19 16.54
CA ARG E 998 30.82 -69.83 15.56
C ARG E 998 31.53 -70.03 14.24
N CYS E 999 32.19 -68.98 13.73
CA CYS E 999 32.90 -69.10 12.47
C CYS E 999 34.00 -70.15 12.56
N MET E 1000 34.69 -70.21 13.69
CA MET E 1000 35.77 -71.18 13.82
C MET E 1000 35.25 -72.61 13.77
N ARG E 1001 34.14 -72.88 14.46
CA ARG E 1001 33.57 -74.22 14.41
C ARG E 1001 33.11 -74.57 12.99
N ARG E 1002 32.46 -73.61 12.33
CA ARG E 1002 32.00 -73.87 10.97
C ARG E 1002 33.18 -74.13 10.05
N LEU E 1003 34.25 -73.37 10.20
CA LEU E 1003 35.44 -73.57 9.40
C LEU E 1003 36.05 -74.94 9.67
N GLU E 1004 36.05 -75.38 10.92
CA GLU E 1004 36.59 -76.70 11.22
C GLU E 1004 35.80 -77.79 10.51
N GLU E 1005 34.47 -77.72 10.57
CA GLU E 1005 33.69 -78.76 9.90
C GLU E 1005 33.89 -78.70 8.38
N LEU E 1006 33.97 -77.47 7.83
CA LEU E 1006 34.24 -77.34 6.41
C LEU E 1006 35.59 -77.95 6.06
N LEU E 1007 36.58 -77.79 6.94
CA LEU E 1007 37.89 -78.38 6.68
C LEU E 1007 37.82 -79.88 6.69
N ARG E 1008 37.04 -80.47 7.60
CA ARG E 1008 36.86 -81.92 7.57
C ARG E 1008 36.24 -82.35 6.24
N GLN E 1009 35.21 -81.63 5.79
CA GLN E 1009 34.62 -81.96 4.49
C GLN E 1009 35.63 -81.83 3.37
N MET E 1010 36.49 -80.83 3.44
CA MET E 1010 37.52 -80.65 2.41
C MET E 1010 38.53 -81.80 2.44
N CYS E 1011 38.89 -82.26 3.64
CA CYS E 1011 39.71 -83.46 3.74
C CYS E 1011 39.05 -84.62 3.02
N GLN E 1012 37.74 -84.78 3.25
CA GLN E 1012 37.02 -85.88 2.59
C GLN E 1012 37.07 -85.72 1.07
N ALA E 1013 36.86 -84.49 0.58
CA ALA E 1013 36.90 -84.26 -0.86
C ALA E 1013 38.28 -84.58 -1.44
N ALA E 1014 39.34 -84.15 -0.74
CA ALA E 1014 40.69 -84.45 -1.20
C ALA E 1014 40.91 -85.95 -1.25
N LYS E 1015 40.47 -86.67 -0.22
CA LYS E 1015 40.50 -88.12 -0.27
C LYS E 1015 39.77 -88.64 -1.50
N ALA E 1016 38.64 -88.02 -1.84
CA ALA E 1016 37.87 -88.47 -2.99
C ALA E 1016 38.68 -88.33 -4.28
N ILE E 1017 39.33 -87.17 -4.48
CA ILE E 1017 40.08 -86.96 -5.71
C ILE E 1017 41.45 -87.60 -5.70
N GLY E 1018 41.82 -88.30 -4.62
CA GLY E 1018 43.09 -88.97 -4.56
C GLY E 1018 44.27 -88.03 -4.69
N ASN E 1019 44.25 -86.92 -3.95
CA ASN E 1019 45.33 -85.95 -3.93
C ASN E 1019 45.84 -85.87 -2.49
N THR E 1020 46.84 -86.70 -2.17
CA THR E 1020 47.32 -86.79 -0.80
C THR E 1020 47.82 -85.44 -0.28
N GLU E 1021 48.34 -84.59 -1.16
CA GLU E 1021 48.88 -83.31 -0.73
C GLU E 1021 47.81 -82.49 -0.02
N LEU E 1022 46.64 -82.33 -0.64
CA LEU E 1022 45.58 -81.55 -0.02
C LEU E 1022 45.09 -82.21 1.26
N GLU E 1023 45.03 -83.54 1.28
CA GLU E 1023 44.62 -84.24 2.49
C GLU E 1023 45.54 -83.89 3.65
N ASN E 1024 46.85 -83.98 3.41
CA ASN E 1024 47.81 -83.65 4.46
C ASN E 1024 47.71 -82.19 4.86
N LYS E 1025 47.55 -81.30 3.87
CA LYS E 1025 47.47 -79.87 4.16
C LYS E 1025 46.29 -79.56 5.06
N PHE E 1026 45.13 -80.13 4.73
CA PHE E 1026 43.95 -79.88 5.55
C PHE E 1026 44.03 -80.58 6.89
N ALA E 1027 44.72 -81.72 6.97
CA ALA E 1027 44.96 -82.33 8.27
C ALA E 1027 45.78 -81.40 9.15
N GLU E 1028 46.82 -80.81 8.59
CA GLU E 1028 47.61 -79.82 9.34
C GLU E 1028 46.73 -78.66 9.77
N GLY E 1029 45.91 -78.15 8.87
CA GLY E 1029 45.03 -77.05 9.21
C GLY E 1029 44.12 -77.39 10.37
N ILE E 1030 43.50 -78.56 10.33
CA ILE E 1030 42.61 -78.97 11.42
C ILE E 1030 43.38 -79.09 12.72
N THR E 1031 44.57 -79.70 12.67
CA THR E 1031 45.35 -79.87 13.89
C THR E 1031 45.71 -78.53 14.50
N LYS E 1032 46.05 -77.55 13.68
CA LYS E 1032 46.57 -76.30 14.20
C LYS E 1032 45.48 -75.44 14.84
N ILE E 1033 44.31 -75.38 14.23
CA ILE E 1033 43.29 -74.41 14.63
C ILE E 1033 42.25 -75.05 15.55
N LYS E 1034 42.56 -76.18 16.17
CA LYS E 1034 41.65 -76.86 17.08
C LYS E 1034 42.34 -77.01 18.43
N ARG E 1035 41.93 -76.21 19.41
CA ARG E 1035 42.58 -76.24 20.71
C ARG E 1035 41.60 -75.72 21.77
N ASP E 1036 42.13 -75.37 22.94
CA ASP E 1036 41.37 -75.40 24.18
C ASP E 1036 40.03 -74.68 24.08
N ILE E 1037 40.05 -73.37 23.87
CA ILE E 1037 38.88 -72.57 24.22
C ILE E 1037 37.85 -72.61 23.10
N VAL E 1038 38.26 -72.40 21.85
CA VAL E 1038 37.30 -72.30 20.76
C VAL E 1038 36.45 -73.56 20.69
N PHE E 1039 37.08 -74.72 20.71
CA PHE E 1039 36.37 -75.99 20.72
C PHE E 1039 36.28 -76.55 22.13
N ALA E 1040 35.69 -75.75 23.02
CA ALA E 1040 35.53 -76.14 24.41
C ALA E 1040 34.32 -77.05 24.53
N ALA E 1041 34.54 -78.27 25.00
CA ALA E 1041 33.45 -79.22 25.13
C ALA E 1041 32.36 -78.65 26.01
N SER E 1042 31.11 -78.74 25.55
CA SER E 1042 30.00 -78.21 26.31
C SER E 1042 29.88 -78.92 27.65
N LEU E 1043 29.49 -78.18 28.68
CA LEU E 1043 29.34 -78.75 30.00
C LEU E 1043 28.02 -79.51 30.16
N TYR E 1044 27.14 -79.47 29.17
CA TYR E 1044 25.93 -80.27 29.21
C TYR E 1044 26.19 -81.74 28.90
N LEU E 1045 27.39 -82.09 28.46
CA LEU E 1045 27.73 -83.47 28.16
C LEU E 1045 28.53 -84.09 29.30
N ASP F 49 -32.14 -12.85 -57.35
CA ASP F 49 -30.94 -12.27 -56.77
C ASP F 49 -31.11 -12.07 -55.27
N ALA F 50 -32.20 -12.60 -54.71
CA ALA F 50 -32.47 -12.44 -53.29
C ALA F 50 -31.39 -13.09 -52.43
N GLU F 51 -30.97 -14.31 -52.81
CA GLU F 51 -30.01 -15.04 -51.98
C GLU F 51 -28.71 -14.28 -51.84
N LEU F 52 -28.11 -13.88 -52.96
CA LEU F 52 -26.82 -13.19 -52.88
C LEU F 52 -26.95 -11.87 -52.15
N ARG F 53 -28.03 -11.12 -52.41
CA ARG F 53 -28.20 -9.83 -51.76
C ARG F 53 -28.33 -9.99 -50.25
N GLU F 54 -29.10 -10.97 -49.80
CA GLU F 54 -29.26 -11.17 -48.36
C GLU F 54 -27.96 -11.67 -47.75
N ARG F 55 -27.23 -12.53 -48.45
CA ARG F 55 -25.94 -12.98 -47.95
C ARG F 55 -25.01 -11.79 -47.74
N LEU F 56 -24.94 -10.90 -48.73
CA LEU F 56 -24.08 -9.73 -48.62
C LEU F 56 -24.54 -8.81 -47.50
N ARG F 57 -25.85 -8.62 -47.35
CA ARG F 57 -26.37 -7.78 -46.28
C ARG F 57 -25.96 -8.33 -44.91
N GLN F 58 -26.15 -9.64 -44.71
CA GLN F 58 -25.79 -10.24 -43.45
C GLN F 58 -24.28 -10.15 -43.22
N CYS F 59 -23.49 -10.34 -44.27
CA CYS F 59 -22.05 -10.22 -44.13
C CYS F 59 -21.66 -8.81 -43.70
N GLU F 60 -22.29 -7.80 -44.30
CA GLU F 60 -21.99 -6.42 -43.91
C GLU F 60 -22.36 -6.16 -42.46
N GLU F 61 -23.53 -6.64 -42.03
CA GLU F 61 -23.92 -6.46 -40.63
C GLU F 61 -22.92 -7.13 -39.70
N THR F 62 -22.52 -8.36 -40.01
CA THR F 62 -21.59 -9.08 -39.15
C THR F 62 -20.22 -8.39 -39.13
N ILE F 63 -19.79 -7.86 -40.27
CA ILE F 63 -18.53 -7.11 -40.31
C ILE F 63 -18.62 -5.88 -39.42
N GLU F 64 -19.75 -5.18 -39.47
CA GLU F 64 -19.94 -4.02 -38.59
C GLU F 64 -19.80 -4.42 -37.14
N GLN F 65 -20.50 -5.49 -36.74
CA GLN F 65 -20.46 -5.92 -35.35
C GLN F 65 -19.04 -6.36 -34.95
N LEU F 66 -18.37 -7.10 -35.82
CA LEU F 66 -17.02 -7.57 -35.49
C LEU F 66 -16.05 -6.41 -35.38
N ARG F 67 -16.17 -5.40 -36.24
CA ARG F 67 -15.31 -4.24 -36.12
C ARG F 67 -15.56 -3.50 -34.81
N ALA F 68 -16.82 -3.36 -34.41
CA ALA F 68 -17.11 -2.73 -33.13
C ALA F 68 -16.46 -3.50 -31.99
N GLU F 69 -16.62 -4.82 -31.99
CA GLU F 69 -16.02 -5.63 -30.93
C GLU F 69 -14.51 -5.53 -30.93
N ASN F 70 -13.90 -5.52 -32.12
CA ASN F 70 -12.45 -5.42 -32.21
C ASN F 70 -11.96 -4.08 -31.68
N GLN F 71 -12.69 -3.00 -31.97
CA GLN F 71 -12.32 -1.70 -31.41
C GLN F 71 -12.40 -1.73 -29.89
N GLU F 72 -13.44 -2.34 -29.34
CA GLU F 72 -13.56 -2.44 -27.89
C GLU F 72 -12.39 -3.23 -27.30
N LEU F 73 -12.03 -4.34 -27.95
CA LEU F 73 -10.93 -5.17 -27.43
C LEU F 73 -9.59 -4.45 -27.53
N LYS F 74 -9.37 -3.69 -28.59
CA LYS F 74 -8.17 -2.87 -28.68
C LYS F 74 -8.14 -1.84 -27.55
N ARG F 75 -9.28 -1.21 -27.28
CA ARG F 75 -9.36 -0.29 -26.15
C ARG F 75 -8.95 -0.98 -24.86
N LYS F 76 -9.49 -2.16 -24.60
CA LYS F 76 -9.17 -2.87 -23.36
C LYS F 76 -7.69 -3.21 -23.30
N LEU F 77 -7.12 -3.70 -24.41
CA LEU F 77 -5.69 -4.01 -24.46
C LEU F 77 -4.84 -2.76 -24.36
N ASN F 78 -5.41 -1.58 -24.55
CA ASN F 78 -4.64 -0.35 -24.45
C ASN F 78 -4.03 -0.19 -23.07
N ILE F 79 -4.64 -0.78 -22.04
CA ILE F 79 -4.12 -0.66 -20.68
C ILE F 79 -2.77 -1.35 -20.57
N LEU F 80 -2.59 -2.46 -21.28
CA LEU F 80 -1.38 -3.27 -21.19
C LEU F 80 -0.32 -2.83 -22.20
N THR F 81 -0.30 -1.56 -22.57
CA THR F 81 0.60 -1.06 -23.61
C THR F 81 1.53 0.00 -22.99
N ARG F 82 2.75 -0.39 -22.71
CA ARG F 82 3.76 0.56 -22.29
C ARG F 82 4.25 1.36 -23.49
N PRO F 83 4.50 2.66 -23.34
CA PRO F 83 4.90 3.46 -24.49
C PRO F 83 6.25 3.02 -25.04
N SER F 84 6.40 3.15 -26.36
CA SER F 84 7.64 2.81 -27.03
C SER F 84 8.51 4.05 -27.10
N GLY F 85 9.69 4.00 -26.49
CA GLY F 85 10.60 5.12 -26.50
C GLY F 85 11.29 5.36 -25.18
N ILE F 86 10.78 4.76 -24.11
CA ILE F 86 11.39 4.96 -22.79
C ILE F 86 12.85 4.56 -22.86
N LEU F 87 13.71 5.40 -22.29
CA LEU F 87 15.14 5.14 -22.23
C LEU F 87 15.42 4.43 -20.90
N VAL F 88 15.42 3.11 -20.93
CA VAL F 88 15.60 2.27 -19.75
C VAL F 88 17.01 1.71 -19.77
N ASN F 89 17.83 2.14 -18.80
CA ASN F 89 19.11 1.51 -18.52
C ASN F 89 19.15 1.20 -17.04
N ASP F 90 19.93 0.17 -16.67
CA ASP F 90 19.86 -0.44 -15.35
C ASP F 90 18.45 -1.01 -15.11
N THR F 91 18.16 -2.04 -15.91
CA THR F 91 16.81 -2.59 -15.96
C THR F 91 16.32 -3.07 -14.60
N LYS F 92 17.23 -3.42 -13.70
CA LYS F 92 16.80 -3.97 -12.41
C LYS F 92 16.00 -2.95 -11.61
N LEU F 93 16.38 -1.68 -11.65
CA LEU F 93 15.71 -0.64 -10.89
C LEU F 93 14.93 0.32 -11.78
N ASP F 94 15.54 0.81 -12.87
CA ASP F 94 14.85 1.71 -13.79
C ASP F 94 13.80 0.92 -14.56
N GLY F 95 12.55 1.01 -14.12
CA GLY F 95 11.48 0.29 -14.76
C GLY F 95 10.25 0.29 -13.88
N PRO F 96 9.14 -0.22 -14.42
CA PRO F 96 7.88 -0.19 -13.67
C PRO F 96 8.00 -0.92 -12.33
N ILE F 97 7.34 -0.38 -11.32
CA ILE F 97 7.28 -1.03 -10.02
C ILE F 97 6.05 -1.91 -9.90
N LEU F 98 4.91 -1.45 -10.42
CA LEU F 98 3.66 -2.17 -10.34
C LEU F 98 2.76 -1.67 -11.46
N GLN F 99 1.51 -2.12 -11.45
CA GLN F 99 0.45 -1.47 -12.22
C GLN F 99 -0.87 -1.81 -11.55
N ILE F 100 -1.48 -0.83 -10.90
CA ILE F 100 -2.71 -1.02 -10.14
C ILE F 100 -3.88 -0.63 -11.03
N LEU F 101 -4.84 -1.53 -11.18
CA LEU F 101 -6.08 -1.27 -11.91
C LEU F 101 -7.18 -1.08 -10.88
N PHE F 102 -7.46 0.16 -10.53
CA PHE F 102 -8.48 0.44 -9.54
C PHE F 102 -9.85 0.11 -10.10
N MET F 103 -10.64 -0.63 -9.33
CA MET F 103 -11.94 -1.11 -9.76
C MET F 103 -13.03 -0.18 -9.22
N ASN F 104 -14.28 -0.49 -9.57
CA ASN F 104 -15.42 0.36 -9.24
C ASN F 104 -16.09 -0.18 -7.98
N ASN F 105 -15.46 0.09 -6.84
CA ASN F 105 -16.07 -0.21 -5.55
C ASN F 105 -15.54 0.79 -4.53
N ALA F 106 -16.22 0.85 -3.39
CA ALA F 106 -16.00 1.94 -2.44
C ALA F 106 -14.55 2.01 -1.97
N ILE F 107 -13.96 0.85 -1.66
CA ILE F 107 -12.65 0.83 -1.03
C ILE F 107 -11.60 1.45 -1.96
N SER F 108 -11.60 1.01 -3.22
CA SER F 108 -10.57 1.48 -4.15
C SER F 108 -10.75 2.96 -4.47
N LYS F 109 -12.00 3.40 -4.63
CA LYS F 109 -12.24 4.83 -4.86
C LYS F 109 -11.79 5.66 -3.67
N GLN F 110 -12.03 5.17 -2.46
CA GLN F 110 -11.75 5.93 -1.26
C GLN F 110 -10.27 6.01 -0.92
N TYR F 111 -9.51 4.92 -1.06
CA TYR F 111 -8.12 4.87 -0.62
C TYR F 111 -7.13 5.00 -1.77
N HIS F 112 -7.52 5.73 -2.83
CA HIS F 112 -6.62 5.95 -3.95
C HIS F 112 -5.32 6.63 -3.49
N GLN F 113 -5.45 7.71 -2.73
CA GLN F 113 -4.27 8.43 -2.27
C GLN F 113 -3.44 7.59 -1.32
N GLU F 114 -4.10 6.82 -0.45
CA GLU F 114 -3.35 5.95 0.45
C GLU F 114 -2.54 4.93 -0.33
N ILE F 115 -3.12 4.35 -1.39
CA ILE F 115 -2.39 3.37 -2.19
C ILE F 115 -1.19 4.02 -2.86
N GLU F 116 -1.38 5.20 -3.43
CA GLU F 116 -0.24 5.88 -4.08
C GLU F 116 0.86 6.20 -3.08
N GLU F 117 0.47 6.70 -1.89
CA GLU F 117 1.46 6.98 -0.86
C GLU F 117 2.20 5.71 -0.44
N PHE F 118 1.47 4.59 -0.35
CA PHE F 118 2.12 3.34 0.01
C PHE F 118 3.16 2.94 -1.02
N VAL F 119 2.83 3.08 -2.30
CA VAL F 119 3.80 2.72 -3.34
C VAL F 119 5.03 3.61 -3.26
N SER F 120 4.82 4.91 -3.05
CA SER F 120 5.96 5.81 -2.92
C SER F 120 6.81 5.45 -1.70
N ASN F 121 6.16 5.09 -0.60
CA ASN F 121 6.90 4.66 0.58
C ASN F 121 7.70 3.40 0.31
N LEU F 122 7.13 2.47 -0.45
CA LEU F 122 7.88 1.27 -0.83
C LEU F 122 9.14 1.64 -1.59
N VAL F 123 9.02 2.54 -2.57
CA VAL F 123 10.18 2.95 -3.33
C VAL F 123 11.22 3.56 -2.41
N LYS F 124 10.79 4.42 -1.50
CA LYS F 124 11.71 5.10 -0.59
C LYS F 124 12.42 4.10 0.31
N ARG F 125 11.66 3.16 0.89
CA ARG F 125 12.26 2.18 1.79
C ARG F 125 13.27 1.30 1.06
N PHE F 126 12.92 0.85 -0.14
CA PHE F 126 13.87 0.02 -0.89
C PHE F 126 15.12 0.81 -1.21
N GLU F 127 14.98 2.05 -1.68
CA GLU F 127 16.16 2.85 -1.98
C GLU F 127 17.05 2.95 -0.75
N GLU F 128 16.45 3.28 0.39
CA GLU F 128 17.22 3.40 1.63
C GLU F 128 17.97 2.10 1.92
N GLN F 129 17.24 1.01 2.11
CA GLN F 129 17.87 -0.22 2.57
C GLN F 129 18.91 -0.71 1.58
N GLN F 130 18.61 -0.62 0.27
CA GLN F 130 19.54 -1.12 -0.73
C GLN F 130 20.80 -0.27 -0.81
N LYS F 131 20.64 1.02 -1.12
CA LYS F 131 21.82 1.86 -1.30
C LYS F 131 22.62 2.02 -0.01
N ASN F 132 22.04 1.69 1.14
CA ASN F 132 22.76 1.87 2.40
C ASN F 132 23.55 0.63 2.80
N ASP F 133 22.87 -0.51 2.98
CA ASP F 133 23.45 -1.65 3.69
C ASP F 133 23.75 -2.83 2.79
N VAL F 134 22.75 -3.35 2.06
CA VAL F 134 22.94 -4.62 1.36
C VAL F 134 24.01 -4.47 0.28
N GLU F 135 24.74 -5.55 0.05
CA GLU F 135 25.86 -5.55 -0.89
C GLU F 135 25.68 -6.51 -2.05
N LYS F 136 25.21 -7.73 -1.81
CA LYS F 136 25.10 -8.73 -2.86
C LYS F 136 23.72 -8.72 -3.51
N THR F 137 22.68 -9.00 -2.74
CA THR F 137 21.30 -9.05 -3.23
C THR F 137 21.22 -9.76 -4.58
N SER F 138 21.65 -11.02 -4.59
CA SER F 138 21.64 -11.82 -5.80
C SER F 138 20.20 -12.04 -6.25
N PHE F 139 19.80 -11.35 -7.32
CA PHE F 139 18.44 -11.43 -7.85
C PHE F 139 18.50 -12.15 -9.19
N ASN F 140 18.38 -13.48 -9.14
CA ASN F 140 18.28 -14.32 -10.32
C ASN F 140 16.85 -14.78 -10.57
N LEU F 141 15.87 -14.14 -9.93
CA LEU F 141 14.47 -14.55 -10.05
C LEU F 141 13.97 -14.16 -11.43
N LEU F 142 14.37 -14.95 -12.43
CA LEU F 142 13.91 -14.70 -13.77
C LEU F 142 12.40 -14.92 -13.86
N PRO F 143 11.72 -14.27 -14.79
CA PRO F 143 10.27 -14.47 -14.91
C PRO F 143 9.94 -15.94 -15.17
N GLN F 144 8.87 -16.41 -14.52
CA GLN F 144 8.43 -17.78 -14.68
C GLN F 144 7.98 -17.99 -16.12
N PRO F 145 7.65 -19.21 -16.54
CA PRO F 145 7.14 -19.41 -17.90
C PRO F 145 5.84 -18.69 -18.18
N SER F 146 5.08 -18.30 -17.14
CA SER F 146 3.80 -17.64 -17.31
C SER F 146 3.92 -16.13 -17.16
N SER F 147 5.01 -15.53 -17.61
CA SER F 147 5.23 -14.09 -17.50
C SER F 147 5.04 -13.48 -18.87
N ILE F 148 3.97 -12.70 -19.03
CA ILE F 148 3.70 -12.01 -20.28
C ILE F 148 4.53 -10.73 -20.33
N VAL F 149 4.61 -10.12 -21.51
CA VAL F 149 5.34 -8.87 -21.70
C VAL F 149 4.36 -7.82 -22.21
N LEU F 150 4.43 -6.63 -21.64
CA LEU F 150 3.52 -5.56 -22.04
C LEU F 150 3.70 -5.22 -23.51
N GLU F 151 2.58 -5.00 -24.20
CA GLU F 151 2.55 -4.86 -25.65
C GLU F 151 2.76 -3.39 -26.01
N GLU F 152 3.95 -3.06 -26.48
CA GLU F 152 4.26 -1.67 -26.82
C GLU F 152 3.44 -1.20 -28.00
N ASP F 153 3.16 0.10 -28.03
CA ASP F 153 2.54 0.76 -29.18
C ASP F 153 3.63 1.45 -29.99
N HIS F 154 3.89 0.94 -31.19
CA HIS F 154 5.05 1.37 -31.97
C HIS F 154 4.89 2.83 -32.35
N LYS F 155 5.70 3.70 -31.75
CA LYS F 155 5.74 5.11 -32.09
C LYS F 155 7.16 5.62 -32.34
N VAL F 156 8.18 4.80 -32.13
CA VAL F 156 9.56 5.21 -32.37
C VAL F 156 10.42 3.95 -32.38
N GLU F 157 11.54 4.02 -33.09
CA GLU F 157 12.46 2.90 -33.19
C GLU F 157 13.51 2.96 -32.08
N GLU F 158 14.22 1.85 -31.90
CA GLU F 158 15.31 1.77 -30.96
C GLU F 158 16.47 1.01 -31.60
N SER F 159 17.68 1.28 -31.13
CA SER F 159 18.89 0.72 -31.70
C SER F 159 19.48 -0.41 -30.86
N CYS F 160 19.54 -0.23 -29.54
CA CYS F 160 20.14 -1.23 -28.66
C CYS F 160 19.36 -1.49 -27.39
N ALA F 161 18.20 -0.85 -27.20
CA ALA F 161 17.44 -0.99 -25.96
C ALA F 161 16.28 -1.97 -26.10
N ILE F 162 16.19 -2.70 -27.21
CA ILE F 162 15.09 -3.64 -27.39
C ILE F 162 15.13 -4.71 -26.31
N LYS F 163 16.31 -5.28 -26.06
CA LYS F 163 16.45 -6.29 -25.02
C LYS F 163 16.09 -5.73 -23.65
N ASN F 164 16.58 -4.52 -23.35
CA ASN F 164 16.31 -3.92 -22.05
C ASN F 164 14.82 -3.68 -21.85
N ASN F 165 14.15 -3.16 -22.88
CA ASN F 165 12.71 -2.93 -22.75
C ASN F 165 11.96 -4.24 -22.62
N LYS F 166 12.34 -5.27 -23.37
CA LYS F 166 11.66 -6.55 -23.26
C LYS F 166 11.83 -7.15 -21.87
N GLU F 167 13.02 -7.01 -21.29
CA GLU F 167 13.24 -7.58 -19.96
C GLU F 167 12.53 -6.78 -18.88
N ALA F 168 12.59 -5.44 -18.96
CA ALA F 168 12.07 -4.61 -17.89
C ALA F 168 10.55 -4.72 -17.78
N PHE F 169 9.86 -4.79 -18.90
CA PHE F 169 8.40 -4.78 -18.93
C PHE F 169 7.85 -6.20 -19.00
N SER F 170 8.23 -7.01 -18.01
CA SER F 170 7.75 -8.38 -17.88
C SER F 170 6.89 -8.48 -16.63
N VAL F 171 5.67 -8.96 -16.80
CA VAL F 171 4.76 -9.13 -15.67
C VAL F 171 5.04 -10.47 -15.02
N VAL F 172 5.26 -10.46 -13.70
CA VAL F 172 5.51 -11.67 -12.93
C VAL F 172 4.53 -11.66 -11.77
N GLY F 173 3.36 -12.26 -11.97
CA GLY F 173 2.33 -12.26 -10.96
C GLY F 173 1.21 -11.31 -11.28
N SER F 174 -0.03 -11.77 -11.16
CA SER F 174 -1.20 -10.93 -11.35
C SER F 174 -2.26 -11.36 -10.35
N VAL F 175 -2.80 -10.41 -9.61
CA VAL F 175 -3.70 -10.70 -8.50
C VAL F 175 -4.91 -9.78 -8.60
N LEU F 176 -6.10 -10.37 -8.60
CA LEU F 176 -7.35 -9.64 -8.54
C LEU F 176 -7.93 -9.83 -7.14
N TYR F 177 -7.90 -8.77 -6.34
CA TYR F 177 -8.18 -8.87 -4.90
C TYR F 177 -9.67 -8.70 -4.64
N PHE F 178 -10.30 -9.74 -4.11
CA PHE F 178 -11.64 -9.64 -3.55
C PHE F 178 -11.53 -9.47 -2.04
N THR F 179 -12.69 -9.37 -1.38
CA THR F 179 -12.69 -9.08 0.05
C THR F 179 -12.04 -10.20 0.85
N ASN F 180 -12.36 -11.45 0.53
CA ASN F 180 -11.93 -12.60 1.33
C ASN F 180 -11.14 -13.62 0.53
N PHE F 181 -10.64 -13.24 -0.64
CA PHE F 181 -9.78 -14.11 -1.45
C PHE F 181 -9.28 -13.31 -2.62
N CYS F 182 -8.29 -13.86 -3.33
CA CYS F 182 -7.71 -13.19 -4.48
C CYS F 182 -7.55 -14.17 -5.63
N LEU F 183 -8.15 -13.84 -6.77
CA LEU F 183 -7.96 -14.63 -7.98
C LEU F 183 -6.57 -14.35 -8.53
N ASP F 184 -5.67 -15.31 -8.42
CA ASP F 184 -4.28 -15.14 -8.80
C ASP F 184 -4.01 -15.91 -10.09
N LYS F 185 -3.14 -15.34 -10.92
CA LYS F 185 -2.67 -16.01 -12.12
C LYS F 185 -1.24 -15.60 -12.35
N LEU F 186 -0.50 -16.46 -13.04
CA LEU F 186 0.91 -16.33 -13.33
C LEU F 186 1.76 -16.67 -12.12
N GLY F 187 1.16 -16.94 -10.96
CA GLY F 187 1.95 -17.34 -9.81
C GLY F 187 2.97 -16.28 -9.46
N GLN F 188 4.09 -16.73 -8.92
CA GLN F 188 5.26 -15.88 -8.71
C GLN F 188 6.50 -16.68 -9.05
N PRO F 189 7.60 -16.01 -9.38
CA PRO F 189 8.84 -16.73 -9.67
C PRO F 189 9.48 -17.23 -8.39
N LEU F 190 10.37 -18.22 -8.56
CA LEU F 190 11.15 -18.72 -7.43
C LEU F 190 12.52 -19.14 -7.95
N LEU F 191 13.47 -19.24 -7.03
CA LEU F 191 14.86 -19.53 -7.36
C LEU F 191 15.10 -21.03 -7.29
N ASN F 192 15.38 -21.64 -8.43
CA ASN F 192 15.68 -23.07 -8.55
C ASN F 192 14.80 -23.90 -7.62
N GLU F 193 13.49 -23.65 -7.70
CA GLU F 193 12.48 -24.48 -7.04
C GLU F 193 12.75 -24.60 -5.54
N ASN F 194 12.80 -23.45 -4.88
CA ASN F 194 12.97 -23.42 -3.44
C ASN F 194 12.34 -22.16 -2.87
N PRO F 195 11.18 -22.24 -2.21
CA PRO F 195 10.58 -21.02 -1.66
C PRO F 195 11.48 -20.31 -0.66
N GLN F 196 12.27 -21.04 0.12
CA GLN F 196 13.11 -20.40 1.12
C GLN F 196 14.10 -19.43 0.49
N LEU F 197 14.72 -19.84 -0.62
CA LEU F 197 15.69 -18.99 -1.31
C LEU F 197 15.03 -17.92 -2.16
N SER F 198 13.73 -17.99 -2.36
CA SER F 198 13.03 -16.98 -3.15
C SER F 198 12.70 -15.76 -2.28
N GLU F 199 12.25 -14.69 -2.94
CA GLU F 199 12.05 -13.41 -2.28
C GLU F 199 10.61 -13.20 -1.82
N GLY F 200 9.66 -13.29 -2.75
CA GLY F 200 8.29 -12.95 -2.39
C GLY F 200 7.58 -13.99 -1.54
N TRP F 201 8.19 -15.15 -1.32
CA TRP F 201 7.53 -16.24 -0.65
C TRP F 201 7.67 -16.12 0.86
N GLU F 202 6.59 -16.41 1.57
CA GLU F 202 6.57 -16.35 3.03
C GLU F 202 5.68 -17.48 3.54
N ILE F 203 6.29 -18.58 3.96
CA ILE F 203 5.57 -19.78 4.34
C ILE F 203 4.92 -19.60 5.70
N PRO F 204 3.75 -20.17 5.96
CA PRO F 204 3.19 -20.14 7.31
C PRO F 204 3.90 -21.10 8.24
N LYS F 205 3.38 -21.24 9.46
CA LYS F 205 3.95 -22.13 10.47
C LYS F 205 2.96 -23.25 10.73
N TYR F 206 3.41 -24.49 10.57
CA TYR F 206 2.54 -25.66 10.70
C TYR F 206 3.28 -26.73 11.49
N HIS F 207 2.54 -27.79 11.84
CA HIS F 207 3.05 -28.82 12.73
C HIS F 207 3.62 -30.02 12.00
N GLN F 208 3.02 -30.46 10.89
CA GLN F 208 3.51 -31.61 10.15
C GLN F 208 3.51 -32.86 11.03
N VAL F 209 2.31 -33.26 11.43
CA VAL F 209 2.17 -34.36 12.39
C VAL F 209 2.22 -35.73 11.74
N PHE F 210 2.02 -35.83 10.42
CA PHE F 210 1.84 -37.15 9.81
C PHE F 210 3.18 -37.82 9.50
N SER F 211 3.97 -37.23 8.61
CA SER F 211 5.25 -37.82 8.22
C SER F 211 5.05 -39.14 7.48
N HIS F 212 4.14 -39.13 6.51
CA HIS F 212 3.95 -40.28 5.62
C HIS F 212 3.29 -39.77 4.35
N ILE F 213 4.06 -39.71 3.26
CA ILE F 213 3.52 -39.22 1.99
C ILE F 213 2.31 -40.05 1.60
N VAL F 214 1.26 -39.38 1.14
CA VAL F 214 -0.01 -40.05 0.89
C VAL F 214 0.15 -41.10 -0.20
N SER F 215 0.83 -40.75 -1.29
CA SER F 215 1.00 -41.70 -2.39
C SER F 215 2.05 -42.75 -2.06
N LEU F 216 3.27 -42.31 -1.82
CA LEU F 216 4.36 -43.23 -1.51
C LEU F 216 4.09 -43.94 -0.19
N GLU F 217 4.30 -45.26 -0.17
CA GLU F 217 4.08 -46.08 1.00
C GLU F 217 5.37 -46.28 1.81
N GLY F 218 6.29 -45.33 1.72
CA GLY F 218 7.56 -45.45 2.40
C GLY F 218 7.61 -44.68 3.71
N GLN F 219 8.31 -43.56 3.71
CA GLN F 219 8.46 -42.74 4.91
C GLN F 219 8.91 -41.34 4.48
N GLU F 220 9.31 -40.54 5.45
CA GLU F 220 9.79 -39.19 5.18
C GLU F 220 10.96 -38.84 6.11
N HIS F 231 24.19 -34.35 3.85
CA HIS F 231 25.18 -33.28 3.90
C HIS F 231 25.05 -32.51 5.20
N CYS F 232 25.98 -32.75 6.13
CA CYS F 232 25.98 -32.09 7.44
C CYS F 232 24.65 -32.32 8.16
N PHE F 233 24.41 -33.60 8.48
CA PHE F 233 23.17 -33.98 9.14
C PHE F 233 22.90 -33.16 10.39
N ASN F 234 23.93 -32.55 10.98
CA ASN F 234 23.70 -31.62 12.08
C ASN F 234 22.85 -30.44 11.63
N CYS F 235 23.14 -29.90 10.45
CA CYS F 235 22.36 -28.81 9.86
C CYS F 235 21.47 -29.27 8.72
N GLY F 236 22.00 -30.09 7.81
CA GLY F 236 21.25 -30.56 6.67
C GLY F 236 21.40 -29.74 5.41
N SER F 237 22.01 -28.55 5.51
CA SER F 237 22.22 -27.72 4.33
C SER F 237 23.23 -28.39 3.40
N GLU F 238 22.94 -28.37 2.10
CA GLU F 238 23.82 -28.95 1.10
C GLU F 238 24.79 -27.91 0.55
N GLU F 239 25.45 -27.21 1.45
CA GLU F 239 26.49 -26.24 1.07
C GLU F 239 27.77 -26.52 1.86
N HIS F 240 27.62 -26.97 3.10
CA HIS F 240 28.75 -27.29 3.96
C HIS F 240 28.54 -28.68 4.56
N GLN F 241 29.62 -29.44 4.60
CA GLN F 241 29.62 -30.74 5.25
C GLN F 241 29.79 -30.56 6.76
N MET F 242 29.50 -31.62 7.50
CA MET F 242 29.67 -31.55 8.95
C MET F 242 31.11 -31.23 9.32
N LYS F 243 32.07 -31.75 8.55
CA LYS F 243 33.48 -31.45 8.83
C LYS F 243 33.78 -29.98 8.63
N ASP F 244 33.27 -29.38 7.55
CA ASP F 244 33.47 -27.96 7.26
C ASP F 244 32.24 -27.14 7.64
N CYS F 245 31.58 -27.52 8.72
CA CYS F 245 30.33 -26.86 9.10
C CYS F 245 30.63 -25.51 9.76
N PRO F 246 30.12 -24.40 9.23
CA PRO F 246 30.23 -23.11 9.94
C PRO F 246 29.04 -22.77 10.83
N MET F 247 28.12 -23.70 11.03
CA MET F 247 26.92 -23.49 11.85
C MET F 247 26.80 -24.62 12.86
N PRO F 248 27.69 -24.63 13.87
CA PRO F 248 27.67 -25.68 14.91
C PRO F 248 26.49 -25.54 15.87
N ASN F 272 25.89 -45.19 20.90
CA ASN F 272 25.92 -44.43 22.13
C ASN F 272 26.19 -45.33 23.33
N PHE F 273 26.03 -46.64 23.13
CA PHE F 273 26.28 -47.65 24.15
C PHE F 273 27.43 -48.55 23.72
N GLN F 274 28.49 -47.93 23.19
CA GLN F 274 29.58 -48.67 22.57
C GLN F 274 30.31 -49.55 23.56
N GLN F 275 30.26 -49.25 24.85
CA GLN F 275 31.04 -49.99 25.83
C GLN F 275 30.56 -51.42 25.96
N ARG F 276 31.52 -52.35 26.05
CA ARG F 276 31.24 -53.74 26.33
C ARG F 276 31.21 -53.99 27.83
N TYR F 277 30.51 -55.06 28.23
CA TYR F 277 30.36 -55.32 29.66
C TYR F 277 31.70 -55.58 30.31
N HIS F 278 32.58 -56.34 29.66
CA HIS F 278 33.89 -56.63 30.22
C HIS F 278 34.88 -55.50 30.03
N ALA F 279 34.57 -54.51 29.19
CA ALA F 279 35.47 -53.40 28.94
C ALA F 279 35.24 -52.30 29.98
N GLU F 280 35.58 -52.63 31.23
CA GLU F 280 35.50 -51.69 32.34
C GLU F 280 36.82 -50.94 32.53
N GLU F 281 37.32 -50.35 31.46
CA GLU F 281 38.57 -49.59 31.50
C GLU F 281 38.33 -48.08 31.56
N VAL F 282 37.07 -47.66 31.67
CA VAL F 282 36.78 -46.24 31.77
C VAL F 282 37.37 -45.63 33.04
N GLU F 283 37.64 -46.46 34.05
CA GLU F 283 38.18 -46.00 35.32
C GLU F 283 39.69 -45.79 35.28
N GLU F 284 40.28 -45.72 34.09
CA GLU F 284 41.72 -45.53 33.94
C GLU F 284 42.01 -44.42 32.94
N ARG F 285 41.26 -43.32 33.02
CA ARG F 285 41.56 -42.16 32.20
C ARG F 285 42.94 -41.62 32.53
N PHE F 286 43.25 -41.48 33.82
CA PHE F 286 44.56 -41.10 34.28
C PHE F 286 45.05 -41.90 35.47
N GLY F 287 44.21 -42.74 36.08
CA GLY F 287 44.60 -43.50 37.25
C GLY F 287 43.37 -43.90 38.05
N ARG F 288 43.56 -44.03 39.36
CA ARG F 288 42.48 -44.38 40.26
C ARG F 288 42.80 -43.88 41.65
N PHE F 289 41.75 -43.61 42.43
CA PHE F 289 41.87 -43.16 43.81
C PHE F 289 40.70 -43.70 44.60
N LYS F 290 40.68 -43.41 45.89
CA LYS F 290 39.62 -43.85 46.79
C LYS F 290 39.15 -42.69 47.65
N PRO F 291 37.90 -42.72 48.10
CA PRO F 291 37.38 -41.63 48.93
C PRO F 291 37.89 -41.71 50.36
N GLY F 292 37.84 -40.56 51.02
CA GLY F 292 38.20 -40.48 52.44
C GLY F 292 39.69 -40.47 52.75
N VAL F 293 40.43 -41.45 52.23
CA VAL F 293 41.85 -41.52 52.54
C VAL F 293 42.60 -40.34 51.93
N ILE F 294 43.74 -40.03 52.53
CA ILE F 294 44.59 -38.92 52.09
C ILE F 294 45.97 -39.49 51.75
N SER F 295 46.43 -39.20 50.53
CA SER F 295 47.72 -39.68 50.07
C SER F 295 48.82 -38.69 50.44
N GLU F 296 50.02 -39.23 50.67
CA GLU F 296 51.15 -38.37 50.98
C GLU F 296 51.48 -37.44 49.81
N GLU F 297 51.33 -37.94 48.58
CA GLU F 297 51.52 -37.07 47.42
C GLU F 297 50.52 -35.92 47.44
N LEU F 298 49.28 -36.19 47.84
CA LEU F 298 48.29 -35.13 48.02
C LEU F 298 48.75 -34.17 49.11
N GLN F 299 49.30 -34.69 50.21
CA GLN F 299 49.80 -33.84 51.27
C GLN F 299 50.86 -32.88 50.73
N ASP F 300 51.77 -33.39 49.91
CA ASP F 300 52.76 -32.53 49.27
C ASP F 300 52.10 -31.50 48.37
N ALA F 301 51.10 -31.93 47.60
CA ALA F 301 50.43 -31.02 46.67
C ALA F 301 49.78 -29.87 47.43
N LEU F 302 49.12 -30.17 48.55
CA LEU F 302 48.46 -29.14 49.34
C LEU F 302 49.43 -28.29 50.15
N GLY F 303 50.70 -28.70 50.24
CA GLY F 303 51.67 -27.97 51.03
C GLY F 303 51.63 -28.25 52.51
N VAL F 304 50.77 -29.16 52.95
CA VAL F 304 50.65 -29.52 54.36
C VAL F 304 50.90 -31.01 54.49
N THR F 305 51.73 -31.39 55.47
CA THR F 305 52.05 -32.79 55.69
C THR F 305 50.90 -33.47 56.41
N ASP F 306 51.10 -34.72 56.82
CA ASP F 306 50.03 -35.50 57.43
C ASP F 306 49.84 -35.18 58.91
N LYS F 307 50.87 -34.65 59.58
CA LYS F 307 50.75 -34.38 61.01
C LYS F 307 49.66 -33.35 61.29
N SER F 308 49.59 -32.30 60.47
CA SER F 308 48.58 -31.27 60.66
C SER F 308 47.25 -31.72 60.06
N LEU F 309 46.16 -31.40 60.77
CA LEU F 309 44.84 -31.73 60.26
C LEU F 309 44.58 -30.97 58.96
N PRO F 310 43.93 -31.59 57.98
CA PRO F 310 43.70 -30.91 56.71
C PRO F 310 42.93 -29.61 56.91
N PRO F 311 43.29 -28.55 56.19
CA PRO F 311 42.57 -27.28 56.38
C PRO F 311 41.13 -27.34 55.88
N PHE F 312 40.90 -28.00 54.73
CA PHE F 312 39.56 -28.07 54.19
C PHE F 312 38.58 -28.62 55.22
N ILE F 313 39.03 -29.58 56.03
CA ILE F 313 38.16 -30.15 57.05
C ILE F 313 37.49 -29.04 57.85
N TYR F 314 38.26 -28.04 58.27
CA TYR F 314 37.70 -26.89 58.95
C TYR F 314 36.48 -26.42 58.18
N ARG F 315 36.73 -25.91 56.98
CA ARG F 315 35.63 -25.41 56.15
C ARG F 315 34.62 -26.52 55.90
N MET F 316 35.10 -27.75 55.72
CA MET F 316 34.20 -28.86 55.48
C MET F 316 33.26 -29.06 56.66
N ARG F 317 33.80 -29.01 57.88
CA ARG F 317 32.91 -29.10 59.04
C ARG F 317 32.16 -27.82 59.28
N GLN F 318 32.56 -26.73 58.65
CA GLN F 318 31.73 -25.52 58.60
C GLN F 318 30.72 -25.57 57.47
N LEU F 319 30.85 -26.54 56.56
CA LEU F 319 29.90 -26.72 55.47
C LEU F 319 28.91 -27.85 55.74
N GLY F 320 29.43 -29.05 55.97
CA GLY F 320 28.62 -30.23 56.23
C GLY F 320 29.05 -31.38 55.36
N TYR F 321 28.20 -32.39 55.29
CA TYR F 321 28.50 -33.57 54.48
C TYR F 321 28.37 -33.24 53.00
N PRO F 322 29.36 -33.57 52.17
CA PRO F 322 29.25 -33.26 50.74
C PRO F 322 28.05 -33.95 50.12
N PRO F 323 27.34 -33.28 49.21
CA PRO F 323 26.22 -33.95 48.52
C PRO F 323 26.65 -34.83 47.37
N GLY F 324 27.89 -34.71 46.90
CA GLY F 324 28.32 -35.49 45.74
C GLY F 324 28.20 -36.98 45.98
N TRP F 325 28.68 -37.45 47.14
CA TRP F 325 28.56 -38.86 47.47
C TRP F 325 27.18 -39.19 48.03
N LEU F 326 26.41 -38.18 48.43
CA LEU F 326 25.07 -38.45 48.96
C LEU F 326 24.19 -39.11 47.91
N LYS F 327 24.24 -38.61 46.68
CA LYS F 327 23.46 -39.23 45.60
C LYS F 327 23.90 -40.66 45.38
N GLU F 328 25.20 -40.93 45.47
CA GLU F 328 25.69 -42.27 45.22
C GLU F 328 25.12 -43.27 46.22
N ALA F 329 24.98 -42.87 47.48
CA ALA F 329 24.42 -43.72 48.52
C ALA F 329 22.90 -43.68 48.55
N GLU F 330 22.26 -42.93 47.66
CA GLU F 330 20.81 -42.77 47.66
C GLU F 330 20.20 -43.59 46.53
N LEU F 331 19.19 -44.39 46.87
CA LEU F 331 18.47 -45.21 45.90
C LEU F 331 17.04 -44.71 45.81
N GLU F 332 16.56 -44.50 44.59
CA GLU F 332 15.24 -43.94 44.35
C GLU F 332 14.26 -45.06 44.03
N ASN F 333 13.16 -45.11 44.77
CA ASN F 333 12.12 -46.10 44.55
C ASN F 333 11.28 -45.70 43.34
N SER F 334 11.08 -46.64 42.43
CA SER F 334 10.28 -46.36 41.25
C SER F 334 8.85 -46.03 41.65
N GLY F 335 8.31 -44.96 41.06
CA GLY F 335 6.97 -44.51 41.35
C GLY F 335 5.90 -45.13 40.49
N LEU F 336 6.25 -46.07 39.61
CA LEU F 336 5.28 -46.63 38.69
C LEU F 336 4.20 -47.39 39.46
N ALA F 337 2.97 -47.27 38.99
CA ALA F 337 1.82 -47.91 39.62
C ALA F 337 1.00 -48.64 38.56
N LEU F 338 0.39 -49.75 38.98
CA LEU F 338 -0.40 -50.57 38.07
C LEU F 338 -1.77 -49.92 37.90
N TYR F 339 -2.01 -49.35 36.73
CA TYR F 339 -3.29 -48.72 36.43
C TYR F 339 -4.30 -49.76 35.95
N ASP F 340 -4.57 -50.72 36.84
CA ASP F 340 -5.59 -51.71 36.56
C ASP F 340 -6.93 -51.04 36.31
N GLY F 341 -7.65 -51.51 35.31
CA GLY F 341 -8.95 -50.96 34.97
C GLY F 341 -9.91 -50.96 36.14
N LYS F 358 9.06 -38.95 48.83
CA LYS F 358 8.99 -40.40 48.96
C LYS F 358 9.94 -40.90 50.04
N SER F 359 9.65 -42.11 50.57
CA SER F 359 10.52 -42.75 51.54
C SER F 359 11.74 -43.33 50.81
N VAL F 360 12.60 -42.41 50.36
CA VAL F 360 13.75 -42.80 49.56
C VAL F 360 14.64 -43.75 50.36
N THR F 361 15.23 -44.72 49.65
CA THR F 361 16.09 -45.72 50.27
C THR F 361 17.55 -45.34 50.07
N TYR F 362 18.33 -45.43 51.15
CA TYR F 362 19.74 -45.08 51.13
C TYR F 362 20.56 -46.29 51.55
N ASP F 363 21.69 -46.51 50.87
CA ASP F 363 22.59 -47.61 51.20
C ASP F 363 23.51 -47.15 52.33
N LEU F 364 23.20 -47.60 53.55
CA LEU F 364 23.97 -47.17 54.71
C LEU F 364 25.39 -47.72 54.71
N SER F 365 25.66 -48.75 53.90
CA SER F 365 27.00 -49.32 53.84
C SER F 365 27.95 -48.52 52.96
N LYS F 366 27.44 -47.60 52.15
CA LYS F 366 28.25 -46.81 51.25
C LYS F 366 28.67 -45.47 51.85
N LEU F 367 28.34 -45.21 53.10
CA LEU F 367 28.68 -43.93 53.71
C LEU F 367 30.18 -43.70 53.68
N VAL F 368 30.58 -42.48 53.32
CA VAL F 368 32.00 -42.13 53.24
C VAL F 368 32.54 -41.87 54.63
N ASN F 369 33.86 -42.03 54.76
CA ASN F 369 34.56 -41.82 56.03
C ASN F 369 35.37 -40.53 55.94
N TYR F 370 35.07 -39.59 56.83
CA TYR F 370 35.77 -38.30 56.90
C TYR F 370 36.18 -38.06 58.34
N PRO F 371 37.25 -38.70 58.80
CA PRO F 371 37.67 -38.52 60.20
C PRO F 371 37.92 -37.06 60.51
N GLY F 372 37.48 -36.65 61.71
CA GLY F 372 37.57 -35.28 62.15
C GLY F 372 36.30 -34.48 61.94
N PHE F 373 35.44 -34.90 61.01
CA PHE F 373 34.14 -34.29 60.81
C PHE F 373 33.01 -35.24 61.15
N ASN F 374 32.97 -36.41 60.51
CA ASN F 374 31.96 -37.42 60.82
C ASN F 374 32.45 -38.43 61.85
N ILE F 375 33.73 -38.77 61.82
CA ILE F 375 34.32 -39.68 62.80
C ILE F 375 35.31 -38.88 63.64
N SER F 376 35.51 -39.35 64.88
CA SER F 376 36.43 -38.67 65.78
C SER F 376 37.83 -38.64 65.17
N THR F 377 38.51 -37.51 65.37
CA THR F 377 39.82 -37.33 64.75
C THR F 377 40.80 -38.38 65.27
N PRO F 378 41.64 -38.95 64.42
CA PRO F 378 42.62 -39.94 64.90
C PRO F 378 43.57 -39.33 65.92
N ARG F 379 44.03 -40.18 66.83
CA ARG F 379 44.93 -39.72 67.90
C ARG F 379 46.20 -39.13 67.31
N GLY F 380 46.71 -38.10 67.97
CA GLY F 380 47.83 -37.33 67.46
C GLY F 380 47.44 -36.14 66.63
N ILE F 381 46.15 -35.95 66.36
CA ILE F 381 45.65 -34.84 65.58
C ILE F 381 44.73 -34.02 66.47
N PRO F 382 45.20 -32.91 67.03
CA PRO F 382 44.37 -32.12 67.93
C PRO F 382 43.27 -31.38 67.19
N ASP F 383 42.30 -30.89 67.96
CA ASP F 383 41.20 -30.11 67.41
C ASP F 383 41.71 -28.71 67.04
N GLU F 384 42.27 -28.58 65.85
CA GLU F 384 42.87 -27.32 65.42
C GLU F 384 41.81 -26.40 64.83
N TRP F 385 40.73 -26.16 65.56
CA TRP F 385 39.67 -25.29 65.07
C TRP F 385 40.10 -23.82 65.08
N ARG F 386 41.12 -23.48 65.86
CA ARG F 386 41.62 -22.10 65.89
C ARG F 386 42.42 -21.74 64.65
N ILE F 387 42.72 -22.70 63.79
CA ILE F 387 43.46 -22.45 62.55
C ILE F 387 42.44 -22.25 61.43
N PHE F 388 42.49 -21.07 60.81
CA PHE F 388 41.63 -20.74 59.67
C PHE F 388 40.20 -20.47 60.10
N GLY F 389 39.88 -20.71 61.37
CA GLY F 389 38.54 -20.45 61.87
C GLY F 389 37.63 -21.65 61.70
N SER F 390 37.15 -22.20 62.80
CA SER F 390 36.26 -23.37 62.75
C SER F 390 35.72 -23.61 64.16
N ILE F 391 35.00 -24.71 64.31
CA ILE F 391 34.45 -25.12 65.60
C ILE F 391 34.78 -26.59 65.81
N PRO F 392 34.76 -27.05 67.06
CA PRO F 392 34.99 -28.49 67.30
C PRO F 392 33.94 -29.33 66.60
N MET F 393 34.36 -30.54 66.21
CA MET F 393 33.46 -31.45 65.52
C MET F 393 32.15 -31.60 66.29
N GLN F 394 31.04 -31.28 65.63
CA GLN F 394 29.73 -31.30 66.24
C GLN F 394 29.07 -32.67 66.05
N ALA F 395 28.10 -32.95 66.91
CA ALA F 395 27.39 -34.22 66.83
C ALA F 395 26.70 -34.36 65.49
N CYS F 396 26.01 -33.31 65.04
CA CYS F 396 25.41 -33.34 63.71
C CYS F 396 26.48 -33.52 62.64
N GLN F 397 27.62 -32.84 62.78
CA GLN F 397 28.74 -33.07 61.88
C GLN F 397 29.25 -34.49 61.99
N GLN F 398 29.05 -35.14 63.13
CA GLN F 398 29.56 -36.48 63.36
C GLN F 398 28.82 -37.50 62.49
N LYS F 399 29.44 -38.67 62.35
CA LYS F 399 28.91 -39.68 61.43
C LYS F 399 27.63 -40.31 61.97
N ASP F 400 27.58 -40.61 63.26
CA ASP F 400 26.45 -41.35 63.82
C ASP F 400 25.15 -40.56 63.66
N VAL F 401 25.18 -39.26 63.98
CA VAL F 401 23.97 -38.45 63.92
C VAL F 401 23.48 -38.36 62.48
N PHE F 402 24.40 -38.12 61.54
CA PHE F 402 24.00 -38.02 60.13
C PHE F 402 23.43 -39.34 59.64
N ALA F 403 24.05 -40.46 60.02
CA ALA F 403 23.58 -41.76 59.57
C ALA F 403 22.19 -42.08 60.13
N ASN F 404 21.99 -41.83 61.43
CA ASN F 404 20.71 -42.13 62.05
C ASN F 404 19.65 -41.09 61.74
N TYR F 405 20.01 -39.96 61.14
CA TYR F 405 19.02 -38.94 60.81
C TYR F 405 17.98 -39.48 59.84
N LEU F 406 18.41 -40.25 58.85
CA LEU F 406 17.50 -40.83 57.88
C LEU F 406 16.47 -41.73 58.55
N PRO F 570 8.64 -96.70 -4.72
CA PRO F 570 8.91 -95.51 -5.53
C PRO F 570 10.25 -94.88 -5.20
N ILE F 571 10.46 -94.56 -3.93
CA ILE F 571 11.74 -93.95 -3.52
C ILE F 571 12.86 -94.97 -3.72
N PRO F 572 14.03 -94.57 -4.21
CA PRO F 572 15.11 -95.54 -4.40
C PRO F 572 15.55 -96.14 -3.07
N ASP F 573 16.05 -97.37 -3.16
CA ASP F 573 16.53 -98.06 -1.96
C ASP F 573 17.73 -97.33 -1.37
N MET F 574 17.91 -97.49 -0.06
CA MET F 574 19.00 -96.80 0.62
C MET F 574 20.35 -97.18 0.02
N SER F 575 20.54 -98.46 -0.30
CA SER F 575 21.82 -98.91 -0.85
C SER F 575 22.22 -98.09 -2.06
N LYS F 576 21.23 -97.75 -2.90
CA LYS F 576 21.54 -96.98 -4.10
C LYS F 576 22.14 -95.62 -3.76
N PHE F 577 21.69 -95.00 -2.66
CA PHE F 577 22.20 -93.69 -2.30
C PHE F 577 23.70 -93.72 -2.04
N ALA F 578 24.19 -94.77 -1.38
CA ALA F 578 25.59 -94.85 -0.96
C ALA F 578 26.52 -95.29 -2.08
N THR F 579 26.08 -95.22 -3.34
CA THR F 579 26.90 -95.64 -4.47
C THR F 579 27.61 -94.43 -5.07
N GLY F 580 28.93 -94.52 -5.20
CA GLY F 580 29.71 -93.47 -5.82
C GLY F 580 30.08 -92.33 -4.89
N ILE F 581 29.66 -92.36 -3.64
CA ILE F 581 29.97 -91.32 -2.67
C ILE F 581 30.49 -91.97 -1.40
N THR F 582 31.47 -91.33 -0.78
CA THR F 582 32.07 -91.89 0.42
C THR F 582 31.02 -92.08 1.50
N PRO F 583 30.90 -93.26 2.10
CA PRO F 583 29.88 -93.45 3.14
C PRO F 583 30.15 -92.59 4.35
N PHE F 584 29.06 -92.18 5.00
CA PHE F 584 29.20 -91.34 6.18
C PHE F 584 29.94 -92.08 7.28
N GLU F 585 30.74 -91.35 8.05
CA GLU F 585 31.50 -91.90 9.15
C GLU F 585 31.34 -91.02 10.38
N PHE F 586 31.31 -91.65 11.54
CA PHE F 586 31.21 -90.90 12.78
C PHE F 586 32.50 -90.13 13.04
N GLU F 587 32.37 -88.91 13.53
CA GLU F 587 33.51 -88.06 13.81
C GLU F 587 33.31 -87.35 15.14
N ASN F 588 34.42 -86.94 15.74
CA ASN F 588 34.40 -86.26 17.04
C ASN F 588 33.76 -87.13 18.10
N MET F 589 34.02 -88.43 18.05
CA MET F 589 33.53 -89.34 19.08
C MET F 589 34.12 -88.94 20.42
N ALA F 590 33.28 -88.91 21.45
CA ALA F 590 33.70 -88.51 22.78
C ALA F 590 32.76 -89.13 23.79
N GLU F 591 33.05 -88.90 25.07
CA GLU F 591 32.24 -89.43 26.16
C GLU F 591 32.03 -88.35 27.21
N SER F 592 30.93 -88.47 27.94
CA SER F 592 30.62 -87.51 28.98
C SER F 592 31.72 -87.48 30.04
N THR F 593 32.10 -86.28 30.45
CA THR F 593 33.12 -86.10 31.47
C THR F 593 32.54 -86.00 32.87
N GLY F 594 31.22 -86.06 33.02
CA GLY F 594 30.61 -85.98 34.33
C GLY F 594 30.55 -84.59 34.92
N MET F 595 30.94 -83.57 34.17
CA MET F 595 30.96 -82.21 34.71
C MET F 595 29.55 -81.77 35.11
N TYR F 596 28.55 -82.08 34.29
CA TYR F 596 27.19 -81.70 34.64
C TYR F 596 26.75 -82.39 35.92
N LEU F 597 27.14 -83.65 36.10
CA LEU F 597 26.75 -84.38 37.31
C LEU F 597 27.30 -83.69 38.55
N ARG F 598 28.59 -83.38 38.56
CA ARG F 598 29.18 -82.74 39.73
C ARG F 598 28.60 -81.35 39.95
N ILE F 599 28.36 -80.61 38.86
CA ILE F 599 27.77 -79.27 38.99
C ILE F 599 26.41 -79.38 39.65
N ARG F 600 25.57 -80.32 39.20
CA ARG F 600 24.27 -80.50 39.81
C ARG F 600 24.41 -80.92 41.27
N SER F 601 25.42 -81.75 41.56
CA SER F 601 25.63 -82.19 42.94
C SER F 601 25.95 -81.01 43.85
N LEU F 602 26.73 -80.05 43.35
CA LEU F 602 27.13 -78.91 44.18
C LEU F 602 25.91 -78.22 44.76
N LEU F 603 25.07 -77.64 43.90
CA LEU F 603 23.87 -76.93 44.34
C LEU F 603 22.72 -77.91 44.52
N LYS F 604 22.95 -78.90 45.37
CA LYS F 604 21.92 -79.89 45.65
C LYS F 604 20.69 -79.24 46.28
N ASN F 605 20.90 -78.32 47.22
CA ASN F 605 19.81 -77.60 47.88
C ASN F 605 19.87 -76.15 47.39
N SER F 606 19.23 -75.90 46.26
CA SER F 606 19.13 -74.58 45.67
C SER F 606 17.78 -73.98 45.95
N PRO F 607 17.58 -72.68 45.68
CA PRO F 607 16.26 -72.09 45.91
C PRO F 607 15.16 -72.82 45.18
N ARG F 608 15.42 -73.27 43.95
CA ARG F 608 14.42 -74.07 43.24
C ARG F 608 14.21 -75.41 43.93
N ASN F 609 15.29 -76.10 44.28
CA ASN F 609 15.16 -77.42 44.88
C ASN F 609 14.46 -77.35 46.23
N GLN F 610 14.90 -76.43 47.09
CA GLN F 610 14.30 -76.33 48.42
C GLN F 610 12.84 -75.95 48.32
N GLN F 611 12.44 -75.28 47.24
CA GLN F 611 11.04 -74.96 47.02
C GLN F 611 10.27 -76.10 46.35
N LYS F 612 10.93 -77.21 46.04
CA LYS F 612 10.27 -78.35 45.44
C LYS F 612 9.68 -79.25 46.52
N GLU G 4 26.34 -30.58 30.55
CA GLU G 4 27.80 -30.49 30.64
C GLU G 4 28.22 -29.15 31.22
N ALA G 5 27.80 -28.06 30.57
CA ALA G 5 28.15 -26.73 31.04
C ALA G 5 27.78 -26.55 32.51
N ASP G 6 26.65 -27.13 32.93
CA ASP G 6 26.29 -27.11 34.34
C ASP G 6 27.32 -27.84 35.18
N ARG G 7 27.83 -28.96 34.68
CA ARG G 7 28.81 -29.76 35.40
C ARG G 7 30.25 -29.29 35.17
N THR G 8 30.47 -28.32 34.29
CA THR G 8 31.80 -27.80 34.03
C THR G 8 32.13 -26.69 35.03
N LEU G 9 33.43 -26.47 35.23
CA LEU G 9 33.89 -25.45 36.15
C LEU G 9 35.33 -25.10 35.79
N PHE G 10 35.58 -23.85 35.45
CA PHE G 10 36.92 -23.45 35.05
C PHE G 10 37.82 -23.31 36.26
N VAL G 11 39.10 -23.64 36.07
CA VAL G 11 40.14 -23.46 37.07
C VAL G 11 41.22 -22.58 36.48
N GLY G 12 41.59 -21.53 37.20
CA GLY G 12 42.59 -20.59 36.72
C GLY G 12 43.64 -20.35 37.78
N ASN G 13 44.85 -20.01 37.31
CA ASN G 13 45.96 -19.68 38.19
C ASN G 13 46.35 -20.87 39.07
N LEU G 14 46.65 -21.97 38.40
CA LEU G 14 47.08 -23.19 39.07
C LEU G 14 48.59 -23.35 38.93
N GLU G 15 49.22 -23.91 39.98
CA GLU G 15 50.66 -24.00 40.01
C GLU G 15 51.17 -24.93 38.90
N THR G 16 52.42 -24.73 38.50
CA THR G 16 52.95 -25.39 37.33
C THR G 16 52.90 -26.91 37.48
N LYS G 17 53.36 -27.43 38.61
CA LYS G 17 53.37 -28.88 38.83
C LYS G 17 51.96 -29.46 38.92
N VAL G 18 50.94 -28.62 39.04
CA VAL G 18 49.56 -29.11 39.15
C VAL G 18 49.21 -29.80 37.83
N THR G 19 49.08 -31.12 37.87
CA THR G 19 48.77 -31.94 36.71
C THR G 19 47.39 -32.58 36.89
N GLU G 20 47.02 -33.44 35.95
CA GLU G 20 45.70 -34.08 36.01
C GLU G 20 45.55 -34.94 37.26
N GLU G 21 46.59 -35.71 37.59
CA GLU G 21 46.47 -36.67 38.68
C GLU G 21 46.18 -35.99 40.01
N LEU G 22 46.96 -34.95 40.33
CA LEU G 22 46.79 -34.28 41.62
C LEU G 22 45.45 -33.57 41.71
N LEU G 23 45.04 -32.89 40.64
CA LEU G 23 43.74 -32.23 40.65
C LEU G 23 42.61 -33.23 40.80
N PHE G 24 42.70 -34.35 40.09
CA PHE G 24 41.66 -35.38 40.22
C PHE G 24 41.62 -35.93 41.63
N GLU G 25 42.79 -36.17 42.23
CA GLU G 25 42.82 -36.65 43.61
C GLU G 25 42.17 -35.63 44.55
N LEU G 26 42.49 -34.36 44.36
CA LEU G 26 41.91 -33.32 45.20
C LEU G 26 40.39 -33.27 45.06
N PHE G 27 39.89 -33.35 43.83
CA PHE G 27 38.49 -33.07 43.56
C PHE G 27 37.59 -34.30 43.69
N HIS G 28 38.15 -35.51 43.68
CA HIS G 28 37.30 -36.69 43.77
C HIS G 28 36.81 -36.94 45.19
N GLN G 29 37.60 -36.53 46.20
CA GLN G 29 37.23 -36.81 47.58
C GLN G 29 35.90 -36.17 47.94
N ALA G 30 35.69 -34.92 47.54
CA ALA G 30 34.44 -34.24 47.87
C ALA G 30 33.26 -34.93 47.22
N GLY G 31 33.42 -35.35 45.96
CA GLY G 31 32.37 -36.05 45.26
C GLY G 31 32.89 -36.63 43.96
N PRO G 32 32.11 -37.50 43.33
CA PRO G 32 32.52 -38.04 42.02
C PRO G 32 32.70 -36.93 41.00
N VAL G 33 33.83 -36.97 40.30
CA VAL G 33 34.17 -35.98 39.28
C VAL G 33 34.48 -36.72 37.98
N ILE G 34 33.91 -36.24 36.88
CA ILE G 34 34.12 -36.91 35.60
C ILE G 34 35.60 -36.89 35.23
N LYS G 35 36.16 -35.71 35.01
CA LYS G 35 37.59 -35.61 34.69
C LYS G 35 37.96 -34.14 34.52
N VAL G 36 39.27 -33.91 34.36
CA VAL G 36 39.82 -32.57 34.19
C VAL G 36 40.33 -32.44 32.77
N LYS G 37 40.00 -31.31 32.13
CA LYS G 37 40.45 -31.00 30.78
C LYS G 37 41.52 -29.91 30.85
N ILE G 38 42.66 -30.18 30.23
CA ILE G 38 43.77 -29.22 30.20
C ILE G 38 44.31 -29.10 28.79
N PRO G 39 43.54 -28.56 27.84
CA PRO G 39 44.10 -28.32 26.50
C PRO G 39 45.36 -27.50 26.58
N LYS G 40 46.50 -28.11 26.24
CA LYS G 40 47.79 -27.46 26.42
C LYS G 40 48.04 -26.44 25.32
N ASP G 41 48.83 -25.42 25.66
CA ASP G 41 49.26 -24.42 24.70
C ASP G 41 50.42 -24.99 23.89
N LYS G 42 51.10 -24.13 23.13
CA LYS G 42 52.28 -24.56 22.37
C LYS G 42 53.52 -24.51 23.26
N ASP G 43 53.44 -25.14 24.44
CA ASP G 43 54.56 -25.18 25.38
C ASP G 43 54.81 -26.56 25.97
N GLY G 44 53.82 -27.45 25.99
CA GLY G 44 53.99 -28.77 26.55
C GLY G 44 53.83 -28.87 28.05
N LYS G 45 53.48 -27.79 28.72
CA LYS G 45 53.30 -27.75 30.16
C LYS G 45 51.90 -27.26 30.51
N PRO G 46 51.38 -27.63 31.68
CA PRO G 46 50.03 -27.17 32.05
C PRO G 46 49.96 -25.66 32.12
N LYS G 47 48.83 -25.12 31.64
CA LYS G 47 48.61 -23.68 31.65
C LYS G 47 47.97 -23.26 32.97
N GLN G 48 47.98 -21.96 33.23
CA GLN G 48 47.23 -21.42 34.35
C GLN G 48 45.73 -21.69 34.20
N PHE G 49 45.27 -21.95 32.97
CA PHE G 49 43.87 -22.16 32.67
C PHE G 49 43.60 -23.64 32.44
N ALA G 50 42.40 -24.08 32.83
CA ALA G 50 41.96 -25.46 32.63
C ALA G 50 40.50 -25.53 33.04
N PHE G 51 39.92 -26.73 32.90
CA PHE G 51 38.53 -26.94 33.30
C PHE G 51 38.42 -28.28 34.01
N VAL G 52 37.36 -28.42 34.79
CA VAL G 52 37.05 -29.67 35.48
C VAL G 52 35.55 -29.94 35.32
N ASN G 53 35.21 -31.16 34.96
CA ASN G 53 33.83 -31.58 34.77
C ASN G 53 33.51 -32.63 35.81
N PHE G 54 32.42 -32.41 36.55
CA PHE G 54 31.98 -33.27 37.63
C PHE G 54 30.83 -34.16 37.18
N LYS G 55 30.62 -35.25 37.94
CA LYS G 55 29.54 -36.17 37.60
C LYS G 55 28.18 -35.51 37.73
N HIS G 56 27.98 -34.71 38.78
CA HIS G 56 26.73 -34.00 38.99
C HIS G 56 27.02 -32.53 39.27
N GLU G 57 26.23 -31.65 38.65
CA GLU G 57 26.41 -30.21 38.86
C GLU G 57 26.15 -29.83 40.31
N VAL G 58 25.31 -30.61 41.02
CA VAL G 58 25.05 -30.31 42.42
C VAL G 58 26.33 -30.38 43.23
N SER G 59 27.28 -31.23 42.80
CA SER G 59 28.57 -31.31 43.47
C SER G 59 29.46 -30.12 43.17
N VAL G 60 29.25 -29.44 42.03
CA VAL G 60 30.16 -28.36 41.63
C VAL G 60 30.20 -27.26 42.68
N PRO G 61 29.08 -26.69 43.14
CA PRO G 61 29.18 -25.63 44.15
C PRO G 61 29.88 -26.06 45.42
N TYR G 62 29.60 -27.28 45.90
CA TYR G 62 30.15 -27.69 47.18
C TYR G 62 31.67 -27.67 47.15
N ALA G 63 32.27 -28.20 46.08
CA ALA G 63 33.71 -28.10 45.92
C ALA G 63 34.16 -26.66 46.03
N MET G 64 33.49 -25.77 45.30
CA MET G 64 33.79 -24.34 45.43
C MET G 64 33.54 -23.88 46.86
N ASN G 65 32.43 -24.33 47.47
CA ASN G 65 32.17 -24.00 48.86
C ASN G 65 33.29 -24.51 49.76
N LEU G 66 33.92 -25.62 49.38
CA LEU G 66 34.99 -26.19 50.18
C LEU G 66 36.37 -25.71 49.73
N LEU G 67 36.53 -25.40 48.45
CA LEU G 67 37.82 -25.00 47.88
C LEU G 67 37.67 -23.68 47.17
N ASN G 68 38.51 -22.71 47.54
CA ASN G 68 38.56 -21.42 46.86
C ASN G 68 39.91 -20.79 47.17
N GLY G 69 40.77 -20.69 46.17
CA GLY G 69 42.10 -20.14 46.40
C GLY G 69 42.89 -20.93 47.42
N ILE G 70 42.73 -22.25 47.43
CA ILE G 70 43.41 -23.07 48.42
C ILE G 70 44.92 -23.06 48.16
N LYS G 71 45.69 -23.27 49.21
CA LYS G 71 47.15 -23.20 49.15
C LYS G 71 47.67 -24.49 48.54
N LEU G 72 47.74 -24.52 47.21
CA LEU G 72 48.31 -25.64 46.48
C LEU G 72 49.72 -25.27 46.05
N TYR G 73 50.71 -26.08 46.44
CA TYR G 73 52.11 -25.81 46.14
C TYR G 73 52.49 -24.41 46.62
N GLY G 74 51.91 -24.00 47.74
CA GLY G 74 52.13 -22.64 48.23
C GLY G 74 51.66 -21.59 47.26
N ARG G 75 50.56 -21.86 46.54
CA ARG G 75 50.07 -20.94 45.52
C ARG G 75 48.55 -21.05 45.43
N PRO G 76 47.81 -19.97 45.66
CA PRO G 76 46.35 -20.05 45.56
C PRO G 76 45.92 -20.32 44.12
N ILE G 77 44.82 -21.07 43.99
CA ILE G 77 44.24 -21.39 42.70
C ILE G 77 42.80 -20.91 42.69
N LYS G 78 42.45 -20.08 41.72
CA LYS G 78 41.09 -19.57 41.60
C LYS G 78 40.26 -20.51 40.74
N ILE G 79 38.95 -20.46 40.96
CA ILE G 79 38.01 -21.29 40.22
C ILE G 79 36.79 -20.45 39.86
N GLN G 80 36.35 -20.55 38.62
CA GLN G 80 35.25 -19.77 38.09
C GLN G 80 34.22 -20.69 37.46
N PHE G 81 33.07 -20.13 37.11
CA PHE G 81 32.01 -20.86 36.43
C PHE G 81 32.17 -20.71 34.91
N ARG G 82 31.19 -21.19 34.16
CA ARG G 82 31.22 -21.13 32.70
C ARG G 82 31.48 -19.71 32.21
ZN ZN I . -23.16 33.49 8.64
ZN ZN J . 26.23 -27.48 9.36
#